data_2LKL
#
_entry.id   2LKL
#
_entity_poly.entity_id   1
_entity_poly.type   'polypeptide(L)'
_entity_poly.pdbx_seq_one_letter_code
;GPLGSMNKFTDDEWNQLKQDFISGILENEQKDLVAKLTNSDPIMNQLDLLHKWLDRHRDMCEKWKSKEDILHKLNEQWNK
D
;
_entity_poly.pdbx_strand_id   A
#
# COMPACT_ATOMS: atom_id res chain seq x y z
N GLY A 1 -17.95 25.51 6.17
CA GLY A 1 -17.42 26.22 7.37
C GLY A 1 -15.90 26.06 7.43
N PRO A 2 -15.34 26.16 8.60
CA PRO A 2 -13.87 26.01 8.80
C PRO A 2 -13.34 24.71 8.21
N LEU A 3 -12.09 24.72 7.77
CA LEU A 3 -11.49 23.54 7.17
C LEU A 3 -11.41 22.40 8.19
N GLY A 4 -11.82 21.20 7.76
CA GLY A 4 -11.79 20.04 8.64
C GLY A 4 -10.40 19.41 8.67
N SER A 5 -10.21 18.49 9.62
CA SER A 5 -8.92 17.82 9.77
C SER A 5 -8.80 16.68 8.76
N MET A 6 -9.78 16.57 7.87
CA MET A 6 -9.77 15.52 6.86
C MET A 6 -8.44 15.52 6.12
N ASN A 7 -8.33 16.39 5.12
CA ASN A 7 -7.08 16.47 4.35
C ASN A 7 -6.71 15.10 3.82
N LYS A 8 -7.70 14.37 3.31
CA LYS A 8 -7.46 13.04 2.78
C LYS A 8 -6.72 13.12 1.44
N PHE A 9 -6.17 11.99 1.01
CA PHE A 9 -5.44 11.92 -0.25
C PHE A 9 -6.40 11.84 -1.43
N THR A 10 -6.02 12.48 -2.54
CA THR A 10 -6.84 12.46 -3.74
C THR A 10 -6.56 11.19 -4.53
N ASP A 11 -7.47 10.84 -5.42
CA ASP A 11 -7.28 9.65 -6.23
C ASP A 11 -5.95 9.72 -6.96
N ASP A 12 -5.59 10.93 -7.42
CA ASP A 12 -4.33 11.12 -8.11
C ASP A 12 -3.16 10.85 -7.17
N GLU A 13 -3.23 11.44 -5.99
CA GLU A 13 -2.18 11.25 -4.99
C GLU A 13 -2.19 9.81 -4.52
N TRP A 14 -3.40 9.27 -4.39
CA TRP A 14 -3.55 7.90 -3.95
C TRP A 14 -2.91 6.95 -4.94
N ASN A 15 -3.23 7.12 -6.22
CA ASN A 15 -2.66 6.26 -7.25
C ASN A 15 -1.15 6.28 -7.17
N GLN A 16 -0.61 7.46 -6.90
CA GLN A 16 0.84 7.60 -6.77
C GLN A 16 1.30 6.78 -5.58
N LEU A 17 0.54 6.86 -4.50
CA LEU A 17 0.85 6.10 -3.29
C LEU A 17 0.81 4.61 -3.59
N LYS A 18 -0.14 4.19 -4.43
CA LYS A 18 -0.27 2.80 -4.77
C LYS A 18 1.01 2.29 -5.40
N GLN A 19 1.56 3.06 -6.33
CA GLN A 19 2.79 2.67 -7.01
C GLN A 19 3.92 2.52 -6.00
N ASP A 20 4.03 3.47 -5.07
CA ASP A 20 5.08 3.41 -4.06
C ASP A 20 4.96 2.13 -3.24
N PHE A 21 3.74 1.80 -2.85
CA PHE A 21 3.51 0.59 -2.06
C PHE A 21 3.86 -0.64 -2.88
N ILE A 22 3.39 -0.66 -4.11
CA ILE A 22 3.68 -1.75 -5.01
C ILE A 22 5.20 -1.88 -5.18
N SER A 23 5.86 -0.76 -5.45
CA SER A 23 7.31 -0.76 -5.61
C SER A 23 8.00 -1.31 -4.37
N GLY A 24 7.52 -0.89 -3.20
CA GLY A 24 8.09 -1.36 -1.94
C GLY A 24 8.00 -2.88 -1.81
N ILE A 25 6.90 -3.44 -2.31
CA ILE A 25 6.70 -4.88 -2.24
C ILE A 25 7.65 -5.61 -3.18
N LEU A 26 7.90 -5.04 -4.36
CA LEU A 26 8.81 -5.68 -5.31
C LEU A 26 10.25 -5.36 -4.92
N GLU A 27 10.44 -4.24 -4.23
CA GLU A 27 11.77 -3.84 -3.80
C GLU A 27 12.27 -4.77 -2.69
N ASN A 28 11.36 -5.19 -1.81
CA ASN A 28 11.71 -6.08 -0.71
C ASN A 28 11.57 -7.54 -1.14
N GLU A 29 12.35 -8.40 -0.52
CA GLU A 29 12.29 -9.82 -0.83
C GLU A 29 10.87 -10.34 -0.60
N GLN A 30 10.13 -9.60 0.21
CA GLN A 30 8.75 -9.99 0.54
C GLN A 30 7.90 -10.10 -0.72
N LYS A 31 8.40 -9.59 -1.83
CA LYS A 31 7.68 -9.66 -3.10
C LYS A 31 7.28 -11.10 -3.35
N ASP A 32 8.08 -12.01 -2.82
CA ASP A 32 7.83 -13.43 -2.96
C ASP A 32 6.44 -13.79 -2.43
N LEU A 33 6.02 -13.10 -1.37
CA LEU A 33 4.73 -13.35 -0.77
C LEU A 33 3.60 -13.05 -1.74
N VAL A 34 3.70 -11.93 -2.45
CA VAL A 34 2.65 -11.57 -3.41
C VAL A 34 2.57 -12.58 -4.53
N ALA A 35 3.71 -13.10 -4.95
CA ALA A 35 3.74 -14.07 -6.04
C ALA A 35 2.96 -15.33 -5.64
N LYS A 36 3.15 -15.77 -4.39
CA LYS A 36 2.47 -16.95 -3.91
C LYS A 36 0.99 -16.65 -3.62
N LEU A 37 0.70 -15.45 -3.13
CA LEU A 37 -0.68 -15.08 -2.83
C LEU A 37 -1.56 -15.25 -4.07
N THR A 38 -0.99 -14.90 -5.22
CA THR A 38 -1.72 -15.01 -6.48
C THR A 38 -1.69 -16.45 -6.97
N ASN A 39 -1.07 -17.33 -6.19
CA ASN A 39 -0.97 -18.74 -6.53
C ASN A 39 0.31 -19.00 -7.33
N SER A 40 0.67 -18.05 -8.19
CA SER A 40 1.86 -18.19 -9.01
C SER A 40 1.92 -17.09 -10.06
N ASP A 41 1.77 -15.84 -9.64
CA ASP A 41 1.80 -14.73 -10.59
C ASP A 41 3.03 -13.85 -10.34
N PRO A 42 3.56 -13.26 -11.37
CA PRO A 42 4.74 -12.36 -11.24
C PRO A 42 4.53 -11.27 -10.19
N ILE A 43 4.95 -10.06 -10.54
CA ILE A 43 4.84 -8.92 -9.64
C ILE A 43 3.43 -8.32 -9.69
N MET A 44 2.44 -9.15 -9.98
CA MET A 44 1.07 -8.66 -10.05
C MET A 44 0.82 -7.67 -8.93
N ASN A 45 1.59 -7.83 -7.85
CA ASN A 45 1.47 -6.95 -6.70
C ASN A 45 0.03 -6.93 -6.20
N GLN A 46 -0.83 -7.68 -6.87
CA GLN A 46 -2.23 -7.77 -6.49
C GLN A 46 -2.91 -6.42 -6.61
N LEU A 47 -2.69 -5.75 -7.74
CA LEU A 47 -3.32 -4.46 -7.94
C LEU A 47 -4.78 -4.53 -7.49
N ASP A 48 -5.48 -5.54 -7.97
CA ASP A 48 -6.88 -5.74 -7.64
C ASP A 48 -7.12 -5.84 -6.12
N LEU A 49 -6.55 -6.86 -5.50
CA LEU A 49 -6.74 -7.04 -4.06
C LEU A 49 -5.99 -5.96 -3.27
N LEU A 50 -4.80 -5.61 -3.74
CA LEU A 50 -4.01 -4.60 -3.04
C LEU A 50 -4.78 -3.28 -2.99
N HIS A 51 -5.35 -2.89 -4.13
CA HIS A 51 -6.10 -1.65 -4.19
C HIS A 51 -7.24 -1.65 -3.19
N LYS A 52 -8.04 -2.72 -3.20
CA LYS A 52 -9.18 -2.80 -2.29
C LYS A 52 -8.68 -2.76 -0.83
N TRP A 53 -7.65 -3.55 -0.55
CA TRP A 53 -7.06 -3.62 0.80
C TRP A 53 -6.60 -2.23 1.22
N LEU A 54 -5.80 -1.60 0.37
CA LEU A 54 -5.26 -0.28 0.66
C LEU A 54 -6.40 0.69 0.99
N ASP A 55 -7.40 0.74 0.10
CA ASP A 55 -8.53 1.63 0.29
C ASP A 55 -9.20 1.42 1.65
N ARG A 56 -9.38 0.15 2.03
CA ARG A 56 -10.02 -0.17 3.30
C ARG A 56 -9.20 0.35 4.48
N HIS A 57 -7.89 0.35 4.33
CA HIS A 57 -7.00 0.81 5.39
C HIS A 57 -6.30 2.09 5.02
N ARG A 58 -6.84 2.78 4.01
CA ARG A 58 -6.26 4.04 3.57
C ARG A 58 -6.11 4.97 4.76
N ASP A 59 -7.05 4.88 5.70
CA ASP A 59 -7.03 5.71 6.89
C ASP A 59 -5.75 5.50 7.67
N MET A 60 -5.17 4.31 7.54
CA MET A 60 -3.94 3.97 8.24
C MET A 60 -2.82 4.96 7.90
N CYS A 61 -2.86 5.51 6.69
CA CYS A 61 -1.83 6.45 6.27
C CYS A 61 -1.83 7.68 7.17
N GLU A 62 -2.99 7.99 7.74
CA GLU A 62 -3.12 9.14 8.64
C GLU A 62 -2.45 8.87 9.99
N LYS A 63 -2.12 7.60 10.27
CA LYS A 63 -1.48 7.26 11.55
C LYS A 63 0.04 7.46 11.52
N TRP A 64 0.51 8.26 10.56
CA TRP A 64 1.94 8.54 10.48
C TRP A 64 2.23 9.62 9.43
N LYS A 65 1.57 9.51 8.28
CA LYS A 65 1.78 10.46 7.20
C LYS A 65 3.15 10.26 6.56
N SER A 66 3.90 9.29 7.10
CA SER A 66 5.23 8.97 6.58
C SER A 66 5.14 8.03 5.39
N LYS A 67 6.29 7.56 4.91
CA LYS A 67 6.32 6.66 3.76
C LYS A 67 6.97 5.31 4.07
N GLU A 68 8.26 5.33 4.39
CA GLU A 68 8.98 4.10 4.68
C GLU A 68 8.43 3.39 5.91
N ASP A 69 8.05 4.16 6.93
CA ASP A 69 7.50 3.55 8.13
C ASP A 69 6.21 2.81 7.83
N ILE A 70 5.34 3.43 7.05
CA ILE A 70 4.07 2.79 6.70
C ILE A 70 4.33 1.44 6.04
N LEU A 71 5.29 1.41 5.14
CA LEU A 71 5.65 0.19 4.43
C LEU A 71 6.00 -0.90 5.42
N HIS A 72 6.69 -0.51 6.48
CA HIS A 72 7.09 -1.46 7.51
C HIS A 72 5.86 -2.12 8.15
N LYS A 73 4.86 -1.32 8.48
CA LYS A 73 3.65 -1.85 9.09
C LYS A 73 2.93 -2.79 8.12
N LEU A 74 2.78 -2.35 6.88
CA LEU A 74 2.11 -3.16 5.88
C LEU A 74 2.83 -4.50 5.71
N ASN A 75 4.16 -4.47 5.77
CA ASN A 75 4.93 -5.70 5.61
C ASN A 75 4.55 -6.73 6.67
N GLU A 76 4.47 -6.28 7.92
CA GLU A 76 4.10 -7.20 9.01
C GLU A 76 2.66 -7.70 8.84
N GLN A 77 1.78 -6.81 8.38
CA GLN A 77 0.39 -7.21 8.17
C GLN A 77 0.28 -8.11 6.95
N TRP A 78 1.03 -7.80 5.90
CA TRP A 78 1.02 -8.64 4.70
C TRP A 78 1.43 -10.07 5.09
N ASN A 79 2.45 -10.16 5.95
CA ASN A 79 2.95 -11.45 6.41
C ASN A 79 1.86 -12.23 7.13
N LYS A 80 1.08 -11.56 7.96
CA LYS A 80 0.02 -12.23 8.70
C LYS A 80 -1.29 -12.29 7.90
N ASP A 81 -1.41 -11.45 6.89
CA ASP A 81 -2.63 -11.43 6.07
C ASP A 81 -2.28 -11.57 4.59
N GLY A 1 -12.60 21.76 6.74
CA GLY A 1 -12.96 22.53 5.53
C GLY A 1 -11.73 22.68 4.62
N PRO A 2 -10.82 23.52 5.00
CA PRO A 2 -9.57 23.77 4.20
C PRO A 2 -8.69 22.53 4.06
N LEU A 3 -8.09 22.37 2.87
CA LEU A 3 -7.23 21.23 2.60
C LEU A 3 -5.96 21.30 3.46
N GLY A 4 -5.46 22.50 3.68
CA GLY A 4 -4.27 22.71 4.49
C GLY A 4 -3.38 21.47 4.49
N SER A 5 -2.83 21.15 5.65
CA SER A 5 -1.93 20.00 5.80
C SER A 5 -2.71 18.72 6.08
N MET A 6 -4.03 18.78 5.95
CA MET A 6 -4.86 17.60 6.19
C MET A 6 -5.68 17.26 4.95
N ASN A 7 -6.71 16.45 5.13
CA ASN A 7 -7.58 16.04 4.02
C ASN A 7 -7.15 14.68 3.48
N LYS A 8 -8.12 13.78 3.33
CA LYS A 8 -7.83 12.46 2.80
C LYS A 8 -7.08 12.60 1.49
N PHE A 9 -6.44 11.52 1.04
CA PHE A 9 -5.68 11.58 -0.21
C PHE A 9 -6.60 11.57 -1.41
N THR A 10 -6.17 12.23 -2.48
CA THR A 10 -6.96 12.29 -3.71
C THR A 10 -6.70 11.04 -4.54
N ASP A 11 -7.63 10.72 -5.43
CA ASP A 11 -7.46 9.54 -6.26
C ASP A 11 -6.09 9.57 -6.96
N ASP A 12 -5.70 10.74 -7.44
CA ASP A 12 -4.41 10.87 -8.12
C ASP A 12 -3.27 10.61 -7.16
N GLU A 13 -3.35 11.23 -5.99
CA GLU A 13 -2.32 11.05 -4.98
C GLU A 13 -2.33 9.61 -4.52
N TRP A 14 -3.51 9.03 -4.45
CA TRP A 14 -3.65 7.65 -4.05
C TRP A 14 -2.95 6.77 -5.07
N ASN A 15 -3.25 7.00 -6.35
CA ASN A 15 -2.62 6.21 -7.42
C ASN A 15 -1.11 6.25 -7.30
N GLN A 16 -0.58 7.42 -6.97
CA GLN A 16 0.87 7.56 -6.80
C GLN A 16 1.31 6.71 -5.62
N LEU A 17 0.52 6.78 -4.56
CA LEU A 17 0.79 6.03 -3.35
C LEU A 17 0.77 4.53 -3.65
N LYS A 18 -0.14 4.13 -4.53
CA LYS A 18 -0.24 2.72 -4.91
C LYS A 18 1.06 2.22 -5.53
N GLN A 19 1.62 3.01 -6.45
CA GLN A 19 2.86 2.62 -7.12
C GLN A 19 4.01 2.49 -6.12
N ASP A 20 4.12 3.46 -5.22
CA ASP A 20 5.19 3.43 -4.23
C ASP A 20 5.08 2.21 -3.33
N PHE A 21 3.86 1.85 -2.95
CA PHE A 21 3.65 0.68 -2.12
C PHE A 21 4.02 -0.58 -2.89
N ILE A 22 3.53 -0.65 -4.13
CA ILE A 22 3.84 -1.77 -5.00
C ILE A 22 5.35 -1.87 -5.15
N SER A 23 5.98 -0.72 -5.37
CA SER A 23 7.42 -0.67 -5.52
C SER A 23 8.11 -1.28 -4.30
N GLY A 24 7.60 -0.95 -3.12
CA GLY A 24 8.17 -1.46 -1.87
C GLY A 24 8.07 -2.99 -1.79
N ILE A 25 6.99 -3.54 -2.33
CA ILE A 25 6.80 -4.99 -2.30
C ILE A 25 7.77 -5.69 -3.25
N LEU A 26 8.05 -5.06 -4.40
CA LEU A 26 8.98 -5.64 -5.37
C LEU A 26 10.41 -5.29 -4.96
N GLU A 27 10.56 -4.17 -4.28
CA GLU A 27 11.86 -3.72 -3.82
C GLU A 27 12.37 -4.62 -2.71
N ASN A 28 11.45 -5.14 -1.91
CA ASN A 28 11.82 -6.03 -0.82
C ASN A 28 11.60 -7.48 -1.22
N GLU A 29 12.46 -8.36 -0.71
CA GLU A 29 12.32 -9.78 -1.02
C GLU A 29 10.92 -10.24 -0.65
N GLN A 30 10.29 -9.50 0.26
CA GLN A 30 8.94 -9.83 0.71
C GLN A 30 8.03 -10.09 -0.48
N LYS A 31 8.49 -9.73 -1.66
CA LYS A 31 7.72 -9.92 -2.88
C LYS A 31 7.18 -11.34 -2.94
N ASP A 32 7.91 -12.28 -2.34
CA ASP A 32 7.49 -13.67 -2.35
C ASP A 32 6.11 -13.80 -1.72
N LEU A 33 5.79 -12.90 -0.79
CA LEU A 33 4.48 -12.94 -0.15
C LEU A 33 3.41 -12.66 -1.19
N VAL A 34 3.72 -11.78 -2.12
CA VAL A 34 2.79 -11.44 -3.19
C VAL A 34 2.53 -12.68 -4.04
N ALA A 35 3.59 -13.42 -4.33
CA ALA A 35 3.45 -14.63 -5.14
C ALA A 35 2.52 -15.61 -4.45
N LYS A 36 2.72 -15.81 -3.16
CA LYS A 36 1.88 -16.75 -2.40
C LYS A 36 0.45 -16.23 -2.29
N LEU A 37 0.29 -14.91 -2.18
CA LEU A 37 -1.03 -14.31 -2.06
C LEU A 37 -1.87 -14.63 -3.28
N THR A 38 -1.24 -14.60 -4.44
CA THR A 38 -1.94 -14.87 -5.70
C THR A 38 -1.12 -15.82 -6.57
N ASN A 39 -1.20 -15.63 -7.88
CA ASN A 39 -0.46 -16.47 -8.80
C ASN A 39 1.00 -16.05 -8.85
N SER A 40 1.70 -16.48 -9.90
CA SER A 40 3.10 -16.13 -10.06
C SER A 40 3.25 -14.69 -10.55
N ASP A 41 2.12 -14.00 -10.67
CA ASP A 41 2.13 -12.61 -11.12
C ASP A 41 3.44 -11.94 -10.70
N PRO A 42 4.07 -11.22 -11.58
CA PRO A 42 5.36 -10.53 -11.28
C PRO A 42 5.19 -9.30 -10.39
N ILE A 43 5.18 -8.13 -11.01
CA ILE A 43 5.05 -6.88 -10.28
C ILE A 43 3.58 -6.52 -10.06
N MET A 44 2.69 -7.25 -10.73
CA MET A 44 1.26 -6.98 -10.61
C MET A 44 0.87 -6.80 -9.14
N ASN A 45 1.41 -7.64 -8.28
CA ASN A 45 1.12 -7.57 -6.85
C ASN A 45 -0.38 -7.56 -6.60
N GLN A 46 -1.12 -8.32 -7.40
CA GLN A 46 -2.58 -8.36 -7.27
C GLN A 46 -3.11 -6.97 -7.02
N LEU A 47 -3.02 -6.14 -8.05
CA LEU A 47 -3.47 -4.75 -7.99
C LEU A 47 -4.91 -4.66 -7.50
N ASP A 48 -5.80 -5.50 -8.03
CA ASP A 48 -7.21 -5.45 -7.64
C ASP A 48 -7.38 -5.65 -6.15
N LEU A 49 -6.77 -6.70 -5.59
CA LEU A 49 -6.89 -6.94 -4.16
C LEU A 49 -6.11 -5.88 -3.39
N LEU A 50 -4.94 -5.51 -3.92
CA LEU A 50 -4.11 -4.52 -3.24
C LEU A 50 -4.87 -3.21 -3.09
N HIS A 51 -5.55 -2.79 -4.16
CA HIS A 51 -6.31 -1.54 -4.12
C HIS A 51 -7.43 -1.60 -3.08
N LYS A 52 -8.21 -2.68 -3.10
CA LYS A 52 -9.31 -2.82 -2.13
C LYS A 52 -8.73 -2.76 -0.73
N TRP A 53 -7.66 -3.52 -0.52
CA TRP A 53 -6.99 -3.57 0.78
C TRP A 53 -6.50 -2.18 1.19
N LEU A 54 -5.73 -1.57 0.30
CA LEU A 54 -5.19 -0.24 0.58
C LEU A 54 -6.32 0.74 0.91
N ASP A 55 -7.34 0.77 0.06
CA ASP A 55 -8.47 1.66 0.28
C ASP A 55 -9.12 1.43 1.64
N ARG A 56 -9.30 0.17 2.01
CA ARG A 56 -9.92 -0.15 3.30
C ARG A 56 -9.08 0.35 4.46
N HIS A 57 -7.77 0.37 4.27
CA HIS A 57 -6.86 0.81 5.31
C HIS A 57 -6.22 2.16 4.98
N ARG A 58 -6.80 2.87 4.04
CA ARG A 58 -6.28 4.18 3.66
C ARG A 58 -6.13 5.06 4.88
N ASP A 59 -7.08 4.92 5.81
CA ASP A 59 -7.08 5.69 7.04
C ASP A 59 -5.81 5.47 7.84
N MET A 60 -5.27 4.25 7.75
CA MET A 60 -4.04 3.92 8.49
C MET A 60 -2.89 4.83 8.10
N CYS A 61 -2.87 5.28 6.86
CA CYS A 61 -1.81 6.15 6.36
C CYS A 61 -1.73 7.43 7.18
N GLU A 62 -2.85 7.81 7.77
CA GLU A 62 -2.93 9.03 8.57
C GLU A 62 -2.25 8.86 9.93
N LYS A 63 -1.95 7.61 10.31
CA LYS A 63 -1.35 7.34 11.62
C LYS A 63 0.19 7.41 11.59
N TRP A 64 0.74 8.16 10.64
CA TRP A 64 2.19 8.31 10.57
C TRP A 64 2.58 9.37 9.55
N LYS A 65 1.83 9.44 8.46
CA LYS A 65 2.09 10.43 7.41
C LYS A 65 3.47 10.23 6.79
N SER A 66 4.26 9.33 7.36
CA SER A 66 5.59 9.06 6.83
C SER A 66 5.51 8.08 5.68
N LYS A 67 6.62 7.85 4.99
CA LYS A 67 6.64 6.94 3.86
C LYS A 67 7.19 5.57 4.24
N GLU A 68 8.41 5.55 4.79
CA GLU A 68 9.06 4.29 5.16
C GLU A 68 8.34 3.54 6.28
N ASP A 69 7.96 4.24 7.33
CA ASP A 69 7.29 3.58 8.46
C ASP A 69 6.03 2.86 8.01
N ILE A 70 5.24 3.53 7.19
CA ILE A 70 4.00 2.94 6.70
C ILE A 70 4.30 1.64 5.95
N LEU A 71 5.34 1.67 5.14
CA LEU A 71 5.73 0.50 4.37
C LEU A 71 6.01 -0.68 5.30
N HIS A 72 6.64 -0.40 6.43
CA HIS A 72 6.96 -1.45 7.39
C HIS A 72 5.70 -2.10 7.95
N LYS A 73 4.68 -1.28 8.23
CA LYS A 73 3.42 -1.83 8.76
C LYS A 73 2.81 -2.79 7.75
N LEU A 74 2.73 -2.34 6.49
CA LEU A 74 2.17 -3.18 5.44
C LEU A 74 2.86 -4.53 5.37
N ASN A 75 4.18 -4.52 5.49
CA ASN A 75 4.93 -5.77 5.44
C ASN A 75 4.45 -6.74 6.52
N GLU A 76 4.26 -6.21 7.73
CA GLU A 76 3.80 -7.03 8.84
C GLU A 76 2.36 -7.48 8.65
N GLN A 77 1.51 -6.58 8.18
CA GLN A 77 0.12 -6.93 7.97
C GLN A 77 0.02 -7.95 6.83
N TRP A 78 0.81 -7.73 5.80
CA TRP A 78 0.83 -8.65 4.67
C TRP A 78 1.19 -10.04 5.17
N ASN A 79 2.15 -10.10 6.09
CA ASN A 79 2.61 -11.36 6.66
C ASN A 79 1.46 -12.05 7.38
N LYS A 80 0.66 -11.27 8.10
CA LYS A 80 -0.46 -11.82 8.84
C LYS A 80 -1.68 -11.91 7.94
N ASP A 81 -1.55 -11.40 6.72
CA ASP A 81 -2.64 -11.44 5.74
C ASP A 81 -3.92 -10.87 6.35
N GLY A 1 -14.65 20.08 -1.52
CA GLY A 1 -13.77 20.50 -0.39
C GLY A 1 -14.62 21.14 0.69
N PRO A 2 -15.31 20.34 1.45
CA PRO A 2 -16.20 20.82 2.56
C PRO A 2 -15.46 21.68 3.60
N LEU A 3 -14.20 22.01 3.30
CA LEU A 3 -13.40 22.83 4.21
C LEU A 3 -13.12 22.10 5.51
N GLY A 4 -12.71 22.85 6.53
CA GLY A 4 -12.40 22.28 7.83
C GLY A 4 -11.02 21.63 7.82
N SER A 5 -10.84 20.62 8.68
CA SER A 5 -9.57 19.92 8.76
C SER A 5 -9.51 18.80 7.74
N MET A 6 -10.56 18.70 6.92
CA MET A 6 -10.62 17.67 5.88
C MET A 6 -9.48 17.83 4.89
N ASN A 7 -8.57 16.85 4.88
CA ASN A 7 -7.44 16.89 3.97
C ASN A 7 -7.01 15.48 3.58
N LYS A 8 -7.98 14.61 3.28
CA LYS A 8 -7.64 13.24 2.91
C LYS A 8 -6.89 13.23 1.59
N PHE A 9 -6.36 12.06 1.24
CA PHE A 9 -5.59 11.90 0.01
C PHE A 9 -6.50 11.81 -1.20
N THR A 10 -6.09 12.45 -2.29
CA THR A 10 -6.89 12.44 -3.51
C THR A 10 -6.58 11.18 -4.31
N ASP A 11 -7.48 10.86 -5.24
CA ASP A 11 -7.30 9.67 -6.06
C ASP A 11 -5.94 9.69 -6.75
N ASP A 12 -5.56 10.85 -7.28
CA ASP A 12 -4.27 10.99 -7.95
C ASP A 12 -3.13 10.70 -6.98
N GLU A 13 -3.24 11.27 -5.79
CA GLU A 13 -2.21 11.08 -4.78
C GLU A 13 -2.22 9.63 -4.31
N TRP A 14 -3.43 9.07 -4.18
CA TRP A 14 -3.57 7.70 -3.76
C TRP A 14 -2.92 6.79 -4.80
N ASN A 15 -3.25 7.05 -6.07
CA ASN A 15 -2.69 6.26 -7.16
C ASN A 15 -1.17 6.25 -7.11
N GLN A 16 -0.60 7.39 -6.78
CA GLN A 16 0.85 7.50 -6.67
C GLN A 16 1.32 6.62 -5.52
N LEU A 17 0.58 6.66 -4.42
CA LEU A 17 0.93 5.87 -3.25
C LEU A 17 0.94 4.39 -3.60
N LYS A 18 -0.01 3.98 -4.44
CA LYS A 18 -0.11 2.58 -4.85
C LYS A 18 1.17 2.14 -5.57
N GLN A 19 1.63 2.95 -6.52
CA GLN A 19 2.84 2.60 -7.26
C GLN A 19 4.01 2.48 -6.29
N ASP A 20 4.10 3.43 -5.36
CA ASP A 20 5.19 3.43 -4.39
C ASP A 20 5.17 2.16 -3.57
N PHE A 21 3.98 1.74 -3.13
CA PHE A 21 3.86 0.52 -2.34
C PHE A 21 4.18 -0.69 -3.18
N ILE A 22 3.61 -0.74 -4.37
CA ILE A 22 3.85 -1.86 -5.28
C ILE A 22 5.35 -2.00 -5.54
N SER A 23 5.98 -0.89 -5.87
CA SER A 23 7.41 -0.90 -6.16
C SER A 23 8.18 -1.48 -4.96
N GLY A 24 7.78 -1.10 -3.75
CA GLY A 24 8.43 -1.61 -2.55
C GLY A 24 8.28 -3.12 -2.45
N ILE A 25 7.16 -3.64 -2.95
CA ILE A 25 6.89 -5.08 -2.90
C ILE A 25 7.81 -5.85 -3.84
N LEU A 26 7.98 -5.34 -5.06
CA LEU A 26 8.84 -6.01 -6.03
C LEU A 26 10.32 -5.79 -5.69
N GLU A 27 10.59 -4.71 -4.97
CA GLU A 27 11.96 -4.41 -4.57
C GLU A 27 12.39 -5.24 -3.36
N ASN A 28 11.49 -5.37 -2.38
CA ASN A 28 11.79 -6.12 -1.18
C ASN A 28 11.54 -7.62 -1.37
N GLU A 29 12.12 -8.42 -0.48
CA GLU A 29 11.96 -9.88 -0.56
C GLU A 29 10.51 -10.29 -0.43
N GLN A 30 9.72 -9.48 0.27
CA GLN A 30 8.31 -9.78 0.48
C GLN A 30 7.63 -10.15 -0.85
N LYS A 31 8.38 -9.98 -1.94
CA LYS A 31 7.86 -10.29 -3.26
C LYS A 31 7.42 -11.76 -3.34
N ASP A 32 8.15 -12.64 -2.67
CA ASP A 32 7.81 -14.05 -2.69
C ASP A 32 6.43 -14.26 -2.07
N LEU A 33 6.09 -13.45 -1.07
CA LEU A 33 4.79 -13.56 -0.42
C LEU A 33 3.67 -13.15 -1.37
N VAL A 34 3.85 -12.03 -2.06
CA VAL A 34 2.82 -11.57 -2.99
C VAL A 34 2.74 -12.53 -4.18
N ALA A 35 3.89 -13.12 -4.50
CA ALA A 35 3.95 -14.07 -5.61
C ALA A 35 3.05 -15.27 -5.32
N LYS A 36 3.14 -15.78 -4.09
CA LYS A 36 2.33 -16.93 -3.68
C LYS A 36 0.85 -16.56 -3.61
N LEU A 37 0.55 -15.32 -3.22
CA LEU A 37 -0.84 -14.88 -3.10
C LEU A 37 -1.55 -14.90 -4.45
N THR A 38 -0.90 -14.38 -5.49
CA THR A 38 -1.49 -14.33 -6.82
C THR A 38 -0.55 -14.92 -7.86
N ASN A 39 0.38 -15.75 -7.42
CA ASN A 39 1.34 -16.36 -8.33
C ASN A 39 2.36 -15.34 -8.80
N SER A 40 3.31 -15.78 -9.61
CA SER A 40 4.35 -14.89 -10.12
C SER A 40 3.72 -13.66 -10.79
N ASP A 41 4.41 -12.53 -10.68
CA ASP A 41 3.93 -11.28 -11.27
C ASP A 41 4.98 -10.19 -11.09
N PRO A 42 5.23 -9.42 -12.12
CA PRO A 42 6.22 -8.31 -12.05
C PRO A 42 5.73 -7.18 -11.14
N ILE A 43 4.94 -6.26 -11.69
CA ILE A 43 4.40 -5.16 -10.91
C ILE A 43 2.90 -5.37 -10.65
N MET A 44 2.29 -6.26 -11.42
CA MET A 44 0.87 -6.53 -11.26
C MET A 44 0.57 -6.82 -9.79
N ASN A 45 1.44 -7.59 -9.16
CA ASN A 45 1.30 -7.92 -7.75
C ASN A 45 -0.15 -7.76 -7.27
N GLN A 46 -1.09 -8.36 -7.99
CA GLN A 46 -2.50 -8.28 -7.63
C GLN A 46 -2.91 -6.83 -7.35
N LEU A 47 -2.84 -6.00 -8.39
CA LEU A 47 -3.19 -4.59 -8.25
C LEU A 47 -4.62 -4.45 -7.70
N ASP A 48 -5.54 -5.24 -8.23
CA ASP A 48 -6.93 -5.17 -7.81
C ASP A 48 -7.13 -5.46 -6.32
N LEU A 49 -6.59 -6.59 -5.85
CA LEU A 49 -6.74 -6.92 -4.43
C LEU A 49 -5.96 -5.93 -3.57
N LEU A 50 -4.77 -5.56 -4.04
CA LEU A 50 -3.93 -4.62 -3.31
C LEU A 50 -4.67 -3.31 -3.09
N HIS A 51 -5.31 -2.80 -4.14
CA HIS A 51 -6.05 -1.55 -4.05
C HIS A 51 -7.14 -1.63 -3.00
N LYS A 52 -7.91 -2.70 -3.03
CA LYS A 52 -9.00 -2.87 -2.07
C LYS A 52 -8.48 -2.88 -0.65
N TRP A 53 -7.45 -3.69 -0.40
CA TRP A 53 -6.85 -3.78 0.92
C TRP A 53 -6.39 -2.40 1.35
N LEU A 54 -5.67 -1.75 0.44
CA LEU A 54 -5.16 -0.41 0.69
C LEU A 54 -6.30 0.53 1.03
N ASP A 55 -7.31 0.58 0.17
CA ASP A 55 -8.45 1.45 0.38
C ASP A 55 -9.14 1.19 1.73
N ARG A 56 -9.28 -0.08 2.09
CA ARG A 56 -9.92 -0.44 3.35
C ARG A 56 -9.17 0.16 4.54
N HIS A 57 -7.86 0.29 4.41
CA HIS A 57 -7.06 0.85 5.49
C HIS A 57 -6.45 2.18 5.11
N ARG A 58 -7.05 2.87 4.15
CA ARG A 58 -6.54 4.18 3.71
C ARG A 58 -6.38 5.13 4.91
N ASP A 59 -7.28 5.02 5.88
CA ASP A 59 -7.22 5.87 7.07
C ASP A 59 -5.92 5.64 7.84
N MET A 60 -5.37 4.43 7.72
CA MET A 60 -4.14 4.07 8.41
C MET A 60 -3.01 5.02 8.04
N CYS A 61 -3.06 5.55 6.83
CA CYS A 61 -2.03 6.45 6.35
C CYS A 61 -1.90 7.66 7.27
N GLU A 62 -3.00 8.01 7.92
CA GLU A 62 -3.01 9.16 8.82
C GLU A 62 -2.33 8.84 10.14
N LYS A 63 -2.05 7.56 10.40
CA LYS A 63 -1.43 7.16 11.65
C LYS A 63 0.10 7.24 11.58
N TRP A 64 0.63 8.01 10.64
CA TRP A 64 2.09 8.15 10.52
C TRP A 64 2.45 9.34 9.66
N LYS A 65 1.71 9.52 8.57
CA LYS A 65 1.98 10.63 7.66
C LYS A 65 3.39 10.48 7.09
N SER A 66 3.84 9.24 6.92
CA SER A 66 5.18 8.98 6.38
C SER A 66 5.19 7.64 5.63
N LYS A 67 5.84 7.66 4.47
CA LYS A 67 5.91 6.47 3.61
C LYS A 67 6.66 5.29 4.25
N GLU A 68 7.86 5.52 4.74
CA GLU A 68 8.67 4.45 5.31
C GLU A 68 7.98 3.78 6.50
N ASP A 69 7.33 4.58 7.34
CA ASP A 69 6.66 4.01 8.50
C ASP A 69 5.55 3.07 8.04
N ILE A 70 4.76 3.54 7.08
CA ILE A 70 3.66 2.73 6.56
C ILE A 70 4.16 1.39 6.02
N LEU A 71 5.19 1.43 5.19
CA LEU A 71 5.71 0.20 4.60
C LEU A 71 6.04 -0.81 5.69
N HIS A 72 6.64 -0.35 6.78
CA HIS A 72 6.99 -1.25 7.88
C HIS A 72 5.76 -1.95 8.43
N LYS A 73 4.71 -1.18 8.68
CA LYS A 73 3.47 -1.76 9.23
C LYS A 73 2.87 -2.74 8.23
N LEU A 74 2.74 -2.30 6.99
CA LEU A 74 2.19 -3.15 5.96
C LEU A 74 3.01 -4.42 5.80
N ASN A 75 4.34 -4.30 5.89
CA ASN A 75 5.19 -5.47 5.76
C ASN A 75 4.72 -6.52 6.76
N GLU A 76 4.51 -6.10 8.00
CA GLU A 76 4.05 -6.99 9.05
C GLU A 76 2.64 -7.50 8.78
N GLN A 77 1.78 -6.60 8.31
CA GLN A 77 0.40 -6.96 8.00
C GLN A 77 0.37 -7.85 6.76
N TRP A 78 1.26 -7.57 5.83
CA TRP A 78 1.33 -8.36 4.61
C TRP A 78 1.56 -9.83 4.96
N ASN A 79 2.48 -10.07 5.89
CA ASN A 79 2.76 -11.43 6.33
C ASN A 79 1.58 -11.98 7.13
N LYS A 80 1.03 -11.13 7.98
CA LYS A 80 -0.10 -11.51 8.80
C LYS A 80 -1.40 -11.36 8.01
N ASP A 81 -1.26 -10.98 6.74
CA ASP A 81 -2.41 -10.80 5.87
C ASP A 81 -3.29 -9.66 6.36
N GLY A 1 -9.69 31.24 7.39
CA GLY A 1 -9.94 31.66 5.97
C GLY A 1 -9.40 30.58 5.03
N PRO A 2 -8.11 30.59 4.81
CA PRO A 2 -7.43 29.62 3.91
C PRO A 2 -7.74 28.17 4.26
N LEU A 3 -7.85 27.34 3.24
CA LEU A 3 -8.13 25.92 3.44
C LEU A 3 -6.82 25.13 3.46
N GLY A 4 -6.64 24.32 4.49
CA GLY A 4 -5.42 23.53 4.61
C GLY A 4 -5.56 22.22 3.84
N SER A 5 -4.43 21.58 3.56
CA SER A 5 -4.44 20.32 2.84
C SER A 5 -4.78 19.18 3.81
N MET A 6 -5.05 19.55 5.06
CA MET A 6 -5.37 18.55 6.08
C MET A 6 -6.42 17.56 5.57
N ASN A 7 -6.90 17.78 4.35
CA ASN A 7 -7.89 16.89 3.76
C ASN A 7 -7.29 15.50 3.50
N LYS A 8 -8.08 14.62 2.89
CA LYS A 8 -7.61 13.27 2.60
C LYS A 8 -6.85 13.21 1.27
N PHE A 9 -6.21 12.05 1.01
CA PHE A 9 -5.46 11.88 -0.23
C PHE A 9 -6.40 11.72 -1.42
N THR A 10 -6.02 12.36 -2.54
CA THR A 10 -6.82 12.30 -3.76
C THR A 10 -6.51 11.06 -4.60
N ASP A 11 -7.40 10.77 -5.55
CA ASP A 11 -7.23 9.62 -6.43
C ASP A 11 -5.88 9.66 -7.15
N ASP A 12 -5.46 10.85 -7.57
CA ASP A 12 -4.17 10.96 -8.25
C ASP A 12 -3.06 10.72 -7.25
N GLU A 13 -3.21 11.30 -6.06
CA GLU A 13 -2.23 11.12 -5.00
C GLU A 13 -2.24 9.67 -4.55
N TRP A 14 -3.44 9.13 -4.45
CA TRP A 14 -3.59 7.75 -4.03
C TRP A 14 -2.97 6.81 -5.05
N ASN A 15 -3.30 7.00 -6.32
CA ASN A 15 -2.75 6.14 -7.37
C ASN A 15 -1.23 6.13 -7.28
N GLN A 16 -0.65 7.30 -7.04
CA GLN A 16 0.79 7.41 -6.92
C GLN A 16 1.25 6.66 -5.68
N LEU A 17 0.51 6.85 -4.59
CA LEU A 17 0.83 6.18 -3.33
C LEU A 17 0.83 4.68 -3.55
N LYS A 18 -0.11 4.21 -4.37
CA LYS A 18 -0.21 2.80 -4.68
C LYS A 18 1.08 2.30 -5.32
N GLN A 19 1.60 3.04 -6.29
CA GLN A 19 2.82 2.62 -6.95
C GLN A 19 3.97 2.51 -5.96
N ASP A 20 4.10 3.49 -5.07
CA ASP A 20 5.17 3.44 -4.09
C ASP A 20 5.03 2.20 -3.21
N PHE A 21 3.81 1.90 -2.74
CA PHE A 21 3.61 0.73 -1.91
C PHE A 21 3.92 -0.53 -2.71
N ILE A 22 3.38 -0.59 -3.92
CA ILE A 22 3.62 -1.72 -4.81
C ILE A 22 5.11 -1.88 -5.04
N SER A 23 5.76 -0.78 -5.40
CA SER A 23 7.19 -0.82 -5.64
C SER A 23 7.92 -1.38 -4.43
N GLY A 24 7.51 -0.96 -3.24
CA GLY A 24 8.11 -1.44 -2.01
C GLY A 24 8.04 -2.96 -1.95
N ILE A 25 6.95 -3.53 -2.45
CA ILE A 25 6.79 -4.97 -2.46
C ILE A 25 7.63 -5.59 -3.57
N LEU A 26 7.81 -4.84 -4.66
CA LEU A 26 8.62 -5.32 -5.77
C LEU A 26 10.10 -5.24 -5.42
N GLU A 27 10.45 -4.22 -4.64
CA GLU A 27 11.85 -4.06 -4.21
C GLU A 27 12.17 -5.01 -3.06
N ASN A 28 11.19 -5.25 -2.20
CA ASN A 28 11.38 -6.11 -1.03
C ASN A 28 11.33 -7.59 -1.40
N GLU A 29 11.81 -8.43 -0.49
CA GLU A 29 11.79 -9.87 -0.71
C GLU A 29 10.36 -10.33 -0.73
N GLN A 30 9.53 -9.55 -0.04
CA GLN A 30 8.11 -9.85 0.08
C GLN A 30 7.49 -10.09 -1.30
N LYS A 31 8.21 -9.73 -2.35
CA LYS A 31 7.69 -9.93 -3.69
C LYS A 31 7.29 -11.40 -3.90
N ASP A 32 8.12 -12.30 -3.37
CA ASP A 32 7.84 -13.72 -3.50
C ASP A 32 6.57 -14.09 -2.74
N LEU A 33 6.34 -13.41 -1.62
CA LEU A 33 5.17 -13.68 -0.80
C LEU A 33 3.87 -13.32 -1.54
N VAL A 34 3.87 -12.17 -2.19
CA VAL A 34 2.68 -11.74 -2.92
C VAL A 34 2.47 -12.63 -4.14
N ALA A 35 3.57 -13.07 -4.72
CA ALA A 35 3.51 -13.94 -5.88
C ALA A 35 2.70 -15.18 -5.53
N LYS A 36 2.96 -15.72 -4.34
CA LYS A 36 2.24 -16.91 -3.88
C LYS A 36 0.77 -16.59 -3.63
N LEU A 37 0.50 -15.40 -3.13
CA LEU A 37 -0.88 -15.01 -2.84
C LEU A 37 -1.71 -14.98 -4.12
N THR A 38 -1.10 -14.57 -5.23
CA THR A 38 -1.83 -14.54 -6.50
C THR A 38 -1.31 -15.63 -7.42
N ASN A 39 -2.23 -16.50 -7.86
CA ASN A 39 -1.87 -17.60 -8.77
C ASN A 39 -0.36 -17.82 -8.74
N SER A 40 0.30 -17.45 -9.83
CA SER A 40 1.74 -17.58 -9.91
C SER A 40 2.33 -16.35 -10.59
N ASP A 41 1.70 -15.20 -10.33
CA ASP A 41 2.14 -13.95 -10.94
C ASP A 41 3.57 -13.59 -10.51
N PRO A 42 4.31 -12.98 -11.39
CA PRO A 42 5.71 -12.56 -11.12
C PRO A 42 5.76 -11.30 -10.26
N ILE A 43 5.55 -10.15 -10.89
CA ILE A 43 5.56 -8.88 -10.16
C ILE A 43 4.13 -8.47 -9.76
N MET A 44 3.37 -7.95 -10.72
CA MET A 44 1.99 -7.51 -10.45
C MET A 44 1.87 -6.90 -9.06
N ASN A 45 1.83 -7.76 -8.04
CA ASN A 45 1.74 -7.31 -6.64
C ASN A 45 0.31 -7.23 -6.14
N GLN A 46 -0.62 -7.96 -6.76
CA GLN A 46 -2.02 -7.93 -6.33
C GLN A 46 -2.64 -6.56 -6.55
N LEU A 47 -2.41 -5.96 -7.70
CA LEU A 47 -2.96 -4.64 -7.96
C LEU A 47 -4.41 -4.55 -7.51
N ASP A 48 -5.27 -5.42 -8.01
CA ASP A 48 -6.69 -5.39 -7.66
C ASP A 48 -6.93 -5.58 -6.15
N LEU A 49 -6.43 -6.68 -5.59
CA LEU A 49 -6.63 -6.94 -4.18
C LEU A 49 -5.90 -5.91 -3.31
N LEU A 50 -4.68 -5.55 -3.69
CA LEU A 50 -3.92 -4.57 -2.90
C LEU A 50 -4.69 -3.26 -2.83
N HIS A 51 -5.24 -2.80 -3.95
CA HIS A 51 -5.97 -1.55 -3.97
C HIS A 51 -7.14 -1.60 -2.98
N LYS A 52 -7.90 -2.69 -3.00
CA LYS A 52 -9.04 -2.82 -2.09
C LYS A 52 -8.55 -2.76 -0.64
N TRP A 53 -7.53 -3.56 -0.34
CA TRP A 53 -6.95 -3.58 0.99
C TRP A 53 -6.54 -2.18 1.40
N LEU A 54 -5.76 -1.56 0.53
CA LEU A 54 -5.27 -0.21 0.79
C LEU A 54 -6.44 0.76 0.99
N ASP A 55 -7.38 0.77 0.06
CA ASP A 55 -8.53 1.67 0.14
C ASP A 55 -9.27 1.51 1.46
N ARG A 56 -9.56 0.27 1.83
CA ARG A 56 -10.27 -0.01 3.07
C ARG A 56 -9.42 0.40 4.27
N HIS A 57 -8.10 0.29 4.12
CA HIS A 57 -7.18 0.64 5.20
C HIS A 57 -6.46 1.96 4.92
N ARG A 58 -6.91 2.70 3.90
CA ARG A 58 -6.28 3.98 3.56
C ARG A 58 -6.15 4.87 4.79
N ASP A 59 -7.14 4.77 5.67
CA ASP A 59 -7.17 5.55 6.90
C ASP A 59 -5.90 5.34 7.73
N MET A 60 -5.37 4.12 7.68
CA MET A 60 -4.18 3.78 8.43
C MET A 60 -3.03 4.71 8.08
N CYS A 61 -3.02 5.19 6.84
CA CYS A 61 -1.96 6.08 6.38
C CYS A 61 -1.88 7.34 7.23
N GLU A 62 -3.01 7.74 7.78
CA GLU A 62 -3.08 8.94 8.60
C GLU A 62 -2.49 8.69 10.00
N LYS A 63 -2.24 7.42 10.33
CA LYS A 63 -1.71 7.07 11.65
C LYS A 63 -0.19 7.15 11.71
N TRP A 64 0.41 7.90 10.81
CA TRP A 64 1.87 8.07 10.82
C TRP A 64 2.28 9.19 9.86
N LYS A 65 1.72 9.18 8.66
CA LYS A 65 2.05 10.21 7.68
C LYS A 65 3.55 10.16 7.33
N SER A 66 4.06 8.95 7.08
CA SER A 66 5.47 8.75 6.74
C SER A 66 5.63 7.54 5.81
N LYS A 67 6.13 7.76 4.59
CA LYS A 67 6.29 6.68 3.60
C LYS A 67 7.01 5.44 4.14
N GLU A 68 8.26 5.59 4.56
CA GLU A 68 9.04 4.44 5.04
C GLU A 68 8.40 3.78 6.25
N ASP A 69 7.87 4.58 7.17
CA ASP A 69 7.26 4.02 8.38
C ASP A 69 6.06 3.15 8.00
N ILE A 70 5.23 3.67 7.11
CA ILE A 70 4.04 2.96 6.67
C ILE A 70 4.38 1.63 6.02
N LEU A 71 5.42 1.64 5.18
CA LEU A 71 5.84 0.43 4.49
C LEU A 71 6.20 -0.67 5.46
N HIS A 72 6.91 -0.32 6.52
CA HIS A 72 7.28 -1.30 7.53
C HIS A 72 6.03 -1.93 8.12
N LYS A 73 5.04 -1.09 8.40
CA LYS A 73 3.79 -1.57 8.96
C LYS A 73 3.12 -2.58 8.03
N LEU A 74 2.96 -2.20 6.76
CA LEU A 74 2.32 -3.08 5.79
C LEU A 74 3.06 -4.42 5.68
N ASN A 75 4.38 -4.39 5.73
CA ASN A 75 5.15 -5.62 5.65
C ASN A 75 4.68 -6.57 6.75
N GLU A 76 4.51 -6.01 7.95
CA GLU A 76 4.06 -6.79 9.09
C GLU A 76 2.62 -7.27 8.91
N GLN A 77 1.77 -6.39 8.40
CA GLN A 77 0.37 -6.73 8.17
C GLN A 77 0.26 -7.72 7.02
N TRP A 78 1.03 -7.47 5.98
CA TRP A 78 1.03 -8.34 4.81
C TRP A 78 1.29 -9.78 5.23
N ASN A 79 2.29 -9.97 6.11
CA ASN A 79 2.63 -11.31 6.58
C ASN A 79 1.62 -11.76 7.64
N LYS A 80 1.14 -10.82 8.44
CA LYS A 80 0.16 -11.14 9.49
C LYS A 80 -1.07 -11.79 8.88
N ASP A 81 -1.42 -11.32 7.69
CA ASP A 81 -2.57 -11.87 6.97
C ASP A 81 -2.09 -12.65 5.75
N GLY A 1 -11.48 22.87 8.41
CA GLY A 1 -12.37 22.37 9.50
C GLY A 1 -12.57 20.87 9.33
N PRO A 2 -12.97 20.45 8.17
CA PRO A 2 -13.20 19.02 7.84
C PRO A 2 -11.96 18.38 7.23
N LEU A 3 -11.07 19.21 6.68
CA LEU A 3 -9.84 18.72 6.09
C LEU A 3 -8.76 18.60 7.16
N GLY A 4 -8.67 19.61 8.01
CA GLY A 4 -7.69 19.63 9.08
C GLY A 4 -6.42 18.90 8.66
N SER A 5 -5.65 18.45 9.65
CA SER A 5 -4.40 17.75 9.37
C SER A 5 -4.68 16.34 8.86
N MET A 6 -5.95 16.03 8.62
CA MET A 6 -6.32 14.71 8.12
C MET A 6 -6.68 14.77 6.63
N ASN A 7 -6.45 15.93 6.01
CA ASN A 7 -6.74 16.09 4.58
C ASN A 7 -6.74 14.74 3.89
N LYS A 8 -7.79 14.45 3.15
CA LYS A 8 -7.91 13.18 2.44
C LYS A 8 -7.06 13.19 1.17
N PHE A 9 -6.63 12.00 0.77
CA PHE A 9 -5.81 11.86 -0.42
C PHE A 9 -6.68 11.74 -1.67
N THR A 10 -6.20 12.29 -2.79
CA THR A 10 -6.95 12.21 -4.04
C THR A 10 -6.59 10.91 -4.76
N ASP A 11 -7.46 10.47 -5.67
CA ASP A 11 -7.20 9.23 -6.40
C ASP A 11 -5.83 9.30 -7.08
N ASP A 12 -5.50 10.47 -7.63
CA ASP A 12 -4.21 10.63 -8.30
C ASP A 12 -3.07 10.49 -7.31
N GLU A 13 -3.21 11.15 -6.15
CA GLU A 13 -2.20 11.06 -5.12
C GLU A 13 -2.15 9.63 -4.58
N TRP A 14 -3.34 9.05 -4.49
CA TRP A 14 -3.48 7.69 -4.00
C TRP A 14 -2.77 6.74 -4.96
N ASN A 15 -3.05 6.89 -6.26
CA ASN A 15 -2.42 6.06 -7.27
C ASN A 15 -0.91 6.13 -7.12
N GLN A 16 -0.41 7.33 -6.83
CA GLN A 16 1.01 7.54 -6.65
C GLN A 16 1.47 6.71 -5.46
N LEU A 17 0.67 6.74 -4.40
CA LEU A 17 0.97 5.99 -3.19
C LEU A 17 0.93 4.49 -3.48
N LYS A 18 -0.02 4.09 -4.32
CA LYS A 18 -0.17 2.68 -4.66
C LYS A 18 1.11 2.14 -5.30
N GLN A 19 1.67 2.90 -6.22
CA GLN A 19 2.90 2.46 -6.88
C GLN A 19 4.06 2.39 -5.89
N ASP A 20 4.13 3.36 -4.99
CA ASP A 20 5.20 3.36 -4.00
C ASP A 20 5.15 2.11 -3.15
N PHE A 21 3.95 1.78 -2.68
CA PHE A 21 3.78 0.60 -1.86
C PHE A 21 4.16 -0.63 -2.67
N ILE A 22 3.61 -0.71 -3.87
CA ILE A 22 3.89 -1.82 -4.77
C ILE A 22 5.39 -1.89 -5.04
N SER A 23 5.97 -0.76 -5.42
CA SER A 23 7.39 -0.72 -5.70
C SER A 23 8.16 -1.26 -4.49
N GLY A 24 7.71 -0.91 -3.29
CA GLY A 24 8.36 -1.40 -2.08
C GLY A 24 8.30 -2.91 -2.02
N ILE A 25 7.23 -3.49 -2.56
CA ILE A 25 7.06 -4.93 -2.56
C ILE A 25 8.00 -5.58 -3.57
N LEU A 26 8.11 -4.97 -4.75
CA LEU A 26 9.00 -5.48 -5.78
C LEU A 26 10.44 -5.10 -5.45
N GLU A 27 10.60 -3.97 -4.77
CA GLU A 27 11.92 -3.51 -4.36
C GLU A 27 12.41 -4.33 -3.17
N ASN A 28 11.46 -4.80 -2.37
CA ASN A 28 11.77 -5.61 -1.21
C ASN A 28 11.53 -7.08 -1.51
N GLU A 29 12.25 -7.95 -0.81
CA GLU A 29 12.10 -9.39 -0.99
C GLU A 29 10.61 -9.75 -0.92
N GLN A 30 9.83 -8.87 -0.33
CA GLN A 30 8.40 -9.09 -0.17
C GLN A 30 7.77 -9.55 -1.48
N LYS A 31 8.41 -9.22 -2.60
CA LYS A 31 7.89 -9.61 -3.90
C LYS A 31 7.56 -11.09 -3.90
N ASP A 32 8.38 -11.86 -3.19
CA ASP A 32 8.17 -13.31 -3.11
C ASP A 32 6.81 -13.59 -2.48
N LEU A 33 6.47 -12.83 -1.45
CA LEU A 33 5.20 -13.00 -0.78
C LEU A 33 4.05 -12.74 -1.75
N VAL A 34 4.24 -11.75 -2.61
CA VAL A 34 3.24 -11.41 -3.60
C VAL A 34 3.09 -12.56 -4.59
N ALA A 35 4.22 -13.12 -5.00
CA ALA A 35 4.21 -14.22 -5.95
C ALA A 35 3.44 -15.40 -5.38
N LYS A 36 3.57 -15.63 -4.08
CA LYS A 36 2.87 -16.74 -3.44
C LYS A 36 1.36 -16.53 -3.52
N LEU A 37 0.92 -15.34 -3.16
CA LEU A 37 -0.51 -15.02 -3.19
C LEU A 37 -1.03 -14.96 -4.62
N THR A 38 -0.28 -14.30 -5.48
CA THR A 38 -0.67 -14.18 -6.88
C THR A 38 -0.21 -15.41 -7.65
N ASN A 39 -0.89 -15.70 -8.74
CA ASN A 39 -0.56 -16.86 -9.56
C ASN A 39 0.31 -16.47 -10.75
N SER A 40 -0.35 -16.06 -11.83
CA SER A 40 0.37 -15.66 -13.03
C SER A 40 0.63 -14.15 -13.01
N ASP A 41 0.28 -13.51 -11.90
CA ASP A 41 0.46 -12.08 -11.77
C ASP A 41 1.43 -11.76 -10.64
N PRO A 42 2.70 -11.71 -10.94
CA PRO A 42 3.76 -11.42 -9.94
C PRO A 42 3.88 -9.93 -9.64
N ILE A 43 4.33 -9.17 -10.62
CA ILE A 43 4.50 -7.74 -10.45
C ILE A 43 3.16 -7.05 -10.18
N MET A 44 2.07 -7.67 -10.62
CA MET A 44 0.75 -7.10 -10.40
C MET A 44 0.52 -6.86 -8.91
N ASN A 45 1.22 -7.63 -8.08
CA ASN A 45 1.10 -7.49 -6.64
C ASN A 45 -0.37 -7.45 -6.23
N GLN A 46 -1.20 -8.22 -6.93
CA GLN A 46 -2.64 -8.27 -6.65
C GLN A 46 -3.19 -6.84 -6.55
N LEU A 47 -2.95 -6.06 -7.59
CA LEU A 47 -3.41 -4.67 -7.63
C LEU A 47 -4.87 -4.54 -7.20
N ASP A 48 -5.74 -5.38 -7.75
CA ASP A 48 -7.17 -5.31 -7.41
C ASP A 48 -7.39 -5.51 -5.90
N LEU A 49 -6.84 -6.57 -5.34
CA LEU A 49 -7.00 -6.82 -3.91
C LEU A 49 -6.27 -5.75 -3.12
N LEU A 50 -5.08 -5.40 -3.58
CA LEU A 50 -4.25 -4.41 -2.92
C LEU A 50 -4.99 -3.08 -2.81
N HIS A 51 -5.63 -2.67 -3.90
CA HIS A 51 -6.37 -1.41 -3.89
C HIS A 51 -7.46 -1.43 -2.83
N LYS A 52 -8.22 -2.52 -2.78
CA LYS A 52 -9.29 -2.62 -1.79
C LYS A 52 -8.70 -2.56 -0.39
N TRP A 53 -7.67 -3.36 -0.17
CA TRP A 53 -6.99 -3.40 1.11
C TRP A 53 -6.53 -1.99 1.49
N LEU A 54 -5.78 -1.39 0.57
CA LEU A 54 -5.26 -0.05 0.80
C LEU A 54 -6.40 0.91 1.11
N ASP A 55 -7.45 0.88 0.29
CA ASP A 55 -8.59 1.77 0.49
C ASP A 55 -9.19 1.60 1.89
N ARG A 56 -9.33 0.37 2.34
CA ARG A 56 -9.91 0.10 3.66
C ARG A 56 -9.06 0.69 4.78
N HIS A 57 -7.75 0.75 4.56
CA HIS A 57 -6.85 1.30 5.57
C HIS A 57 -6.22 2.61 5.09
N ARG A 58 -6.85 3.24 4.10
CA ARG A 58 -6.33 4.48 3.56
C ARG A 58 -6.14 5.54 4.64
N ASP A 59 -7.02 5.52 5.62
CA ASP A 59 -6.97 6.48 6.72
C ASP A 59 -5.63 6.39 7.45
N MET A 60 -5.03 5.21 7.42
CA MET A 60 -3.76 4.97 8.09
C MET A 60 -2.69 5.95 7.63
N CYS A 61 -2.71 6.33 6.36
CA CYS A 61 -1.70 7.26 5.85
C CYS A 61 -1.80 8.59 6.58
N GLU A 62 -3.00 8.93 7.03
CA GLU A 62 -3.21 10.19 7.74
C GLU A 62 -2.71 10.06 9.18
N LYS A 63 -2.45 8.84 9.62
CA LYS A 63 -1.97 8.60 10.98
C LYS A 63 -0.46 8.77 11.07
N TRP A 64 0.28 7.96 10.32
CA TRP A 64 1.73 8.05 10.34
C TRP A 64 2.21 9.13 9.37
N LYS A 65 1.47 9.28 8.27
CA LYS A 65 1.85 10.26 7.27
C LYS A 65 3.25 9.96 6.75
N SER A 66 3.91 9.01 7.39
CA SER A 66 5.25 8.62 7.00
C SER A 66 5.20 7.58 5.87
N LYS A 67 6.28 7.49 5.11
CA LYS A 67 6.33 6.56 4.00
C LYS A 67 6.95 5.23 4.39
N GLU A 68 8.22 5.27 4.79
CA GLU A 68 8.94 4.06 5.16
C GLU A 68 8.29 3.33 6.34
N ASP A 69 7.77 4.09 7.29
CA ASP A 69 7.13 3.49 8.45
C ASP A 69 5.91 2.66 8.05
N ILE A 70 5.09 3.24 7.17
CA ILE A 70 3.89 2.54 6.72
C ILE A 70 4.26 1.24 6.02
N LEU A 71 5.32 1.27 5.23
CA LEU A 71 5.77 0.08 4.51
C LEU A 71 6.03 -1.06 5.49
N HIS A 72 6.66 -0.73 6.61
CA HIS A 72 6.96 -1.73 7.62
C HIS A 72 5.67 -2.35 8.15
N LYS A 73 4.67 -1.51 8.40
CA LYS A 73 3.39 -2.00 8.91
C LYS A 73 2.76 -2.98 7.92
N LEU A 74 2.69 -2.55 6.66
CA LEU A 74 2.09 -3.41 5.62
C LEU A 74 2.80 -4.76 5.56
N ASN A 75 4.12 -4.74 5.61
CA ASN A 75 4.88 -5.98 5.54
C ASN A 75 4.42 -6.95 6.63
N GLU A 76 4.25 -6.43 7.84
CA GLU A 76 3.81 -7.26 8.96
C GLU A 76 2.36 -7.69 8.76
N GLN A 77 1.52 -6.76 8.30
CA GLN A 77 0.11 -7.06 8.07
C GLN A 77 -0.04 -8.01 6.88
N TRP A 78 0.73 -7.74 5.84
CA TRP A 78 0.71 -8.55 4.62
C TRP A 78 1.06 -10.00 4.93
N ASN A 79 2.03 -10.19 5.83
CA ASN A 79 2.47 -11.54 6.20
C ASN A 79 1.43 -12.24 7.07
N LYS A 80 0.86 -11.49 8.00
CA LYS A 80 -0.14 -12.04 8.92
C LYS A 80 -1.40 -12.51 8.19
N ASP A 81 -1.85 -11.72 7.22
CA ASP A 81 -3.06 -12.06 6.48
C ASP A 81 -2.73 -12.74 5.16
N GLY A 1 -10.99 23.65 8.98
CA GLY A 1 -10.65 24.96 8.36
C GLY A 1 -9.46 24.77 7.43
N PRO A 2 -8.76 25.83 7.12
CA PRO A 2 -7.58 25.77 6.24
C PRO A 2 -6.63 24.65 6.62
N LEU A 3 -6.06 24.00 5.61
CA LEU A 3 -5.12 22.90 5.83
C LEU A 3 -5.63 21.92 6.89
N GLY A 4 -6.94 21.91 7.10
CA GLY A 4 -7.53 21.00 8.08
C GLY A 4 -7.29 19.54 7.69
N SER A 5 -7.19 18.67 8.69
CA SER A 5 -6.95 17.26 8.41
C SER A 5 -8.18 16.62 7.80
N MET A 6 -9.28 17.37 7.78
CA MET A 6 -10.52 16.88 7.19
C MET A 6 -10.25 16.56 5.72
N ASN A 7 -9.03 16.85 5.28
CA ASN A 7 -8.64 16.60 3.89
C ASN A 7 -7.81 15.32 3.76
N LYS A 8 -8.27 14.41 2.89
CA LYS A 8 -7.57 13.15 2.68
C LYS A 8 -6.83 13.16 1.34
N PHE A 9 -6.27 12.01 0.96
CA PHE A 9 -5.53 11.90 -0.31
C PHE A 9 -6.48 11.80 -1.51
N THR A 10 -6.06 12.39 -2.62
CA THR A 10 -6.84 12.37 -3.84
C THR A 10 -6.59 11.07 -4.61
N ASP A 11 -7.51 10.71 -5.49
CA ASP A 11 -7.34 9.49 -6.26
C ASP A 11 -6.02 9.51 -7.02
N ASP A 12 -5.67 10.67 -7.59
CA ASP A 12 -4.42 10.79 -8.31
C ASP A 12 -3.25 10.62 -7.36
N GLU A 13 -3.33 11.28 -6.21
CA GLU A 13 -2.28 11.19 -5.20
C GLU A 13 -2.23 9.77 -4.64
N TRP A 14 -3.41 9.23 -4.39
CA TRP A 14 -3.52 7.88 -3.86
C TRP A 14 -2.89 6.91 -4.85
N ASN A 15 -3.23 7.07 -6.12
CA ASN A 15 -2.69 6.22 -7.18
C ASN A 15 -1.16 6.21 -7.12
N GLN A 16 -0.57 7.37 -6.88
CA GLN A 16 0.89 7.45 -6.77
C GLN A 16 1.35 6.62 -5.58
N LEU A 17 0.62 6.75 -4.49
CA LEU A 17 0.94 6.01 -3.28
C LEU A 17 0.82 4.51 -3.55
N LYS A 18 -0.14 4.14 -4.39
CA LYS A 18 -0.33 2.73 -4.72
C LYS A 18 0.95 2.17 -5.32
N GLN A 19 1.56 2.93 -6.23
CA GLN A 19 2.79 2.48 -6.87
C GLN A 19 3.90 2.30 -5.84
N ASP A 20 3.99 3.24 -4.90
CA ASP A 20 5.02 3.14 -3.86
C ASP A 20 4.88 1.84 -3.08
N PHE A 21 3.65 1.47 -2.79
CA PHE A 21 3.40 0.24 -2.04
C PHE A 21 3.84 -0.95 -2.90
N ILE A 22 3.45 -0.90 -4.16
CA ILE A 22 3.82 -1.94 -5.11
C ILE A 22 5.35 -2.02 -5.20
N SER A 23 5.98 -0.86 -5.33
CA SER A 23 7.43 -0.80 -5.44
C SER A 23 8.10 -1.46 -4.23
N GLY A 24 7.59 -1.14 -3.03
CA GLY A 24 8.15 -1.71 -1.80
C GLY A 24 7.98 -3.23 -1.81
N ILE A 25 6.92 -3.69 -2.46
CA ILE A 25 6.63 -5.12 -2.54
C ILE A 25 7.64 -5.82 -3.43
N LEU A 26 8.03 -5.15 -4.52
CA LEU A 26 9.00 -5.73 -5.45
C LEU A 26 10.42 -5.42 -5.01
N GLU A 27 10.61 -4.33 -4.28
CA GLU A 27 11.93 -3.95 -3.79
C GLU A 27 12.36 -4.85 -2.64
N ASN A 28 11.40 -5.26 -1.82
CA ASN A 28 11.69 -6.10 -0.67
C ASN A 28 11.61 -7.58 -1.04
N GLU A 29 12.27 -8.42 -0.25
CA GLU A 29 12.24 -9.86 -0.49
C GLU A 29 10.79 -10.35 -0.47
N GLN A 30 9.96 -9.60 0.24
CA GLN A 30 8.54 -9.92 0.37
C GLN A 30 7.90 -10.18 -0.99
N LYS A 31 8.60 -9.84 -2.06
CA LYS A 31 8.07 -10.04 -3.40
C LYS A 31 7.69 -11.51 -3.63
N ASP A 32 8.47 -12.42 -3.07
CA ASP A 32 8.19 -13.83 -3.24
C ASP A 32 6.81 -14.20 -2.68
N LEU A 33 6.44 -13.54 -1.58
CA LEU A 33 5.14 -13.79 -0.96
C LEU A 33 4.01 -13.33 -1.88
N VAL A 34 4.14 -12.11 -2.37
CA VAL A 34 3.11 -11.55 -3.24
C VAL A 34 3.05 -12.34 -4.54
N ALA A 35 4.19 -12.87 -4.96
CA ALA A 35 4.24 -13.65 -6.20
C ALA A 35 3.31 -14.85 -6.11
N LYS A 36 3.48 -15.65 -5.07
CA LYS A 36 2.64 -16.84 -4.88
C LYS A 36 1.17 -16.43 -4.82
N LEU A 37 0.90 -15.30 -4.18
CA LEU A 37 -0.47 -14.82 -4.06
C LEU A 37 -1.12 -14.66 -5.42
N THR A 38 -0.37 -14.17 -6.40
CA THR A 38 -0.92 -13.99 -7.74
C THR A 38 -0.11 -14.79 -8.76
N ASN A 39 1.00 -14.22 -9.20
CA ASN A 39 1.84 -14.91 -10.18
C ASN A 39 3.21 -14.24 -10.25
N SER A 40 4.05 -14.75 -11.15
CA SER A 40 5.39 -14.21 -11.32
C SER A 40 5.32 -12.80 -11.91
N ASP A 41 4.22 -12.10 -11.65
CA ASP A 41 4.03 -10.75 -12.16
C ASP A 41 4.97 -9.77 -11.47
N PRO A 42 5.91 -9.21 -12.20
CA PRO A 42 6.88 -8.22 -11.64
C PRO A 42 6.20 -7.11 -10.83
N ILE A 43 5.57 -6.20 -11.54
CA ILE A 43 4.89 -5.07 -10.90
C ILE A 43 3.44 -5.43 -10.59
N MET A 44 2.61 -5.44 -11.61
CA MET A 44 1.20 -5.76 -11.43
C MET A 44 1.04 -6.94 -10.50
N ASN A 45 1.09 -6.68 -9.21
CA ASN A 45 0.95 -7.73 -8.22
C ASN A 45 -0.35 -7.57 -7.46
N GLN A 46 -1.40 -8.23 -7.95
CA GLN A 46 -2.72 -8.15 -7.33
C GLN A 46 -3.10 -6.70 -7.07
N LEU A 47 -3.13 -5.92 -8.14
CA LEU A 47 -3.48 -4.50 -8.05
C LEU A 47 -4.89 -4.33 -7.49
N ASP A 48 -5.84 -5.11 -7.99
CA ASP A 48 -7.22 -5.02 -7.55
C ASP A 48 -7.36 -5.28 -6.06
N LEU A 49 -6.80 -6.38 -5.59
CA LEU A 49 -6.88 -6.72 -4.17
C LEU A 49 -6.09 -5.70 -3.34
N LEU A 50 -4.92 -5.33 -3.83
CA LEU A 50 -4.08 -4.38 -3.11
C LEU A 50 -4.82 -3.08 -2.88
N HIS A 51 -5.50 -2.60 -3.93
CA HIS A 51 -6.26 -1.36 -3.84
C HIS A 51 -7.33 -1.45 -2.76
N LYS A 52 -8.09 -2.55 -2.75
CA LYS A 52 -9.14 -2.71 -1.77
C LYS A 52 -8.56 -2.70 -0.35
N TRP A 53 -7.51 -3.50 -0.15
CA TRP A 53 -6.85 -3.55 1.15
C TRP A 53 -6.37 -2.16 1.53
N LEU A 54 -5.69 -1.54 0.58
CA LEU A 54 -5.17 -0.19 0.78
C LEU A 54 -6.31 0.77 1.09
N ASP A 55 -7.30 0.81 0.20
CA ASP A 55 -8.44 1.69 0.38
C ASP A 55 -9.14 1.45 1.72
N ARG A 56 -9.27 0.19 2.09
CA ARG A 56 -9.93 -0.17 3.34
C ARG A 56 -9.20 0.43 4.54
N HIS A 57 -7.88 0.54 4.42
CA HIS A 57 -7.08 1.08 5.52
C HIS A 57 -6.42 2.41 5.14
N ARG A 58 -7.01 3.12 4.17
CA ARG A 58 -6.45 4.40 3.74
C ARG A 58 -6.25 5.33 4.94
N ASP A 59 -7.13 5.22 5.91
CA ASP A 59 -7.03 6.04 7.12
C ASP A 59 -5.71 5.78 7.83
N MET A 60 -5.14 4.60 7.64
CA MET A 60 -3.87 4.27 8.27
C MET A 60 -2.82 5.31 7.87
N CYS A 61 -2.93 5.81 6.65
CA CYS A 61 -1.99 6.81 6.17
C CYS A 61 -2.15 8.12 6.94
N GLU A 62 -3.38 8.36 7.39
CA GLU A 62 -3.68 9.55 8.16
C GLU A 62 -3.14 9.44 9.57
N LYS A 63 -3.04 8.21 10.07
CA LYS A 63 -2.54 7.98 11.42
C LYS A 63 -1.02 8.14 11.48
N TRP A 64 -0.32 7.57 10.50
CA TRP A 64 1.14 7.68 10.47
C TRP A 64 1.62 8.19 9.12
N LYS A 65 0.99 9.28 8.66
CA LYS A 65 1.36 9.90 7.39
C LYS A 65 2.87 9.80 7.16
N SER A 66 3.30 8.65 6.65
CA SER A 66 4.71 8.42 6.37
C SER A 66 4.87 7.39 5.26
N LYS A 67 6.07 7.30 4.71
CA LYS A 67 6.32 6.36 3.62
C LYS A 67 7.01 5.08 4.11
N GLU A 68 8.27 5.20 4.51
CA GLU A 68 9.03 4.03 4.97
C GLU A 68 8.40 3.42 6.21
N ASP A 69 7.88 4.27 7.07
CA ASP A 69 7.26 3.80 8.31
C ASP A 69 6.06 2.91 7.99
N ILE A 70 5.17 3.42 7.15
CA ILE A 70 3.97 2.68 6.76
C ILE A 70 4.32 1.36 6.09
N LEU A 71 5.29 1.40 5.18
CA LEU A 71 5.68 0.20 4.46
C LEU A 71 6.05 -0.90 5.45
N HIS A 72 6.76 -0.54 6.50
CA HIS A 72 7.16 -1.52 7.50
C HIS A 72 5.91 -2.12 8.13
N LYS A 73 4.95 -1.26 8.48
CA LYS A 73 3.71 -1.73 9.08
C LYS A 73 2.99 -2.65 8.11
N LEU A 74 2.83 -2.19 6.87
CA LEU A 74 2.17 -2.99 5.85
C LEU A 74 2.91 -4.31 5.66
N ASN A 75 4.24 -4.26 5.69
CA ASN A 75 5.02 -5.48 5.52
C ASN A 75 4.59 -6.53 6.54
N GLU A 76 4.46 -6.09 7.79
CA GLU A 76 4.06 -6.97 8.88
C GLU A 76 2.64 -7.50 8.68
N GLN A 77 1.77 -6.64 8.20
CA GLN A 77 0.38 -7.02 7.96
C GLN A 77 0.29 -7.85 6.68
N TRP A 78 1.10 -7.50 5.69
CA TRP A 78 1.13 -8.22 4.43
C TRP A 78 1.38 -9.70 4.68
N ASN A 79 2.29 -9.99 5.61
CA ASN A 79 2.64 -11.36 5.95
C ASN A 79 1.41 -12.14 6.43
N LYS A 80 0.54 -11.48 7.19
CA LYS A 80 -0.64 -12.17 7.70
C LYS A 80 -1.47 -12.67 6.53
N ASP A 81 -1.45 -11.93 5.43
CA ASP A 81 -2.20 -12.30 4.25
C ASP A 81 -2.29 -13.82 4.13
N GLY A 1 -17.85 22.04 6.93
CA GLY A 1 -16.52 21.41 7.11
C GLY A 1 -15.63 21.71 5.91
N PRO A 2 -15.00 22.86 5.92
CA PRO A 2 -14.10 23.30 4.81
C PRO A 2 -12.92 22.37 4.61
N LEU A 3 -12.41 22.33 3.38
CA LEU A 3 -11.28 21.46 3.05
C LEU A 3 -9.96 22.12 3.49
N GLY A 4 -9.05 21.30 3.99
CA GLY A 4 -7.75 21.79 4.44
C GLY A 4 -6.81 20.64 4.76
N SER A 5 -6.00 20.81 5.80
CA SER A 5 -5.07 19.76 6.20
C SER A 5 -5.84 18.52 6.68
N MET A 6 -7.16 18.66 6.75
CA MET A 6 -8.01 17.56 7.19
C MET A 6 -8.45 16.72 6.00
N ASN A 7 -8.46 17.32 4.82
CA ASN A 7 -8.87 16.62 3.61
C ASN A 7 -7.97 15.41 3.37
N LYS A 8 -8.57 14.31 2.93
CA LYS A 8 -7.81 13.09 2.68
C LYS A 8 -7.04 13.19 1.37
N PHE A 9 -6.34 12.11 1.01
CA PHE A 9 -5.54 12.11 -0.21
C PHE A 9 -6.44 12.00 -1.45
N THR A 10 -5.99 12.58 -2.56
CA THR A 10 -6.75 12.55 -3.80
C THR A 10 -6.49 11.28 -4.59
N ASP A 11 -7.41 10.95 -5.49
CA ASP A 11 -7.26 9.75 -6.30
C ASP A 11 -5.92 9.75 -7.03
N ASP A 12 -5.50 10.91 -7.53
CA ASP A 12 -4.23 10.98 -8.25
C ASP A 12 -3.08 10.78 -7.27
N GLU A 13 -3.18 11.42 -6.11
CA GLU A 13 -2.16 11.27 -5.10
C GLU A 13 -2.14 9.85 -4.60
N TRP A 14 -3.35 9.30 -4.44
CA TRP A 14 -3.52 7.95 -3.96
C TRP A 14 -2.91 6.94 -4.93
N ASN A 15 -3.23 7.09 -6.22
CA ASN A 15 -2.68 6.17 -7.22
C ASN A 15 -1.16 6.14 -7.18
N GLN A 16 -0.56 7.32 -7.08
CA GLN A 16 0.90 7.41 -7.01
C GLN A 16 1.38 6.65 -5.78
N LEU A 17 0.66 6.84 -4.69
CA LEU A 17 1.00 6.16 -3.45
C LEU A 17 0.88 4.64 -3.61
N LYS A 18 -0.13 4.20 -4.34
CA LYS A 18 -0.33 2.78 -4.57
C LYS A 18 0.90 2.17 -5.23
N GLN A 19 1.46 2.91 -6.19
CA GLN A 19 2.64 2.44 -6.90
C GLN A 19 3.83 2.33 -5.97
N ASP A 20 3.99 3.28 -5.05
CA ASP A 20 5.10 3.23 -4.13
C ASP A 20 5.06 1.93 -3.33
N PHE A 21 3.86 1.54 -2.87
CA PHE A 21 3.72 0.30 -2.12
C PHE A 21 4.08 -0.87 -3.03
N ILE A 22 3.46 -0.89 -4.20
CA ILE A 22 3.73 -1.94 -5.17
C ILE A 22 5.22 -1.95 -5.48
N SER A 23 5.76 -0.75 -5.65
CA SER A 23 7.17 -0.59 -5.94
C SER A 23 8.03 -1.22 -4.84
N GLY A 24 7.71 -0.88 -3.60
CA GLY A 24 8.45 -1.40 -2.45
C GLY A 24 8.26 -2.91 -2.30
N ILE A 25 7.11 -3.41 -2.72
CA ILE A 25 6.82 -4.84 -2.63
C ILE A 25 7.66 -5.62 -3.64
N LEU A 26 7.70 -5.15 -4.88
CA LEU A 26 8.48 -5.82 -5.91
C LEU A 26 9.96 -5.45 -5.78
N GLU A 27 10.23 -4.26 -5.25
CA GLU A 27 11.60 -3.80 -5.07
C GLU A 27 12.28 -4.56 -3.93
N ASN A 28 11.56 -4.70 -2.81
CA ASN A 28 12.09 -5.40 -1.66
C ASN A 28 11.79 -6.89 -1.74
N GLU A 29 12.45 -7.66 -0.89
CA GLU A 29 12.25 -9.11 -0.86
C GLU A 29 10.79 -9.44 -0.56
N GLN A 30 10.08 -8.52 0.07
CA GLN A 30 8.67 -8.76 0.40
C GLN A 30 7.91 -9.23 -0.83
N LYS A 31 8.59 -9.19 -1.98
CA LYS A 31 8.00 -9.62 -3.23
C LYS A 31 7.58 -11.08 -3.16
N ASP A 32 8.30 -11.86 -2.37
CA ASP A 32 8.00 -13.27 -2.22
C ASP A 32 6.57 -13.46 -1.72
N LEU A 33 6.14 -12.54 -0.86
CA LEU A 33 4.80 -12.58 -0.29
C LEU A 33 3.75 -12.43 -1.39
N VAL A 34 4.06 -11.59 -2.38
CA VAL A 34 3.14 -11.38 -3.49
C VAL A 34 3.06 -12.65 -4.33
N ALA A 35 4.20 -13.31 -4.48
CA ALA A 35 4.25 -14.55 -5.26
C ALA A 35 3.36 -15.60 -4.64
N LYS A 36 3.40 -15.72 -3.32
CA LYS A 36 2.57 -16.70 -2.62
C LYS A 36 1.09 -16.39 -2.82
N LEU A 37 0.74 -15.11 -2.71
CA LEU A 37 -0.65 -14.70 -2.87
C LEU A 37 -1.14 -15.02 -4.28
N THR A 38 -0.29 -14.77 -5.29
CA THR A 38 -0.68 -15.05 -6.67
C THR A 38 0.54 -15.35 -7.53
N ASN A 39 0.78 -16.63 -7.78
CA ASN A 39 1.90 -17.04 -8.60
C ASN A 39 1.72 -16.59 -10.05
N SER A 40 2.84 -16.35 -10.73
CA SER A 40 2.79 -15.93 -12.12
C SER A 40 2.52 -14.43 -12.23
N ASP A 41 2.11 -13.81 -11.12
CA ASP A 41 1.82 -12.37 -11.16
C ASP A 41 2.64 -11.64 -10.08
N PRO A 42 3.90 -11.40 -10.36
CA PRO A 42 4.82 -10.71 -9.42
C PRO A 42 4.62 -9.19 -9.44
N ILE A 43 4.90 -8.56 -10.57
CA ILE A 43 4.75 -7.12 -10.70
C ILE A 43 3.29 -6.73 -10.52
N MET A 44 2.39 -7.66 -10.85
CA MET A 44 0.96 -7.41 -10.72
C MET A 44 0.64 -7.02 -9.28
N ASN A 45 1.36 -7.63 -8.35
CA ASN A 45 1.16 -7.37 -6.94
C ASN A 45 -0.32 -7.33 -6.60
N GLN A 46 -1.10 -8.10 -7.38
CA GLN A 46 -2.54 -8.16 -7.22
C GLN A 46 -3.10 -6.75 -7.04
N LEU A 47 -2.95 -5.96 -8.10
CA LEU A 47 -3.42 -4.58 -8.09
C LEU A 47 -4.86 -4.50 -7.57
N ASP A 48 -5.72 -5.35 -8.10
CA ASP A 48 -7.13 -5.33 -7.72
C ASP A 48 -7.33 -5.59 -6.22
N LEU A 49 -6.77 -6.68 -5.71
CA LEU A 49 -6.91 -6.98 -4.29
C LEU A 49 -6.12 -5.99 -3.45
N LEU A 50 -4.90 -5.67 -3.88
CA LEU A 50 -4.08 -4.73 -3.12
C LEU A 50 -4.80 -3.40 -2.98
N HIS A 51 -5.40 -2.94 -4.06
CA HIS A 51 -6.12 -1.67 -4.06
C HIS A 51 -7.25 -1.68 -3.02
N LYS A 52 -8.07 -2.72 -3.05
CA LYS A 52 -9.18 -2.81 -2.10
C LYS A 52 -8.64 -2.76 -0.68
N TRP A 53 -7.56 -3.48 -0.45
CA TRP A 53 -6.92 -3.52 0.87
C TRP A 53 -6.49 -2.11 1.30
N LEU A 54 -5.71 -1.44 0.44
CA LEU A 54 -5.22 -0.10 0.75
C LEU A 54 -6.39 0.85 1.02
N ASP A 55 -7.34 0.89 0.10
CA ASP A 55 -8.49 1.77 0.23
C ASP A 55 -9.26 1.52 1.52
N ARG A 56 -9.47 0.25 1.87
CA ARG A 56 -10.20 -0.08 3.10
C ARG A 56 -9.45 0.41 4.33
N HIS A 57 -8.12 0.44 4.24
CA HIS A 57 -7.29 0.89 5.36
C HIS A 57 -6.58 2.20 5.03
N ARG A 58 -7.04 2.92 4.01
CA ARG A 58 -6.42 4.18 3.64
C ARG A 58 -6.25 5.08 4.86
N ASP A 59 -7.21 4.98 5.77
CA ASP A 59 -7.18 5.77 7.00
C ASP A 59 -5.91 5.50 7.79
N MET A 60 -5.41 4.26 7.68
CA MET A 60 -4.19 3.86 8.38
C MET A 60 -3.01 4.76 7.99
N CYS A 61 -3.09 5.31 6.80
CA CYS A 61 -2.02 6.18 6.28
C CYS A 61 -1.84 7.43 7.15
N GLU A 62 -2.93 7.87 7.77
CA GLU A 62 -2.91 9.06 8.60
C GLU A 62 -2.27 8.81 9.98
N LYS A 63 -2.07 7.54 10.33
CA LYS A 63 -1.49 7.21 11.65
C LYS A 63 0.03 7.27 11.62
N TRP A 64 0.61 8.01 10.67
CA TRP A 64 2.06 8.13 10.59
C TRP A 64 2.48 9.22 9.61
N LYS A 65 1.85 9.24 8.44
CA LYS A 65 2.22 10.23 7.43
C LYS A 65 3.62 9.95 6.90
N SER A 66 4.40 9.19 7.68
CA SER A 66 5.76 8.84 7.28
C SER A 66 5.74 7.60 6.40
N LYS A 67 6.30 7.72 5.20
CA LYS A 67 6.31 6.61 4.25
C LYS A 67 7.01 5.37 4.81
N GLU A 68 8.22 5.55 5.31
CA GLU A 68 8.98 4.41 5.82
C GLU A 68 8.23 3.66 6.91
N ASP A 69 7.57 4.39 7.80
CA ASP A 69 6.83 3.76 8.87
C ASP A 69 5.71 2.90 8.31
N ILE A 70 5.02 3.44 7.32
CA ILE A 70 3.92 2.71 6.70
C ILE A 70 4.38 1.38 6.12
N LEU A 71 5.44 1.41 5.33
CA LEU A 71 5.94 0.19 4.70
C LEU A 71 6.23 -0.90 5.73
N HIS A 72 6.84 -0.50 6.84
CA HIS A 72 7.17 -1.45 7.89
C HIS A 72 5.91 -2.13 8.42
N LYS A 73 4.87 -1.33 8.67
CA LYS A 73 3.62 -1.87 9.17
C LYS A 73 2.96 -2.80 8.14
N LEU A 74 2.87 -2.33 6.91
CA LEU A 74 2.28 -3.14 5.85
C LEU A 74 3.01 -4.47 5.72
N ASN A 75 4.33 -4.42 5.82
CA ASN A 75 5.11 -5.64 5.72
C ASN A 75 4.62 -6.64 6.78
N GLU A 76 4.41 -6.13 7.99
CA GLU A 76 3.94 -6.95 9.10
C GLU A 76 2.52 -7.45 8.85
N GLN A 77 1.67 -6.57 8.33
CA GLN A 77 0.29 -6.93 8.05
C GLN A 77 0.25 -7.94 6.91
N TRP A 78 1.14 -7.74 5.95
CA TRP A 78 1.23 -8.63 4.80
C TRP A 78 1.46 -10.08 5.23
N ASN A 79 2.43 -10.28 6.12
CA ASN A 79 2.73 -11.61 6.62
C ASN A 79 1.61 -12.10 7.53
N LYS A 80 1.02 -11.15 8.24
CA LYS A 80 -0.05 -11.46 9.17
C LYS A 80 -1.30 -11.98 8.45
N ASP A 81 -1.58 -11.45 7.27
CA ASP A 81 -2.75 -11.87 6.52
C ASP A 81 -2.37 -12.85 5.42
N GLY A 1 -6.81 27.28 8.50
CA GLY A 1 -8.14 27.80 8.06
C GLY A 1 -9.09 27.81 9.25
N PRO A 2 -10.29 28.30 9.06
CA PRO A 2 -11.32 28.36 10.14
C PRO A 2 -11.53 27.00 10.81
N LEU A 3 -11.92 26.01 10.02
CA LEU A 3 -12.15 24.66 10.55
C LEU A 3 -10.82 23.93 10.70
N GLY A 4 -10.11 23.76 9.60
CA GLY A 4 -8.80 23.10 9.65
C GLY A 4 -8.39 22.54 8.28
N SER A 5 -7.18 22.01 8.22
CA SER A 5 -6.64 21.45 6.98
C SER A 5 -7.20 20.05 6.75
N MET A 6 -7.77 19.48 7.80
CA MET A 6 -8.35 18.14 7.72
C MET A 6 -8.71 17.78 6.28
N ASN A 7 -8.02 16.77 5.75
CA ASN A 7 -8.28 16.34 4.37
C ASN A 7 -7.61 15.00 4.08
N LYS A 8 -8.32 14.13 3.35
CA LYS A 8 -7.77 12.83 3.00
C LYS A 8 -6.98 12.93 1.69
N PHE A 9 -6.31 11.85 1.31
CA PHE A 9 -5.51 11.83 0.10
C PHE A 9 -6.39 11.75 -1.15
N THR A 10 -5.94 12.42 -2.21
CA THR A 10 -6.68 12.43 -3.46
C THR A 10 -6.42 11.17 -4.25
N ASP A 11 -7.35 10.85 -5.15
CA ASP A 11 -7.20 9.67 -5.97
C ASP A 11 -5.86 9.71 -6.68
N ASP A 12 -5.47 10.88 -7.17
CA ASP A 12 -4.19 11.03 -7.85
C ASP A 12 -3.06 10.73 -6.88
N GLU A 13 -3.15 11.30 -5.69
CA GLU A 13 -2.14 11.08 -4.66
C GLU A 13 -2.14 9.63 -4.26
N TRP A 14 -3.34 9.08 -4.18
CA TRP A 14 -3.49 7.69 -3.81
C TRP A 14 -2.84 6.81 -4.86
N ASN A 15 -3.13 7.07 -6.14
CA ASN A 15 -2.53 6.27 -7.22
C ASN A 15 -1.02 6.24 -7.12
N GLN A 16 -0.42 7.39 -6.83
CA GLN A 16 1.02 7.48 -6.70
C GLN A 16 1.47 6.63 -5.53
N LEU A 17 0.74 6.73 -4.43
CA LEU A 17 1.06 5.97 -3.23
C LEU A 17 0.98 4.47 -3.53
N LYS A 18 0.02 4.09 -4.37
CA LYS A 18 -0.14 2.68 -4.72
C LYS A 18 1.11 2.13 -5.42
N GLN A 19 1.61 2.87 -6.39
CA GLN A 19 2.80 2.42 -7.12
C GLN A 19 3.95 2.25 -6.14
N ASP A 20 4.06 3.18 -5.21
CA ASP A 20 5.12 3.12 -4.21
C ASP A 20 5.00 1.86 -3.37
N PHE A 21 3.79 1.55 -2.93
CA PHE A 21 3.57 0.36 -2.11
C PHE A 21 3.92 -0.87 -2.93
N ILE A 22 3.47 -0.87 -4.19
CA ILE A 22 3.79 -1.97 -5.08
C ILE A 22 5.30 -2.08 -5.19
N SER A 23 5.96 -0.93 -5.37
CA SER A 23 7.41 -0.90 -5.47
C SER A 23 8.03 -1.49 -4.21
N GLY A 24 7.50 -1.09 -3.06
CA GLY A 24 8.00 -1.60 -1.79
C GLY A 24 7.94 -3.12 -1.77
N ILE A 25 6.90 -3.68 -2.39
CA ILE A 25 6.73 -5.14 -2.42
C ILE A 25 7.71 -5.80 -3.38
N LEU A 26 7.89 -5.23 -4.57
CA LEU A 26 8.81 -5.82 -5.54
C LEU A 26 10.25 -5.57 -5.11
N GLU A 27 10.47 -4.47 -4.40
CA GLU A 27 11.80 -4.12 -3.90
C GLU A 27 12.15 -4.97 -2.67
N ASN A 28 11.16 -5.17 -1.80
CA ASN A 28 11.37 -5.95 -0.57
C ASN A 28 11.23 -7.44 -0.84
N GLU A 29 11.82 -8.24 0.05
CA GLU A 29 11.73 -9.69 -0.08
C GLU A 29 10.26 -10.12 -0.12
N GLN A 30 9.40 -9.28 0.44
CA GLN A 30 7.96 -9.55 0.47
C GLN A 30 7.44 -9.88 -0.93
N LYS A 31 8.29 -9.64 -1.93
CA LYS A 31 7.91 -9.89 -3.32
C LYS A 31 7.47 -11.35 -3.52
N ASP A 32 8.15 -12.27 -2.85
CA ASP A 32 7.79 -13.68 -2.98
C ASP A 32 6.42 -13.94 -2.38
N LEU A 33 6.14 -13.29 -1.25
CA LEU A 33 4.85 -13.46 -0.57
C LEU A 33 3.70 -13.03 -1.46
N VAL A 34 3.84 -11.87 -2.09
CA VAL A 34 2.77 -11.38 -2.97
C VAL A 34 2.59 -12.32 -4.15
N ALA A 35 3.69 -12.97 -4.54
CA ALA A 35 3.65 -13.91 -5.66
C ALA A 35 2.67 -15.04 -5.36
N LYS A 36 2.78 -15.60 -4.15
CA LYS A 36 1.90 -16.69 -3.75
C LYS A 36 0.46 -16.20 -3.70
N LEU A 37 0.29 -14.96 -3.27
CA LEU A 37 -1.04 -14.37 -3.14
C LEU A 37 -1.77 -14.39 -4.49
N THR A 38 -1.09 -13.97 -5.55
CA THR A 38 -1.69 -13.94 -6.87
C THR A 38 -1.07 -15.02 -7.76
N ASN A 39 -1.77 -15.37 -8.83
CA ASN A 39 -1.27 -16.37 -9.75
C ASN A 39 -0.40 -15.73 -10.82
N SER A 40 0.86 -16.14 -10.88
CA SER A 40 1.80 -15.60 -11.85
C SER A 40 2.02 -14.09 -11.65
N ASP A 41 1.07 -13.28 -12.11
CA ASP A 41 1.20 -11.83 -11.98
C ASP A 41 2.00 -11.48 -10.72
N PRO A 42 3.28 -11.19 -10.88
CA PRO A 42 4.16 -10.84 -9.75
C PRO A 42 4.23 -9.32 -9.53
N ILE A 43 4.80 -8.62 -10.50
CA ILE A 43 4.93 -7.17 -10.40
C ILE A 43 3.55 -6.54 -10.19
N MET A 44 2.55 -7.14 -10.84
CA MET A 44 1.19 -6.65 -10.73
C MET A 44 0.80 -6.43 -9.27
N ASN A 45 1.30 -7.29 -8.39
CA ASN A 45 1.02 -7.19 -6.97
C ASN A 45 -0.49 -7.17 -6.70
N GLN A 46 -1.25 -7.91 -7.51
CA GLN A 46 -2.70 -7.97 -7.34
C GLN A 46 -3.28 -6.56 -7.33
N LEU A 47 -2.81 -5.74 -8.26
CA LEU A 47 -3.27 -4.37 -8.37
C LEU A 47 -4.71 -4.22 -7.86
N ASP A 48 -5.61 -5.03 -8.40
CA ASP A 48 -7.03 -4.95 -8.00
C ASP A 48 -7.24 -5.22 -6.52
N LEU A 49 -6.74 -6.36 -6.04
CA LEU A 49 -6.92 -6.71 -4.64
C LEU A 49 -6.11 -5.78 -3.75
N LEU A 50 -4.90 -5.45 -4.19
CA LEU A 50 -4.03 -4.58 -3.41
C LEU A 50 -4.74 -3.25 -3.16
N HIS A 51 -5.37 -2.72 -4.20
CA HIS A 51 -6.09 -1.47 -4.08
C HIS A 51 -7.17 -1.55 -3.02
N LYS A 52 -7.95 -2.63 -3.05
CA LYS A 52 -9.03 -2.78 -2.06
C LYS A 52 -8.45 -2.80 -0.67
N TRP A 53 -7.42 -3.62 -0.48
CA TRP A 53 -6.77 -3.70 0.82
C TRP A 53 -6.31 -2.32 1.24
N LEU A 54 -5.57 -1.67 0.35
CA LEU A 54 -5.08 -0.34 0.62
C LEU A 54 -6.25 0.61 0.94
N ASP A 55 -7.25 0.65 0.06
CA ASP A 55 -8.40 1.52 0.28
C ASP A 55 -9.02 1.28 1.65
N ARG A 56 -9.13 0.02 2.03
CA ARG A 56 -9.74 -0.33 3.32
C ARG A 56 -8.95 0.21 4.50
N HIS A 57 -7.64 0.29 4.38
CA HIS A 57 -6.82 0.78 5.47
C HIS A 57 -6.21 2.14 5.15
N ARG A 58 -6.79 2.85 4.19
CA ARG A 58 -6.29 4.16 3.79
C ARG A 58 -6.23 5.11 4.98
N ASP A 59 -7.22 4.99 5.87
CA ASP A 59 -7.29 5.84 7.06
C ASP A 59 -6.00 5.70 7.87
N MET A 60 -5.45 4.49 7.87
CA MET A 60 -4.23 4.21 8.62
C MET A 60 -3.08 5.09 8.12
N CYS A 61 -3.14 5.47 6.86
CA CYS A 61 -2.09 6.29 6.26
C CYS A 61 -1.94 7.63 7.00
N GLU A 62 -3.03 8.10 7.59
CA GLU A 62 -3.01 9.37 8.31
C GLU A 62 -2.35 9.22 9.68
N LYS A 63 -2.14 7.97 10.11
CA LYS A 63 -1.53 7.71 11.41
C LYS A 63 0.00 7.80 11.34
N TRP A 64 0.51 8.47 10.33
CA TRP A 64 1.96 8.63 10.20
C TRP A 64 2.29 9.74 9.21
N LYS A 65 1.48 9.88 8.17
CA LYS A 65 1.74 10.88 7.17
C LYS A 65 3.13 10.64 6.55
N SER A 66 3.86 9.68 7.13
CA SER A 66 5.18 9.32 6.64
C SER A 66 5.05 8.22 5.60
N LYS A 67 6.16 7.86 4.97
CA LYS A 67 6.11 6.84 3.93
C LYS A 67 6.81 5.53 4.32
N GLU A 68 8.07 5.62 4.77
CA GLU A 68 8.81 4.42 5.12
C GLU A 68 8.18 3.67 6.30
N ASP A 69 7.66 4.41 7.28
CA ASP A 69 7.04 3.77 8.44
C ASP A 69 5.80 2.98 8.05
N ILE A 70 4.96 3.58 7.20
CA ILE A 70 3.73 2.90 6.77
C ILE A 70 4.08 1.62 6.01
N LEU A 71 5.12 1.69 5.18
CA LEU A 71 5.54 0.53 4.41
C LEU A 71 5.90 -0.63 5.31
N HIS A 72 6.59 -0.33 6.42
CA HIS A 72 6.98 -1.36 7.35
C HIS A 72 5.75 -2.06 7.92
N LYS A 73 4.72 -1.28 8.19
CA LYS A 73 3.48 -1.84 8.71
C LYS A 73 2.90 -2.81 7.70
N LEU A 74 2.82 -2.37 6.45
CA LEU A 74 2.26 -3.23 5.40
C LEU A 74 3.04 -4.53 5.30
N ASN A 75 4.37 -4.46 5.42
CA ASN A 75 5.17 -5.67 5.34
C ASN A 75 4.73 -6.68 6.40
N GLU A 76 4.59 -6.21 7.64
CA GLU A 76 4.19 -7.07 8.74
C GLU A 76 2.78 -7.62 8.55
N GLN A 77 1.88 -6.78 8.04
CA GLN A 77 0.50 -7.21 7.81
C GLN A 77 0.44 -8.20 6.65
N TRP A 78 1.24 -7.94 5.62
CA TRP A 78 1.28 -8.82 4.46
C TRP A 78 1.61 -10.25 4.88
N ASN A 79 2.63 -10.39 5.72
CA ASN A 79 3.06 -11.70 6.21
C ASN A 79 1.98 -12.34 7.07
N LYS A 80 1.35 -11.51 7.88
CA LYS A 80 0.30 -11.97 8.78
C LYS A 80 -1.04 -12.05 8.05
N ASP A 81 -1.00 -11.72 6.76
CA ASP A 81 -2.20 -11.75 5.95
C ASP A 81 -3.14 -12.87 6.41
N GLY A 1 -5.82 28.17 3.47
CA GLY A 1 -7.11 28.62 4.06
C GLY A 1 -8.26 27.87 3.39
N PRO A 2 -8.43 28.04 2.11
CA PRO A 2 -9.51 27.37 1.33
C PRO A 2 -9.50 25.86 1.53
N LEU A 3 -10.69 25.28 1.64
CA LEU A 3 -10.83 23.84 1.82
C LEU A 3 -10.33 23.08 0.61
N GLY A 4 -10.51 23.67 -0.57
CA GLY A 4 -10.06 23.04 -1.80
C GLY A 4 -10.22 21.53 -1.73
N SER A 5 -9.30 20.81 -2.37
CA SER A 5 -9.35 19.36 -2.39
C SER A 5 -8.52 18.76 -1.25
N MET A 6 -8.06 19.60 -0.33
CA MET A 6 -7.25 19.12 0.78
C MET A 6 -7.84 17.83 1.35
N ASN A 7 -8.61 17.95 2.43
CA ASN A 7 -9.22 16.79 3.07
C ASN A 7 -8.39 15.54 2.84
N LYS A 8 -9.04 14.39 2.81
CA LYS A 8 -8.34 13.12 2.60
C LYS A 8 -7.45 13.24 1.37
N PHE A 9 -6.75 12.15 1.05
CA PHE A 9 -5.87 12.15 -0.11
C PHE A 9 -6.69 12.08 -1.40
N THR A 10 -6.17 12.64 -2.48
CA THR A 10 -6.87 12.63 -3.76
C THR A 10 -6.62 11.35 -4.51
N ASP A 11 -7.49 11.03 -5.46
CA ASP A 11 -7.32 9.82 -6.25
C ASP A 11 -5.94 9.80 -6.90
N ASP A 12 -5.51 10.95 -7.39
CA ASP A 12 -4.20 11.04 -8.04
C ASP A 12 -3.08 10.80 -7.04
N GLU A 13 -3.20 11.44 -5.87
CA GLU A 13 -2.20 11.29 -4.83
C GLU A 13 -2.19 9.84 -4.35
N TRP A 14 -3.38 9.29 -4.25
CA TRP A 14 -3.54 7.93 -3.81
C TRP A 14 -2.86 6.97 -4.78
N ASN A 15 -3.07 7.18 -6.07
CA ASN A 15 -2.47 6.33 -7.09
C ASN A 15 -0.96 6.30 -6.93
N GLN A 16 -0.38 7.45 -6.62
CA GLN A 16 1.07 7.52 -6.44
C GLN A 16 1.45 6.67 -5.23
N LEU A 17 0.66 6.76 -4.18
CA LEU A 17 0.92 5.99 -2.97
C LEU A 17 0.91 4.50 -3.29
N LYS A 18 -0.02 4.11 -4.16
CA LYS A 18 -0.13 2.71 -4.57
C LYS A 18 1.16 2.25 -5.23
N GLN A 19 1.69 3.06 -6.14
CA GLN A 19 2.92 2.70 -6.83
C GLN A 19 4.07 2.54 -5.84
N ASP A 20 4.17 3.48 -4.90
CA ASP A 20 5.23 3.42 -3.89
C ASP A 20 5.12 2.14 -3.07
N PHE A 21 3.89 1.78 -2.69
CA PHE A 21 3.70 0.57 -1.90
C PHE A 21 4.04 -0.65 -2.75
N ILE A 22 3.55 -0.64 -3.99
CA ILE A 22 3.83 -1.74 -4.91
C ILE A 22 5.34 -1.87 -5.09
N SER A 23 6.01 -0.72 -5.24
CA SER A 23 7.45 -0.71 -5.39
C SER A 23 8.08 -1.42 -4.19
N GLY A 24 7.55 -1.14 -3.00
CA GLY A 24 8.05 -1.76 -1.78
C GLY A 24 7.89 -3.28 -1.83
N ILE A 25 6.84 -3.73 -2.51
CA ILE A 25 6.59 -5.18 -2.61
C ILE A 25 7.58 -5.85 -3.55
N LEU A 26 7.93 -5.17 -4.63
CA LEU A 26 8.87 -5.74 -5.61
C LEU A 26 10.33 -5.49 -5.22
N GLU A 27 10.57 -4.39 -4.52
CA GLU A 27 11.94 -4.05 -4.10
C GLU A 27 12.39 -4.92 -2.93
N ASN A 28 11.46 -5.26 -2.03
CA ASN A 28 11.80 -6.07 -0.87
C ASN A 28 11.54 -7.55 -1.12
N GLU A 29 12.04 -8.38 -0.21
CA GLU A 29 11.86 -9.82 -0.31
C GLU A 29 10.39 -10.17 -0.37
N GLN A 30 9.56 -9.29 0.18
CA GLN A 30 8.13 -9.47 0.21
C GLN A 30 7.56 -9.73 -1.18
N LYS A 31 8.33 -9.44 -2.21
CA LYS A 31 7.86 -9.66 -3.58
C LYS A 31 7.48 -11.13 -3.77
N ASP A 32 8.28 -12.00 -3.16
CA ASP A 32 8.02 -13.44 -3.25
C ASP A 32 6.66 -13.76 -2.66
N LEU A 33 6.39 -13.17 -1.50
CA LEU A 33 5.13 -13.39 -0.81
C LEU A 33 3.96 -13.07 -1.73
N VAL A 34 4.12 -12.01 -2.50
CA VAL A 34 3.05 -11.61 -3.41
C VAL A 34 2.85 -12.68 -4.48
N ALA A 35 3.94 -13.29 -4.93
CA ALA A 35 3.84 -14.34 -5.94
C ALA A 35 3.09 -15.55 -5.39
N LYS A 36 3.32 -15.86 -4.11
CA LYS A 36 2.64 -16.99 -3.48
C LYS A 36 1.14 -16.74 -3.47
N LEU A 37 0.77 -15.50 -3.17
CA LEU A 37 -0.63 -15.11 -3.12
C LEU A 37 -1.25 -15.13 -4.52
N THR A 38 -0.53 -14.56 -5.48
CA THR A 38 -1.02 -14.51 -6.86
C THR A 38 -0.69 -15.80 -7.59
N ASN A 39 -1.29 -15.98 -8.75
CA ASN A 39 -1.04 -17.19 -9.55
C ASN A 39 -0.11 -16.89 -10.71
N SER A 40 -0.29 -15.73 -11.34
CA SER A 40 0.54 -15.36 -12.47
C SER A 40 0.78 -13.85 -12.53
N ASP A 41 0.88 -13.22 -11.36
CA ASP A 41 1.11 -11.79 -11.30
C ASP A 41 2.48 -11.47 -10.67
N PRO A 42 3.42 -10.99 -11.45
CA PRO A 42 4.77 -10.64 -10.92
C PRO A 42 4.79 -9.24 -10.32
N ILE A 43 4.71 -8.23 -11.19
CA ILE A 43 4.70 -6.84 -10.72
C ILE A 43 3.32 -6.45 -10.22
N MET A 44 2.29 -6.82 -10.97
CA MET A 44 0.92 -6.49 -10.58
C MET A 44 0.79 -6.48 -9.06
N ASN A 45 1.57 -7.33 -8.42
CA ASN A 45 1.53 -7.38 -6.96
C ASN A 45 0.08 -7.35 -6.50
N GLN A 46 -0.77 -8.12 -7.18
CA GLN A 46 -2.19 -8.16 -6.85
C GLN A 46 -2.76 -6.75 -6.75
N LEU A 47 -2.62 -5.99 -7.84
CA LEU A 47 -3.12 -4.61 -7.88
C LEU A 47 -4.56 -4.51 -7.36
N ASP A 48 -5.44 -5.37 -7.86
CA ASP A 48 -6.85 -5.33 -7.47
C ASP A 48 -7.03 -5.59 -5.97
N LEU A 49 -6.54 -6.71 -5.48
CA LEU A 49 -6.67 -7.02 -4.05
C LEU A 49 -5.98 -5.95 -3.22
N LEU A 50 -4.81 -5.53 -3.70
CA LEU A 50 -4.00 -4.52 -3.01
C LEU A 50 -4.78 -3.22 -2.84
N HIS A 51 -5.44 -2.78 -3.91
CA HIS A 51 -6.21 -1.54 -3.87
C HIS A 51 -7.33 -1.62 -2.83
N LYS A 52 -8.07 -2.73 -2.82
CA LYS A 52 -9.17 -2.87 -1.87
C LYS A 52 -8.64 -2.80 -0.44
N TRP A 53 -7.58 -3.55 -0.19
CA TRP A 53 -6.95 -3.56 1.13
C TRP A 53 -6.53 -2.15 1.51
N LEU A 54 -5.78 -1.51 0.62
CA LEU A 54 -5.30 -0.16 0.87
C LEU A 54 -6.47 0.79 1.11
N ASP A 55 -7.42 0.81 0.19
CA ASP A 55 -8.59 1.67 0.31
C ASP A 55 -9.34 1.42 1.61
N ARG A 56 -9.51 0.15 1.96
CA ARG A 56 -10.20 -0.21 3.19
C ARG A 56 -9.49 0.35 4.41
N HIS A 57 -8.16 0.41 4.34
CA HIS A 57 -7.37 0.91 5.45
C HIS A 57 -6.63 2.19 5.09
N ARG A 58 -7.14 2.92 4.09
CA ARG A 58 -6.52 4.17 3.67
C ARG A 58 -6.33 5.09 4.86
N ASP A 59 -7.26 5.01 5.81
CA ASP A 59 -7.20 5.83 7.01
C ASP A 59 -5.90 5.56 7.77
N MET A 60 -5.37 4.35 7.63
CA MET A 60 -4.14 3.98 8.31
C MET A 60 -2.99 4.92 7.95
N CYS A 61 -3.06 5.52 6.76
CA CYS A 61 -2.03 6.43 6.31
C CYS A 61 -1.94 7.65 7.24
N GLU A 62 -3.06 7.98 7.87
CA GLU A 62 -3.11 9.14 8.76
C GLU A 62 -2.40 8.86 10.09
N LYS A 63 -2.13 7.58 10.38
CA LYS A 63 -1.46 7.23 11.63
C LYS A 63 0.05 7.35 11.48
N TRP A 64 0.50 8.08 10.46
CA TRP A 64 1.92 8.30 10.25
C TRP A 64 2.17 9.33 9.15
N LYS A 65 1.43 9.20 8.06
CA LYS A 65 1.58 10.10 6.92
C LYS A 65 2.98 9.93 6.33
N SER A 66 3.74 9.02 6.93
CA SER A 66 5.10 8.75 6.47
C SER A 66 5.11 7.75 5.32
N LYS A 67 6.25 7.62 4.64
CA LYS A 67 6.35 6.71 3.51
C LYS A 67 6.99 5.38 3.89
N GLU A 68 8.29 5.42 4.16
CA GLU A 68 9.04 4.21 4.48
C GLU A 68 8.49 3.49 5.71
N ASP A 69 8.10 4.25 6.72
CA ASP A 69 7.56 3.63 7.92
C ASP A 69 6.29 2.85 7.60
N ILE A 70 5.44 3.43 6.76
CA ILE A 70 4.19 2.78 6.39
C ILE A 70 4.45 1.42 5.74
N LEU A 71 5.38 1.38 4.80
CA LEU A 71 5.70 0.13 4.13
C LEU A 71 6.05 -0.94 5.15
N HIS A 72 6.76 -0.54 6.20
CA HIS A 72 7.13 -1.49 7.25
C HIS A 72 5.89 -2.06 7.92
N LYS A 73 4.95 -1.19 8.28
CA LYS A 73 3.72 -1.64 8.92
C LYS A 73 2.96 -2.57 7.98
N LEU A 74 2.76 -2.13 6.74
CA LEU A 74 2.04 -2.95 5.77
C LEU A 74 2.70 -4.31 5.61
N ASN A 75 4.04 -4.34 5.57
CA ASN A 75 4.73 -5.62 5.42
C ASN A 75 4.29 -6.57 6.53
N GLU A 76 4.18 -6.02 7.74
CA GLU A 76 3.76 -6.81 8.90
C GLU A 76 2.32 -7.30 8.77
N GLN A 77 1.44 -6.41 8.32
CA GLN A 77 0.04 -6.79 8.16
C GLN A 77 -0.10 -7.73 6.96
N TRP A 78 0.68 -7.48 5.92
CA TRP A 78 0.65 -8.33 4.73
C TRP A 78 0.89 -9.77 5.15
N ASN A 79 1.86 -9.97 6.04
CA ASN A 79 2.19 -11.28 6.54
C ASN A 79 1.00 -11.85 7.32
N LYS A 80 0.32 -10.97 8.04
CA LYS A 80 -0.81 -11.37 8.86
C LYS A 80 -2.13 -11.36 8.09
N ASP A 81 -2.09 -10.88 6.85
CA ASP A 81 -3.31 -10.85 6.03
C ASP A 81 -3.16 -11.77 4.82
N GLY A 1 -14.75 28.58 2.57
CA GLY A 1 -14.81 28.19 1.12
C GLY A 1 -14.70 26.68 1.01
N PRO A 2 -14.74 26.18 -0.20
CA PRO A 2 -14.64 24.71 -0.48
C PRO A 2 -13.32 24.12 0.02
N LEU A 3 -13.31 22.80 0.19
CA LEU A 3 -12.12 22.11 0.66
C LEU A 3 -11.79 22.54 2.10
N GLY A 4 -10.92 23.54 2.22
CA GLY A 4 -10.54 24.04 3.54
C GLY A 4 -9.29 23.34 4.06
N SER A 5 -9.02 23.51 5.35
CA SER A 5 -7.84 22.89 5.96
C SER A 5 -7.85 21.39 5.73
N MET A 6 -9.03 20.81 5.69
CA MET A 6 -9.17 19.38 5.47
C MET A 6 -8.80 19.02 4.03
N ASN A 7 -7.74 18.24 3.88
CA ASN A 7 -7.28 17.84 2.55
C ASN A 7 -6.82 16.39 2.55
N LYS A 8 -7.75 15.46 2.36
CA LYS A 8 -7.40 14.04 2.32
C LYS A 8 -6.62 13.73 1.05
N PHE A 9 -6.25 12.46 0.86
CA PHE A 9 -5.51 12.07 -0.31
C PHE A 9 -6.44 11.96 -1.51
N THR A 10 -5.99 12.52 -2.64
CA THR A 10 -6.79 12.48 -3.86
C THR A 10 -6.51 11.17 -4.60
N ASP A 11 -7.40 10.81 -5.52
CA ASP A 11 -7.22 9.58 -6.27
C ASP A 11 -5.84 9.57 -6.93
N ASP A 12 -5.42 10.73 -7.45
CA ASP A 12 -4.12 10.83 -8.08
C ASP A 12 -3.00 10.62 -7.06
N GLU A 13 -3.10 11.31 -5.93
CA GLU A 13 -2.11 11.16 -4.88
C GLU A 13 -2.14 9.74 -4.34
N TRP A 14 -3.36 9.21 -4.21
CA TRP A 14 -3.54 7.87 -3.71
C TRP A 14 -2.92 6.88 -4.69
N ASN A 15 -3.25 7.03 -5.97
CA ASN A 15 -2.71 6.15 -7.01
C ASN A 15 -1.18 6.15 -6.96
N GLN A 16 -0.61 7.32 -6.71
CA GLN A 16 0.84 7.44 -6.62
C GLN A 16 1.33 6.61 -5.44
N LEU A 17 0.60 6.69 -4.33
CA LEU A 17 0.94 5.93 -3.14
C LEU A 17 0.89 4.44 -3.43
N LYS A 18 -0.08 4.03 -4.25
CA LYS A 18 -0.22 2.62 -4.59
C LYS A 18 1.04 2.10 -5.25
N GLN A 19 1.58 2.88 -6.20
CA GLN A 19 2.78 2.46 -6.90
C GLN A 19 3.94 2.33 -5.93
N ASP A 20 4.07 3.27 -5.00
CA ASP A 20 5.15 3.22 -4.03
C ASP A 20 5.10 1.93 -3.22
N PHE A 21 3.91 1.56 -2.79
CA PHE A 21 3.75 0.33 -2.01
C PHE A 21 4.09 -0.86 -2.89
N ILE A 22 3.52 -0.87 -4.09
CA ILE A 22 3.80 -1.94 -5.04
C ILE A 22 5.29 -2.00 -5.33
N SER A 23 5.88 -0.82 -5.53
CA SER A 23 7.31 -0.72 -5.80
C SER A 23 8.11 -1.35 -4.67
N GLY A 24 7.74 -1.01 -3.43
CA GLY A 24 8.43 -1.55 -2.26
C GLY A 24 8.35 -3.07 -2.24
N ILE A 25 7.26 -3.62 -2.77
CA ILE A 25 7.08 -5.06 -2.80
C ILE A 25 8.04 -5.71 -3.80
N LEU A 26 8.05 -5.19 -5.02
CA LEU A 26 8.94 -5.72 -6.05
C LEU A 26 10.39 -5.41 -5.69
N GLU A 27 10.59 -4.26 -5.03
CA GLU A 27 11.92 -3.84 -4.61
C GLU A 27 12.40 -4.65 -3.42
N ASN A 28 11.52 -4.87 -2.46
CA ASN A 28 11.89 -5.62 -1.26
C ASN A 28 11.67 -7.12 -1.47
N GLU A 29 12.30 -7.91 -0.60
CA GLU A 29 12.19 -9.36 -0.68
C GLU A 29 10.75 -9.83 -0.47
N GLN A 30 9.96 -9.02 0.23
CA GLN A 30 8.57 -9.39 0.50
C GLN A 30 7.83 -9.69 -0.80
N LYS A 31 8.47 -9.43 -1.93
CA LYS A 31 7.86 -9.68 -3.22
C LYS A 31 7.28 -11.09 -3.29
N ASP A 32 7.87 -12.00 -2.53
CA ASP A 32 7.41 -13.37 -2.51
C ASP A 32 5.95 -13.46 -2.07
N LEU A 33 5.56 -12.59 -1.14
CA LEU A 33 4.18 -12.59 -0.66
C LEU A 33 3.20 -12.40 -1.81
N VAL A 34 3.55 -11.53 -2.74
CA VAL A 34 2.70 -11.30 -3.91
C VAL A 34 2.70 -12.53 -4.79
N ALA A 35 3.88 -13.10 -5.00
CA ALA A 35 4.01 -14.29 -5.84
C ALA A 35 3.23 -15.46 -5.24
N LYS A 36 3.29 -15.60 -3.92
CA LYS A 36 2.56 -16.70 -3.29
C LYS A 36 1.06 -16.54 -3.53
N LEU A 37 0.59 -15.30 -3.46
CA LEU A 37 -0.82 -15.02 -3.65
C LEU A 37 -1.24 -15.02 -5.12
N THR A 38 -0.39 -14.51 -6.01
CA THR A 38 -0.73 -14.46 -7.43
C THR A 38 0.18 -15.34 -8.29
N ASN A 39 1.32 -15.75 -7.74
CA ASN A 39 2.24 -16.59 -8.50
C ASN A 39 2.63 -15.91 -9.81
N SER A 40 1.81 -16.10 -10.83
CA SER A 40 2.08 -15.49 -12.13
C SER A 40 1.78 -13.99 -12.09
N ASP A 41 2.78 -13.17 -12.44
CA ASP A 41 2.62 -11.72 -12.44
C ASP A 41 3.94 -11.03 -12.13
N PRO A 42 4.57 -10.41 -13.11
CA PRO A 42 5.85 -9.70 -12.88
C PRO A 42 5.70 -8.63 -11.81
N ILE A 43 5.07 -7.52 -12.17
CA ILE A 43 4.85 -6.44 -11.22
C ILE A 43 3.46 -6.58 -10.60
N MET A 44 2.43 -6.14 -11.34
CA MET A 44 1.06 -6.21 -10.86
C MET A 44 0.99 -6.06 -9.34
N ASN A 45 1.33 -7.13 -8.64
CA ASN A 45 1.32 -7.12 -7.19
C ASN A 45 -0.11 -7.03 -6.65
N GLN A 46 -1.03 -7.73 -7.32
CA GLN A 46 -2.42 -7.76 -6.91
C GLN A 46 -3.06 -6.37 -7.02
N LEU A 47 -2.84 -5.69 -8.13
CA LEU A 47 -3.39 -4.35 -8.29
C LEU A 47 -4.84 -4.27 -7.79
N ASP A 48 -5.73 -5.12 -8.30
CA ASP A 48 -7.13 -5.08 -7.88
C ASP A 48 -7.32 -5.34 -6.38
N LEU A 49 -6.83 -6.48 -5.90
CA LEU A 49 -6.99 -6.81 -4.48
C LEU A 49 -6.17 -5.86 -3.61
N LEU A 50 -4.94 -5.58 -4.01
CA LEU A 50 -4.09 -4.69 -3.23
C LEU A 50 -4.78 -3.34 -3.10
N HIS A 51 -5.39 -2.88 -4.20
CA HIS A 51 -6.09 -1.60 -4.20
C HIS A 51 -7.20 -1.60 -3.16
N LYS A 52 -8.04 -2.63 -3.17
CA LYS A 52 -9.12 -2.71 -2.22
C LYS A 52 -8.56 -2.73 -0.80
N TRP A 53 -7.54 -3.56 -0.59
CA TRP A 53 -6.90 -3.65 0.71
C TRP A 53 -6.49 -2.26 1.18
N LEU A 54 -5.69 -1.60 0.34
CA LEU A 54 -5.20 -0.26 0.65
C LEU A 54 -6.37 0.68 0.96
N ASP A 55 -7.36 0.69 0.08
CA ASP A 55 -8.52 1.55 0.25
C ASP A 55 -9.19 1.31 1.60
N ARG A 56 -9.34 0.05 1.98
CA ARG A 56 -9.96 -0.30 3.25
C ARG A 56 -9.15 0.20 4.43
N HIS A 57 -7.84 0.22 4.27
CA HIS A 57 -6.95 0.66 5.34
C HIS A 57 -6.30 2.00 5.01
N ARG A 58 -6.89 2.73 4.07
CA ARG A 58 -6.35 4.03 3.69
C ARG A 58 -6.21 4.94 4.91
N ASP A 59 -7.16 4.82 5.84
CA ASP A 59 -7.16 5.64 7.04
C ASP A 59 -5.88 5.42 7.83
N MET A 60 -5.31 4.23 7.72
CA MET A 60 -4.09 3.91 8.44
C MET A 60 -2.98 4.88 8.09
N CYS A 61 -3.01 5.40 6.87
CA CYS A 61 -1.99 6.35 6.41
C CYS A 61 -2.00 7.59 7.30
N GLU A 62 -3.15 7.88 7.88
CA GLU A 62 -3.28 9.04 8.74
C GLU A 62 -2.60 8.80 10.09
N LYS A 63 -2.25 7.55 10.37
CA LYS A 63 -1.60 7.21 11.64
C LYS A 63 -0.08 7.37 11.54
N TRP A 64 0.38 8.12 10.56
CA TRP A 64 1.83 8.34 10.41
C TRP A 64 2.14 9.40 9.36
N LYS A 65 1.42 9.39 8.26
CA LYS A 65 1.66 10.36 7.19
C LYS A 65 3.06 10.13 6.62
N SER A 66 3.76 9.15 7.20
CA SER A 66 5.11 8.80 6.76
C SER A 66 5.06 7.86 5.56
N LYS A 67 6.22 7.62 4.95
CA LYS A 67 6.28 6.74 3.78
C LYS A 67 6.93 5.39 4.10
N GLU A 68 8.22 5.41 4.39
CA GLU A 68 8.95 4.19 4.68
C GLU A 68 8.40 3.45 5.91
N ASP A 69 8.03 4.20 6.93
CA ASP A 69 7.49 3.57 8.14
C ASP A 69 6.22 2.80 7.83
N ILE A 70 5.34 3.40 7.03
CA ILE A 70 4.09 2.72 6.69
C ILE A 70 4.40 1.39 6.00
N LEU A 71 5.39 1.40 5.10
CA LEU A 71 5.76 0.20 4.40
C LEU A 71 6.14 -0.92 5.36
N HIS A 72 6.86 -0.59 6.41
CA HIS A 72 7.28 -1.58 7.40
C HIS A 72 6.06 -2.21 8.05
N LYS A 73 5.08 -1.36 8.40
CA LYS A 73 3.87 -1.85 9.04
C LYS A 73 3.15 -2.82 8.13
N LEU A 74 2.95 -2.41 6.88
CA LEU A 74 2.27 -3.26 5.91
C LEU A 74 2.98 -4.61 5.78
N ASN A 75 4.31 -4.59 5.72
CA ASN A 75 5.05 -5.83 5.59
C ASN A 75 4.67 -6.82 6.69
N GLU A 76 4.62 -6.34 7.94
CA GLU A 76 4.26 -7.22 9.05
C GLU A 76 2.79 -7.63 8.96
N GLN A 77 1.94 -6.68 8.58
CA GLN A 77 0.51 -6.97 8.46
C GLN A 77 0.27 -7.94 7.31
N TRP A 78 0.99 -7.70 6.22
CA TRP A 78 0.88 -8.55 5.04
C TRP A 78 1.17 -10.00 5.43
N ASN A 79 2.16 -10.18 6.31
CA ASN A 79 2.53 -11.52 6.76
C ASN A 79 1.40 -12.18 7.56
N LYS A 80 0.78 -11.41 8.46
CA LYS A 80 -0.31 -11.95 9.27
C LYS A 80 -1.63 -11.87 8.51
N ASP A 81 -1.62 -11.19 7.39
CA ASP A 81 -2.81 -11.04 6.57
C ASP A 81 -2.67 -11.78 5.26
N GLY A 1 -0.70 29.39 13.91
CA GLY A 1 0.51 28.68 13.42
C GLY A 1 0.19 27.91 12.14
N PRO A 2 0.84 26.79 11.94
CA PRO A 2 0.62 25.94 10.73
C PRO A 2 -0.83 25.50 10.58
N LEU A 3 -1.21 25.19 9.34
CA LEU A 3 -2.56 24.75 9.06
C LEU A 3 -2.72 23.25 9.25
N GLY A 4 -3.85 22.85 9.82
CA GLY A 4 -4.12 21.44 10.07
C GLY A 4 -4.69 20.76 8.84
N SER A 5 -4.94 19.45 8.95
CA SER A 5 -5.49 18.69 7.84
C SER A 5 -6.99 18.45 8.03
N MET A 6 -7.70 18.39 6.92
CA MET A 6 -9.13 18.16 6.95
C MET A 6 -9.53 17.21 5.84
N ASN A 7 -8.87 17.38 4.70
CA ASN A 7 -9.16 16.56 3.53
C ASN A 7 -8.22 15.34 3.48
N LYS A 8 -8.69 14.29 2.81
CA LYS A 8 -7.91 13.07 2.67
C LYS A 8 -7.09 13.10 1.39
N PHE A 9 -6.46 11.98 1.07
CA PHE A 9 -5.66 11.87 -0.13
C PHE A 9 -6.55 11.71 -1.35
N THR A 10 -6.15 12.32 -2.47
CA THR A 10 -6.93 12.22 -3.69
C THR A 10 -6.62 10.94 -4.42
N ASP A 11 -7.48 10.57 -5.34
CA ASP A 11 -7.28 9.35 -6.13
C ASP A 11 -5.93 9.41 -6.81
N ASP A 12 -5.56 10.58 -7.33
CA ASP A 12 -4.27 10.73 -7.99
C ASP A 12 -3.14 10.54 -6.99
N GLU A 13 -3.25 11.19 -5.84
CA GLU A 13 -2.24 11.07 -4.81
C GLU A 13 -2.18 9.63 -4.34
N TRP A 14 -3.35 9.05 -4.19
CA TRP A 14 -3.45 7.67 -3.76
C TRP A 14 -2.77 6.77 -4.77
N ASN A 15 -3.05 7.00 -6.06
CA ASN A 15 -2.45 6.20 -7.12
C ASN A 15 -0.93 6.17 -6.99
N GLN A 16 -0.32 7.32 -6.67
CA GLN A 16 1.12 7.37 -6.52
C GLN A 16 1.55 6.50 -5.34
N LEU A 17 0.78 6.59 -4.27
CA LEU A 17 1.06 5.82 -3.06
C LEU A 17 1.04 4.33 -3.38
N LYS A 18 0.10 3.91 -4.23
CA LYS A 18 -0.01 2.50 -4.60
C LYS A 18 1.27 2.02 -5.29
N GLN A 19 1.76 2.80 -6.24
CA GLN A 19 2.97 2.41 -6.97
C GLN A 19 4.14 2.27 -6.01
N ASP A 20 4.31 3.22 -5.12
CA ASP A 20 5.41 3.17 -4.17
C ASP A 20 5.31 1.92 -3.30
N PHE A 21 4.12 1.68 -2.76
CA PHE A 21 3.92 0.50 -1.93
C PHE A 21 4.22 -0.75 -2.73
N ILE A 22 3.70 -0.80 -3.95
CA ILE A 22 3.95 -1.93 -4.83
C ILE A 22 5.45 -2.03 -5.03
N SER A 23 6.09 -0.89 -5.25
CA SER A 23 7.53 -0.87 -5.41
C SER A 23 8.17 -1.46 -4.17
N GLY A 24 7.66 -1.08 -3.01
CA GLY A 24 8.17 -1.58 -1.74
C GLY A 24 8.10 -3.11 -1.69
N ILE A 25 6.99 -3.67 -2.16
CA ILE A 25 6.81 -5.11 -2.16
C ILE A 25 7.62 -5.75 -3.29
N LEU A 26 7.63 -5.10 -4.45
CA LEU A 26 8.34 -5.63 -5.61
C LEU A 26 9.86 -5.51 -5.40
N GLU A 27 10.30 -4.49 -4.66
CA GLU A 27 11.72 -4.32 -4.39
C GLU A 27 12.20 -5.27 -3.29
N ASN A 28 11.39 -5.42 -2.25
CA ASN A 28 11.75 -6.28 -1.13
C ASN A 28 11.51 -7.75 -1.44
N GLU A 29 11.97 -8.62 -0.54
CA GLU A 29 11.81 -10.06 -0.71
C GLU A 29 10.33 -10.45 -0.73
N GLN A 30 9.52 -9.66 -0.02
CA GLN A 30 8.08 -9.91 0.06
C GLN A 30 7.46 -10.12 -1.31
N LYS A 31 8.19 -9.75 -2.36
CA LYS A 31 7.68 -9.92 -3.72
C LYS A 31 7.31 -11.37 -3.97
N ASP A 32 8.07 -12.28 -3.36
CA ASP A 32 7.81 -13.70 -3.51
C ASP A 32 6.44 -14.04 -2.92
N LEU A 33 6.10 -13.35 -1.84
CA LEU A 33 4.84 -13.57 -1.15
C LEU A 33 3.67 -13.18 -2.06
N VAL A 34 3.85 -12.08 -2.78
CA VAL A 34 2.82 -11.61 -3.69
C VAL A 34 2.58 -12.67 -4.76
N ALA A 35 3.67 -13.24 -5.24
CA ALA A 35 3.63 -14.26 -6.27
C ALA A 35 2.84 -15.48 -5.79
N LYS A 36 3.10 -15.90 -4.54
CA LYS A 36 2.42 -17.06 -3.97
C LYS A 36 0.92 -16.82 -3.84
N LEU A 37 0.54 -15.60 -3.50
CA LEU A 37 -0.87 -15.26 -3.34
C LEU A 37 -1.61 -15.29 -4.67
N THR A 38 -0.96 -14.77 -5.71
CA THR A 38 -1.57 -14.74 -7.04
C THR A 38 -1.30 -16.04 -7.78
N ASN A 39 -0.05 -16.22 -8.21
CA ASN A 39 0.34 -17.42 -8.94
C ASN A 39 1.83 -17.41 -9.20
N SER A 40 2.20 -17.47 -10.48
CA SER A 40 3.61 -17.47 -10.85
C SER A 40 4.03 -16.08 -11.31
N ASP A 41 3.13 -15.11 -11.19
CA ASP A 41 3.41 -13.74 -11.60
C ASP A 41 4.48 -13.11 -10.70
N PRO A 42 5.41 -12.40 -11.29
CA PRO A 42 6.51 -11.72 -10.54
C PRO A 42 6.03 -10.47 -9.82
N ILE A 43 5.51 -9.52 -10.59
CA ILE A 43 5.03 -8.27 -10.02
C ILE A 43 3.60 -8.42 -9.52
N MET A 44 2.63 -8.19 -10.39
CA MET A 44 1.21 -8.30 -10.02
C MET A 44 0.92 -7.43 -8.80
N ASN A 45 1.62 -7.73 -7.70
CA ASN A 45 1.47 -7.00 -6.47
C ASN A 45 0.05 -7.02 -5.98
N GLN A 46 -0.78 -7.83 -6.63
CA GLN A 46 -2.18 -7.94 -6.25
C GLN A 46 -2.88 -6.60 -6.46
N LEU A 47 -2.58 -5.95 -7.59
CA LEU A 47 -3.16 -4.64 -7.86
C LEU A 47 -4.61 -4.56 -7.42
N ASP A 48 -5.45 -5.46 -7.93
CA ASP A 48 -6.87 -5.44 -7.61
C ASP A 48 -7.12 -5.60 -6.11
N LEU A 49 -6.61 -6.67 -5.53
CA LEU A 49 -6.82 -6.91 -4.10
C LEU A 49 -6.06 -5.89 -3.24
N LEU A 50 -4.84 -5.59 -3.66
CA LEU A 50 -4.02 -4.63 -2.91
C LEU A 50 -4.73 -3.28 -2.83
N HIS A 51 -5.27 -2.81 -3.96
CA HIS A 51 -5.96 -1.53 -3.98
C HIS A 51 -7.15 -1.52 -3.02
N LYS A 52 -8.01 -2.55 -3.10
CA LYS A 52 -9.16 -2.59 -2.20
C LYS A 52 -8.68 -2.64 -0.75
N TRP A 53 -7.72 -3.51 -0.49
CA TRP A 53 -7.14 -3.64 0.84
C TRP A 53 -6.57 -2.31 1.30
N LEU A 54 -5.72 -1.73 0.46
CA LEU A 54 -5.09 -0.45 0.76
C LEU A 54 -6.16 0.62 1.04
N ASP A 55 -7.15 0.73 0.15
CA ASP A 55 -8.23 1.70 0.31
C ASP A 55 -8.98 1.50 1.63
N ARG A 56 -9.29 0.25 1.96
CA ARG A 56 -10.02 -0.05 3.20
C ARG A 56 -9.22 0.39 4.41
N HIS A 57 -7.89 0.34 4.29
CA HIS A 57 -7.01 0.73 5.39
C HIS A 57 -6.37 2.10 5.10
N ARG A 58 -6.93 2.84 4.15
CA ARG A 58 -6.39 4.15 3.80
C ARG A 58 -6.30 5.05 5.02
N ASP A 59 -7.28 4.93 5.93
CA ASP A 59 -7.28 5.74 7.13
C ASP A 59 -5.98 5.51 7.91
N MET A 60 -5.40 4.33 7.74
CA MET A 60 -4.16 3.97 8.42
C MET A 60 -3.05 4.98 8.09
N CYS A 61 -3.13 5.58 6.91
CA CYS A 61 -2.13 6.54 6.47
C CYS A 61 -2.08 7.77 7.37
N GLU A 62 -3.20 8.10 7.99
CA GLU A 62 -3.28 9.27 8.86
C GLU A 62 -2.47 9.05 10.15
N LYS A 63 -2.08 7.82 10.42
CA LYS A 63 -1.33 7.51 11.64
C LYS A 63 0.17 7.67 11.44
N TRP A 64 0.57 8.39 10.39
CA TRP A 64 1.99 8.62 10.14
C TRP A 64 2.20 9.71 9.09
N LYS A 65 1.44 9.64 8.01
CA LYS A 65 1.56 10.63 6.94
C LYS A 65 2.89 10.46 6.22
N SER A 66 3.74 9.60 6.76
CA SER A 66 5.05 9.38 6.18
C SER A 66 4.99 8.39 5.02
N LYS A 67 6.12 7.74 4.75
CA LYS A 67 6.18 6.79 3.64
C LYS A 67 6.87 5.49 4.06
N GLU A 68 8.15 5.58 4.42
CA GLU A 68 8.89 4.39 4.80
C GLU A 68 8.28 3.71 6.03
N ASP A 69 7.78 4.51 6.97
CA ASP A 69 7.17 3.93 8.16
C ASP A 69 5.98 3.09 7.78
N ILE A 70 5.17 3.60 6.86
CA ILE A 70 3.98 2.89 6.42
C ILE A 70 4.35 1.53 5.85
N LEU A 71 5.43 1.50 5.05
CA LEU A 71 5.88 0.25 4.43
C LEU A 71 6.14 -0.81 5.49
N HIS A 72 6.78 -0.39 6.58
CA HIS A 72 7.09 -1.31 7.67
C HIS A 72 5.82 -1.91 8.27
N LYS A 73 4.83 -1.06 8.53
CA LYS A 73 3.57 -1.53 9.10
C LYS A 73 2.90 -2.52 8.16
N LEU A 74 2.73 -2.14 6.89
CA LEU A 74 2.09 -3.03 5.93
C LEU A 74 2.86 -4.34 5.87
N ASN A 75 4.18 -4.27 6.03
CA ASN A 75 5.00 -5.48 5.99
C ASN A 75 4.52 -6.46 7.05
N GLU A 76 4.34 -5.98 8.28
CA GLU A 76 3.87 -6.84 9.36
C GLU A 76 2.45 -7.33 9.09
N GLN A 77 1.63 -6.44 8.52
CA GLN A 77 0.25 -6.81 8.19
C GLN A 77 0.25 -7.81 7.04
N TRP A 78 1.16 -7.61 6.10
CA TRP A 78 1.25 -8.47 4.93
C TRP A 78 1.47 -9.94 5.33
N ASN A 79 2.41 -10.18 6.25
CA ASN A 79 2.69 -11.54 6.70
C ASN A 79 1.53 -12.06 7.52
N LYS A 80 0.91 -11.15 8.27
CA LYS A 80 -0.21 -11.52 9.12
C LYS A 80 -1.51 -11.57 8.31
N ASP A 81 -1.43 -11.14 7.05
CA ASP A 81 -2.60 -11.14 6.19
C ASP A 81 -3.18 -12.55 6.09
N GLY A 1 -15.43 22.39 -3.92
CA GLY A 1 -16.24 22.63 -2.69
C GLY A 1 -15.35 23.23 -1.61
N PRO A 2 -15.71 23.03 -0.37
CA PRO A 2 -14.93 23.56 0.79
C PRO A 2 -13.44 23.27 0.66
N LEU A 3 -12.61 24.21 1.08
CA LEU A 3 -11.17 24.05 1.00
C LEU A 3 -10.56 23.77 2.38
N GLY A 4 -9.58 24.58 2.77
CA GLY A 4 -8.93 24.41 4.05
C GLY A 4 -7.88 23.30 3.97
N SER A 5 -7.25 22.98 5.09
CA SER A 5 -6.24 21.93 5.11
C SER A 5 -6.88 20.57 5.31
N MET A 6 -8.19 20.55 5.58
CA MET A 6 -8.90 19.30 5.79
C MET A 6 -9.32 18.69 4.46
N ASN A 7 -8.53 17.73 3.99
CA ASN A 7 -8.83 17.06 2.73
C ASN A 7 -8.04 15.76 2.61
N LYS A 8 -8.74 14.63 2.68
CA LYS A 8 -8.07 13.35 2.58
C LYS A 8 -7.17 13.32 1.35
N PHE A 9 -6.60 12.16 1.06
CA PHE A 9 -5.73 12.02 -0.10
C PHE A 9 -6.56 11.97 -1.37
N THR A 10 -6.06 12.61 -2.43
CA THR A 10 -6.79 12.64 -3.70
C THR A 10 -6.48 11.38 -4.51
N ASP A 11 -7.32 11.09 -5.49
CA ASP A 11 -7.12 9.92 -6.32
C ASP A 11 -5.73 9.91 -6.92
N ASP A 12 -5.28 11.06 -7.40
CA ASP A 12 -3.95 11.16 -7.99
C ASP A 12 -2.88 10.90 -6.94
N GLU A 13 -3.03 11.53 -5.78
CA GLU A 13 -2.07 11.35 -4.70
C GLU A 13 -2.08 9.90 -4.24
N TRP A 14 -3.28 9.35 -4.16
CA TRP A 14 -3.46 7.98 -3.74
C TRP A 14 -2.80 7.04 -4.76
N ASN A 15 -3.08 7.26 -6.04
CA ASN A 15 -2.49 6.42 -7.07
C ASN A 15 -0.97 6.38 -6.94
N GLN A 16 -0.40 7.53 -6.61
CA GLN A 16 1.03 7.63 -6.42
C GLN A 16 1.44 6.75 -5.24
N LEU A 17 0.64 6.81 -4.19
CA LEU A 17 0.88 6.02 -3.00
C LEU A 17 0.84 4.53 -3.33
N LYS A 18 -0.08 4.14 -4.21
CA LYS A 18 -0.21 2.74 -4.59
C LYS A 18 1.08 2.23 -5.22
N GLN A 19 1.65 3.02 -6.13
CA GLN A 19 2.88 2.62 -6.80
C GLN A 19 4.00 2.43 -5.77
N ASP A 20 4.09 3.38 -4.83
CA ASP A 20 5.11 3.30 -3.81
C ASP A 20 4.97 2.01 -3.00
N PHE A 21 3.73 1.66 -2.67
CA PHE A 21 3.49 0.44 -1.90
C PHE A 21 3.85 -0.77 -2.76
N ILE A 22 3.35 -0.78 -3.99
CA ILE A 22 3.65 -1.88 -4.91
C ILE A 22 5.16 -1.98 -5.08
N SER A 23 5.80 -0.84 -5.27
CA SER A 23 7.24 -0.80 -5.43
C SER A 23 7.88 -1.48 -4.23
N GLY A 24 7.36 -1.18 -3.05
CA GLY A 24 7.87 -1.76 -1.82
C GLY A 24 7.75 -3.29 -1.87
N ILE A 25 6.71 -3.76 -2.54
CA ILE A 25 6.48 -5.20 -2.65
C ILE A 25 7.48 -5.84 -3.61
N LEU A 26 7.70 -5.19 -4.75
CA LEU A 26 8.63 -5.72 -5.74
C LEU A 26 10.08 -5.38 -5.37
N GLU A 27 10.27 -4.20 -4.77
CA GLU A 27 11.61 -3.76 -4.37
C GLU A 27 12.06 -4.49 -3.10
N ASN A 28 11.16 -4.59 -2.13
CA ASN A 28 11.48 -5.26 -0.86
C ASN A 28 11.40 -6.77 -1.00
N GLU A 29 11.90 -7.48 -0.01
CA GLU A 29 11.88 -8.94 -0.01
C GLU A 29 10.45 -9.44 -0.14
N GLN A 30 9.50 -8.60 0.28
CA GLN A 30 8.09 -8.95 0.24
C GLN A 30 7.63 -9.38 -1.17
N LYS A 31 8.45 -9.11 -2.18
CA LYS A 31 8.07 -9.49 -3.54
C LYS A 31 7.72 -10.97 -3.62
N ASP A 32 8.51 -11.79 -2.94
CA ASP A 32 8.26 -13.22 -2.92
C ASP A 32 6.94 -13.52 -2.21
N LEU A 33 6.62 -12.73 -1.19
CA LEU A 33 5.39 -12.93 -0.44
C LEU A 33 4.18 -12.64 -1.32
N VAL A 34 4.29 -11.61 -2.15
CA VAL A 34 3.19 -11.25 -3.03
C VAL A 34 2.89 -12.42 -3.97
N ALA A 35 3.94 -13.06 -4.46
CA ALA A 35 3.77 -14.21 -5.35
C ALA A 35 3.02 -15.33 -4.63
N LYS A 36 3.34 -15.52 -3.35
CA LYS A 36 2.68 -16.56 -2.56
C LYS A 36 1.19 -16.33 -2.51
N LEU A 37 0.79 -15.07 -2.32
CA LEU A 37 -0.61 -14.70 -2.23
C LEU A 37 -1.32 -14.91 -3.57
N THR A 38 -0.66 -14.56 -4.67
CA THR A 38 -1.26 -14.71 -5.99
C THR A 38 -0.40 -15.57 -6.91
N ASN A 39 -0.86 -16.81 -7.15
CA ASN A 39 -0.14 -17.73 -8.00
C ASN A 39 1.31 -17.30 -8.18
N SER A 40 1.69 -16.94 -9.39
CA SER A 40 3.05 -16.50 -9.66
C SER A 40 3.04 -15.21 -10.46
N ASP A 41 2.06 -14.35 -10.19
CA ASP A 41 1.97 -13.09 -10.90
C ASP A 41 3.25 -12.28 -10.69
N PRO A 42 3.70 -11.58 -11.70
CA PRO A 42 4.94 -10.78 -11.61
C PRO A 42 4.76 -9.46 -10.85
N ILE A 43 4.65 -8.37 -11.60
CA ILE A 43 4.48 -7.05 -10.99
C ILE A 43 3.03 -6.79 -10.59
N MET A 44 2.12 -7.68 -10.98
CA MET A 44 0.72 -7.48 -10.63
C MET A 44 0.62 -7.12 -9.16
N ASN A 45 1.38 -7.84 -8.34
CA ASN A 45 1.40 -7.59 -6.90
C ASN A 45 -0.01 -7.52 -6.32
N GLN A 46 -0.95 -8.22 -6.94
CA GLN A 46 -2.32 -8.23 -6.46
C GLN A 46 -2.95 -6.84 -6.59
N LEU A 47 -2.71 -6.16 -7.70
CA LEU A 47 -3.26 -4.83 -7.89
C LEU A 47 -4.71 -4.73 -7.46
N ASP A 48 -5.57 -5.57 -8.01
CA ASP A 48 -7.00 -5.52 -7.70
C ASP A 48 -7.26 -5.73 -6.20
N LEU A 49 -6.74 -6.83 -5.65
CA LEU A 49 -6.94 -7.10 -4.22
C LEU A 49 -6.20 -6.07 -3.40
N LEU A 50 -5.00 -5.73 -3.85
CA LEU A 50 -4.17 -4.75 -3.15
C LEU A 50 -4.91 -3.42 -3.06
N HIS A 51 -5.50 -2.98 -4.17
CA HIS A 51 -6.21 -1.71 -4.19
C HIS A 51 -7.31 -1.71 -3.13
N LYS A 52 -8.10 -2.77 -3.12
CA LYS A 52 -9.20 -2.87 -2.15
C LYS A 52 -8.65 -2.85 -0.73
N TRP A 53 -7.60 -3.63 -0.48
CA TRP A 53 -6.98 -3.68 0.83
C TRP A 53 -6.56 -2.28 1.26
N LEU A 54 -5.84 -1.61 0.36
CA LEU A 54 -5.35 -0.27 0.62
C LEU A 54 -6.50 0.68 0.93
N ASP A 55 -7.50 0.71 0.05
CA ASP A 55 -8.65 1.60 0.23
C ASP A 55 -9.33 1.39 1.58
N ARG A 56 -9.52 0.14 1.98
CA ARG A 56 -10.17 -0.16 3.24
C ARG A 56 -9.33 0.31 4.44
N HIS A 57 -8.01 0.28 4.28
CA HIS A 57 -7.13 0.70 5.37
C HIS A 57 -6.43 2.01 5.02
N ARG A 58 -6.97 2.71 4.03
CA ARG A 58 -6.41 3.98 3.61
C ARG A 58 -6.25 4.92 4.80
N ASP A 59 -7.20 4.84 5.73
CA ASP A 59 -7.16 5.69 6.92
C ASP A 59 -5.86 5.46 7.69
N MET A 60 -5.30 4.27 7.52
CA MET A 60 -4.06 3.90 8.20
C MET A 60 -2.93 4.87 7.89
N CYS A 61 -2.95 5.47 6.71
CA CYS A 61 -1.91 6.42 6.32
C CYS A 61 -1.88 7.63 7.23
N GLU A 62 -3.03 7.97 7.80
CA GLU A 62 -3.12 9.14 8.68
C GLU A 62 -2.44 8.89 10.02
N LYS A 63 -2.12 7.63 10.31
CA LYS A 63 -1.48 7.29 11.58
C LYS A 63 0.04 7.42 11.50
N TRP A 64 0.53 8.17 10.51
CA TRP A 64 1.97 8.39 10.38
C TRP A 64 2.30 9.39 9.29
N LYS A 65 1.50 9.43 8.22
CA LYS A 65 1.77 10.34 7.12
C LYS A 65 3.18 10.12 6.59
N SER A 66 3.86 9.12 7.15
CA SER A 66 5.22 8.79 6.74
C SER A 66 5.21 7.89 5.50
N LYS A 67 6.39 7.55 4.99
CA LYS A 67 6.47 6.71 3.81
C LYS A 67 7.15 5.37 4.12
N GLU A 68 8.44 5.41 4.41
CA GLU A 68 9.20 4.19 4.70
C GLU A 68 8.64 3.48 5.91
N ASP A 69 8.26 4.24 6.93
CA ASP A 69 7.72 3.64 8.14
C ASP A 69 6.43 2.89 7.82
N ILE A 70 5.56 3.50 7.01
CA ILE A 70 4.31 2.87 6.64
C ILE A 70 4.55 1.57 5.89
N LEU A 71 5.53 1.58 4.98
CA LEU A 71 5.85 0.38 4.21
C LEU A 71 6.16 -0.78 5.13
N HIS A 72 6.89 -0.48 6.19
CA HIS A 72 7.27 -1.50 7.16
C HIS A 72 6.02 -2.11 7.79
N LYS A 73 5.07 -1.25 8.15
CA LYS A 73 3.83 -1.72 8.77
C LYS A 73 3.06 -2.65 7.83
N LEU A 74 2.83 -2.20 6.60
CA LEU A 74 2.08 -3.03 5.66
C LEU A 74 2.77 -4.38 5.44
N ASN A 75 4.10 -4.38 5.41
CA ASN A 75 4.81 -5.63 5.22
C ASN A 75 4.41 -6.62 6.31
N GLU A 76 4.34 -6.12 7.54
CA GLU A 76 3.96 -6.94 8.69
C GLU A 76 2.52 -7.45 8.54
N GLN A 77 1.64 -6.59 8.07
CA GLN A 77 0.24 -6.98 7.89
C GLN A 77 0.13 -7.97 6.75
N TRP A 78 0.93 -7.76 5.71
CA TRP A 78 0.94 -8.64 4.56
C TRP A 78 1.19 -10.07 5.04
N ASN A 79 2.12 -10.22 5.98
CA ASN A 79 2.45 -11.54 6.52
C ASN A 79 1.23 -12.12 7.25
N LYS A 80 0.55 -11.27 8.01
CA LYS A 80 -0.63 -11.70 8.75
C LYS A 80 -1.88 -11.73 7.88
N ASP A 81 -1.74 -11.36 6.61
CA ASP A 81 -2.87 -11.37 5.70
C ASP A 81 -2.71 -12.44 4.62
N GLY A 1 -8.07 29.30 -3.15
CA GLY A 1 -8.63 28.18 -2.36
C GLY A 1 -7.51 27.23 -1.95
N PRO A 2 -6.58 27.69 -1.17
CA PRO A 2 -5.43 26.86 -0.71
C PRO A 2 -5.90 25.56 -0.06
N LEU A 3 -5.11 24.51 -0.21
CA LEU A 3 -5.43 23.21 0.34
C LEU A 3 -4.85 23.02 1.73
N GLY A 4 -3.54 22.84 1.79
CA GLY A 4 -2.86 22.62 3.07
C GLY A 4 -3.00 21.16 3.47
N SER A 5 -1.87 20.53 3.79
CA SER A 5 -1.91 19.12 4.18
C SER A 5 -2.84 18.93 5.37
N MET A 6 -3.95 18.23 5.14
CA MET A 6 -4.92 17.99 6.20
C MET A 6 -6.09 17.15 5.69
N ASN A 7 -6.46 17.36 4.44
CA ASN A 7 -7.56 16.63 3.83
C ASN A 7 -7.10 15.26 3.30
N LYS A 8 -8.03 14.32 3.23
CA LYS A 8 -7.71 12.98 2.75
C LYS A 8 -6.96 13.04 1.41
N PHE A 9 -6.33 11.93 1.06
CA PHE A 9 -5.59 11.86 -0.20
C PHE A 9 -6.55 11.69 -1.38
N THR A 10 -6.21 12.32 -2.50
CA THR A 10 -7.05 12.24 -3.69
C THR A 10 -6.74 10.99 -4.51
N ASP A 11 -7.65 10.64 -5.40
CA ASP A 11 -7.47 9.45 -6.22
C ASP A 11 -6.14 9.51 -6.97
N ASP A 12 -5.81 10.68 -7.53
CA ASP A 12 -4.56 10.82 -8.26
C ASP A 12 -3.37 10.64 -7.31
N GLU A 13 -3.46 11.27 -6.15
CA GLU A 13 -2.42 11.16 -5.15
C GLU A 13 -2.34 9.73 -4.64
N TRP A 14 -3.51 9.16 -4.43
CA TRP A 14 -3.62 7.80 -3.95
C TRP A 14 -2.98 6.85 -4.94
N ASN A 15 -3.29 7.01 -6.23
CA ASN A 15 -2.71 6.16 -7.26
C ASN A 15 -1.19 6.18 -7.20
N GLN A 16 -0.64 7.36 -6.94
CA GLN A 16 0.81 7.51 -6.84
C GLN A 16 1.31 6.67 -5.66
N LEU A 17 0.58 6.75 -4.56
CA LEU A 17 0.94 6.01 -3.36
C LEU A 17 0.93 4.51 -3.64
N LYS A 18 -0.04 4.07 -4.42
CA LYS A 18 -0.16 2.65 -4.75
C LYS A 18 1.09 2.15 -5.45
N GLN A 19 1.58 2.90 -6.43
CA GLN A 19 2.76 2.48 -7.17
C GLN A 19 3.97 2.38 -6.24
N ASP A 20 4.11 3.33 -5.33
CA ASP A 20 5.24 3.30 -4.40
C ASP A 20 5.17 2.06 -3.53
N PHE A 21 3.99 1.77 -2.99
CA PHE A 21 3.83 0.59 -2.15
C PHE A 21 4.13 -0.66 -2.98
N ILE A 22 3.56 -0.72 -4.18
CA ILE A 22 3.80 -1.83 -5.08
C ILE A 22 5.29 -1.95 -5.39
N SER A 23 5.90 -0.83 -5.79
CA SER A 23 7.32 -0.82 -6.11
C SER A 23 8.14 -1.32 -4.93
N GLY A 24 7.79 -0.88 -3.73
CA GLY A 24 8.52 -1.29 -2.54
C GLY A 24 8.45 -2.81 -2.36
N ILE A 25 7.32 -3.38 -2.75
CA ILE A 25 7.12 -4.82 -2.63
C ILE A 25 7.90 -5.58 -3.70
N LEU A 26 8.10 -4.96 -4.86
CA LEU A 26 8.84 -5.61 -5.94
C LEU A 26 10.34 -5.35 -5.81
N GLU A 27 10.68 -4.23 -5.16
CA GLU A 27 12.08 -3.88 -4.97
C GLU A 27 12.67 -4.62 -3.77
N ASN A 28 11.81 -5.02 -2.84
CA ASN A 28 12.25 -5.73 -1.64
C ASN A 28 11.93 -7.21 -1.71
N GLU A 29 12.41 -7.96 -0.72
CA GLU A 29 12.18 -9.41 -0.67
C GLU A 29 10.70 -9.71 -0.63
N GLN A 30 9.91 -8.79 -0.11
CA GLN A 30 8.46 -8.99 -0.01
C GLN A 30 7.90 -9.37 -1.38
N LYS A 31 8.66 -9.07 -2.43
CA LYS A 31 8.22 -9.41 -3.78
C LYS A 31 7.80 -10.87 -3.80
N ASP A 32 8.54 -11.68 -3.04
CA ASP A 32 8.25 -13.10 -2.94
C ASP A 32 6.91 -13.34 -2.25
N LEU A 33 6.67 -12.58 -1.18
CA LEU A 33 5.41 -12.72 -0.45
C LEU A 33 4.24 -12.35 -1.35
N VAL A 34 4.50 -11.47 -2.32
CA VAL A 34 3.47 -11.05 -3.25
C VAL A 34 3.07 -12.21 -4.16
N ALA A 35 4.06 -12.89 -4.71
CA ALA A 35 3.79 -14.02 -5.59
C ALA A 35 2.97 -15.06 -4.84
N LYS A 36 3.25 -15.22 -3.55
CA LYS A 36 2.53 -16.20 -2.74
C LYS A 36 1.05 -15.82 -2.65
N LEU A 37 0.78 -14.55 -2.36
CA LEU A 37 -0.60 -14.09 -2.27
C LEU A 37 -1.28 -14.26 -3.62
N THR A 38 -0.50 -14.03 -4.68
CA THR A 38 -1.00 -14.15 -6.04
C THR A 38 -0.67 -15.53 -6.60
N ASN A 39 -1.11 -15.79 -7.82
CA ASN A 39 -0.85 -17.07 -8.47
C ASN A 39 0.64 -17.23 -8.73
N SER A 40 1.17 -16.35 -9.58
CA SER A 40 2.60 -16.38 -9.94
C SER A 40 2.95 -15.18 -10.81
N ASP A 41 2.65 -13.98 -10.31
CA ASP A 41 2.93 -12.76 -11.07
C ASP A 41 4.26 -12.16 -10.61
N PRO A 42 4.93 -11.42 -11.47
CA PRO A 42 6.23 -10.78 -11.13
C PRO A 42 6.02 -9.44 -10.41
N ILE A 43 6.09 -8.34 -11.16
CA ILE A 43 5.90 -7.02 -10.55
C ILE A 43 4.45 -6.81 -10.14
N MET A 44 3.54 -7.57 -10.76
CA MET A 44 2.12 -7.42 -10.41
C MET A 44 1.88 -7.89 -8.99
N ASN A 45 1.63 -6.92 -8.10
CA ASN A 45 1.38 -7.23 -6.71
C ASN A 45 -0.13 -7.28 -6.45
N GLN A 46 -0.84 -8.05 -7.26
CA GLN A 46 -2.29 -8.15 -7.12
C GLN A 46 -2.87 -6.74 -7.07
N LEU A 47 -2.73 -6.03 -8.17
CA LEU A 47 -3.21 -4.65 -8.24
C LEU A 47 -4.63 -4.50 -7.69
N ASP A 48 -5.56 -5.29 -8.23
CA ASP A 48 -6.96 -5.18 -7.80
C ASP A 48 -7.13 -5.43 -6.30
N LEU A 49 -6.54 -6.51 -5.80
CA LEU A 49 -6.67 -6.80 -4.36
C LEU A 49 -5.93 -5.76 -3.53
N LEU A 50 -4.73 -5.39 -3.98
CA LEU A 50 -3.93 -4.43 -3.25
C LEU A 50 -4.69 -3.11 -3.13
N HIS A 51 -5.31 -2.68 -4.23
CA HIS A 51 -6.07 -1.44 -4.24
C HIS A 51 -7.19 -1.46 -3.21
N LYS A 52 -7.98 -2.52 -3.21
CA LYS A 52 -9.09 -2.64 -2.28
C LYS A 52 -8.59 -2.63 -0.84
N TRP A 53 -7.58 -3.46 -0.58
CA TRP A 53 -7.00 -3.56 0.75
C TRP A 53 -6.51 -2.19 1.23
N LEU A 54 -5.70 -1.56 0.39
CA LEU A 54 -5.13 -0.26 0.72
C LEU A 54 -6.23 0.76 1.04
N ASP A 55 -7.20 0.87 0.14
CA ASP A 55 -8.31 1.81 0.31
C ASP A 55 -9.08 1.55 1.60
N ARG A 56 -9.30 0.28 1.92
CA ARG A 56 -10.05 -0.07 3.12
C ARG A 56 -9.32 0.40 4.39
N HIS A 57 -7.99 0.39 4.33
CA HIS A 57 -7.19 0.81 5.48
C HIS A 57 -6.48 2.12 5.19
N ARG A 58 -6.95 2.85 4.18
CA ARG A 58 -6.35 4.13 3.84
C ARG A 58 -6.25 5.02 5.07
N ASP A 59 -7.22 4.91 5.96
CA ASP A 59 -7.24 5.71 7.17
C ASP A 59 -5.97 5.46 7.99
N MET A 60 -5.40 4.26 7.87
CA MET A 60 -4.19 3.90 8.59
C MET A 60 -3.03 4.81 8.21
N CYS A 61 -3.07 5.34 6.99
CA CYS A 61 -1.99 6.21 6.50
C CYS A 61 -1.85 7.47 7.35
N GLU A 62 -2.95 7.90 7.96
CA GLU A 62 -2.92 9.10 8.77
C GLU A 62 -2.25 8.86 10.13
N LYS A 63 -1.99 7.60 10.47
CA LYS A 63 -1.36 7.28 11.75
C LYS A 63 0.16 7.39 11.65
N TRP A 64 0.66 8.14 10.66
CA TRP A 64 2.09 8.33 10.50
C TRP A 64 2.39 9.33 9.40
N LYS A 65 1.60 9.28 8.34
CA LYS A 65 1.79 10.18 7.21
C LYS A 65 3.17 9.96 6.58
N SER A 66 3.92 9.02 7.17
CA SER A 66 5.26 8.70 6.67
C SER A 66 5.21 7.61 5.61
N LYS A 67 6.29 7.50 4.82
CA LYS A 67 6.34 6.51 3.75
C LYS A 67 7.02 5.20 4.16
N GLU A 68 8.31 5.28 4.51
CA GLU A 68 9.07 4.09 4.87
C GLU A 68 8.48 3.40 6.11
N ASP A 69 8.01 4.19 7.07
CA ASP A 69 7.45 3.62 8.29
C ASP A 69 6.21 2.79 7.99
N ILE A 70 5.33 3.34 7.17
CA ILE A 70 4.10 2.65 6.80
C ILE A 70 4.43 1.33 6.12
N LEU A 71 5.39 1.36 5.20
CA LEU A 71 5.76 0.14 4.50
C LEU A 71 6.12 -0.95 5.49
N HIS A 72 6.82 -0.56 6.56
CA HIS A 72 7.22 -1.52 7.58
C HIS A 72 5.99 -2.16 8.20
N LYS A 73 4.99 -1.35 8.50
CA LYS A 73 3.75 -1.83 9.10
C LYS A 73 3.06 -2.81 8.15
N LEU A 74 2.86 -2.39 6.91
CA LEU A 74 2.19 -3.24 5.94
C LEU A 74 2.93 -4.56 5.78
N ASN A 75 4.25 -4.52 5.77
CA ASN A 75 5.03 -5.75 5.62
C ASN A 75 4.63 -6.75 6.70
N GLU A 76 4.56 -6.28 7.94
CA GLU A 76 4.19 -7.16 9.05
C GLU A 76 2.74 -7.61 8.91
N GLN A 77 1.88 -6.68 8.51
CA GLN A 77 0.46 -6.98 8.33
C GLN A 77 0.27 -7.89 7.13
N TRP A 78 1.04 -7.62 6.08
CA TRP A 78 0.97 -8.41 4.86
C TRP A 78 1.16 -9.88 5.19
N ASN A 79 2.15 -10.15 6.02
CA ASN A 79 2.46 -11.51 6.42
C ASN A 79 1.30 -12.12 7.19
N LYS A 80 0.70 -11.33 8.09
CA LYS A 80 -0.43 -11.82 8.89
C LYS A 80 -1.71 -11.94 8.07
N ASP A 81 -1.85 -11.12 7.04
CA ASP A 81 -3.06 -11.15 6.22
C ASP A 81 -2.81 -11.89 4.91
N GLY A 1 -17.17 24.69 3.94
CA GLY A 1 -15.81 25.32 3.77
C GLY A 1 -14.85 24.71 4.77
N PRO A 2 -14.33 23.55 4.47
CA PRO A 2 -13.36 22.85 5.38
C PRO A 2 -12.20 23.76 5.78
N LEU A 3 -11.66 23.53 6.98
CA LEU A 3 -10.54 24.34 7.46
C LEU A 3 -9.31 24.13 6.59
N GLY A 4 -8.51 25.17 6.45
CA GLY A 4 -7.30 25.08 5.63
C GLY A 4 -7.47 24.06 4.51
N SER A 5 -6.36 23.44 4.11
CA SER A 5 -6.40 22.43 3.06
C SER A 5 -6.77 21.08 3.65
N MET A 6 -7.19 21.08 4.91
CA MET A 6 -7.56 19.85 5.60
C MET A 6 -8.45 19.00 4.70
N ASN A 7 -7.96 17.82 4.34
CA ASN A 7 -8.71 16.91 3.48
C ASN A 7 -7.95 15.59 3.32
N LYS A 8 -8.63 14.58 2.79
CA LYS A 8 -8.01 13.28 2.60
C LYS A 8 -7.12 13.29 1.35
N PHE A 9 -6.54 12.14 1.03
CA PHE A 9 -5.67 12.02 -0.14
C PHE A 9 -6.49 11.97 -1.42
N THR A 10 -5.94 12.52 -2.50
CA THR A 10 -6.63 12.53 -3.79
C THR A 10 -6.31 11.26 -4.57
N ASP A 11 -7.16 10.94 -5.54
CA ASP A 11 -6.95 9.75 -6.35
C ASP A 11 -5.56 9.76 -6.98
N ASP A 12 -5.13 10.93 -7.45
CA ASP A 12 -3.81 11.04 -8.06
C ASP A 12 -2.74 10.77 -7.00
N GLU A 13 -2.95 11.35 -5.82
CA GLU A 13 -2.01 11.16 -4.71
C GLU A 13 -2.03 9.71 -4.28
N TRP A 14 -3.23 9.15 -4.23
CA TRP A 14 -3.41 7.79 -3.81
C TRP A 14 -2.74 6.83 -4.79
N ASN A 15 -2.95 7.05 -6.08
CA ASN A 15 -2.33 6.20 -7.09
C ASN A 15 -0.81 6.22 -6.94
N GLN A 16 -0.27 7.38 -6.59
CA GLN A 16 1.16 7.51 -6.39
C GLN A 16 1.58 6.64 -5.22
N LEU A 17 0.81 6.71 -4.14
CA LEU A 17 1.10 5.91 -2.97
C LEU A 17 1.00 4.42 -3.29
N LYS A 18 0.04 4.06 -4.15
CA LYS A 18 -0.12 2.67 -4.52
C LYS A 18 1.15 2.15 -5.17
N GLN A 19 1.69 2.93 -6.10
CA GLN A 19 2.91 2.53 -6.79
C GLN A 19 4.06 2.37 -5.80
N ASP A 20 4.18 3.33 -4.88
CA ASP A 20 5.23 3.30 -3.88
C ASP A 20 5.17 2.04 -3.03
N PHE A 21 3.98 1.67 -2.59
CA PHE A 21 3.84 0.47 -1.76
C PHE A 21 4.14 -0.77 -2.60
N ILE A 22 3.56 -0.81 -3.81
CA ILE A 22 3.80 -1.94 -4.70
C ILE A 22 5.30 -2.06 -4.96
N SER A 23 5.91 -0.93 -5.27
CA SER A 23 7.34 -0.92 -5.54
C SER A 23 8.09 -1.50 -4.34
N GLY A 24 7.64 -1.14 -3.14
CA GLY A 24 8.25 -1.67 -1.93
C GLY A 24 8.15 -3.19 -1.91
N ILE A 25 7.05 -3.69 -2.48
CA ILE A 25 6.82 -5.13 -2.54
C ILE A 25 7.70 -5.78 -3.60
N LEU A 26 7.93 -5.05 -4.69
CA LEU A 26 8.74 -5.57 -5.79
C LEU A 26 10.23 -5.30 -5.56
N GLU A 27 10.54 -4.18 -4.91
CA GLU A 27 11.92 -3.82 -4.64
C GLU A 27 12.53 -4.68 -3.52
N ASN A 28 11.71 -5.04 -2.54
CA ASN A 28 12.20 -5.84 -1.41
C ASN A 28 11.86 -7.31 -1.58
N GLU A 29 12.36 -8.13 -0.66
CA GLU A 29 12.11 -9.57 -0.72
C GLU A 29 10.62 -9.86 -0.58
N GLN A 30 9.89 -8.96 0.08
CA GLN A 30 8.46 -9.15 0.30
C GLN A 30 7.76 -9.49 -1.01
N LYS A 31 8.46 -9.34 -2.13
CA LYS A 31 7.86 -9.66 -3.43
C LYS A 31 7.26 -11.06 -3.39
N ASP A 32 7.96 -11.97 -2.71
CA ASP A 32 7.51 -13.33 -2.58
C ASP A 32 6.07 -13.39 -2.06
N LEU A 33 5.70 -12.42 -1.23
CA LEU A 33 4.34 -12.38 -0.68
C LEU A 33 3.30 -12.26 -1.79
N VAL A 34 3.63 -11.52 -2.85
CA VAL A 34 2.72 -11.34 -3.96
C VAL A 34 2.35 -12.68 -4.59
N ALA A 35 3.35 -13.52 -4.79
CA ALA A 35 3.13 -14.83 -5.39
C ALA A 35 2.28 -15.68 -4.46
N LYS A 36 2.50 -15.52 -3.16
CA LYS A 36 1.75 -16.29 -2.15
C LYS A 36 0.28 -15.88 -2.15
N LEU A 37 0.04 -14.58 -2.16
CA LEU A 37 -1.33 -14.06 -2.17
C LEU A 37 -2.03 -14.38 -3.48
N THR A 38 -1.28 -14.33 -4.56
CA THR A 38 -1.82 -14.61 -5.88
C THR A 38 -1.49 -16.05 -6.30
N ASN A 39 -0.20 -16.32 -6.49
CA ASN A 39 0.22 -17.66 -6.88
C ASN A 39 -0.17 -17.92 -8.34
N SER A 40 -0.21 -16.84 -9.12
CA SER A 40 -0.59 -16.95 -10.53
C SER A 40 0.10 -15.89 -11.36
N ASP A 41 0.16 -14.67 -10.82
CA ASP A 41 0.79 -13.55 -11.52
C ASP A 41 2.25 -13.40 -11.08
N PRO A 42 3.08 -12.87 -11.94
CA PRO A 42 4.53 -12.65 -11.64
C PRO A 42 4.72 -11.48 -10.69
N ILE A 43 4.70 -10.27 -11.24
CA ILE A 43 4.85 -9.06 -10.46
C ILE A 43 3.48 -8.54 -10.01
N MET A 44 2.70 -8.06 -10.97
CA MET A 44 1.36 -7.52 -10.70
C MET A 44 1.25 -7.00 -9.27
N ASN A 45 1.12 -7.94 -8.33
CA ASN A 45 0.99 -7.60 -6.92
C ASN A 45 -0.48 -7.55 -6.52
N GLN A 46 -1.31 -8.28 -7.27
CA GLN A 46 -2.75 -8.30 -7.00
C GLN A 46 -3.26 -6.87 -6.91
N LEU A 47 -3.01 -6.11 -7.96
CA LEU A 47 -3.41 -4.72 -8.01
C LEU A 47 -4.85 -4.53 -7.54
N ASP A 48 -5.75 -5.30 -8.13
CA ASP A 48 -7.17 -5.18 -7.79
C ASP A 48 -7.42 -5.45 -6.30
N LEU A 49 -6.88 -6.55 -5.78
CA LEU A 49 -7.07 -6.86 -4.36
C LEU A 49 -6.28 -5.88 -3.51
N LEU A 50 -5.07 -5.57 -3.95
CA LEU A 50 -4.21 -4.66 -3.21
C LEU A 50 -4.90 -3.30 -3.08
N HIS A 51 -5.49 -2.82 -4.16
CA HIS A 51 -6.18 -1.54 -4.14
C HIS A 51 -7.29 -1.54 -3.10
N LYS A 52 -8.11 -2.59 -3.10
CA LYS A 52 -9.20 -2.68 -2.14
C LYS A 52 -8.64 -2.67 -0.73
N TRP A 53 -7.60 -3.47 -0.49
CA TRP A 53 -6.97 -3.56 0.82
C TRP A 53 -6.49 -2.17 1.26
N LEU A 54 -5.67 -1.55 0.42
CA LEU A 54 -5.14 -0.23 0.73
C LEU A 54 -6.30 0.73 1.01
N ASP A 55 -7.27 0.74 0.10
CA ASP A 55 -8.43 1.63 0.23
C ASP A 55 -9.18 1.38 1.54
N ARG A 56 -9.44 0.12 1.86
CA ARG A 56 -10.17 -0.21 3.09
C ARG A 56 -9.39 0.27 4.31
N HIS A 57 -8.07 0.27 4.22
CA HIS A 57 -7.24 0.69 5.33
C HIS A 57 -6.54 2.01 5.03
N ARG A 58 -7.01 2.73 4.02
CA ARG A 58 -6.42 4.03 3.67
C ARG A 58 -6.33 4.92 4.90
N ASP A 59 -7.34 4.81 5.76
CA ASP A 59 -7.39 5.59 6.98
C ASP A 59 -6.13 5.39 7.81
N MET A 60 -5.58 4.19 7.72
CA MET A 60 -4.37 3.87 8.46
C MET A 60 -3.25 4.83 8.08
N CYS A 61 -3.34 5.34 6.85
CA CYS A 61 -2.34 6.29 6.35
C CYS A 61 -2.32 7.55 7.20
N GLU A 62 -3.46 7.85 7.82
CA GLU A 62 -3.57 9.04 8.66
C GLU A 62 -2.78 8.85 9.97
N LYS A 63 -2.43 7.60 10.28
CA LYS A 63 -1.70 7.30 11.51
C LYS A 63 -0.18 7.41 11.31
N TRP A 64 0.24 8.12 10.26
CA TRP A 64 1.68 8.31 10.03
C TRP A 64 1.95 9.30 8.90
N LYS A 65 1.28 9.11 7.77
CA LYS A 65 1.48 9.97 6.62
C LYS A 65 2.94 9.85 6.15
N SER A 66 3.69 8.96 6.79
CA SER A 66 5.11 8.75 6.44
C SER A 66 5.23 7.66 5.36
N LYS A 67 6.39 7.59 4.71
CA LYS A 67 6.60 6.60 3.65
C LYS A 67 7.23 5.31 4.17
N GLU A 68 8.48 5.40 4.62
CA GLU A 68 9.19 4.21 5.08
C GLU A 68 8.55 3.58 6.30
N ASP A 69 8.05 4.39 7.23
CA ASP A 69 7.44 3.81 8.43
C ASP A 69 6.23 2.98 8.06
N ILE A 70 5.40 3.52 7.19
CA ILE A 70 4.20 2.81 6.76
C ILE A 70 4.58 1.50 6.10
N LEU A 71 5.60 1.53 5.24
CA LEU A 71 6.04 0.32 4.57
C LEU A 71 6.35 -0.76 5.60
N HIS A 72 6.96 -0.35 6.69
CA HIS A 72 7.32 -1.27 7.76
C HIS A 72 6.07 -1.92 8.36
N LYS A 73 5.05 -1.11 8.62
CA LYS A 73 3.82 -1.62 9.20
C LYS A 73 3.13 -2.62 8.27
N LEU A 74 2.90 -2.22 7.04
CA LEU A 74 2.25 -3.10 6.08
C LEU A 74 3.02 -4.40 5.95
N ASN A 75 4.35 -4.34 6.00
CA ASN A 75 5.15 -5.54 5.89
C ASN A 75 4.78 -6.53 6.99
N GLU A 76 4.71 -6.03 8.23
CA GLU A 76 4.35 -6.88 9.35
C GLU A 76 2.93 -7.37 9.22
N GLN A 77 2.06 -6.50 8.74
CA GLN A 77 0.66 -6.86 8.57
C GLN A 77 0.52 -7.87 7.43
N TRP A 78 1.28 -7.65 6.36
CA TRP A 78 1.25 -8.54 5.21
C TRP A 78 1.54 -9.99 5.62
N ASN A 79 2.62 -10.18 6.39
CA ASN A 79 2.98 -11.52 6.83
C ASN A 79 1.95 -12.05 7.82
N LYS A 80 1.50 -11.17 8.70
CA LYS A 80 0.52 -11.55 9.70
C LYS A 80 -0.90 -11.40 9.16
N ASP A 81 -1.01 -11.07 7.87
CA ASP A 81 -2.31 -10.92 7.26
C ASP A 81 -3.18 -12.15 7.54
N GLY A 1 -0.24 24.90 13.86
CA GLY A 1 -0.62 25.61 15.11
C GLY A 1 -2.04 26.14 15.00
N PRO A 2 -2.29 26.98 14.02
CA PRO A 2 -3.62 27.58 13.80
C PRO A 2 -4.63 26.60 13.20
N LEU A 3 -4.64 26.48 11.88
CA LEU A 3 -5.57 25.59 11.21
C LEU A 3 -5.00 24.18 11.08
N GLY A 4 -5.86 23.17 11.22
CA GLY A 4 -5.43 21.79 11.14
C GLY A 4 -5.46 21.28 9.70
N SER A 5 -4.97 20.06 9.50
CA SER A 5 -4.95 19.44 8.18
C SER A 5 -6.37 19.14 7.71
N MET A 6 -6.91 18.02 8.18
CA MET A 6 -8.26 17.62 7.82
C MET A 6 -8.36 17.35 6.32
N ASN A 7 -7.20 17.29 5.66
CA ASN A 7 -7.18 17.05 4.22
C ASN A 7 -6.81 15.60 3.92
N LYS A 8 -7.67 14.92 3.18
CA LYS A 8 -7.41 13.53 2.80
C LYS A 8 -6.70 13.47 1.47
N PHE A 9 -6.21 12.29 1.12
CA PHE A 9 -5.50 12.10 -0.14
C PHE A 9 -6.45 12.02 -1.32
N THR A 10 -6.02 12.59 -2.45
CA THR A 10 -6.84 12.58 -3.66
C THR A 10 -6.56 11.32 -4.46
N ASP A 11 -7.50 10.97 -5.35
CA ASP A 11 -7.34 9.76 -6.16
C ASP A 11 -6.00 9.77 -6.89
N ASP A 12 -5.62 10.93 -7.43
CA ASP A 12 -4.36 11.04 -8.16
C ASP A 12 -3.19 10.83 -7.21
N GLU A 13 -3.24 11.48 -6.06
CA GLU A 13 -2.17 11.33 -5.07
C GLU A 13 -2.15 9.90 -4.57
N TRP A 14 -3.34 9.34 -4.37
CA TRP A 14 -3.47 7.98 -3.90
C TRP A 14 -2.80 7.03 -4.88
N ASN A 15 -3.07 7.23 -6.17
CA ASN A 15 -2.47 6.38 -7.20
C ASN A 15 -0.95 6.44 -7.11
N GLN A 16 -0.43 7.61 -6.79
CA GLN A 16 1.02 7.76 -6.65
C GLN A 16 1.46 6.88 -5.49
N LEU A 17 0.67 6.94 -4.42
CA LEU A 17 0.94 6.14 -3.23
C LEU A 17 0.82 4.65 -3.56
N LYS A 18 -0.12 4.31 -4.43
CA LYS A 18 -0.31 2.91 -4.83
C LYS A 18 0.97 2.37 -5.42
N GLN A 19 1.61 3.18 -6.27
CA GLN A 19 2.85 2.78 -6.91
C GLN A 19 3.95 2.56 -5.86
N ASP A 20 3.99 3.43 -4.86
CA ASP A 20 5.00 3.33 -3.82
C ASP A 20 4.89 1.98 -3.09
N PHE A 21 3.66 1.58 -2.76
CA PHE A 21 3.46 0.31 -2.08
C PHE A 21 3.86 -0.82 -3.01
N ILE A 22 3.38 -0.75 -4.24
CA ILE A 22 3.72 -1.77 -5.23
C ILE A 22 5.23 -1.82 -5.40
N SER A 23 5.84 -0.64 -5.44
CA SER A 23 7.28 -0.53 -5.59
C SER A 23 7.99 -1.24 -4.44
N GLY A 24 7.53 -0.99 -3.21
CA GLY A 24 8.12 -1.61 -2.03
C GLY A 24 8.06 -3.13 -2.10
N ILE A 25 6.98 -3.64 -2.70
CA ILE A 25 6.81 -5.08 -2.83
C ILE A 25 7.78 -5.66 -3.85
N LEU A 26 7.93 -5.00 -4.98
CA LEU A 26 8.83 -5.47 -6.03
C LEU A 26 10.30 -5.23 -5.67
N GLU A 27 10.55 -4.20 -4.87
CA GLU A 27 11.93 -3.89 -4.47
C GLU A 27 12.39 -4.84 -3.37
N ASN A 28 11.50 -5.18 -2.44
CA ASN A 28 11.88 -6.07 -1.34
C ASN A 28 11.57 -7.52 -1.69
N GLU A 29 12.35 -8.43 -1.14
CA GLU A 29 12.17 -9.85 -1.40
C GLU A 29 10.80 -10.33 -0.92
N GLN A 30 10.24 -9.63 0.05
CA GLN A 30 8.93 -10.01 0.58
C GLN A 30 7.95 -10.25 -0.56
N LYS A 31 8.36 -9.90 -1.77
CA LYS A 31 7.50 -10.09 -2.93
C LYS A 31 7.03 -11.54 -3.00
N ASP A 32 7.89 -12.45 -2.53
CA ASP A 32 7.54 -13.85 -2.54
C ASP A 32 6.21 -14.05 -1.84
N LEU A 33 6.00 -13.27 -0.79
CA LEU A 33 4.77 -13.33 -0.02
C LEU A 33 3.57 -12.94 -0.88
N VAL A 34 3.76 -11.96 -1.75
CA VAL A 34 2.68 -11.51 -2.61
C VAL A 34 2.28 -12.63 -3.57
N ALA A 35 3.26 -13.34 -4.10
CA ALA A 35 2.97 -14.43 -5.02
C ALA A 35 2.13 -15.50 -4.33
N LYS A 36 2.43 -15.76 -3.06
CA LYS A 36 1.68 -16.75 -2.30
C LYS A 36 0.24 -16.30 -2.08
N LEU A 37 0.07 -15.01 -1.76
CA LEU A 37 -1.25 -14.45 -1.51
C LEU A 37 -2.16 -14.66 -2.71
N THR A 38 -1.58 -14.52 -3.90
CA THR A 38 -2.36 -14.68 -5.12
C THR A 38 -2.13 -16.07 -5.72
N ASN A 39 -0.97 -16.24 -6.37
CA ASN A 39 -0.65 -17.53 -6.98
C ASN A 39 0.76 -17.51 -7.56
N SER A 40 1.03 -16.55 -8.43
CA SER A 40 2.35 -16.43 -9.04
C SER A 40 2.33 -15.33 -10.09
N ASP A 41 2.11 -14.10 -9.64
CA ASP A 41 2.07 -12.98 -10.55
C ASP A 41 3.44 -12.30 -10.64
N PRO A 42 3.77 -11.80 -11.79
CA PRO A 42 5.07 -11.11 -12.03
C PRO A 42 5.15 -9.78 -11.28
N ILE A 43 4.75 -8.70 -11.94
CA ILE A 43 4.79 -7.37 -11.34
C ILE A 43 3.39 -6.88 -10.95
N MET A 44 2.37 -7.59 -11.42
CA MET A 44 0.99 -7.20 -11.12
C MET A 44 0.82 -7.04 -9.61
N ASN A 45 1.54 -7.86 -8.86
CA ASN A 45 1.46 -7.82 -7.40
C ASN A 45 0.01 -7.78 -6.95
N GLN A 46 -0.84 -8.50 -7.66
CA GLN A 46 -2.27 -8.54 -7.34
C GLN A 46 -2.82 -7.12 -7.18
N LEU A 47 -2.68 -6.33 -8.24
CA LEU A 47 -3.15 -4.94 -8.25
C LEU A 47 -4.55 -4.79 -7.67
N ASP A 48 -5.50 -5.58 -8.17
CA ASP A 48 -6.88 -5.47 -7.72
C ASP A 48 -7.02 -5.73 -6.22
N LEU A 49 -6.44 -6.81 -5.73
CA LEU A 49 -6.53 -7.12 -4.31
C LEU A 49 -5.81 -6.06 -3.49
N LEU A 50 -4.65 -5.64 -4.00
CA LEU A 50 -3.84 -4.65 -3.30
C LEU A 50 -4.63 -3.36 -3.10
N HIS A 51 -5.32 -2.92 -4.15
CA HIS A 51 -6.10 -1.70 -4.08
C HIS A 51 -7.20 -1.78 -3.03
N LYS A 52 -7.98 -2.86 -3.04
CA LYS A 52 -9.06 -2.99 -2.07
C LYS A 52 -8.51 -2.97 -0.66
N TRP A 53 -7.43 -3.71 -0.44
CA TRP A 53 -6.79 -3.76 0.87
C TRP A 53 -6.39 -2.35 1.29
N LEU A 54 -5.67 -1.68 0.41
CA LEU A 54 -5.21 -0.33 0.69
C LEU A 54 -6.38 0.57 1.03
N ASP A 55 -7.39 0.57 0.15
CA ASP A 55 -8.57 1.41 0.34
C ASP A 55 -9.23 1.13 1.69
N ARG A 56 -9.33 -0.14 2.06
CA ARG A 56 -9.97 -0.50 3.33
C ARG A 56 -9.22 0.08 4.51
N HIS A 57 -7.90 0.20 4.38
CA HIS A 57 -7.09 0.73 5.47
C HIS A 57 -6.44 2.06 5.08
N ARG A 58 -7.00 2.74 4.09
CA ARG A 58 -6.44 4.01 3.65
C ARG A 58 -6.33 4.99 4.83
N ASP A 59 -7.30 4.94 5.73
CA ASP A 59 -7.30 5.84 6.89
C ASP A 59 -6.03 5.64 7.72
N MET A 60 -5.47 4.44 7.64
CA MET A 60 -4.26 4.13 8.40
C MET A 60 -3.14 5.07 8.00
N CYS A 61 -3.18 5.57 6.77
CA CYS A 61 -2.15 6.48 6.28
C CYS A 61 -2.09 7.74 7.15
N GLU A 62 -3.22 8.10 7.72
CA GLU A 62 -3.29 9.28 8.59
C GLU A 62 -2.66 9.01 9.94
N LYS A 63 -2.40 7.74 10.25
CA LYS A 63 -1.80 7.37 11.54
C LYS A 63 -0.27 7.46 11.49
N TRP A 64 0.25 8.25 10.56
CA TRP A 64 1.70 8.44 10.46
C TRP A 64 2.06 9.47 9.40
N LYS A 65 1.41 9.37 8.24
CA LYS A 65 1.68 10.29 7.14
C LYS A 65 3.15 10.20 6.72
N SER A 66 3.86 9.24 7.30
CA SER A 66 5.27 9.04 6.99
C SER A 66 5.43 8.05 5.84
N LYS A 67 6.65 7.86 5.36
CA LYS A 67 6.90 6.94 4.25
C LYS A 67 7.47 5.60 4.75
N GLU A 68 8.69 5.64 5.28
CA GLU A 68 9.35 4.42 5.73
C GLU A 68 8.61 3.74 6.87
N ASP A 69 8.10 4.50 7.83
CA ASP A 69 7.41 3.90 8.96
C ASP A 69 6.20 3.10 8.47
N ILE A 70 5.41 3.69 7.58
CA ILE A 70 4.23 3.01 7.06
C ILE A 70 4.58 1.69 6.39
N LEU A 71 5.62 1.69 5.59
CA LEU A 71 6.01 0.46 4.90
C LEU A 71 6.29 -0.63 5.93
N HIS A 72 6.91 -0.24 7.03
CA HIS A 72 7.25 -1.21 8.09
C HIS A 72 5.99 -1.87 8.66
N LYS A 73 4.98 -1.06 8.97
CA LYS A 73 3.74 -1.61 9.51
C LYS A 73 3.06 -2.52 8.51
N LEU A 74 2.88 -2.03 7.28
CA LEU A 74 2.25 -2.87 6.27
C LEU A 74 3.05 -4.14 6.05
N ASN A 75 4.37 -4.04 6.15
CA ASN A 75 5.23 -5.22 5.97
C ASN A 75 4.80 -6.33 6.93
N GLU A 76 4.69 -5.99 8.21
CA GLU A 76 4.31 -6.96 9.22
C GLU A 76 2.87 -7.41 9.01
N GLN A 77 2.02 -6.47 8.59
CA GLN A 77 0.62 -6.80 8.36
C GLN A 77 0.48 -7.66 7.10
N TRP A 78 1.28 -7.32 6.09
CA TRP A 78 1.25 -8.07 4.83
C TRP A 78 1.60 -9.54 5.09
N ASN A 79 2.64 -9.77 5.89
CA ASN A 79 3.06 -11.13 6.21
C ASN A 79 1.98 -11.89 6.97
N LYS A 80 1.34 -11.21 7.92
CA LYS A 80 0.29 -11.83 8.70
C LYS A 80 -1.04 -11.71 7.97
N ASP A 81 -1.00 -11.10 6.80
CA ASP A 81 -2.21 -10.91 6.00
C ASP A 81 -3.26 -10.14 6.80
N GLY A 1 -16.99 17.36 -2.86
CA GLY A 1 -17.00 18.69 -2.18
C GLY A 1 -15.74 19.46 -2.58
N PRO A 2 -15.48 20.56 -1.92
CA PRO A 2 -14.29 21.40 -2.19
C PRO A 2 -13.00 20.60 -2.20
N LEU A 3 -12.03 21.02 -3.01
CA LEU A 3 -10.76 20.32 -3.08
C LEU A 3 -9.99 20.45 -1.76
N GLY A 4 -8.81 21.05 -1.84
CA GLY A 4 -7.99 21.23 -0.64
C GLY A 4 -7.18 19.97 -0.34
N SER A 5 -6.05 20.15 0.32
CA SER A 5 -5.20 19.02 0.66
C SER A 5 -5.67 18.37 1.96
N MET A 6 -6.70 18.96 2.56
CA MET A 6 -7.24 18.43 3.81
C MET A 6 -7.75 17.01 3.61
N ASN A 7 -8.72 16.62 4.44
CA ASN A 7 -9.31 15.29 4.34
C ASN A 7 -8.27 14.24 3.97
N LYS A 8 -8.70 13.20 3.29
CA LYS A 8 -7.82 12.12 2.88
C LYS A 8 -7.04 12.48 1.60
N PHE A 9 -6.30 11.51 1.08
CA PHE A 9 -5.51 11.69 -0.13
C PHE A 9 -6.41 11.67 -1.35
N THR A 10 -5.98 12.36 -2.42
CA THR A 10 -6.77 12.41 -3.65
C THR A 10 -6.52 11.18 -4.49
N ASP A 11 -7.45 10.89 -5.41
CA ASP A 11 -7.31 9.74 -6.27
C ASP A 11 -5.96 9.78 -7.00
N ASP A 12 -5.58 10.98 -7.45
CA ASP A 12 -4.32 11.14 -8.15
C ASP A 12 -3.15 10.83 -7.21
N GLU A 13 -3.22 11.39 -6.01
CA GLU A 13 -2.18 11.17 -5.01
C GLU A 13 -2.18 9.71 -4.59
N TRP A 14 -3.38 9.16 -4.47
CA TRP A 14 -3.51 7.77 -4.09
C TRP A 14 -2.84 6.90 -5.14
N ASN A 15 -3.13 7.17 -6.41
CA ASN A 15 -2.52 6.40 -7.48
C ASN A 15 -1.00 6.44 -7.36
N GLN A 16 -0.48 7.62 -7.03
CA GLN A 16 0.96 7.76 -6.86
C GLN A 16 1.40 6.91 -5.69
N LEU A 17 0.65 7.01 -4.60
CA LEU A 17 0.93 6.24 -3.39
C LEU A 17 0.77 4.75 -3.65
N LYS A 18 -0.21 4.38 -4.47
CA LYS A 18 -0.43 2.97 -4.77
C LYS A 18 0.78 2.36 -5.46
N GLN A 19 1.32 3.07 -6.46
CA GLN A 19 2.48 2.56 -7.17
C GLN A 19 3.64 2.41 -6.21
N ASP A 20 3.80 3.37 -5.31
CA ASP A 20 4.89 3.34 -4.34
C ASP A 20 4.76 2.13 -3.42
N PHE A 21 3.58 1.89 -2.87
CA PHE A 21 3.40 0.74 -2.00
C PHE A 21 3.69 -0.52 -2.79
N ILE A 22 3.17 -0.56 -4.02
CA ILE A 22 3.41 -1.70 -4.89
C ILE A 22 4.92 -1.86 -5.09
N SER A 23 5.57 -0.75 -5.39
CA SER A 23 7.01 -0.75 -5.60
C SER A 23 7.72 -1.30 -4.37
N GLY A 24 7.29 -0.88 -3.19
CA GLY A 24 7.90 -1.34 -1.95
C GLY A 24 7.77 -2.85 -1.80
N ILE A 25 6.66 -3.39 -2.27
CA ILE A 25 6.42 -4.83 -2.18
C ILE A 25 7.34 -5.60 -3.11
N LEU A 26 7.53 -5.09 -4.31
CA LEU A 26 8.39 -5.73 -5.29
C LEU A 26 9.86 -5.45 -4.97
N GLU A 27 10.10 -4.32 -4.31
CA GLU A 27 11.45 -3.92 -3.94
C GLU A 27 12.00 -4.77 -2.80
N ASN A 28 11.12 -5.22 -1.91
CA ASN A 28 11.54 -6.02 -0.77
C ASN A 28 11.48 -7.51 -1.09
N GLU A 29 12.30 -8.30 -0.40
CA GLU A 29 12.33 -9.74 -0.62
C GLU A 29 10.97 -10.35 -0.33
N GLN A 30 10.19 -9.71 0.54
CA GLN A 30 8.86 -10.23 0.87
C GLN A 30 8.02 -10.38 -0.40
N LYS A 31 8.38 -9.64 -1.44
CA LYS A 31 7.65 -9.70 -2.70
C LYS A 31 7.25 -11.13 -3.03
N ASP A 32 8.04 -12.08 -2.55
CA ASP A 32 7.77 -13.48 -2.82
C ASP A 32 6.39 -13.88 -2.31
N LEU A 33 5.97 -13.28 -1.20
CA LEU A 33 4.65 -13.59 -0.62
C LEU A 33 3.53 -13.22 -1.58
N VAL A 34 3.62 -12.05 -2.20
CA VAL A 34 2.58 -11.63 -3.14
C VAL A 34 2.67 -12.46 -4.41
N ALA A 35 3.88 -12.91 -4.75
CA ALA A 35 4.06 -13.71 -5.94
C ALA A 35 3.26 -15.00 -5.81
N LYS A 36 3.35 -15.63 -4.65
CA LYS A 36 2.61 -16.87 -4.39
C LYS A 36 1.11 -16.62 -4.42
N LEU A 37 0.69 -15.51 -3.84
CA LEU A 37 -0.73 -15.17 -3.79
C LEU A 37 -1.33 -15.12 -5.19
N THR A 38 -0.55 -14.64 -6.15
CA THR A 38 -1.02 -14.54 -7.52
C THR A 38 -0.43 -15.65 -8.39
N ASN A 39 -0.09 -16.78 -7.76
CA ASN A 39 0.47 -17.90 -8.49
C ASN A 39 1.84 -17.53 -9.08
N SER A 40 2.77 -17.19 -8.19
CA SER A 40 4.10 -16.81 -8.62
C SER A 40 4.04 -15.85 -9.81
N ASP A 41 3.58 -14.64 -9.54
CA ASP A 41 3.48 -13.62 -10.58
C ASP A 41 4.64 -12.63 -10.47
N PRO A 42 5.31 -12.32 -11.55
CA PRO A 42 6.46 -11.38 -11.53
C PRO A 42 6.17 -10.15 -10.66
N ILE A 43 5.43 -9.19 -11.21
CA ILE A 43 5.11 -7.98 -10.47
C ILE A 43 3.67 -8.02 -9.96
N MET A 44 2.74 -7.52 -10.79
CA MET A 44 1.33 -7.49 -10.45
C MET A 44 1.10 -6.97 -9.03
N ASN A 45 1.58 -7.73 -8.05
CA ASN A 45 1.43 -7.35 -6.65
C ASN A 45 -0.05 -7.26 -6.28
N GLN A 46 -0.87 -7.95 -7.06
CA GLN A 46 -2.30 -7.95 -6.82
C GLN A 46 -2.89 -6.56 -6.96
N LEU A 47 -2.45 -5.82 -7.98
CA LEU A 47 -2.95 -4.47 -8.19
C LEU A 47 -4.41 -4.37 -7.71
N ASP A 48 -5.25 -5.26 -8.23
CA ASP A 48 -6.67 -5.26 -7.89
C ASP A 48 -6.96 -5.51 -6.41
N LEU A 49 -6.52 -6.66 -5.87
CA LEU A 49 -6.79 -6.95 -4.46
C LEU A 49 -6.08 -5.93 -3.57
N LEU A 50 -4.86 -5.58 -3.95
CA LEU A 50 -4.09 -4.63 -3.17
C LEU A 50 -4.86 -3.31 -3.06
N HIS A 51 -5.43 -2.87 -4.17
CA HIS A 51 -6.19 -1.62 -4.18
C HIS A 51 -7.32 -1.66 -3.16
N LYS A 52 -8.09 -2.75 -3.17
CA LYS A 52 -9.20 -2.87 -2.24
C LYS A 52 -8.66 -2.80 -0.80
N TRP A 53 -7.60 -3.56 -0.55
CA TRP A 53 -6.96 -3.59 0.78
C TRP A 53 -6.51 -2.18 1.19
N LEU A 54 -5.70 -1.56 0.35
CA LEU A 54 -5.18 -0.24 0.65
C LEU A 54 -6.31 0.75 0.95
N ASP A 55 -7.32 0.79 0.08
CA ASP A 55 -8.44 1.70 0.26
C ASP A 55 -9.11 1.51 1.61
N ARG A 56 -9.38 0.27 1.99
CA ARG A 56 -10.02 -0.01 3.26
C ARG A 56 -9.10 0.39 4.41
N HIS A 57 -7.79 0.32 4.16
CA HIS A 57 -6.81 0.68 5.16
C HIS A 57 -6.18 2.04 4.87
N ARG A 58 -6.73 2.78 3.90
CA ARG A 58 -6.18 4.08 3.57
C ARG A 58 -6.09 4.97 4.82
N ASP A 59 -7.09 4.84 5.69
CA ASP A 59 -7.12 5.63 6.92
C ASP A 59 -5.88 5.38 7.76
N MET A 60 -5.37 4.16 7.71
CA MET A 60 -4.19 3.79 8.48
C MET A 60 -3.00 4.68 8.12
N CYS A 61 -3.00 5.20 6.90
CA CYS A 61 -1.91 6.04 6.41
C CYS A 61 -1.74 7.32 7.24
N GLU A 62 -2.83 7.79 7.82
CA GLU A 62 -2.79 9.01 8.61
C GLU A 62 -2.06 8.83 9.93
N LYS A 63 -1.83 7.57 10.31
CA LYS A 63 -1.15 7.30 11.57
C LYS A 63 0.37 7.28 11.42
N TRP A 64 0.88 7.91 10.35
CA TRP A 64 2.33 7.96 10.15
C TRP A 64 2.72 8.94 9.05
N LYS A 65 2.13 8.78 7.87
CA LYS A 65 2.48 9.65 6.75
C LYS A 65 4.01 9.63 6.59
N SER A 66 4.65 8.70 7.30
CA SER A 66 6.09 8.55 7.28
C SER A 66 6.56 7.66 6.12
N LYS A 67 5.65 7.33 5.22
CA LYS A 67 5.96 6.51 4.05
C LYS A 67 6.74 5.23 4.38
N GLU A 68 8.06 5.36 4.56
CA GLU A 68 8.88 4.20 4.83
C GLU A 68 8.40 3.47 6.06
N ASP A 69 7.99 4.22 7.07
CA ASP A 69 7.49 3.59 8.28
C ASP A 69 6.26 2.77 7.94
N ILE A 70 5.42 3.34 7.08
CA ILE A 70 4.19 2.69 6.65
C ILE A 70 4.52 1.37 5.95
N LEU A 71 5.52 1.39 5.08
CA LEU A 71 5.92 0.20 4.37
C LEU A 71 6.27 -0.90 5.36
N HIS A 72 6.96 -0.54 6.42
CA HIS A 72 7.33 -1.51 7.43
C HIS A 72 6.08 -2.10 8.07
N LYS A 73 5.11 -1.25 8.38
CA LYS A 73 3.87 -1.71 8.99
C LYS A 73 3.13 -2.65 8.05
N LEU A 74 2.92 -2.20 6.81
CA LEU A 74 2.23 -3.02 5.82
C LEU A 74 2.91 -4.37 5.67
N ASN A 75 4.23 -4.37 5.63
CA ASN A 75 4.98 -5.61 5.49
C ASN A 75 4.67 -6.59 6.63
N GLU A 76 4.65 -6.07 7.85
CA GLU A 76 4.39 -6.90 9.03
C GLU A 76 2.97 -7.49 9.01
N GLN A 77 2.00 -6.68 8.59
CA GLN A 77 0.63 -7.17 8.52
C GLN A 77 0.44 -8.06 7.30
N TRP A 78 1.17 -7.74 6.23
CA TRP A 78 1.09 -8.53 5.01
C TRP A 78 1.36 -9.99 5.33
N ASN A 79 2.39 -10.22 6.14
CA ASN A 79 2.77 -11.59 6.53
C ASN A 79 1.73 -12.18 7.48
N LYS A 80 1.25 -11.38 8.42
CA LYS A 80 0.25 -11.86 9.37
C LYS A 80 -1.15 -11.79 8.79
N ASP A 81 -1.25 -11.38 7.53
CA ASP A 81 -2.54 -11.28 6.87
C ASP A 81 -3.21 -12.65 6.76
N GLY A 1 -3.80 26.66 14.05
CA GLY A 1 -2.86 26.64 12.90
C GLY A 1 -3.63 26.34 11.62
N PRO A 2 -3.04 26.65 10.50
CA PRO A 2 -3.67 26.42 9.16
C PRO A 2 -3.83 24.94 8.84
N LEU A 3 -4.84 24.63 8.02
CA LEU A 3 -5.12 23.26 7.61
C LEU A 3 -3.97 22.71 6.76
N GLY A 4 -3.30 23.61 6.03
CA GLY A 4 -2.20 23.21 5.18
C GLY A 4 -2.68 22.30 4.07
N SER A 5 -2.01 21.16 3.90
CA SER A 5 -2.38 20.21 2.87
C SER A 5 -2.91 18.91 3.49
N MET A 6 -3.18 18.94 4.79
CA MET A 6 -3.68 17.74 5.47
C MET A 6 -4.80 17.08 4.67
N ASN A 7 -6.03 17.49 4.96
CA ASN A 7 -7.21 16.94 4.28
C ASN A 7 -6.99 15.48 3.88
N LYS A 8 -7.83 14.99 2.97
CA LYS A 8 -7.75 13.61 2.50
C LYS A 8 -6.87 13.51 1.27
N PHE A 9 -6.37 12.31 1.01
CA PHE A 9 -5.53 12.08 -0.16
C PHE A 9 -6.37 11.98 -1.42
N THR A 10 -5.92 12.63 -2.50
CA THR A 10 -6.65 12.60 -3.75
C THR A 10 -6.36 11.31 -4.51
N ASP A 11 -7.23 10.95 -5.43
CA ASP A 11 -7.04 9.72 -6.20
C ASP A 11 -5.68 9.75 -6.88
N ASP A 12 -5.29 10.93 -7.40
CA ASP A 12 -4.01 11.06 -8.07
C ASP A 12 -2.89 10.83 -7.07
N GLU A 13 -3.03 11.42 -5.87
CA GLU A 13 -2.04 11.25 -4.83
C GLU A 13 -2.07 9.82 -4.32
N TRP A 14 -3.28 9.26 -4.24
CA TRP A 14 -3.45 7.90 -3.79
C TRP A 14 -2.75 6.96 -4.76
N ASN A 15 -2.99 7.15 -6.06
CA ASN A 15 -2.38 6.30 -7.08
C ASN A 15 -0.86 6.29 -6.93
N GLN A 16 -0.31 7.46 -6.63
CA GLN A 16 1.12 7.59 -6.43
C GLN A 16 1.53 6.74 -5.23
N LEU A 17 0.70 6.81 -4.19
CA LEU A 17 0.96 6.04 -2.97
C LEU A 17 0.92 4.53 -3.29
N LYS A 18 0.01 4.13 -4.17
CA LYS A 18 -0.10 2.72 -4.52
C LYS A 18 1.20 2.24 -5.13
N GLN A 19 1.76 3.02 -6.05
CA GLN A 19 3.01 2.63 -6.69
C GLN A 19 4.09 2.47 -5.65
N ASP A 20 4.11 3.37 -4.66
CA ASP A 20 5.11 3.29 -3.61
C ASP A 20 5.05 1.93 -2.93
N PHE A 21 3.83 1.46 -2.65
CA PHE A 21 3.66 0.16 -2.02
C PHE A 21 4.05 -0.95 -2.99
N ILE A 22 3.46 -0.93 -4.17
CA ILE A 22 3.77 -1.93 -5.17
C ILE A 22 5.26 -1.90 -5.51
N SER A 23 5.81 -0.69 -5.57
CA SER A 23 7.22 -0.53 -5.86
C SER A 23 8.07 -1.24 -4.80
N GLY A 24 7.75 -0.96 -3.53
CA GLY A 24 8.48 -1.56 -2.41
C GLY A 24 8.22 -3.06 -2.31
N ILE A 25 7.11 -3.53 -2.87
CA ILE A 25 6.78 -4.95 -2.83
C ILE A 25 7.67 -5.74 -3.76
N LEU A 26 7.92 -5.18 -4.94
CA LEU A 26 8.75 -5.85 -5.94
C LEU A 26 10.23 -5.53 -5.69
N GLU A 27 10.50 -4.39 -5.05
CA GLU A 27 11.87 -3.98 -4.77
C GLU A 27 12.47 -4.80 -3.63
N ASN A 28 11.66 -5.11 -2.61
CA ASN A 28 12.14 -5.89 -1.47
C ASN A 28 11.91 -7.38 -1.68
N GLU A 29 12.61 -8.21 -0.91
CA GLU A 29 12.47 -9.66 -1.04
C GLU A 29 11.03 -10.09 -0.82
N GLN A 30 10.28 -9.31 -0.04
CA GLN A 30 8.89 -9.62 0.25
C GLN A 30 8.10 -9.87 -1.03
N LYS A 31 8.75 -9.64 -2.17
CA LYS A 31 8.11 -9.87 -3.46
C LYS A 31 7.62 -11.30 -3.54
N ASP A 32 8.41 -12.22 -2.98
CA ASP A 32 8.06 -13.63 -2.99
C ASP A 32 6.76 -13.86 -2.22
N LEU A 33 6.56 -13.09 -1.16
CA LEU A 33 5.36 -13.22 -0.34
C LEU A 33 4.11 -12.83 -1.11
N VAL A 34 4.15 -11.71 -1.82
CA VAL A 34 2.99 -11.28 -2.59
C VAL A 34 2.69 -12.28 -3.69
N ALA A 35 3.74 -12.84 -4.27
CA ALA A 35 3.58 -13.80 -5.35
C ALA A 35 2.74 -14.99 -4.88
N LYS A 36 3.04 -15.50 -3.70
CA LYS A 36 2.28 -16.62 -3.15
C LYS A 36 0.85 -16.21 -2.91
N LEU A 37 0.65 -14.96 -2.49
CA LEU A 37 -0.70 -14.48 -2.25
C LEU A 37 -1.52 -14.57 -3.53
N THR A 38 -0.87 -14.34 -4.67
CA THR A 38 -1.54 -14.41 -5.95
C THR A 38 -0.92 -15.52 -6.81
N ASN A 39 0.10 -15.15 -7.58
CA ASN A 39 0.77 -16.11 -8.45
C ASN A 39 2.15 -15.61 -8.84
N SER A 40 2.66 -16.12 -9.95
CA SER A 40 3.98 -15.70 -10.43
C SER A 40 3.86 -14.39 -11.18
N ASP A 41 2.70 -13.74 -11.04
CA ASP A 41 2.47 -12.48 -11.71
C ASP A 41 3.66 -11.55 -11.51
N PRO A 42 3.97 -10.75 -12.48
CA PRO A 42 5.12 -9.81 -12.43
C PRO A 42 4.86 -8.60 -11.52
N ILE A 43 4.50 -7.48 -12.13
CA ILE A 43 4.23 -6.26 -11.38
C ILE A 43 2.80 -6.24 -10.83
N MET A 44 1.95 -7.09 -11.38
CA MET A 44 0.56 -7.14 -10.92
C MET A 44 0.50 -7.07 -9.40
N ASN A 45 1.22 -7.98 -8.74
CA ASN A 45 1.26 -7.99 -7.29
C ASN A 45 -0.14 -7.89 -6.67
N GLN A 46 -1.12 -8.55 -7.28
CA GLN A 46 -2.51 -8.52 -6.78
C GLN A 46 -3.03 -7.07 -6.74
N LEU A 47 -2.77 -6.33 -7.80
CA LEU A 47 -3.21 -4.94 -7.91
C LEU A 47 -4.65 -4.76 -7.42
N ASP A 48 -5.59 -5.53 -7.97
CA ASP A 48 -7.00 -5.38 -7.62
C ASP A 48 -7.26 -5.62 -6.13
N LEU A 49 -6.77 -6.73 -5.60
CA LEU A 49 -6.97 -7.02 -4.18
C LEU A 49 -6.23 -5.99 -3.34
N LEU A 50 -5.05 -5.60 -3.81
CA LEU A 50 -4.24 -4.62 -3.10
C LEU A 50 -5.02 -3.31 -2.95
N HIS A 51 -5.67 -2.87 -4.04
CA HIS A 51 -6.43 -1.63 -4.02
C HIS A 51 -7.53 -1.67 -2.97
N LYS A 52 -8.33 -2.73 -2.96
CA LYS A 52 -9.41 -2.84 -1.97
C LYS A 52 -8.82 -2.79 -0.57
N TRP A 53 -7.78 -3.57 -0.38
CA TRP A 53 -7.09 -3.64 0.91
C TRP A 53 -6.59 -2.25 1.32
N LEU A 54 -5.84 -1.63 0.42
CA LEU A 54 -5.27 -0.31 0.69
C LEU A 54 -6.37 0.70 0.99
N ASP A 55 -7.36 0.79 0.10
CA ASP A 55 -8.46 1.73 0.26
C ASP A 55 -9.24 1.50 1.56
N ARG A 56 -9.52 0.24 1.88
CA ARG A 56 -10.25 -0.08 3.10
C ARG A 56 -9.47 0.35 4.33
N HIS A 57 -8.14 0.33 4.22
CA HIS A 57 -7.27 0.71 5.33
C HIS A 57 -6.57 2.04 5.08
N ARG A 58 -7.08 2.82 4.14
CA ARG A 58 -6.50 4.14 3.83
C ARG A 58 -6.42 5.04 5.07
N ASP A 59 -7.39 4.89 5.96
CA ASP A 59 -7.44 5.71 7.17
C ASP A 59 -6.15 5.57 7.97
N MET A 60 -5.50 4.43 7.83
CA MET A 60 -4.26 4.16 8.53
C MET A 60 -3.18 5.18 8.16
N CYS A 61 -3.25 5.70 6.95
CA CYS A 61 -2.27 6.67 6.50
C CYS A 61 -2.39 7.97 7.29
N GLU A 62 -3.61 8.28 7.73
CA GLU A 62 -3.82 9.50 8.52
C GLU A 62 -3.19 9.32 9.89
N LYS A 63 -2.87 8.08 10.23
CA LYS A 63 -2.27 7.78 11.53
C LYS A 63 -0.74 7.87 11.45
N TRP A 64 -0.13 6.87 10.85
CA TRP A 64 1.33 6.83 10.72
C TRP A 64 1.79 7.64 9.51
N LYS A 65 0.87 8.44 8.95
CA LYS A 65 1.19 9.25 7.79
C LYS A 65 2.69 9.31 7.53
N SER A 66 3.19 8.26 6.88
CA SER A 66 4.61 8.16 6.57
C SER A 66 4.82 7.30 5.32
N LYS A 67 6.08 7.16 4.89
CA LYS A 67 6.39 6.37 3.70
C LYS A 67 7.06 5.03 4.03
N GLU A 68 8.35 5.07 4.37
CA GLU A 68 9.08 3.86 4.69
C GLU A 68 8.50 3.19 5.92
N ASP A 69 8.04 4.00 6.86
CA ASP A 69 7.46 3.47 8.08
C ASP A 69 6.25 2.61 7.76
N ILE A 70 5.37 3.12 6.91
CA ILE A 70 4.18 2.37 6.54
C ILE A 70 4.58 1.05 5.91
N LEU A 71 5.65 1.07 5.11
CA LEU A 71 6.12 -0.16 4.47
C LEU A 71 6.39 -1.22 5.52
N HIS A 72 6.99 -0.81 6.63
CA HIS A 72 7.28 -1.75 7.70
C HIS A 72 5.98 -2.36 8.23
N LYS A 73 4.99 -1.49 8.47
CA LYS A 73 3.70 -1.96 8.97
C LYS A 73 3.03 -2.87 7.94
N LEU A 74 2.92 -2.40 6.71
CA LEU A 74 2.31 -3.21 5.65
C LEU A 74 3.05 -4.53 5.50
N ASN A 75 4.38 -4.49 5.67
CA ASN A 75 5.18 -5.70 5.55
C ASN A 75 4.68 -6.76 6.54
N GLU A 76 4.50 -6.33 7.78
CA GLU A 76 4.01 -7.22 8.84
C GLU A 76 2.58 -7.68 8.55
N GLN A 77 1.76 -6.77 8.04
CA GLN A 77 0.39 -7.10 7.72
C GLN A 77 0.32 -8.08 6.56
N TRP A 78 1.17 -7.83 5.56
CA TRP A 78 1.19 -8.68 4.37
C TRP A 78 1.42 -10.13 4.75
N ASN A 79 2.36 -10.37 5.66
CA ASN A 79 2.66 -11.74 6.08
C ASN A 79 1.53 -12.30 6.93
N LYS A 80 0.95 -11.45 7.76
CA LYS A 80 -0.14 -11.86 8.64
C LYS A 80 -1.32 -12.41 7.85
N ASP A 81 -1.68 -11.72 6.77
CA ASP A 81 -2.80 -12.14 5.94
C ASP A 81 -2.29 -12.67 4.59
N GLY A 1 -18.42 21.87 7.20
CA GLY A 1 -18.85 22.21 8.58
C GLY A 1 -17.77 21.78 9.57
N PRO A 2 -17.83 20.57 10.03
CA PRO A 2 -16.84 20.02 10.99
C PRO A 2 -15.48 19.79 10.34
N LEU A 3 -15.38 20.13 9.06
CA LEU A 3 -14.14 19.96 8.32
C LEU A 3 -12.94 20.41 9.15
N GLY A 4 -11.80 19.75 8.94
CA GLY A 4 -10.58 20.07 9.68
C GLY A 4 -9.52 18.98 9.50
N SER A 5 -8.52 19.26 8.66
CA SER A 5 -7.46 18.30 8.39
C SER A 5 -8.02 16.91 8.12
N MET A 6 -9.33 16.81 8.01
CA MET A 6 -9.96 15.51 7.74
C MET A 6 -9.83 15.19 6.25
N ASN A 7 -9.02 15.97 5.55
CA ASN A 7 -8.81 15.77 4.12
C ASN A 7 -7.89 14.58 3.86
N LYS A 8 -8.36 13.66 3.02
CA LYS A 8 -7.58 12.47 2.69
C LYS A 8 -6.79 12.69 1.40
N PHE A 9 -6.11 11.64 0.95
CA PHE A 9 -5.34 11.72 -0.29
C PHE A 9 -6.30 11.64 -1.48
N THR A 10 -5.97 12.31 -2.57
CA THR A 10 -6.86 12.31 -3.74
C THR A 10 -6.67 11.05 -4.57
N ASP A 11 -7.69 10.71 -5.37
CA ASP A 11 -7.62 9.51 -6.20
C ASP A 11 -6.34 9.51 -7.01
N ASP A 12 -5.99 10.67 -7.56
CA ASP A 12 -4.79 10.78 -8.36
C ASP A 12 -3.55 10.58 -7.48
N GLU A 13 -3.51 11.28 -6.35
CA GLU A 13 -2.39 11.14 -5.43
C GLU A 13 -2.35 9.72 -4.88
N TRP A 14 -3.54 9.18 -4.63
CA TRP A 14 -3.66 7.84 -4.10
C TRP A 14 -3.07 6.85 -5.08
N ASN A 15 -3.42 6.99 -6.36
CA ASN A 15 -2.89 6.10 -7.37
C ASN A 15 -1.37 6.11 -7.33
N GLN A 16 -0.79 7.29 -7.10
CA GLN A 16 0.67 7.41 -7.03
C GLN A 16 1.19 6.63 -5.82
N LEU A 17 0.49 6.78 -4.70
CA LEU A 17 0.88 6.09 -3.48
C LEU A 17 0.84 4.56 -3.67
N LYS A 18 -0.17 4.08 -4.39
CA LYS A 18 -0.30 2.66 -4.66
C LYS A 18 0.93 2.13 -5.39
N GLN A 19 1.36 2.87 -6.39
CA GLN A 19 2.51 2.46 -7.18
C GLN A 19 3.74 2.38 -6.29
N ASP A 20 3.94 3.37 -5.43
CA ASP A 20 5.09 3.35 -4.54
C ASP A 20 5.04 2.13 -3.63
N PHE A 21 3.87 1.86 -3.06
CA PHE A 21 3.72 0.69 -2.19
C PHE A 21 3.98 -0.58 -2.98
N ILE A 22 3.39 -0.64 -4.18
CA ILE A 22 3.58 -1.80 -5.03
C ILE A 22 5.06 -2.00 -5.31
N SER A 23 5.72 -0.92 -5.72
CA SER A 23 7.15 -0.98 -6.02
C SER A 23 7.92 -1.55 -4.82
N GLY A 24 7.52 -1.13 -3.63
CA GLY A 24 8.16 -1.61 -2.41
C GLY A 24 8.01 -3.12 -2.28
N ILE A 25 6.87 -3.63 -2.76
CA ILE A 25 6.61 -5.06 -2.70
C ILE A 25 7.53 -5.78 -3.67
N LEU A 26 7.82 -5.14 -4.80
CA LEU A 26 8.69 -5.73 -5.81
C LEU A 26 10.16 -5.39 -5.57
N GLU A 27 10.42 -4.25 -4.94
CA GLU A 27 11.81 -3.86 -4.64
C GLU A 27 12.33 -4.65 -3.43
N ASN A 28 11.45 -4.89 -2.45
CA ASN A 28 11.83 -5.61 -1.24
C ASN A 28 11.63 -7.12 -1.40
N GLU A 29 12.34 -7.90 -0.58
CA GLU A 29 12.24 -9.36 -0.64
C GLU A 29 10.80 -9.82 -0.40
N GLN A 30 10.03 -8.97 0.26
CA GLN A 30 8.64 -9.28 0.58
C GLN A 30 7.88 -9.72 -0.66
N LYS A 31 8.41 -9.38 -1.83
CA LYS A 31 7.76 -9.74 -3.08
C LYS A 31 7.29 -11.20 -3.05
N ASP A 32 7.88 -11.98 -2.17
CA ASP A 32 7.49 -13.39 -2.04
C ASP A 32 6.00 -13.49 -1.69
N LEU A 33 5.52 -12.54 -0.89
CA LEU A 33 4.11 -12.55 -0.50
C LEU A 33 3.20 -12.57 -1.72
N VAL A 34 3.39 -11.62 -2.64
CA VAL A 34 2.56 -11.58 -3.84
C VAL A 34 2.77 -12.83 -4.67
N ALA A 35 4.01 -13.27 -4.76
CA ALA A 35 4.34 -14.45 -5.53
C ALA A 35 3.50 -15.64 -5.04
N LYS A 36 3.35 -15.73 -3.73
CA LYS A 36 2.56 -16.81 -3.12
C LYS A 36 1.08 -16.66 -3.44
N LEU A 37 0.59 -15.43 -3.39
CA LEU A 37 -0.82 -15.18 -3.68
C LEU A 37 -1.10 -15.39 -5.17
N THR A 38 -0.27 -14.77 -6.01
CA THR A 38 -0.41 -14.91 -7.46
C THR A 38 0.75 -15.71 -8.02
N ASN A 39 0.47 -16.54 -9.02
CA ASN A 39 1.52 -17.36 -9.63
C ASN A 39 1.95 -16.77 -10.97
N SER A 40 0.99 -16.60 -11.88
CA SER A 40 1.29 -16.05 -13.21
C SER A 40 1.30 -14.53 -13.18
N ASP A 41 1.01 -13.98 -12.01
CA ASP A 41 0.98 -12.53 -11.85
C ASP A 41 1.83 -12.11 -10.66
N PRO A 42 3.12 -12.13 -10.80
CA PRO A 42 4.06 -11.75 -9.72
C PRO A 42 4.27 -10.24 -9.64
N ILE A 43 4.80 -9.67 -10.71
CA ILE A 43 5.06 -8.23 -10.74
C ILE A 43 3.75 -7.44 -10.58
N MET A 44 2.61 -8.10 -10.80
CA MET A 44 1.32 -7.43 -10.65
C MET A 44 1.21 -6.88 -9.23
N ASN A 45 1.92 -7.52 -8.30
CA ASN A 45 1.96 -7.10 -6.91
C ASN A 45 0.55 -7.03 -6.30
N GLN A 46 -0.38 -7.77 -6.88
CA GLN A 46 -1.76 -7.82 -6.40
C GLN A 46 -2.47 -6.48 -6.61
N LEU A 47 -2.20 -5.82 -7.73
CA LEU A 47 -2.81 -4.52 -8.00
C LEU A 47 -4.28 -4.45 -7.54
N ASP A 48 -5.14 -5.29 -8.09
CA ASP A 48 -6.58 -5.24 -7.75
C ASP A 48 -6.84 -5.43 -6.26
N LEU A 49 -6.29 -6.49 -5.69
CA LEU A 49 -6.49 -6.76 -4.27
C LEU A 49 -5.76 -5.73 -3.41
N LEU A 50 -4.54 -5.39 -3.80
CA LEU A 50 -3.77 -4.42 -3.04
C LEU A 50 -4.53 -3.11 -2.94
N HIS A 51 -5.09 -2.67 -4.05
CA HIS A 51 -5.84 -1.41 -4.07
C HIS A 51 -7.00 -1.44 -3.09
N LYS A 52 -7.83 -2.49 -3.15
CA LYS A 52 -8.96 -2.58 -2.24
C LYS A 52 -8.47 -2.55 -0.81
N TRP A 53 -7.45 -3.36 -0.55
CA TRP A 53 -6.85 -3.45 0.77
C TRP A 53 -6.36 -2.06 1.23
N LEU A 54 -5.51 -1.45 0.42
CA LEU A 54 -4.96 -0.13 0.75
C LEU A 54 -6.07 0.87 1.06
N ASP A 55 -7.05 0.93 0.17
CA ASP A 55 -8.16 1.87 0.35
C ASP A 55 -8.86 1.65 1.70
N ARG A 56 -9.06 0.40 2.07
CA ARG A 56 -9.71 0.10 3.34
C ARG A 56 -8.88 0.62 4.51
N HIS A 57 -7.57 0.64 4.34
CA HIS A 57 -6.69 1.12 5.38
C HIS A 57 -6.05 2.45 5.02
N ARG A 58 -6.70 3.19 4.12
CA ARG A 58 -6.17 4.48 3.70
C ARG A 58 -5.95 5.39 4.92
N ASP A 59 -6.83 5.25 5.91
CA ASP A 59 -6.74 6.04 7.12
C ASP A 59 -5.42 5.78 7.87
N MET A 60 -4.89 4.57 7.72
CA MET A 60 -3.65 4.23 8.40
C MET A 60 -2.55 5.24 8.04
N CYS A 61 -2.57 5.73 6.80
CA CYS A 61 -1.57 6.70 6.36
C CYS A 61 -1.72 7.98 7.16
N GLU A 62 -2.96 8.26 7.54
CA GLU A 62 -3.27 9.44 8.32
C GLU A 62 -2.78 9.25 9.75
N LYS A 63 -2.61 7.99 10.14
CA LYS A 63 -2.13 7.68 11.48
C LYS A 63 -0.63 7.97 11.63
N TRP A 64 0.19 7.41 10.73
CA TRP A 64 1.65 7.66 10.80
C TRP A 64 2.04 8.85 9.93
N LYS A 65 1.77 8.75 8.62
CA LYS A 65 2.10 9.82 7.67
C LYS A 65 3.42 9.54 6.94
N SER A 66 4.34 8.80 7.57
CA SER A 66 5.62 8.48 6.92
C SER A 66 5.52 7.23 6.05
N LYS A 67 6.00 7.34 4.80
CA LYS A 67 5.94 6.24 3.84
C LYS A 67 6.68 5.00 4.32
N GLU A 68 7.93 5.16 4.75
CA GLU A 68 8.72 4.02 5.19
C GLU A 68 8.08 3.30 6.37
N ASP A 69 7.59 4.07 7.34
CA ASP A 69 6.97 3.45 8.50
C ASP A 69 5.78 2.62 8.08
N ILE A 70 4.96 3.18 7.20
CA ILE A 70 3.80 2.47 6.71
C ILE A 70 4.19 1.14 6.07
N LEU A 71 5.20 1.17 5.20
CA LEU A 71 5.66 -0.03 4.53
C LEU A 71 6.00 -1.13 5.53
N HIS A 72 6.68 -0.75 6.60
CA HIS A 72 7.07 -1.71 7.63
C HIS A 72 5.84 -2.38 8.22
N LYS A 73 4.81 -1.58 8.50
CA LYS A 73 3.58 -2.11 9.07
C LYS A 73 2.91 -3.07 8.08
N LEU A 74 2.77 -2.63 6.83
CA LEU A 74 2.14 -3.47 5.81
C LEU A 74 2.90 -4.78 5.68
N ASN A 75 4.22 -4.69 5.68
CA ASN A 75 5.04 -5.88 5.55
C ASN A 75 4.67 -6.89 6.65
N GLU A 76 4.63 -6.42 7.89
CA GLU A 76 4.27 -7.29 9.02
C GLU A 76 2.82 -7.74 8.93
N GLN A 77 1.95 -6.81 8.55
CA GLN A 77 0.53 -7.11 8.46
C GLN A 77 0.23 -7.98 7.24
N TRP A 78 0.81 -7.62 6.10
CA TRP A 78 0.60 -8.41 4.89
C TRP A 78 0.97 -9.86 5.18
N ASN A 79 2.08 -10.05 5.88
CA ASN A 79 2.53 -11.38 6.22
C ASN A 79 1.47 -12.13 7.04
N LYS A 80 0.93 -11.44 8.03
CA LYS A 80 -0.09 -12.06 8.89
C LYS A 80 -1.47 -11.91 8.27
N ASP A 81 -1.53 -11.28 7.11
CA ASP A 81 -2.79 -11.08 6.41
C ASP A 81 -3.17 -12.34 5.63
N GLY A 1 -17.63 18.63 13.16
CA GLY A 1 -16.46 18.21 12.33
C GLY A 1 -15.80 19.43 11.73
N PRO A 2 -14.92 20.05 12.47
CA PRO A 2 -14.20 21.27 12.00
C PRO A 2 -13.44 21.01 10.71
N LEU A 3 -13.26 22.07 9.92
CA LEU A 3 -12.54 21.94 8.65
C LEU A 3 -11.12 21.44 8.91
N GLY A 4 -10.54 21.88 10.03
CA GLY A 4 -9.18 21.47 10.37
C GLY A 4 -8.32 21.36 9.12
N SER A 5 -8.68 22.14 8.10
CA SER A 5 -7.92 22.14 6.84
C SER A 5 -7.40 20.75 6.54
N MET A 6 -8.19 19.74 6.83
CA MET A 6 -7.79 18.36 6.58
C MET A 6 -8.21 17.93 5.17
N ASN A 7 -7.29 17.30 4.45
CA ASN A 7 -7.60 16.84 3.10
C ASN A 7 -7.00 15.47 2.84
N LYS A 8 -7.87 14.50 2.60
CA LYS A 8 -7.43 13.14 2.33
C LYS A 8 -6.69 13.09 1.00
N PHE A 9 -6.11 11.94 0.70
CA PHE A 9 -5.39 11.76 -0.55
C PHE A 9 -6.39 11.60 -1.69
N THR A 10 -6.06 12.16 -2.86
CA THR A 10 -6.95 12.07 -4.01
C THR A 10 -6.71 10.76 -4.75
N ASP A 11 -7.67 10.36 -5.59
CA ASP A 11 -7.53 9.10 -6.33
C ASP A 11 -6.19 9.08 -7.06
N ASP A 12 -5.83 10.22 -7.67
CA ASP A 12 -4.58 10.32 -8.40
C ASP A 12 -3.40 10.15 -7.46
N GLU A 13 -3.44 10.87 -6.35
CA GLU A 13 -2.37 10.79 -5.37
C GLU A 13 -2.32 9.39 -4.77
N TRP A 14 -3.51 8.86 -4.53
CA TRP A 14 -3.64 7.54 -3.96
C TRP A 14 -2.98 6.51 -4.88
N ASN A 15 -3.28 6.62 -6.16
CA ASN A 15 -2.69 5.70 -7.13
C ASN A 15 -1.17 5.78 -7.07
N GLN A 16 -0.66 6.98 -6.88
CA GLN A 16 0.78 7.17 -6.80
C GLN A 16 1.32 6.43 -5.58
N LEU A 17 0.61 6.55 -4.47
CA LEU A 17 1.02 5.86 -3.25
C LEU A 17 1.02 4.36 -3.48
N LYS A 18 0.01 3.87 -4.21
CA LYS A 18 -0.09 2.43 -4.48
C LYS A 18 1.15 1.93 -5.18
N GLN A 19 1.61 2.68 -6.17
CA GLN A 19 2.79 2.28 -6.91
C GLN A 19 4.02 2.24 -6.00
N ASP A 20 4.15 3.22 -5.12
CA ASP A 20 5.28 3.24 -4.21
C ASP A 20 5.28 2.00 -3.30
N PHE A 21 4.11 1.64 -2.79
CA PHE A 21 4.01 0.46 -1.92
C PHE A 21 4.35 -0.76 -2.74
N ILE A 22 3.74 -0.85 -3.92
CA ILE A 22 3.98 -1.93 -4.84
C ILE A 22 5.45 -2.00 -5.21
N SER A 23 5.98 -0.85 -5.61
CA SER A 23 7.38 -0.76 -6.00
C SER A 23 8.27 -1.30 -4.90
N GLY A 24 7.96 -0.95 -3.66
CA GLY A 24 8.75 -1.42 -2.53
C GLY A 24 8.71 -2.94 -2.43
N ILE A 25 7.57 -3.53 -2.80
CA ILE A 25 7.43 -4.98 -2.74
C ILE A 25 8.18 -5.66 -3.87
N LEU A 26 8.18 -5.03 -5.04
CA LEU A 26 8.86 -5.59 -6.20
C LEU A 26 10.37 -5.35 -6.07
N GLU A 27 10.73 -4.30 -5.35
CA GLU A 27 12.13 -3.96 -5.15
C GLU A 27 12.79 -4.95 -4.17
N ASN A 28 12.04 -5.34 -3.15
CA ASN A 28 12.57 -6.27 -2.14
C ASN A 28 12.21 -7.71 -2.45
N GLU A 29 12.81 -8.61 -1.68
CA GLU A 29 12.55 -10.04 -1.83
C GLU A 29 11.12 -10.38 -1.47
N GLN A 30 10.50 -9.49 -0.68
CA GLN A 30 9.13 -9.68 -0.25
C GLN A 30 8.21 -9.95 -1.43
N LYS A 31 8.68 -9.64 -2.63
CA LYS A 31 7.88 -9.86 -3.82
C LYS A 31 7.32 -11.28 -3.81
N ASP A 32 7.99 -12.17 -3.08
CA ASP A 32 7.54 -13.55 -2.99
C ASP A 32 6.14 -13.61 -2.39
N LEU A 33 5.87 -12.69 -1.47
CA LEU A 33 4.57 -12.62 -0.80
C LEU A 33 3.43 -12.61 -1.83
N VAL A 34 3.50 -11.66 -2.77
CA VAL A 34 2.47 -11.57 -3.80
C VAL A 34 2.52 -12.82 -4.67
N ALA A 35 3.72 -13.32 -4.88
CA ALA A 35 3.93 -14.51 -5.69
C ALA A 35 3.13 -15.69 -5.12
N LYS A 36 3.39 -16.02 -3.85
CA LYS A 36 2.68 -17.12 -3.22
C LYS A 36 1.18 -16.85 -3.18
N LEU A 37 0.82 -15.59 -2.93
CA LEU A 37 -0.60 -15.21 -2.87
C LEU A 37 -1.25 -15.30 -4.24
N THR A 38 -0.61 -14.71 -5.24
CA THR A 38 -1.16 -14.71 -6.59
C THR A 38 -0.74 -15.98 -7.34
N ASN A 39 -1.59 -16.39 -8.28
CA ASN A 39 -1.33 -17.59 -9.06
C ASN A 39 -0.76 -17.25 -10.43
N SER A 40 -1.63 -16.79 -11.33
CA SER A 40 -1.22 -16.44 -12.69
C SER A 40 -0.73 -15.00 -12.74
N ASP A 41 -0.73 -14.34 -11.60
CA ASP A 41 -0.29 -12.95 -11.52
C ASP A 41 0.96 -12.83 -10.64
N PRO A 42 2.11 -12.68 -11.23
CA PRO A 42 3.39 -12.57 -10.48
C PRO A 42 3.66 -11.16 -9.95
N ILE A 43 4.09 -10.27 -10.83
CA ILE A 43 4.38 -8.89 -10.43
C ILE A 43 3.11 -8.10 -10.24
N MET A 44 1.97 -8.70 -10.57
CA MET A 44 0.70 -8.01 -10.41
C MET A 44 0.73 -7.17 -9.15
N ASN A 45 1.58 -7.57 -8.21
CA ASN A 45 1.74 -6.86 -6.95
C ASN A 45 0.43 -6.84 -6.17
N GLN A 46 -0.53 -7.65 -6.61
CA GLN A 46 -1.83 -7.70 -5.96
C GLN A 46 -2.55 -6.37 -6.10
N LEU A 47 -2.49 -5.76 -7.28
CA LEU A 47 -3.13 -4.47 -7.50
C LEU A 47 -4.58 -4.47 -7.05
N ASP A 48 -5.37 -5.39 -7.60
CA ASP A 48 -6.79 -5.46 -7.27
C ASP A 48 -6.98 -5.58 -5.76
N LEU A 49 -6.25 -6.49 -5.14
CA LEU A 49 -6.36 -6.65 -3.69
C LEU A 49 -5.78 -5.43 -2.99
N LEU A 50 -4.68 -4.89 -3.56
CA LEU A 50 -4.05 -3.71 -2.96
C LEU A 50 -5.04 -2.55 -2.91
N HIS A 51 -5.74 -2.30 -4.01
CA HIS A 51 -6.70 -1.20 -4.03
C HIS A 51 -7.73 -1.38 -2.92
N LYS A 52 -8.30 -2.58 -2.85
CA LYS A 52 -9.30 -2.87 -1.82
C LYS A 52 -8.69 -2.77 -0.43
N TRP A 53 -7.58 -3.50 -0.22
CA TRP A 53 -6.89 -3.51 1.06
C TRP A 53 -6.42 -2.10 1.44
N LEU A 54 -5.64 -1.50 0.55
CA LEU A 54 -5.12 -0.15 0.81
C LEU A 54 -6.24 0.84 1.08
N ASP A 55 -7.24 0.87 0.19
CA ASP A 55 -8.36 1.78 0.35
C ASP A 55 -9.07 1.57 1.68
N ARG A 56 -9.22 0.30 2.08
CA ARG A 56 -9.89 -0.04 3.34
C ARG A 56 -9.11 0.51 4.55
N HIS A 57 -7.78 0.57 4.43
CA HIS A 57 -6.95 1.07 5.51
C HIS A 57 -6.29 2.40 5.16
N ARG A 58 -6.85 3.09 4.19
CA ARG A 58 -6.30 4.37 3.73
C ARG A 58 -6.11 5.35 4.89
N ASP A 59 -7.02 5.31 5.87
CA ASP A 59 -6.93 6.21 7.01
C ASP A 59 -5.61 6.01 7.77
N MET A 60 -5.08 4.80 7.72
CA MET A 60 -3.85 4.50 8.42
C MET A 60 -2.75 5.47 7.99
N CYS A 61 -2.76 5.85 6.72
CA CYS A 61 -1.75 6.78 6.22
C CYS A 61 -1.83 8.11 6.94
N GLU A 62 -3.04 8.51 7.28
CA GLU A 62 -3.25 9.77 7.98
C GLU A 62 -2.85 9.65 9.44
N LYS A 63 -2.76 8.41 9.93
CA LYS A 63 -2.39 8.18 11.32
C LYS A 63 -0.90 8.36 11.56
N TRP A 64 -0.07 7.64 10.81
CA TRP A 64 1.38 7.79 10.99
C TRP A 64 1.88 8.98 10.19
N LYS A 65 1.39 9.13 8.97
CA LYS A 65 1.80 10.25 8.14
C LYS A 65 3.29 10.11 7.80
N SER A 66 3.71 8.88 7.49
CA SER A 66 5.10 8.60 7.14
C SER A 66 5.17 7.40 6.20
N LYS A 67 5.77 7.61 5.02
CA LYS A 67 5.86 6.55 4.01
C LYS A 67 6.58 5.27 4.48
N GLU A 68 7.85 5.40 4.87
CA GLU A 68 8.63 4.23 5.28
C GLU A 68 8.06 3.51 6.50
N ASP A 69 7.54 4.26 7.46
CA ASP A 69 6.98 3.63 8.66
C ASP A 69 5.78 2.78 8.28
N ILE A 70 4.94 3.33 7.41
CA ILE A 70 3.75 2.61 6.97
C ILE A 70 4.12 1.30 6.28
N LEU A 71 5.15 1.34 5.45
CA LEU A 71 5.58 0.14 4.76
C LEU A 71 5.93 -0.96 5.75
N HIS A 72 6.60 -0.57 6.84
CA HIS A 72 6.96 -1.55 7.86
C HIS A 72 5.72 -2.23 8.38
N LYS A 73 4.69 -1.44 8.64
CA LYS A 73 3.42 -1.96 9.13
C LYS A 73 2.83 -2.92 8.12
N LEU A 74 2.80 -2.50 6.85
CA LEU A 74 2.25 -3.34 5.80
C LEU A 74 3.00 -4.66 5.73
N ASN A 75 4.32 -4.62 5.87
CA ASN A 75 5.10 -5.85 5.81
C ASN A 75 4.61 -6.87 6.83
N GLU A 76 4.43 -6.43 8.07
CA GLU A 76 3.95 -7.31 9.12
C GLU A 76 2.51 -7.74 8.84
N GLN A 77 1.71 -6.79 8.37
CA GLN A 77 0.32 -7.09 8.06
C GLN A 77 0.23 -7.98 6.82
N TRP A 78 1.09 -7.72 5.84
CA TRP A 78 1.10 -8.53 4.62
C TRP A 78 1.30 -10.00 4.97
N ASN A 79 2.24 -10.27 5.88
CA ASN A 79 2.52 -11.64 6.30
C ASN A 79 1.32 -12.24 7.03
N LYS A 80 0.64 -11.43 7.82
CA LYS A 80 -0.52 -11.92 8.57
C LYS A 80 -1.83 -11.56 7.87
N ASP A 81 -1.72 -10.77 6.81
CA ASP A 81 -2.90 -10.37 6.06
C ASP A 81 -2.58 -10.29 4.57
N GLY A 1 -14.11 23.62 6.64
CA GLY A 1 -14.37 22.18 6.87
C GLY A 1 -13.73 21.37 5.75
N PRO A 2 -14.31 21.40 4.58
CA PRO A 2 -13.80 20.66 3.40
C PRO A 2 -12.48 21.24 2.88
N LEU A 3 -11.64 20.36 2.34
CA LEU A 3 -10.34 20.79 1.80
C LEU A 3 -9.47 21.40 2.92
N GLY A 4 -8.54 22.27 2.53
CA GLY A 4 -7.66 22.89 3.50
C GLY A 4 -6.67 21.87 4.05
N SER A 5 -6.27 20.93 3.19
CA SER A 5 -5.34 19.89 3.60
C SER A 5 -5.90 19.11 4.78
N MET A 6 -7.14 19.43 5.16
CA MET A 6 -7.77 18.73 6.28
C MET A 6 -8.50 17.48 5.77
N ASN A 7 -8.65 17.40 4.45
CA ASN A 7 -9.33 16.27 3.84
C ASN A 7 -8.37 15.11 3.65
N LYS A 8 -8.88 14.01 3.11
CA LYS A 8 -8.07 12.82 2.86
C LYS A 8 -7.28 12.98 1.57
N PHE A 9 -6.56 11.93 1.18
CA PHE A 9 -5.75 11.99 -0.03
C PHE A 9 -6.60 11.86 -1.30
N THR A 10 -6.13 12.48 -2.38
CA THR A 10 -6.85 12.43 -3.65
C THR A 10 -6.52 11.15 -4.41
N ASP A 11 -7.39 10.81 -5.37
CA ASP A 11 -7.18 9.59 -6.16
C ASP A 11 -5.82 9.60 -6.83
N ASP A 12 -5.44 10.74 -7.40
CA ASP A 12 -4.15 10.85 -8.06
C ASP A 12 -3.01 10.64 -7.07
N GLU A 13 -3.12 11.30 -5.93
CA GLU A 13 -2.12 11.19 -4.89
C GLU A 13 -2.10 9.77 -4.36
N TRP A 14 -3.28 9.20 -4.21
CA TRP A 14 -3.42 7.84 -3.74
C TRP A 14 -2.75 6.89 -4.72
N ASN A 15 -3.01 7.08 -6.02
CA ASN A 15 -2.41 6.23 -7.04
C ASN A 15 -0.89 6.21 -6.93
N GLN A 16 -0.31 7.36 -6.60
CA GLN A 16 1.14 7.42 -6.45
C GLN A 16 1.56 6.53 -5.27
N LEU A 17 0.77 6.61 -4.20
CA LEU A 17 1.05 5.80 -3.02
C LEU A 17 0.95 4.32 -3.35
N LYS A 18 -0.01 3.97 -4.21
CA LYS A 18 -0.18 2.58 -4.61
C LYS A 18 1.08 2.08 -5.31
N GLN A 19 1.57 2.87 -6.26
CA GLN A 19 2.76 2.49 -6.99
C GLN A 19 3.94 2.33 -6.03
N ASP A 20 4.06 3.28 -5.09
CA ASP A 20 5.14 3.23 -4.12
C ASP A 20 5.05 1.96 -3.28
N PHE A 21 3.83 1.62 -2.84
CA PHE A 21 3.64 0.43 -2.03
C PHE A 21 3.93 -0.81 -2.87
N ILE A 22 3.37 -0.83 -4.07
CA ILE A 22 3.61 -1.95 -4.98
C ILE A 22 5.10 -2.09 -5.20
N SER A 23 5.73 -0.97 -5.54
CA SER A 23 7.17 -0.96 -5.76
C SER A 23 7.88 -1.45 -4.51
N GLY A 24 7.45 -0.97 -3.35
CA GLY A 24 8.05 -1.38 -2.08
C GLY A 24 7.96 -2.89 -1.91
N ILE A 25 6.84 -3.46 -2.33
CA ILE A 25 6.63 -4.90 -2.22
C ILE A 25 7.52 -5.66 -3.18
N LEU A 26 7.71 -5.11 -4.37
CA LEU A 26 8.55 -5.76 -5.37
C LEU A 26 10.03 -5.53 -5.05
N GLU A 27 10.32 -4.45 -4.35
CA GLU A 27 11.69 -4.14 -3.96
C GLU A 27 12.11 -4.98 -2.76
N ASN A 28 11.21 -5.11 -1.79
CA ASN A 28 11.48 -5.89 -0.59
C ASN A 28 11.33 -7.39 -0.89
N GLU A 29 11.75 -8.22 0.06
CA GLU A 29 11.69 -9.66 -0.12
C GLU A 29 10.23 -10.15 -0.25
N GLN A 30 9.31 -9.42 0.38
CA GLN A 30 7.90 -9.81 0.34
C GLN A 30 7.43 -10.04 -1.09
N LYS A 31 8.20 -9.59 -2.07
CA LYS A 31 7.82 -9.76 -3.47
C LYS A 31 7.53 -11.22 -3.78
N ASP A 32 8.35 -12.12 -3.24
CA ASP A 32 8.14 -13.54 -3.50
C ASP A 32 6.84 -14.02 -2.86
N LEU A 33 6.49 -13.45 -1.71
CA LEU A 33 5.27 -13.82 -1.01
C LEU A 33 4.05 -13.50 -1.86
N VAL A 34 4.08 -12.32 -2.49
CA VAL A 34 2.96 -11.89 -3.34
C VAL A 34 2.98 -12.60 -4.68
N ALA A 35 4.14 -13.14 -5.03
CA ALA A 35 4.28 -13.84 -6.32
C ALA A 35 3.29 -15.00 -6.41
N LYS A 36 3.07 -15.68 -5.30
CA LYS A 36 2.15 -16.81 -5.27
C LYS A 36 0.72 -16.37 -5.55
N LEU A 37 0.29 -15.28 -4.94
CA LEU A 37 -1.07 -14.78 -5.11
C LEU A 37 -1.31 -14.29 -6.54
N THR A 38 -0.32 -13.63 -7.14
CA THR A 38 -0.48 -13.13 -8.50
C THR A 38 0.48 -13.81 -9.46
N ASN A 39 1.09 -14.91 -9.00
CA ASN A 39 2.04 -15.65 -9.84
C ASN A 39 3.19 -14.74 -10.24
N SER A 40 3.74 -14.96 -11.43
CA SER A 40 4.83 -14.14 -11.93
C SER A 40 4.32 -12.76 -12.32
N ASP A 41 5.22 -11.77 -12.32
CA ASP A 41 4.85 -10.41 -12.68
C ASP A 41 5.80 -9.41 -12.02
N PRO A 42 6.04 -8.31 -12.66
CA PRO A 42 6.94 -7.26 -12.12
C PRO A 42 6.31 -6.50 -10.95
N ILE A 43 5.65 -5.39 -11.27
CA ILE A 43 5.00 -4.59 -10.24
C ILE A 43 3.54 -4.98 -10.11
N MET A 44 3.05 -5.72 -11.10
CA MET A 44 1.67 -6.16 -11.08
C MET A 44 1.48 -7.20 -10.00
N ASN A 45 1.12 -6.73 -8.81
CA ASN A 45 0.92 -7.62 -7.69
C ASN A 45 -0.49 -7.49 -7.15
N GLN A 46 -1.43 -8.15 -7.82
CA GLN A 46 -2.83 -8.09 -7.42
C GLN A 46 -3.23 -6.64 -7.17
N LEU A 47 -3.08 -5.82 -8.19
CA LEU A 47 -3.40 -4.40 -8.10
C LEU A 47 -4.83 -4.20 -7.62
N ASP A 48 -5.77 -4.94 -8.21
CA ASP A 48 -7.18 -4.79 -7.85
C ASP A 48 -7.42 -5.07 -6.38
N LEU A 49 -6.93 -6.21 -5.90
CA LEU A 49 -7.11 -6.55 -4.50
C LEU A 49 -6.31 -5.61 -3.62
N LEU A 50 -5.09 -5.30 -4.07
CA LEU A 50 -4.22 -4.42 -3.31
C LEU A 50 -4.91 -3.08 -3.09
N HIS A 51 -5.52 -2.55 -4.14
CA HIS A 51 -6.23 -1.28 -4.05
C HIS A 51 -7.34 -1.34 -3.02
N LYS A 52 -8.17 -2.39 -3.08
CA LYS A 52 -9.26 -2.52 -2.12
C LYS A 52 -8.71 -2.61 -0.70
N TRP A 53 -7.71 -3.47 -0.51
CA TRP A 53 -7.09 -3.63 0.79
C TRP A 53 -6.56 -2.28 1.27
N LEU A 54 -5.77 -1.64 0.42
CA LEU A 54 -5.19 -0.34 0.73
C LEU A 54 -6.30 0.65 1.05
N ASP A 55 -7.27 0.75 0.13
CA ASP A 55 -8.38 1.68 0.32
C ASP A 55 -9.11 1.42 1.63
N ARG A 56 -9.30 0.14 1.96
CA ARG A 56 -9.99 -0.24 3.19
C ARG A 56 -9.26 0.29 4.41
N HIS A 57 -7.93 0.36 4.34
CA HIS A 57 -7.15 0.84 5.47
C HIS A 57 -6.44 2.15 5.14
N ARG A 58 -6.93 2.86 4.13
CA ARG A 58 -6.34 4.13 3.73
C ARG A 58 -6.22 5.07 4.93
N ASP A 59 -7.21 4.96 5.83
CA ASP A 59 -7.24 5.79 7.02
C ASP A 59 -5.97 5.59 7.84
N MET A 60 -5.40 4.41 7.73
CA MET A 60 -4.19 4.07 8.46
C MET A 60 -3.04 5.01 8.08
N CYS A 61 -3.08 5.54 6.87
CA CYS A 61 -2.03 6.42 6.37
C CYS A 61 -1.89 7.70 7.20
N GLU A 62 -2.98 8.15 7.80
CA GLU A 62 -2.95 9.37 8.59
C GLU A 62 -2.24 9.16 9.93
N LYS A 63 -1.98 7.91 10.27
CA LYS A 63 -1.32 7.60 11.54
C LYS A 63 0.20 7.65 11.41
N TRP A 64 0.70 8.32 10.36
CA TRP A 64 2.14 8.46 10.17
C TRP A 64 2.47 9.48 9.09
N LYS A 65 1.75 9.40 7.97
CA LYS A 65 1.99 10.31 6.86
C LYS A 65 3.32 10.00 6.18
N SER A 66 4.20 9.29 6.88
CA SER A 66 5.49 8.94 6.32
C SER A 66 5.43 7.61 5.57
N LYS A 67 6.10 7.58 4.42
CA LYS A 67 6.12 6.39 3.58
C LYS A 67 6.83 5.20 4.22
N GLU A 68 8.05 5.42 4.70
CA GLU A 68 8.82 4.33 5.28
C GLU A 68 8.12 3.70 6.48
N ASP A 69 7.46 4.52 7.29
CA ASP A 69 6.76 3.98 8.45
C ASP A 69 5.63 3.07 7.99
N ILE A 70 4.85 3.55 7.03
CA ILE A 70 3.73 2.77 6.52
C ILE A 70 4.22 1.46 5.94
N LEU A 71 5.30 1.50 5.16
CA LEU A 71 5.83 0.28 4.56
C LEU A 71 6.09 -0.77 5.62
N HIS A 72 6.62 -0.35 6.75
CA HIS A 72 6.91 -1.28 7.84
C HIS A 72 5.63 -1.97 8.30
N LYS A 73 4.56 -1.19 8.45
CA LYS A 73 3.29 -1.73 8.89
C LYS A 73 2.73 -2.71 7.86
N LEU A 74 2.67 -2.30 6.59
CA LEU A 74 2.14 -3.18 5.55
C LEU A 74 2.93 -4.48 5.50
N ASN A 75 4.24 -4.39 5.66
CA ASN A 75 5.06 -5.59 5.64
C ASN A 75 4.59 -6.56 6.72
N GLU A 76 4.38 -6.02 7.92
CA GLU A 76 3.92 -6.82 9.05
C GLU A 76 2.53 -7.39 8.80
N GLN A 77 1.65 -6.57 8.23
CA GLN A 77 0.29 -6.99 7.96
C GLN A 77 0.27 -8.03 6.84
N TRP A 78 1.05 -7.79 5.80
CA TRP A 78 1.12 -8.73 4.69
C TRP A 78 1.48 -10.12 5.20
N ASN A 79 2.47 -10.18 6.07
CA ASN A 79 2.92 -11.45 6.63
C ASN A 79 1.84 -12.07 7.50
N LYS A 80 1.20 -11.25 8.33
CA LYS A 80 0.16 -11.73 9.22
C LYS A 80 -1.22 -11.70 8.56
N ASP A 81 -1.28 -11.17 7.35
CA ASP A 81 -2.54 -11.09 6.63
C ASP A 81 -3.36 -12.36 6.83
N GLY A 1 -7.46 21.97 16.59
CA GLY A 1 -8.81 22.42 17.06
C GLY A 1 -9.89 21.72 16.24
N PRO A 2 -11.14 21.93 16.57
CA PRO A 2 -12.28 21.32 15.86
C PRO A 2 -12.22 21.67 14.38
N LEU A 3 -11.72 22.86 14.08
CA LEU A 3 -11.59 23.31 12.70
C LEU A 3 -10.17 23.08 12.23
N GLY A 4 -10.03 22.45 11.07
CA GLY A 4 -8.71 22.19 10.51
C GLY A 4 -8.84 21.57 9.13
N SER A 5 -7.70 21.29 8.51
CA SER A 5 -7.69 20.71 7.18
C SER A 5 -8.00 19.21 7.24
N MET A 6 -6.96 18.42 7.47
CA MET A 6 -7.11 16.97 7.53
C MET A 6 -7.63 16.46 6.20
N ASN A 7 -7.33 17.19 5.14
CA ASN A 7 -7.79 16.83 3.80
C ASN A 7 -7.30 15.42 3.45
N LYS A 8 -8.19 14.62 2.89
CA LYS A 8 -7.84 13.27 2.51
C LYS A 8 -7.10 13.28 1.17
N PHE A 9 -6.44 12.19 0.84
CA PHE A 9 -5.68 12.11 -0.40
C PHE A 9 -6.61 11.94 -1.61
N THR A 10 -6.15 12.42 -2.76
CA THR A 10 -6.93 12.31 -3.99
C THR A 10 -6.64 10.99 -4.68
N ASP A 11 -7.53 10.55 -5.56
CA ASP A 11 -7.31 9.31 -6.29
C ASP A 11 -5.96 9.35 -7.00
N ASP A 12 -5.64 10.48 -7.61
CA ASP A 12 -4.37 10.61 -8.32
C ASP A 12 -3.21 10.50 -7.37
N GLU A 13 -3.30 11.21 -6.25
CA GLU A 13 -2.25 11.16 -5.24
C GLU A 13 -2.19 9.76 -4.64
N TRP A 14 -3.37 9.19 -4.44
CA TRP A 14 -3.48 7.86 -3.88
C TRP A 14 -2.82 6.85 -4.81
N ASN A 15 -3.08 7.00 -6.11
CA ASN A 15 -2.50 6.12 -7.10
C ASN A 15 -0.97 6.12 -6.97
N GLN A 16 -0.42 7.32 -6.79
CA GLN A 16 1.03 7.46 -6.65
C GLN A 16 1.47 6.66 -5.43
N LEU A 17 0.65 6.73 -4.38
CA LEU A 17 0.94 6.00 -3.17
C LEU A 17 0.87 4.49 -3.42
N LYS A 18 -0.11 4.10 -4.23
CA LYS A 18 -0.25 2.68 -4.57
C LYS A 18 1.01 2.17 -5.21
N GLN A 19 1.59 2.98 -6.10
CA GLN A 19 2.81 2.61 -6.78
C GLN A 19 3.93 2.40 -5.78
N ASP A 20 3.98 3.26 -4.75
CA ASP A 20 5.01 3.14 -3.73
C ASP A 20 4.93 1.81 -3.00
N PHE A 21 3.72 1.42 -2.61
CA PHE A 21 3.53 0.16 -1.91
C PHE A 21 3.89 -0.99 -2.82
N ILE A 22 3.39 -0.94 -4.06
CA ILE A 22 3.70 -1.97 -5.03
C ILE A 22 5.21 -2.05 -5.21
N SER A 23 5.82 -0.90 -5.44
CA SER A 23 7.26 -0.84 -5.63
C SER A 23 7.97 -1.41 -4.43
N GLY A 24 7.44 -1.14 -3.24
CA GLY A 24 8.04 -1.67 -2.02
C GLY A 24 8.12 -3.19 -2.11
N ILE A 25 7.12 -3.79 -2.73
CA ILE A 25 7.06 -5.24 -2.90
C ILE A 25 8.10 -5.73 -3.90
N LEU A 26 8.27 -5.00 -5.00
CA LEU A 26 9.24 -5.39 -6.01
C LEU A 26 10.66 -5.04 -5.55
N GLU A 27 10.76 -4.00 -4.72
CA GLU A 27 12.04 -3.58 -4.18
C GLU A 27 12.46 -4.49 -3.02
N ASN A 28 11.46 -4.96 -2.27
CA ASN A 28 11.72 -5.82 -1.12
C ASN A 28 11.48 -7.29 -1.45
N GLU A 29 12.13 -8.16 -0.68
CA GLU A 29 12.00 -9.60 -0.87
C GLU A 29 10.53 -10.02 -0.82
N GLN A 30 9.71 -9.17 -0.21
CA GLN A 30 8.28 -9.47 -0.08
C GLN A 30 7.68 -9.90 -1.40
N LYS A 31 8.43 -9.74 -2.48
CA LYS A 31 7.96 -10.14 -3.80
C LYS A 31 7.58 -11.61 -3.80
N ASP A 32 8.31 -12.40 -3.03
CA ASP A 32 8.05 -13.83 -2.96
C ASP A 32 6.65 -14.12 -2.40
N LEU A 33 6.26 -13.40 -1.36
CA LEU A 33 4.95 -13.60 -0.77
C LEU A 33 3.83 -13.18 -1.73
N VAL A 34 4.06 -12.11 -2.48
CA VAL A 34 3.05 -11.64 -3.42
C VAL A 34 2.82 -12.69 -4.51
N ALA A 35 3.90 -13.33 -4.94
CA ALA A 35 3.80 -14.34 -5.98
C ALA A 35 2.96 -15.51 -5.49
N LYS A 36 3.15 -15.87 -4.22
CA LYS A 36 2.39 -16.97 -3.64
C LYS A 36 0.90 -16.67 -3.76
N LEU A 37 0.52 -15.43 -3.47
CA LEU A 37 -0.89 -15.05 -3.56
C LEU A 37 -1.32 -14.97 -5.03
N THR A 38 -0.50 -14.29 -5.84
CA THR A 38 -0.81 -14.15 -7.26
C THR A 38 0.29 -14.83 -8.10
N ASN A 39 -0.13 -15.74 -8.98
CA ASN A 39 0.82 -16.45 -9.84
C ASN A 39 0.95 -15.80 -11.21
N SER A 40 2.01 -16.17 -11.93
CA SER A 40 2.25 -15.66 -13.27
C SER A 40 2.28 -14.12 -13.27
N ASP A 41 2.55 -13.53 -12.12
CA ASP A 41 2.60 -12.07 -12.02
C ASP A 41 3.80 -11.62 -11.18
N PRO A 42 4.98 -11.72 -11.70
CA PRO A 42 6.22 -11.30 -10.98
C PRO A 42 6.16 -9.84 -10.56
N ILE A 43 5.54 -9.01 -11.41
CA ILE A 43 5.43 -7.59 -11.13
C ILE A 43 4.05 -7.26 -10.56
N MET A 44 3.03 -7.29 -11.42
CA MET A 44 1.68 -6.99 -10.98
C MET A 44 1.43 -7.63 -9.61
N ASN A 45 1.42 -6.79 -8.58
CA ASN A 45 1.24 -7.29 -7.22
C ASN A 45 -0.23 -7.27 -6.81
N GLN A 46 -1.08 -7.99 -7.54
CA GLN A 46 -2.50 -8.04 -7.24
C GLN A 46 -3.04 -6.64 -7.00
N LEU A 47 -3.01 -5.84 -8.06
CA LEU A 47 -3.47 -4.47 -7.99
C LEU A 47 -4.89 -4.37 -7.43
N ASP A 48 -5.80 -5.20 -7.94
CA ASP A 48 -7.18 -5.17 -7.49
C ASP A 48 -7.30 -5.42 -5.99
N LEU A 49 -6.62 -6.46 -5.50
CA LEU A 49 -6.66 -6.78 -4.08
C LEU A 49 -5.93 -5.73 -3.26
N LEU A 50 -4.77 -5.30 -3.76
CA LEU A 50 -3.98 -4.30 -3.06
C LEU A 50 -4.78 -3.01 -2.90
N HIS A 51 -5.47 -2.60 -3.96
CA HIS A 51 -6.27 -1.39 -3.90
C HIS A 51 -7.34 -1.49 -2.84
N LYS A 52 -8.07 -2.61 -2.84
CA LYS A 52 -9.13 -2.80 -1.85
C LYS A 52 -8.53 -2.76 -0.46
N TRP A 53 -7.42 -3.48 -0.28
CA TRP A 53 -6.73 -3.51 1.00
C TRP A 53 -6.34 -2.10 1.45
N LEU A 54 -5.58 -1.43 0.60
CA LEU A 54 -5.11 -0.09 0.91
C LEU A 54 -6.27 0.85 1.20
N ASP A 55 -7.25 0.88 0.30
CA ASP A 55 -8.40 1.74 0.46
C ASP A 55 -9.10 1.49 1.79
N ARG A 56 -9.22 0.21 2.15
CA ARG A 56 -9.86 -0.16 3.40
C ARG A 56 -9.10 0.39 4.61
N HIS A 57 -7.79 0.52 4.46
CA HIS A 57 -6.96 1.04 5.56
C HIS A 57 -6.29 2.36 5.19
N ARG A 58 -6.81 3.03 4.17
CA ARG A 58 -6.25 4.31 3.74
C ARG A 58 -6.17 5.32 4.90
N ASP A 59 -7.14 5.26 5.79
CA ASP A 59 -7.18 6.18 6.94
C ASP A 59 -5.88 6.11 7.74
N MET A 60 -5.21 4.96 7.68
CA MET A 60 -3.97 4.76 8.40
C MET A 60 -2.90 5.76 7.96
N CYS A 61 -2.93 6.15 6.69
CA CYS A 61 -1.94 7.10 6.18
C CYS A 61 -2.02 8.40 6.95
N GLU A 62 -3.22 8.71 7.42
CA GLU A 62 -3.45 9.92 8.18
C GLU A 62 -2.89 9.77 9.59
N LYS A 63 -2.56 8.54 9.98
CA LYS A 63 -2.01 8.28 11.29
C LYS A 63 -0.50 8.46 11.33
N TRP A 64 0.22 7.67 10.53
CA TRP A 64 1.68 7.75 10.49
C TRP A 64 2.16 8.87 9.57
N LYS A 65 1.58 8.94 8.37
CA LYS A 65 1.97 9.95 7.38
C LYS A 65 3.39 9.72 6.87
N SER A 66 4.17 8.89 7.57
CA SER A 66 5.54 8.61 7.15
C SER A 66 5.59 7.37 6.25
N LYS A 67 6.36 7.46 5.17
CA LYS A 67 6.46 6.37 4.21
C LYS A 67 7.12 5.11 4.78
N GLU A 68 8.33 5.25 5.29
CA GLU A 68 9.06 4.11 5.82
C GLU A 68 8.31 3.43 6.97
N ASP A 69 7.63 4.24 7.78
CA ASP A 69 6.88 3.68 8.90
C ASP A 69 5.74 2.81 8.41
N ILE A 70 4.95 3.35 7.50
CA ILE A 70 3.82 2.60 6.96
C ILE A 70 4.29 1.32 6.30
N LEU A 71 5.37 1.41 5.54
CA LEU A 71 5.90 0.23 4.86
C LEU A 71 6.21 -0.87 5.87
N HIS A 72 6.76 -0.48 7.01
CA HIS A 72 7.11 -1.45 8.04
C HIS A 72 5.86 -2.16 8.54
N LYS A 73 4.81 -1.40 8.80
CA LYS A 73 3.56 -1.97 9.30
C LYS A 73 2.97 -2.95 8.29
N LEU A 74 2.85 -2.51 7.04
CA LEU A 74 2.30 -3.38 5.99
C LEU A 74 3.13 -4.64 5.86
N ASN A 75 4.45 -4.50 5.97
CA ASN A 75 5.32 -5.67 5.87
C ASN A 75 4.87 -6.70 6.88
N GLU A 76 4.65 -6.25 8.11
CA GLU A 76 4.22 -7.13 9.19
C GLU A 76 2.79 -7.60 8.96
N GLN A 77 1.94 -6.69 8.49
CA GLN A 77 0.54 -7.03 8.25
C GLN A 77 0.41 -7.98 7.07
N TRP A 78 1.15 -7.70 6.01
CA TRP A 78 1.13 -8.54 4.82
C TRP A 78 1.52 -9.97 5.19
N ASN A 79 2.56 -10.11 6.03
CA ASN A 79 3.02 -11.42 6.44
C ASN A 79 1.97 -12.08 7.33
N LYS A 80 1.23 -11.26 8.06
CA LYS A 80 0.19 -11.75 8.94
C LYS A 80 -1.15 -11.79 8.21
N ASP A 81 -1.16 -11.26 6.99
CA ASP A 81 -2.37 -11.21 6.17
C ASP A 81 -3.42 -10.30 6.81
N GLY A 1 -13.48 20.18 -2.47
CA GLY A 1 -12.45 19.51 -1.63
C GLY A 1 -11.48 20.55 -1.07
N PRO A 2 -11.83 21.19 0.00
CA PRO A 2 -10.97 22.21 0.65
C PRO A 2 -9.55 21.71 0.84
N LEU A 3 -8.58 22.61 0.66
CA LEU A 3 -7.17 22.24 0.80
C LEU A 3 -6.74 22.31 2.26
N GLY A 4 -5.93 21.33 2.67
CA GLY A 4 -5.44 21.28 4.05
C GLY A 4 -4.93 19.88 4.36
N SER A 5 -4.01 19.77 5.31
CA SER A 5 -3.46 18.48 5.67
C SER A 5 -4.53 17.66 6.40
N MET A 6 -5.69 18.28 6.58
CA MET A 6 -6.80 17.62 7.27
C MET A 6 -7.68 16.88 6.26
N ASN A 7 -7.34 16.98 4.99
CA ASN A 7 -8.13 16.33 3.94
C ASN A 7 -7.51 15.00 3.53
N LYS A 8 -8.33 14.15 2.91
CA LYS A 8 -7.86 12.85 2.46
C LYS A 8 -7.10 13.01 1.15
N PHE A 9 -6.35 11.97 0.77
CA PHE A 9 -5.57 12.02 -0.45
C PHE A 9 -6.47 11.84 -1.67
N THR A 10 -6.09 12.46 -2.79
CA THR A 10 -6.89 12.38 -4.01
C THR A 10 -6.66 11.07 -4.74
N ASP A 11 -7.63 10.67 -5.57
CA ASP A 11 -7.53 9.43 -6.32
C ASP A 11 -6.23 9.37 -7.11
N ASP A 12 -5.88 10.48 -7.75
CA ASP A 12 -4.64 10.52 -8.53
C ASP A 12 -3.44 10.31 -7.62
N GLU A 13 -3.44 11.02 -6.50
CA GLU A 13 -2.36 10.91 -5.55
C GLU A 13 -2.35 9.52 -4.92
N TRP A 14 -3.54 9.00 -4.68
CA TRP A 14 -3.66 7.68 -4.11
C TRP A 14 -3.04 6.65 -5.05
N ASN A 15 -3.36 6.76 -6.33
CA ASN A 15 -2.81 5.84 -7.31
C ASN A 15 -1.29 5.87 -7.28
N GLN A 16 -0.74 7.06 -7.11
CA GLN A 16 0.69 7.23 -7.03
C GLN A 16 1.21 6.50 -5.80
N LEU A 17 0.48 6.66 -4.70
CA LEU A 17 0.83 6.01 -3.45
C LEU A 17 0.82 4.49 -3.60
N LYS A 18 -0.17 3.98 -4.33
CA LYS A 18 -0.27 2.55 -4.55
C LYS A 18 0.99 2.02 -5.22
N GLN A 19 1.45 2.74 -6.22
CA GLN A 19 2.65 2.34 -6.95
C GLN A 19 3.85 2.31 -6.02
N ASP A 20 3.96 3.31 -5.15
CA ASP A 20 5.08 3.36 -4.22
C ASP A 20 5.09 2.11 -3.36
N PHE A 21 3.92 1.71 -2.89
CA PHE A 21 3.80 0.52 -2.06
C PHE A 21 4.18 -0.71 -2.88
N ILE A 22 3.64 -0.79 -4.09
CA ILE A 22 3.96 -1.90 -4.97
C ILE A 22 5.47 -1.97 -5.19
N SER A 23 6.04 -0.83 -5.53
CA SER A 23 7.48 -0.75 -5.75
C SER A 23 8.21 -1.22 -4.50
N GLY A 24 7.73 -0.79 -3.34
CA GLY A 24 8.32 -1.17 -2.07
C GLY A 24 8.26 -2.69 -1.89
N ILE A 25 7.16 -3.29 -2.34
CA ILE A 25 6.99 -4.73 -2.25
C ILE A 25 7.93 -5.44 -3.21
N LEU A 26 7.99 -4.94 -4.44
CA LEU A 26 8.87 -5.52 -5.44
C LEU A 26 10.33 -5.21 -5.07
N GLU A 27 10.51 -4.07 -4.42
CA GLU A 27 11.83 -3.65 -3.98
C GLU A 27 12.25 -4.44 -2.74
N ASN A 28 11.26 -4.93 -2.01
CA ASN A 28 11.52 -5.69 -0.78
C ASN A 28 11.32 -7.19 -0.99
N GLU A 29 11.79 -7.97 -0.03
CA GLU A 29 11.66 -9.42 -0.09
C GLU A 29 10.18 -9.80 -0.16
N GLN A 30 9.32 -8.94 0.37
CA GLN A 30 7.88 -9.18 0.36
C GLN A 30 7.41 -9.47 -1.06
N LYS A 31 8.25 -9.16 -2.03
CA LYS A 31 7.90 -9.39 -3.42
C LYS A 31 7.56 -10.86 -3.65
N ASP A 32 8.24 -11.74 -2.92
CA ASP A 32 7.98 -13.18 -3.05
C ASP A 32 6.58 -13.53 -2.55
N LEU A 33 6.19 -12.94 -1.43
CA LEU A 33 4.87 -13.21 -0.87
C LEU A 33 3.78 -12.79 -1.84
N VAL A 34 4.03 -11.69 -2.55
CA VAL A 34 3.06 -11.22 -3.52
C VAL A 34 2.89 -12.27 -4.62
N ALA A 35 4.01 -12.80 -5.10
CA ALA A 35 3.97 -13.82 -6.12
C ALA A 35 3.28 -15.07 -5.60
N LYS A 36 3.63 -15.46 -4.38
CA LYS A 36 3.03 -16.63 -3.77
C LYS A 36 1.52 -16.41 -3.60
N LEU A 37 1.14 -15.19 -3.20
CA LEU A 37 -0.27 -14.86 -3.02
C LEU A 37 -1.05 -15.22 -4.27
N THR A 38 -0.51 -14.86 -5.42
CA THR A 38 -1.18 -15.15 -6.69
C THR A 38 -0.48 -16.28 -7.44
N ASN A 39 0.60 -16.80 -6.85
CA ASN A 39 1.35 -17.88 -7.48
C ASN A 39 1.71 -17.51 -8.92
N SER A 40 1.92 -16.22 -9.18
CA SER A 40 2.26 -15.77 -10.53
C SER A 40 2.48 -14.26 -10.57
N ASP A 41 1.62 -13.56 -11.33
CA ASP A 41 1.73 -12.11 -11.45
C ASP A 41 2.36 -11.50 -10.21
N PRO A 42 3.64 -11.24 -10.23
CA PRO A 42 4.36 -10.65 -9.08
C PRO A 42 4.27 -9.13 -9.07
N ILE A 43 4.81 -8.52 -10.12
CA ILE A 43 4.78 -7.06 -10.22
C ILE A 43 3.37 -6.54 -10.04
N MET A 44 2.38 -7.29 -10.51
CA MET A 44 1.00 -6.85 -10.37
C MET A 44 0.69 -6.58 -8.91
N ASN A 45 1.34 -7.32 -8.02
CA ASN A 45 1.13 -7.14 -6.59
C ASN A 45 -0.35 -7.17 -6.28
N GLN A 46 -1.10 -7.97 -7.02
CA GLN A 46 -2.54 -8.05 -6.82
C GLN A 46 -3.11 -6.64 -6.70
N LEU A 47 -2.88 -5.87 -7.76
CA LEU A 47 -3.33 -4.48 -7.84
C LEU A 47 -4.75 -4.28 -7.31
N ASP A 48 -5.70 -5.04 -7.86
CA ASP A 48 -7.09 -4.88 -7.46
C ASP A 48 -7.30 -5.15 -5.97
N LEU A 49 -6.81 -6.30 -5.49
CA LEU A 49 -6.98 -6.63 -4.08
C LEU A 49 -6.19 -5.65 -3.22
N LEU A 50 -4.98 -5.32 -3.68
CA LEU A 50 -4.11 -4.40 -2.95
C LEU A 50 -4.83 -3.06 -2.77
N HIS A 51 -5.45 -2.58 -3.84
CA HIS A 51 -6.16 -1.32 -3.81
C HIS A 51 -7.25 -1.32 -2.74
N LYS A 52 -8.06 -2.38 -2.72
CA LYS A 52 -9.13 -2.47 -1.74
C LYS A 52 -8.56 -2.45 -0.33
N TRP A 53 -7.54 -3.27 -0.11
CA TRP A 53 -6.87 -3.35 1.18
C TRP A 53 -6.30 -1.98 1.56
N LEU A 54 -5.52 -1.41 0.65
CA LEU A 54 -4.90 -0.12 0.90
C LEU A 54 -5.96 0.93 1.22
N ASP A 55 -6.97 1.03 0.36
CA ASP A 55 -8.04 2.00 0.57
C ASP A 55 -8.67 1.86 1.94
N ARG A 56 -8.93 0.63 2.36
CA ARG A 56 -9.56 0.37 3.65
C ARG A 56 -8.69 0.90 4.81
N HIS A 57 -7.37 0.93 4.60
CA HIS A 57 -6.46 1.39 5.64
C HIS A 57 -5.94 2.81 5.35
N ARG A 58 -6.59 3.52 4.43
CA ARG A 58 -6.16 4.86 4.09
C ARG A 58 -6.18 5.80 5.31
N ASP A 59 -7.16 5.64 6.19
CA ASP A 59 -7.24 6.51 7.36
C ASP A 59 -5.94 6.47 8.16
N MET A 60 -5.48 5.27 8.48
CA MET A 60 -4.25 5.14 9.26
C MET A 60 -3.06 5.70 8.49
N CYS A 61 -3.08 5.62 7.17
CA CYS A 61 -1.95 6.14 6.39
C CYS A 61 -1.83 7.65 6.55
N GLU A 62 -2.97 8.29 6.82
CA GLU A 62 -3.00 9.75 6.96
C GLU A 62 -2.25 10.26 8.20
N LYS A 63 -2.04 9.41 9.22
CA LYS A 63 -1.35 9.89 10.41
C LYS A 63 0.18 9.92 10.22
N TRP A 64 0.80 8.75 10.07
CA TRP A 64 2.26 8.72 9.90
C TRP A 64 2.68 9.30 8.56
N LYS A 65 1.84 9.13 7.54
CA LYS A 65 2.14 9.66 6.21
C LYS A 65 3.56 9.33 5.78
N SER A 66 4.33 8.67 6.65
CA SER A 66 5.69 8.31 6.29
C SER A 66 5.71 6.99 5.55
N LYS A 67 6.42 6.95 4.42
CA LYS A 67 6.48 5.76 3.60
C LYS A 67 7.14 4.58 4.31
N GLU A 68 8.28 4.79 4.95
CA GLU A 68 8.96 3.67 5.60
C GLU A 68 8.13 3.09 6.74
N ASP A 69 7.49 3.94 7.52
CA ASP A 69 6.68 3.48 8.65
C ASP A 69 5.52 2.63 8.16
N ILE A 70 4.76 3.16 7.23
CA ILE A 70 3.60 2.45 6.69
C ILE A 70 4.02 1.15 6.01
N LEU A 71 5.07 1.21 5.19
CA LEU A 71 5.54 0.03 4.48
C LEU A 71 5.88 -1.08 5.48
N HIS A 72 6.50 -0.70 6.59
CA HIS A 72 6.86 -1.67 7.61
C HIS A 72 5.62 -2.36 8.18
N LYS A 73 4.59 -1.56 8.47
CA LYS A 73 3.35 -2.12 9.00
C LYS A 73 2.75 -3.07 7.98
N LEU A 74 2.67 -2.64 6.73
CA LEU A 74 2.11 -3.47 5.67
C LEU A 74 2.85 -4.79 5.57
N ASN A 75 4.17 -4.75 5.58
CA ASN A 75 4.96 -5.98 5.46
C ASN A 75 4.55 -7.01 6.51
N GLU A 76 4.43 -6.58 7.77
CA GLU A 76 4.05 -7.51 8.82
C GLU A 76 2.59 -7.93 8.68
N GLN A 77 1.73 -6.99 8.29
CA GLN A 77 0.32 -7.31 8.12
C GLN A 77 0.15 -8.21 6.90
N TRP A 78 0.88 -7.88 5.84
CA TRP A 78 0.85 -8.67 4.61
C TRP A 78 1.18 -10.12 4.93
N ASN A 79 2.15 -10.31 5.82
CA ASN A 79 2.56 -11.65 6.23
C ASN A 79 1.46 -12.33 7.03
N LYS A 80 0.87 -11.58 7.96
CA LYS A 80 -0.20 -12.11 8.80
C LYS A 80 -1.39 -12.53 7.94
N ASP A 81 -1.58 -11.85 6.80
CA ASP A 81 -2.67 -12.18 5.91
C ASP A 81 -2.73 -13.68 5.67
N GLY A 1 -9.43 25.12 7.09
CA GLY A 1 -10.39 24.74 8.18
C GLY A 1 -9.82 23.56 8.95
N PRO A 2 -10.66 22.75 9.54
CA PRO A 2 -10.19 21.56 10.31
C PRO A 2 -9.67 20.45 9.40
N LEU A 3 -9.86 20.64 8.10
CA LEU A 3 -9.38 19.67 7.13
C LEU A 3 -7.97 20.00 6.66
N GLY A 4 -7.47 21.14 7.12
CA GLY A 4 -6.12 21.60 6.76
C GLY A 4 -5.21 20.43 6.41
N SER A 5 -4.26 20.15 7.29
CA SER A 5 -3.32 19.06 7.07
C SER A 5 -3.97 17.72 7.37
N MET A 6 -5.28 17.76 7.64
CA MET A 6 -6.03 16.55 7.92
C MET A 6 -6.79 16.09 6.68
N ASN A 7 -6.67 16.84 5.59
CA ASN A 7 -7.35 16.47 4.35
C ASN A 7 -6.83 15.13 3.85
N LYS A 8 -7.74 14.34 3.30
CA LYS A 8 -7.40 13.00 2.79
C LYS A 8 -6.63 13.07 1.49
N PHE A 9 -6.05 11.93 1.08
CA PHE A 9 -5.29 11.87 -0.15
C PHE A 9 -6.24 11.78 -1.35
N THR A 10 -5.85 12.44 -2.44
CA THR A 10 -6.68 12.45 -3.64
C THR A 10 -6.42 11.21 -4.48
N ASP A 11 -7.36 10.90 -5.38
CA ASP A 11 -7.22 9.71 -6.23
C ASP A 11 -5.86 9.71 -6.93
N ASP A 12 -5.45 10.86 -7.45
CA ASP A 12 -4.16 10.94 -8.13
C ASP A 12 -3.02 10.75 -7.15
N GLU A 13 -3.11 11.42 -6.01
CA GLU A 13 -2.09 11.30 -4.98
C GLU A 13 -2.11 9.88 -4.42
N TRP A 14 -3.31 9.33 -4.30
CA TRP A 14 -3.48 8.00 -3.79
C TRP A 14 -2.83 7.01 -4.74
N ASN A 15 -3.12 7.16 -6.03
CA ASN A 15 -2.55 6.28 -7.03
C ASN A 15 -1.02 6.29 -6.95
N GLN A 16 -0.44 7.48 -6.76
CA GLN A 16 1.01 7.58 -6.66
C GLN A 16 1.47 6.77 -5.46
N LEU A 17 0.72 6.88 -4.37
CA LEU A 17 1.04 6.16 -3.15
C LEU A 17 1.06 4.66 -3.42
N LYS A 18 0.10 4.19 -4.22
CA LYS A 18 0.00 2.78 -4.56
C LYS A 18 1.26 2.31 -5.27
N GLN A 19 1.72 3.11 -6.22
CA GLN A 19 2.92 2.75 -6.99
C GLN A 19 4.11 2.56 -6.08
N ASP A 20 4.29 3.47 -5.12
CA ASP A 20 5.41 3.37 -4.19
C ASP A 20 5.30 2.10 -3.36
N PHE A 21 4.09 1.81 -2.89
CA PHE A 21 3.87 0.62 -2.09
C PHE A 21 4.20 -0.62 -2.92
N ILE A 22 3.62 -0.66 -4.11
CA ILE A 22 3.84 -1.76 -5.02
C ILE A 22 5.34 -1.87 -5.32
N SER A 23 5.96 -0.74 -5.63
CA SER A 23 7.39 -0.73 -5.95
C SER A 23 8.20 -1.32 -4.80
N GLY A 24 7.89 -0.94 -3.57
CA GLY A 24 8.62 -1.43 -2.41
C GLY A 24 8.39 -2.93 -2.19
N ILE A 25 7.21 -3.41 -2.54
CA ILE A 25 6.93 -4.83 -2.38
C ILE A 25 7.66 -5.62 -3.44
N LEU A 26 7.92 -4.96 -4.56
CA LEU A 26 8.65 -5.59 -5.65
C LEU A 26 10.14 -5.34 -5.46
N GLU A 27 10.46 -4.24 -4.79
CA GLU A 27 11.85 -3.87 -4.57
C GLU A 27 12.50 -4.73 -3.48
N ASN A 28 11.80 -4.93 -2.36
CA ASN A 28 12.33 -5.73 -1.26
C ASN A 28 12.10 -7.22 -1.51
N GLU A 29 12.84 -8.07 -0.77
CA GLU A 29 12.72 -9.52 -0.90
C GLU A 29 11.27 -9.95 -0.60
N GLN A 30 10.55 -9.06 0.06
CA GLN A 30 9.17 -9.32 0.44
C GLN A 30 8.29 -9.67 -0.76
N LYS A 31 8.75 -9.31 -1.95
CA LYS A 31 7.98 -9.56 -3.16
C LYS A 31 7.55 -11.03 -3.27
N ASP A 32 8.34 -11.93 -2.69
CA ASP A 32 8.01 -13.36 -2.75
C ASP A 32 6.59 -13.62 -2.25
N LEU A 33 6.14 -12.84 -1.28
CA LEU A 33 4.80 -13.03 -0.73
C LEU A 33 3.74 -12.99 -1.84
N VAL A 34 3.93 -12.10 -2.80
CA VAL A 34 2.97 -11.96 -3.91
C VAL A 34 2.81 -13.28 -4.64
N ALA A 35 3.93 -13.99 -4.84
CA ALA A 35 3.90 -15.26 -5.53
C ALA A 35 3.11 -16.28 -4.73
N LYS A 36 3.27 -16.24 -3.42
CA LYS A 36 2.56 -17.17 -2.56
C LYS A 36 1.05 -16.96 -2.65
N LEU A 37 0.64 -15.69 -2.70
CA LEU A 37 -0.80 -15.39 -2.75
C LEU A 37 -1.38 -15.59 -4.15
N THR A 38 -0.78 -14.97 -5.17
CA THR A 38 -1.31 -15.08 -6.54
C THR A 38 -0.39 -15.91 -7.44
N ASN A 39 -0.93 -17.01 -7.96
CA ASN A 39 -0.18 -17.90 -8.85
C ASN A 39 1.31 -17.60 -8.80
N SER A 40 1.90 -17.28 -9.94
CA SER A 40 3.32 -16.97 -9.99
C SER A 40 3.56 -15.61 -10.64
N ASP A 41 2.79 -14.61 -10.22
CA ASP A 41 2.93 -13.27 -10.80
C ASP A 41 4.10 -12.51 -10.13
N PRO A 42 4.80 -11.69 -10.88
CA PRO A 42 5.96 -10.91 -10.36
C PRO A 42 5.58 -9.63 -9.62
N ILE A 43 5.32 -8.58 -10.38
CA ILE A 43 4.99 -7.28 -9.79
C ILE A 43 3.49 -7.10 -9.56
N MET A 44 2.70 -8.11 -9.88
CA MET A 44 1.26 -7.99 -9.69
C MET A 44 0.93 -7.34 -8.33
N ASN A 45 1.70 -7.69 -7.30
CA ASN A 45 1.45 -7.14 -5.97
C ASN A 45 -0.04 -7.19 -5.65
N GLN A 46 -0.78 -7.97 -6.42
CA GLN A 46 -2.22 -8.09 -6.20
C GLN A 46 -2.90 -6.74 -6.33
N LEU A 47 -2.63 -6.04 -7.43
CA LEU A 47 -3.22 -4.73 -7.65
C LEU A 47 -4.68 -4.66 -7.17
N ASP A 48 -5.53 -5.55 -7.68
CA ASP A 48 -6.96 -5.52 -7.33
C ASP A 48 -7.19 -5.66 -5.83
N LEU A 49 -6.61 -6.68 -5.21
CA LEU A 49 -6.80 -6.87 -3.78
C LEU A 49 -6.08 -5.75 -3.02
N LEU A 50 -4.92 -5.34 -3.53
CA LEU A 50 -4.17 -4.29 -2.87
C LEU A 50 -5.01 -3.02 -2.82
N HIS A 51 -5.64 -2.66 -3.94
CA HIS A 51 -6.46 -1.47 -3.99
C HIS A 51 -7.59 -1.54 -2.96
N LYS A 52 -8.29 -2.68 -2.93
CA LYS A 52 -9.38 -2.85 -1.97
C LYS A 52 -8.82 -2.79 -0.55
N TRP A 53 -7.77 -3.56 -0.32
CA TRP A 53 -7.12 -3.61 0.99
C TRP A 53 -6.64 -2.21 1.39
N LEU A 54 -5.87 -1.59 0.50
CA LEU A 54 -5.34 -0.25 0.77
C LEU A 54 -6.47 0.72 1.06
N ASP A 55 -7.45 0.77 0.18
CA ASP A 55 -8.59 1.66 0.34
C ASP A 55 -9.29 1.46 1.68
N ARG A 56 -9.43 0.21 2.11
CA ARG A 56 -10.09 -0.10 3.37
C ARG A 56 -9.28 0.42 4.56
N HIS A 57 -7.96 0.43 4.42
CA HIS A 57 -7.10 0.90 5.51
C HIS A 57 -6.44 2.21 5.15
N ARG A 58 -6.97 2.92 4.16
CA ARG A 58 -6.39 4.20 3.79
C ARG A 58 -6.30 5.12 4.99
N ASP A 59 -7.28 5.01 5.89
CA ASP A 59 -7.31 5.83 7.10
C ASP A 59 -6.02 5.65 7.90
N MET A 60 -5.52 4.41 7.89
CA MET A 60 -4.30 4.09 8.62
C MET A 60 -3.17 5.00 8.19
N CYS A 61 -3.24 5.46 6.95
CA CYS A 61 -2.20 6.34 6.40
C CYS A 61 -2.12 7.63 7.21
N GLU A 62 -3.23 8.01 7.81
CA GLU A 62 -3.29 9.22 8.62
C GLU A 62 -2.50 9.04 9.91
N LYS A 63 -2.15 7.80 10.23
CA LYS A 63 -1.42 7.50 11.45
C LYS A 63 0.10 7.64 11.26
N TRP A 64 0.52 8.32 10.20
CA TRP A 64 1.95 8.51 9.95
C TRP A 64 2.18 9.44 8.76
N LYS A 65 1.32 9.33 7.77
CA LYS A 65 1.45 10.13 6.56
C LYS A 65 2.87 9.99 6.01
N SER A 66 3.58 8.98 6.52
CA SER A 66 4.94 8.72 6.10
C SER A 66 4.94 7.75 4.92
N LYS A 67 6.10 7.14 4.68
CA LYS A 67 6.21 6.19 3.57
C LYS A 67 6.90 4.90 4.01
N GLU A 68 8.17 5.01 4.39
CA GLU A 68 8.94 3.84 4.79
C GLU A 68 8.31 3.17 6.02
N ASP A 69 7.82 3.96 6.96
CA ASP A 69 7.21 3.39 8.16
C ASP A 69 5.98 2.58 7.78
N ILE A 70 5.16 3.15 6.90
CA ILE A 70 3.96 2.46 6.47
C ILE A 70 4.33 1.13 5.84
N LEU A 71 5.41 1.12 5.06
CA LEU A 71 5.87 -0.10 4.41
C LEU A 71 6.14 -1.19 5.44
N HIS A 72 6.76 -0.81 6.55
CA HIS A 72 7.05 -1.77 7.60
C HIS A 72 5.76 -2.38 8.14
N LYS A 73 4.75 -1.52 8.33
CA LYS A 73 3.47 -1.99 8.84
C LYS A 73 2.82 -2.96 7.88
N LEU A 74 2.67 -2.55 6.62
CA LEU A 74 2.05 -3.42 5.63
C LEU A 74 2.79 -4.74 5.52
N ASN A 75 4.11 -4.69 5.61
CA ASN A 75 4.90 -5.92 5.55
C ASN A 75 4.46 -6.87 6.66
N GLU A 76 4.32 -6.34 7.86
CA GLU A 76 3.89 -7.13 9.01
C GLU A 76 2.48 -7.65 8.79
N GLN A 77 1.63 -6.79 8.24
CA GLN A 77 0.24 -7.15 7.97
C GLN A 77 0.16 -8.12 6.78
N TRP A 78 0.99 -7.87 5.77
CA TRP A 78 1.00 -8.72 4.59
C TRP A 78 1.18 -10.17 4.99
N ASN A 79 2.15 -10.41 5.86
CA ASN A 79 2.42 -11.76 6.34
C ASN A 79 1.28 -12.23 7.22
N LYS A 80 0.71 -11.30 7.97
CA LYS A 80 -0.39 -11.63 8.87
C LYS A 80 -1.71 -11.59 8.10
N ASP A 81 -1.65 -11.14 6.86
CA ASP A 81 -2.85 -11.06 6.02
C ASP A 81 -2.93 -12.26 5.09
N GLY A 1 -10.48 24.42 0.54
CA GLY A 1 -9.51 25.14 1.41
C GLY A 1 -8.51 24.17 1.99
N PRO A 2 -8.97 23.18 2.70
CA PRO A 2 -8.09 22.15 3.33
C PRO A 2 -7.21 21.42 2.33
N LEU A 3 -7.07 22.00 1.14
CA LEU A 3 -6.22 21.38 0.12
C LEU A 3 -4.77 21.37 0.58
N GLY A 4 -4.48 22.15 1.62
CA GLY A 4 -3.13 22.21 2.15
C GLY A 4 -2.56 20.79 2.24
N SER A 5 -3.48 19.82 2.25
CA SER A 5 -3.14 18.40 2.33
C SER A 5 -3.57 17.80 3.67
N MET A 6 -4.18 18.64 4.51
CA MET A 6 -4.64 18.19 5.82
C MET A 6 -5.71 17.10 5.67
N ASN A 7 -6.55 17.24 4.66
CA ASN A 7 -7.63 16.28 4.45
C ASN A 7 -7.11 14.95 3.93
N LYS A 8 -8.01 14.17 3.32
CA LYS A 8 -7.64 12.86 2.80
C LYS A 8 -6.85 12.95 1.50
N PHE A 9 -6.35 11.80 1.06
CA PHE A 9 -5.56 11.72 -0.16
C PHE A 9 -6.45 11.69 -1.39
N THR A 10 -5.99 12.34 -2.47
CA THR A 10 -6.74 12.38 -3.71
C THR A 10 -6.49 11.13 -4.54
N ASP A 11 -7.41 10.82 -5.46
CA ASP A 11 -7.26 9.63 -6.29
C ASP A 11 -5.93 9.63 -7.00
N ASP A 12 -5.51 10.78 -7.53
CA ASP A 12 -4.23 10.85 -8.23
C ASP A 12 -3.09 10.59 -7.24
N GLU A 13 -3.19 11.19 -6.06
CA GLU A 13 -2.17 11.00 -5.03
C GLU A 13 -2.20 9.56 -4.57
N TRP A 14 -3.41 9.02 -4.47
CA TRP A 14 -3.59 7.66 -4.02
C TRP A 14 -2.93 6.70 -4.99
N ASN A 15 -3.19 6.89 -6.28
CA ASN A 15 -2.59 6.03 -7.29
C ASN A 15 -1.07 6.08 -7.19
N GLN A 16 -0.56 7.28 -6.92
CA GLN A 16 0.88 7.45 -6.79
C GLN A 16 1.36 6.63 -5.59
N LEU A 17 0.59 6.71 -4.51
CA LEU A 17 0.89 5.96 -3.30
C LEU A 17 0.84 4.45 -3.57
N LYS A 18 -0.10 4.03 -4.42
CA LYS A 18 -0.24 2.61 -4.76
C LYS A 18 1.06 2.08 -5.37
N GLN A 19 1.62 2.87 -6.28
CA GLN A 19 2.86 2.46 -6.95
C GLN A 19 3.99 2.34 -5.95
N ASP A 20 4.09 3.28 -5.02
CA ASP A 20 5.15 3.26 -4.04
C ASP A 20 5.10 1.95 -3.24
N PHE A 21 3.90 1.52 -2.89
CA PHE A 21 3.74 0.28 -2.15
C PHE A 21 4.19 -0.90 -3.02
N ILE A 22 3.72 -0.91 -4.27
CA ILE A 22 4.09 -1.97 -5.20
C ILE A 22 5.61 -1.99 -5.35
N SER A 23 6.19 -0.80 -5.39
CA SER A 23 7.65 -0.66 -5.51
C SER A 23 8.34 -1.37 -4.36
N GLY A 24 7.86 -1.12 -3.13
CA GLY A 24 8.45 -1.75 -1.95
C GLY A 24 8.23 -3.25 -1.96
N ILE A 25 7.18 -3.68 -2.65
CA ILE A 25 6.85 -5.10 -2.75
C ILE A 25 7.84 -5.82 -3.66
N LEU A 26 8.23 -5.17 -4.74
CA LEU A 26 9.16 -5.75 -5.68
C LEU A 26 10.60 -5.45 -5.28
N GLU A 27 10.78 -4.37 -4.54
CA GLU A 27 12.10 -3.95 -4.08
C GLU A 27 12.65 -4.88 -3.00
N ASN A 28 11.76 -5.35 -2.13
CA ASN A 28 12.16 -6.23 -1.04
C ASN A 28 11.76 -7.68 -1.27
N GLU A 29 12.19 -8.53 -0.34
CA GLU A 29 11.88 -9.96 -0.38
C GLU A 29 10.38 -10.20 -0.35
N GLN A 30 9.66 -9.26 0.23
CA GLN A 30 8.20 -9.35 0.34
C GLN A 30 7.56 -9.69 -1.01
N LYS A 31 8.34 -9.52 -2.08
CA LYS A 31 7.84 -9.79 -3.42
C LYS A 31 7.34 -11.23 -3.53
N ASP A 32 7.98 -12.13 -2.81
CA ASP A 32 7.57 -13.54 -2.85
C ASP A 32 6.21 -13.73 -2.20
N LEU A 33 5.94 -12.96 -1.15
CA LEU A 33 4.66 -13.07 -0.45
C LEU A 33 3.51 -12.69 -1.37
N VAL A 34 3.71 -11.62 -2.15
CA VAL A 34 2.67 -11.20 -3.08
C VAL A 34 2.55 -12.21 -4.22
N ALA A 35 3.69 -12.75 -4.64
CA ALA A 35 3.72 -13.72 -5.72
C ALA A 35 2.89 -14.93 -5.33
N LYS A 36 3.03 -15.38 -4.09
CA LYS A 36 2.29 -16.53 -3.61
C LYS A 36 0.78 -16.25 -3.60
N LEU A 37 0.39 -15.08 -3.15
CA LEU A 37 -1.03 -14.73 -3.12
C LEU A 37 -1.59 -14.68 -4.54
N THR A 38 -0.78 -14.18 -5.47
CA THR A 38 -1.20 -14.11 -6.86
C THR A 38 -0.60 -15.27 -7.65
N ASN A 39 -0.45 -16.41 -6.97
CA ASN A 39 0.12 -17.60 -7.58
C ASN A 39 1.47 -17.29 -8.21
N SER A 40 1.45 -16.69 -9.40
CA SER A 40 2.69 -16.37 -10.10
C SER A 40 2.46 -15.29 -11.16
N ASP A 41 1.62 -14.32 -10.85
CA ASP A 41 1.33 -13.25 -11.79
C ASP A 41 2.50 -12.27 -11.86
N PRO A 42 2.75 -11.69 -13.01
CA PRO A 42 3.85 -10.71 -13.21
C PRO A 42 3.91 -9.66 -12.10
N ILE A 43 3.92 -8.39 -12.49
CA ILE A 43 3.98 -7.30 -11.52
C ILE A 43 2.57 -6.90 -11.11
N MET A 44 1.59 -7.78 -11.38
CA MET A 44 0.22 -7.51 -11.01
C MET A 44 0.17 -7.01 -9.58
N ASN A 45 1.08 -7.53 -8.77
CA ASN A 45 1.16 -7.11 -7.37
C ASN A 45 -0.22 -7.04 -6.73
N GLN A 46 -1.18 -7.74 -7.31
CA GLN A 46 -2.55 -7.76 -6.79
C GLN A 46 -3.19 -6.39 -6.84
N LEU A 47 -3.00 -5.66 -7.93
CA LEU A 47 -3.59 -4.32 -8.04
C LEU A 47 -5.04 -4.30 -7.56
N ASP A 48 -5.86 -5.21 -8.08
CA ASP A 48 -7.28 -5.25 -7.69
C ASP A 48 -7.45 -5.51 -6.19
N LEU A 49 -6.90 -6.62 -5.69
CA LEU A 49 -7.02 -6.95 -4.27
C LEU A 49 -6.23 -5.95 -3.43
N LEU A 50 -5.03 -5.60 -3.90
CA LEU A 50 -4.20 -4.65 -3.16
C LEU A 50 -4.95 -3.33 -3.01
N HIS A 51 -5.59 -2.89 -4.09
CA HIS A 51 -6.33 -1.64 -4.05
C HIS A 51 -7.41 -1.68 -2.97
N LYS A 52 -8.23 -2.73 -2.96
CA LYS A 52 -9.28 -2.82 -1.94
C LYS A 52 -8.65 -2.83 -0.55
N TRP A 53 -7.63 -3.67 -0.40
CA TRP A 53 -6.92 -3.78 0.86
C TRP A 53 -6.42 -2.40 1.28
N LEU A 54 -5.70 -1.75 0.37
CA LEU A 54 -5.16 -0.42 0.64
C LEU A 54 -6.30 0.54 0.99
N ASP A 55 -7.32 0.58 0.13
CA ASP A 55 -8.46 1.46 0.32
C ASP A 55 -9.15 1.21 1.66
N ARG A 56 -9.30 -0.06 2.02
CA ARG A 56 -9.94 -0.42 3.27
C ARG A 56 -9.14 0.10 4.46
N HIS A 57 -7.83 0.16 4.29
CA HIS A 57 -6.94 0.61 5.35
C HIS A 57 -6.32 1.96 5.02
N ARG A 58 -6.86 2.67 4.04
CA ARG A 58 -6.32 3.98 3.68
C ARG A 58 -6.24 4.89 4.90
N ASP A 59 -7.21 4.75 5.79
CA ASP A 59 -7.24 5.56 7.01
C ASP A 59 -5.96 5.35 7.82
N MET A 60 -5.38 4.16 7.71
CA MET A 60 -4.16 3.84 8.45
C MET A 60 -3.03 4.82 8.14
N CYS A 61 -3.05 5.38 6.94
CA CYS A 61 -2.02 6.33 6.54
C CYS A 61 -2.06 7.57 7.42
N GLU A 62 -3.24 7.87 7.94
CA GLU A 62 -3.41 9.03 8.80
C GLU A 62 -2.74 8.80 10.14
N LYS A 63 -2.38 7.55 10.42
CA LYS A 63 -1.74 7.21 11.69
C LYS A 63 -0.22 7.39 11.61
N TRP A 64 0.24 8.15 10.62
CA TRP A 64 1.68 8.39 10.50
C TRP A 64 2.02 9.37 9.38
N LYS A 65 1.35 9.21 8.23
CA LYS A 65 1.59 10.06 7.08
C LYS A 65 3.05 9.94 6.61
N SER A 66 3.76 9.01 7.23
CA SER A 66 5.16 8.77 6.87
C SER A 66 5.27 7.78 5.71
N LYS A 67 6.43 7.76 5.05
CA LYS A 67 6.63 6.86 3.92
C LYS A 67 7.28 5.54 4.32
N GLU A 68 8.53 5.61 4.77
CA GLU A 68 9.27 4.40 5.15
C GLU A 68 8.60 3.64 6.29
N ASP A 69 8.17 4.36 7.31
CA ASP A 69 7.55 3.72 8.47
C ASP A 69 6.30 2.95 8.07
N ILE A 70 5.46 3.57 7.25
CA ILE A 70 4.24 2.91 6.81
C ILE A 70 4.57 1.61 6.08
N LEU A 71 5.61 1.65 5.25
CA LEU A 71 6.02 0.47 4.51
C LEU A 71 6.31 -0.68 5.46
N HIS A 72 6.96 -0.36 6.58
CA HIS A 72 7.30 -1.37 7.57
C HIS A 72 6.04 -2.02 8.16
N LYS A 73 5.06 -1.18 8.51
CA LYS A 73 3.82 -1.67 9.09
C LYS A 73 3.06 -2.57 8.11
N LEU A 74 2.82 -2.05 6.91
CA LEU A 74 2.09 -2.83 5.92
C LEU A 74 2.79 -4.16 5.66
N ASN A 75 4.11 -4.12 5.58
CA ASN A 75 4.88 -5.33 5.34
C ASN A 75 4.55 -6.39 6.38
N GLU A 76 4.50 -5.97 7.64
CA GLU A 76 4.20 -6.89 8.73
C GLU A 76 2.75 -7.36 8.66
N GLN A 77 1.84 -6.45 8.31
CA GLN A 77 0.43 -6.82 8.20
C GLN A 77 0.25 -7.72 6.99
N TRP A 78 1.00 -7.40 5.93
CA TRP A 78 0.95 -8.16 4.71
C TRP A 78 1.32 -9.62 4.99
N ASN A 79 2.37 -9.81 5.79
CA ASN A 79 2.82 -11.16 6.15
C ASN A 79 1.78 -11.90 6.96
N LYS A 80 1.07 -11.18 7.84
CA LYS A 80 0.03 -11.80 8.64
C LYS A 80 -1.23 -11.98 7.80
N ASP A 81 -1.92 -10.87 7.55
CA ASP A 81 -3.13 -10.91 6.73
C ASP A 81 -3.94 -12.18 7.01
N GLY A 1 -9.60 29.32 9.53
CA GLY A 1 -10.29 28.07 9.96
C GLY A 1 -9.26 26.96 10.09
N PRO A 2 -9.71 25.75 10.26
CA PRO A 2 -8.81 24.57 10.40
C PRO A 2 -8.19 24.14 9.07
N LEU A 3 -8.93 23.37 8.29
CA LEU A 3 -8.44 22.89 6.99
C LEU A 3 -6.98 22.47 7.12
N GLY A 4 -6.68 21.66 8.14
CA GLY A 4 -5.33 21.18 8.39
C GLY A 4 -4.98 19.96 7.54
N SER A 5 -3.90 19.27 7.91
CA SER A 5 -3.46 18.09 7.17
C SER A 5 -4.51 16.99 7.27
N MET A 6 -5.58 17.26 8.00
CA MET A 6 -6.66 16.28 8.15
C MET A 6 -7.18 15.88 6.78
N ASN A 7 -7.17 16.85 5.88
CA ASN A 7 -7.66 16.62 4.53
C ASN A 7 -7.20 15.25 4.02
N LYS A 8 -8.12 14.55 3.35
CA LYS A 8 -7.83 13.22 2.83
C LYS A 8 -7.07 13.29 1.50
N PHE A 9 -6.38 12.21 1.17
CA PHE A 9 -5.59 12.16 -0.07
C PHE A 9 -6.49 12.02 -1.30
N THR A 10 -6.04 12.61 -2.39
CA THR A 10 -6.79 12.55 -3.64
C THR A 10 -6.52 11.25 -4.38
N ASP A 11 -7.41 10.91 -5.30
CA ASP A 11 -7.25 9.69 -6.08
C ASP A 11 -5.89 9.68 -6.75
N ASP A 12 -5.47 10.85 -7.21
CA ASP A 12 -4.18 10.97 -7.88
C ASP A 12 -3.04 10.71 -6.92
N GLU A 13 -3.09 11.37 -5.78
CA GLU A 13 -2.06 11.18 -4.77
C GLU A 13 -2.06 9.73 -4.30
N TRP A 14 -3.26 9.21 -4.15
CA TRP A 14 -3.43 7.83 -3.73
C TRP A 14 -2.83 6.89 -4.75
N ASN A 15 -3.18 7.07 -6.02
CA ASN A 15 -2.63 6.21 -7.06
C ASN A 15 -1.12 6.24 -6.99
N GLN A 16 -0.57 7.42 -6.72
CA GLN A 16 0.88 7.57 -6.61
C GLN A 16 1.39 6.76 -5.42
N LEU A 17 0.66 6.85 -4.32
CA LEU A 17 1.01 6.11 -3.11
C LEU A 17 1.02 4.60 -3.38
N LYS A 18 0.05 4.16 -4.19
CA LYS A 18 -0.08 2.75 -4.53
C LYS A 18 1.15 2.22 -5.25
N GLN A 19 1.60 2.96 -6.24
CA GLN A 19 2.76 2.54 -7.02
C GLN A 19 3.97 2.42 -6.12
N ASP A 20 4.12 3.36 -5.19
CA ASP A 20 5.25 3.32 -4.29
C ASP A 20 5.21 2.04 -3.46
N PHE A 21 4.03 1.71 -2.94
CA PHE A 21 3.90 0.50 -2.14
C PHE A 21 4.22 -0.71 -3.00
N ILE A 22 3.67 -0.71 -4.20
CA ILE A 22 3.93 -1.82 -5.11
C ILE A 22 5.42 -1.96 -5.38
N SER A 23 6.07 -0.86 -5.73
CA SER A 23 7.50 -0.90 -6.00
C SER A 23 8.23 -1.45 -4.78
N GLY A 24 7.78 -1.06 -3.60
CA GLY A 24 8.39 -1.53 -2.37
C GLY A 24 8.20 -3.03 -2.22
N ILE A 25 7.06 -3.53 -2.72
CA ILE A 25 6.75 -4.95 -2.63
C ILE A 25 7.71 -5.75 -3.50
N LEU A 26 8.12 -5.18 -4.63
CA LEU A 26 9.05 -5.88 -5.53
C LEU A 26 10.49 -5.60 -5.12
N GLU A 27 10.69 -4.50 -4.39
CA GLU A 27 12.03 -4.15 -3.92
C GLU A 27 12.48 -5.09 -2.81
N ASN A 28 11.55 -5.55 -1.98
CA ASN A 28 11.89 -6.45 -0.88
C ASN A 28 11.67 -7.91 -1.27
N GLU A 29 12.51 -8.79 -0.72
CA GLU A 29 12.43 -10.22 -1.01
C GLU A 29 11.06 -10.76 -0.59
N GLN A 30 10.45 -10.09 0.39
CA GLN A 30 9.13 -10.51 0.87
C GLN A 30 8.18 -10.63 -0.32
N LYS A 31 8.55 -10.02 -1.44
CA LYS A 31 7.73 -10.04 -2.65
C LYS A 31 7.33 -11.48 -2.96
N ASP A 32 8.10 -12.40 -2.44
CA ASP A 32 7.84 -13.81 -2.68
C ASP A 32 6.41 -14.16 -2.27
N LEU A 33 5.97 -13.64 -1.14
CA LEU A 33 4.62 -13.93 -0.66
C LEU A 33 3.57 -13.44 -1.66
N VAL A 34 3.65 -12.16 -2.03
CA VAL A 34 2.69 -11.60 -2.97
C VAL A 34 2.74 -12.34 -4.30
N ALA A 35 3.91 -12.87 -4.60
CA ALA A 35 4.10 -13.62 -5.84
C ALA A 35 3.24 -14.88 -5.82
N LYS A 36 3.27 -15.62 -4.72
CA LYS A 36 2.48 -16.83 -4.61
C LYS A 36 0.99 -16.51 -4.56
N LEU A 37 0.62 -15.43 -3.89
CA LEU A 37 -0.78 -15.02 -3.78
C LEU A 37 -1.39 -14.76 -5.15
N THR A 38 -0.62 -14.20 -6.08
CA THR A 38 -1.13 -13.91 -7.42
C THR A 38 -0.58 -14.86 -8.49
N ASN A 39 -0.06 -16.02 -8.08
CA ASN A 39 0.47 -16.97 -9.06
C ASN A 39 1.62 -16.35 -9.85
N SER A 40 2.63 -15.88 -9.13
CA SER A 40 3.78 -15.26 -9.76
C SER A 40 3.37 -14.01 -10.53
N ASP A 41 3.33 -12.88 -9.83
CA ASP A 41 2.95 -11.62 -10.45
C ASP A 41 4.19 -10.75 -10.65
N PRO A 42 4.21 -9.98 -11.69
CA PRO A 42 5.36 -9.09 -12.00
C PRO A 42 5.39 -7.86 -11.10
N ILE A 43 4.89 -6.75 -11.63
CA ILE A 43 4.85 -5.49 -10.91
C ILE A 43 3.44 -5.22 -10.46
N MET A 44 2.51 -6.04 -10.94
CA MET A 44 1.13 -5.88 -10.58
C MET A 44 0.95 -6.04 -9.07
N ASN A 45 1.54 -7.10 -8.55
CA ASN A 45 1.43 -7.36 -7.12
C ASN A 45 -0.04 -7.31 -6.70
N GLN A 46 -0.88 -8.03 -7.44
CA GLN A 46 -2.32 -8.07 -7.16
C GLN A 46 -2.88 -6.66 -7.00
N LEU A 47 -2.83 -5.88 -8.09
CA LEU A 47 -3.33 -4.50 -8.06
C LEU A 47 -4.76 -4.42 -7.53
N ASP A 48 -5.61 -5.30 -8.04
CA ASP A 48 -7.03 -5.28 -7.65
C ASP A 48 -7.22 -5.48 -6.15
N LEU A 49 -6.62 -6.52 -5.59
CA LEU A 49 -6.75 -6.78 -4.17
C LEU A 49 -6.04 -5.69 -3.37
N LEU A 50 -4.89 -5.24 -3.88
CA LEU A 50 -4.11 -4.21 -3.20
C LEU A 50 -4.95 -2.95 -3.03
N HIS A 51 -5.61 -2.54 -4.11
CA HIS A 51 -6.44 -1.35 -4.08
C HIS A 51 -7.54 -1.48 -3.04
N LYS A 52 -8.28 -2.59 -3.09
CA LYS A 52 -9.34 -2.78 -2.12
C LYS A 52 -8.74 -2.78 -0.73
N TRP A 53 -7.68 -3.57 -0.54
CA TRP A 53 -7.00 -3.65 0.76
C TRP A 53 -6.53 -2.25 1.20
N LEU A 54 -5.76 -1.60 0.34
CA LEU A 54 -5.23 -0.28 0.66
C LEU A 54 -6.36 0.69 0.98
N ASP A 55 -7.36 0.74 0.10
CA ASP A 55 -8.50 1.63 0.28
C ASP A 55 -9.18 1.40 1.63
N ARG A 56 -9.40 0.14 1.98
CA ARG A 56 -10.04 -0.19 3.25
C ARG A 56 -9.20 0.29 4.43
N HIS A 57 -7.89 0.31 4.24
CA HIS A 57 -6.99 0.72 5.32
C HIS A 57 -6.31 2.08 5.02
N ARG A 58 -6.83 2.81 4.03
CA ARG A 58 -6.26 4.11 3.68
C ARG A 58 -6.18 5.03 4.90
N ASP A 59 -7.16 4.91 5.80
CA ASP A 59 -7.18 5.72 7.01
C ASP A 59 -5.93 5.47 7.85
N MET A 60 -5.36 4.28 7.72
CA MET A 60 -4.16 3.92 8.48
C MET A 60 -3.02 4.90 8.16
N CYS A 61 -3.03 5.43 6.94
CA CYS A 61 -2.01 6.37 6.49
C CYS A 61 -1.97 7.62 7.37
N GLU A 62 -3.11 7.96 7.97
CA GLU A 62 -3.19 9.14 8.82
C GLU A 62 -2.53 8.89 10.17
N LYS A 63 -2.24 7.63 10.47
CA LYS A 63 -1.62 7.29 11.75
C LYS A 63 -0.09 7.40 11.66
N TRP A 64 0.39 8.14 10.67
CA TRP A 64 1.83 8.36 10.50
C TRP A 64 2.10 9.46 9.49
N LYS A 65 1.42 9.39 8.35
CA LYS A 65 1.60 10.39 7.30
C LYS A 65 3.03 10.35 6.79
N SER A 66 3.52 9.15 6.47
CA SER A 66 4.88 8.99 6.00
C SER A 66 4.96 7.84 5.01
N LYS A 67 6.12 7.67 4.39
CA LYS A 67 6.28 6.62 3.39
C LYS A 67 6.98 5.39 3.96
N GLU A 68 8.21 5.57 4.41
CA GLU A 68 9.00 4.46 4.94
C GLU A 68 8.32 3.80 6.14
N ASP A 69 7.75 4.60 7.03
CA ASP A 69 7.10 4.03 8.21
C ASP A 69 5.92 3.16 7.83
N ILE A 70 5.06 3.68 6.96
CA ILE A 70 3.88 2.94 6.54
C ILE A 70 4.28 1.63 5.87
N LEU A 71 5.31 1.67 5.03
CA LEU A 71 5.73 0.45 4.33
C LEU A 71 6.09 -0.65 5.32
N HIS A 72 6.80 -0.29 6.38
CA HIS A 72 7.20 -1.28 7.38
C HIS A 72 5.97 -1.94 8.01
N LYS A 73 4.97 -1.12 8.35
CA LYS A 73 3.74 -1.65 8.94
C LYS A 73 3.05 -2.62 7.97
N LEU A 74 2.88 -2.19 6.72
CA LEU A 74 2.24 -3.03 5.71
C LEU A 74 2.92 -4.37 5.59
N ASN A 75 4.24 -4.36 5.57
CA ASN A 75 5.00 -5.59 5.45
C ASN A 75 4.65 -6.56 6.58
N GLU A 76 4.62 -6.08 7.82
CA GLU A 76 4.31 -6.95 8.96
C GLU A 76 2.86 -7.44 8.87
N GLN A 77 1.95 -6.56 8.46
CA GLN A 77 0.55 -6.92 8.33
C GLN A 77 0.34 -7.84 7.13
N TRP A 78 1.02 -7.55 6.02
CA TRP A 78 0.90 -8.34 4.81
C TRP A 78 1.18 -9.82 5.10
N ASN A 79 2.21 -10.08 5.90
CA ASN A 79 2.57 -11.44 6.26
C ASN A 79 1.52 -12.01 7.21
N LYS A 80 1.13 -11.19 8.17
CA LYS A 80 0.15 -11.56 9.18
C LYS A 80 -1.20 -11.86 8.55
N ASP A 81 -1.51 -11.14 7.48
CA ASP A 81 -2.79 -11.32 6.81
C ASP A 81 -2.84 -12.67 6.11
N GLY A 1 -18.97 19.16 10.82
CA GLY A 1 -17.89 19.52 9.87
C GLY A 1 -16.57 18.91 10.34
N PRO A 2 -15.56 18.97 9.52
CA PRO A 2 -14.21 18.41 9.85
C PRO A 2 -13.70 18.90 11.20
N LEU A 3 -12.83 18.10 11.82
CA LEU A 3 -12.27 18.47 13.11
C LEU A 3 -11.11 19.43 12.92
N GLY A 4 -9.98 18.91 12.47
CA GLY A 4 -8.80 19.74 12.24
C GLY A 4 -8.37 19.71 10.79
N SER A 5 -9.10 20.43 9.94
CA SER A 5 -8.78 20.48 8.52
C SER A 5 -8.15 19.17 8.06
N MET A 6 -8.81 18.06 8.37
CA MET A 6 -8.30 16.74 8.00
C MET A 6 -8.83 16.31 6.63
N ASN A 7 -7.93 16.15 5.67
CA ASN A 7 -8.34 15.74 4.33
C ASN A 7 -7.66 14.42 3.96
N LYS A 8 -8.37 13.60 3.19
CA LYS A 8 -7.83 12.31 2.76
C LYS A 8 -7.07 12.46 1.46
N PHE A 9 -6.38 11.41 1.04
CA PHE A 9 -5.64 11.46 -0.20
C PHE A 9 -6.58 11.29 -1.38
N THR A 10 -6.29 11.97 -2.47
CA THR A 10 -7.14 11.89 -3.65
C THR A 10 -6.79 10.64 -4.44
N ASP A 11 -7.73 10.21 -5.28
CA ASP A 11 -7.48 9.02 -6.08
C ASP A 11 -6.19 9.16 -6.86
N ASP A 12 -5.92 10.35 -7.40
CA ASP A 12 -4.69 10.57 -8.14
C ASP A 12 -3.50 10.45 -7.22
N GLU A 13 -3.57 11.12 -6.07
CA GLU A 13 -2.49 11.07 -5.10
C GLU A 13 -2.36 9.65 -4.57
N TRP A 14 -3.50 9.02 -4.37
CA TRP A 14 -3.54 7.67 -3.86
C TRP A 14 -2.87 6.73 -4.86
N ASN A 15 -3.21 6.88 -6.14
CA ASN A 15 -2.62 6.05 -7.18
C ASN A 15 -1.11 6.11 -7.12
N GLN A 16 -0.59 7.31 -6.87
CA GLN A 16 0.85 7.50 -6.77
C GLN A 16 1.36 6.71 -5.58
N LEU A 17 0.63 6.79 -4.48
CA LEU A 17 0.99 6.07 -3.26
C LEU A 17 0.95 4.57 -3.52
N LYS A 18 -0.02 4.14 -4.33
CA LYS A 18 -0.16 2.72 -4.66
C LYS A 18 1.09 2.20 -5.34
N GLN A 19 1.58 2.95 -6.32
CA GLN A 19 2.78 2.54 -7.05
C GLN A 19 3.95 2.41 -6.09
N ASP A 20 4.05 3.34 -5.14
CA ASP A 20 5.13 3.32 -4.18
C ASP A 20 5.05 2.09 -3.29
N PHE A 21 3.86 1.81 -2.76
CA PHE A 21 3.70 0.65 -1.89
C PHE A 21 3.99 -0.62 -2.66
N ILE A 22 3.45 -0.68 -3.88
CA ILE A 22 3.68 -1.84 -4.72
C ILE A 22 5.18 -2.03 -4.93
N SER A 23 5.87 -0.97 -5.32
CA SER A 23 7.30 -1.05 -5.54
C SER A 23 8.00 -1.55 -4.28
N GLY A 24 7.48 -1.14 -3.12
CA GLY A 24 8.06 -1.56 -1.84
C GLY A 24 8.05 -3.09 -1.71
N ILE A 25 6.94 -3.70 -2.11
CA ILE A 25 6.79 -5.15 -2.02
C ILE A 25 7.60 -5.85 -3.12
N LEU A 26 7.87 -5.13 -4.20
CA LEU A 26 8.62 -5.71 -5.31
C LEU A 26 10.12 -5.44 -5.16
N GLU A 27 10.46 -4.35 -4.46
CA GLU A 27 11.86 -4.02 -4.23
C GLU A 27 12.45 -4.89 -3.12
N ASN A 28 11.62 -5.26 -2.15
CA ASN A 28 12.08 -6.09 -1.03
C ASN A 28 11.71 -7.55 -1.21
N GLU A 29 12.05 -8.36 -0.20
CA GLU A 29 11.77 -9.79 -0.24
C GLU A 29 10.27 -10.07 -0.27
N GLN A 30 9.49 -9.12 0.25
CA GLN A 30 8.03 -9.27 0.30
C GLN A 30 7.46 -9.64 -1.07
N LYS A 31 8.26 -9.46 -2.11
CA LYS A 31 7.82 -9.77 -3.46
C LYS A 31 7.36 -11.22 -3.57
N ASP A 32 8.08 -12.12 -2.90
CA ASP A 32 7.71 -13.53 -2.92
C ASP A 32 6.31 -13.72 -2.38
N LEU A 33 6.01 -12.99 -1.32
CA LEU A 33 4.69 -13.07 -0.71
C LEU A 33 3.62 -12.70 -1.72
N VAL A 34 3.89 -11.68 -2.54
CA VAL A 34 2.93 -11.27 -3.55
C VAL A 34 2.72 -12.38 -4.58
N ALA A 35 3.82 -13.02 -4.98
CA ALA A 35 3.73 -14.09 -5.97
C ALA A 35 2.95 -15.27 -5.42
N LYS A 36 3.24 -15.66 -4.19
CA LYS A 36 2.53 -16.79 -3.60
C LYS A 36 1.04 -16.52 -3.54
N LEU A 37 0.66 -15.28 -3.24
CA LEU A 37 -0.75 -14.93 -3.18
C LEU A 37 -1.36 -15.01 -4.58
N THR A 38 -0.63 -14.51 -5.58
CA THR A 38 -1.11 -14.55 -6.96
C THR A 38 -0.53 -15.77 -7.68
N ASN A 39 -1.39 -16.59 -8.26
CA ASN A 39 -0.93 -17.80 -8.96
C ASN A 39 0.15 -17.46 -9.99
N SER A 40 -0.04 -16.37 -10.72
CA SER A 40 0.94 -15.98 -11.74
C SER A 40 1.36 -14.52 -11.55
N ASP A 41 0.45 -13.62 -11.90
CA ASP A 41 0.71 -12.18 -11.78
C ASP A 41 1.66 -11.90 -10.61
N PRO A 42 2.93 -11.78 -10.88
CA PRO A 42 3.96 -11.49 -9.85
C PRO A 42 4.12 -9.98 -9.61
N ILE A 43 4.59 -9.27 -10.64
CA ILE A 43 4.80 -7.83 -10.54
C ILE A 43 3.47 -7.12 -10.31
N MET A 44 2.40 -7.71 -10.82
CA MET A 44 1.08 -7.14 -10.66
C MET A 44 0.82 -6.81 -9.20
N ASN A 45 1.41 -7.60 -8.32
CA ASN A 45 1.26 -7.41 -6.88
C ASN A 45 -0.21 -7.35 -6.48
N GLN A 46 -1.06 -8.03 -7.23
CA GLN A 46 -2.49 -8.04 -6.93
C GLN A 46 -3.07 -6.64 -7.00
N LEU A 47 -2.75 -5.90 -8.04
CA LEU A 47 -3.26 -4.53 -8.18
C LEU A 47 -4.68 -4.41 -7.63
N ASP A 48 -5.60 -5.24 -8.13
CA ASP A 48 -6.99 -5.16 -7.71
C ASP A 48 -7.19 -5.42 -6.21
N LEU A 49 -6.61 -6.49 -5.67
CA LEU A 49 -6.77 -6.78 -4.25
C LEU A 49 -6.02 -5.77 -3.40
N LEU A 50 -4.81 -5.44 -3.83
CA LEU A 50 -4.00 -4.48 -3.08
C LEU A 50 -4.71 -3.14 -2.98
N HIS A 51 -5.26 -2.67 -4.10
CA HIS A 51 -5.94 -1.39 -4.11
C HIS A 51 -7.08 -1.39 -3.11
N LYS A 52 -7.91 -2.43 -3.14
CA LYS A 52 -9.01 -2.50 -2.20
C LYS A 52 -8.45 -2.53 -0.79
N TRP A 53 -7.43 -3.34 -0.60
CA TRP A 53 -6.78 -3.46 0.70
C TRP A 53 -6.29 -2.09 1.15
N LEU A 54 -5.47 -1.48 0.31
CA LEU A 54 -4.91 -0.18 0.61
C LEU A 54 -6.00 0.87 0.84
N ASP A 55 -6.96 0.96 -0.07
CA ASP A 55 -8.04 1.95 0.09
C ASP A 55 -8.77 1.75 1.40
N ARG A 56 -9.06 0.49 1.74
CA ARG A 56 -9.78 0.18 2.97
C ARG A 56 -9.00 0.61 4.21
N HIS A 57 -7.68 0.60 4.13
CA HIS A 57 -6.86 0.98 5.28
C HIS A 57 -6.11 2.30 5.07
N ARG A 58 -6.59 3.10 4.12
CA ARG A 58 -5.97 4.41 3.84
C ARG A 58 -5.93 5.28 5.11
N ASP A 59 -6.93 5.13 5.96
CA ASP A 59 -7.03 5.91 7.19
C ASP A 59 -5.75 5.81 8.03
N MET A 60 -5.15 4.65 8.01
CA MET A 60 -3.93 4.39 8.79
C MET A 60 -2.80 5.36 8.41
N CYS A 61 -2.80 5.81 7.16
CA CYS A 61 -1.76 6.72 6.67
C CYS A 61 -1.82 8.05 7.39
N GLU A 62 -3.01 8.41 7.84
CA GLU A 62 -3.22 9.66 8.54
C GLU A 62 -2.56 9.62 9.90
N LYS A 63 -2.34 8.41 10.40
CA LYS A 63 -1.73 8.23 11.71
C LYS A 63 -0.21 8.23 11.60
N TRP A 64 0.35 7.13 11.13
CA TRP A 64 1.80 7.01 11.00
C TRP A 64 2.28 7.66 9.71
N LYS A 65 1.59 8.71 9.28
CA LYS A 65 1.94 9.43 8.05
C LYS A 65 3.44 9.38 7.78
N SER A 66 3.93 8.24 7.27
CA SER A 66 5.34 8.09 6.95
C SER A 66 5.54 6.90 6.01
N LYS A 67 5.96 7.19 4.79
CA LYS A 67 6.17 6.17 3.77
C LYS A 67 6.93 4.93 4.25
N GLU A 68 8.18 5.12 4.64
CA GLU A 68 9.01 3.99 5.06
C GLU A 68 8.42 3.24 6.24
N ASP A 69 7.86 3.97 7.19
CA ASP A 69 7.28 3.33 8.35
C ASP A 69 6.06 2.50 7.94
N ILE A 70 5.22 3.09 7.09
CA ILE A 70 4.05 2.40 6.60
C ILE A 70 4.45 1.11 5.91
N LEU A 71 5.46 1.20 5.05
CA LEU A 71 5.93 0.02 4.33
C LEU A 71 6.30 -1.10 5.31
N HIS A 72 6.96 -0.74 6.40
CA HIS A 72 7.35 -1.75 7.39
C HIS A 72 6.12 -2.39 8.03
N LYS A 73 5.22 -1.57 8.52
CA LYS A 73 4.01 -2.09 9.17
C LYS A 73 3.24 -2.96 8.21
N LEU A 74 2.97 -2.45 7.02
CA LEU A 74 2.25 -3.21 6.02
C LEU A 74 2.97 -4.51 5.71
N ASN A 75 4.29 -4.46 5.63
CA ASN A 75 5.07 -5.67 5.33
C ASN A 75 4.78 -6.75 6.39
N GLU A 76 4.74 -6.35 7.65
CA GLU A 76 4.47 -7.29 8.73
C GLU A 76 3.04 -7.81 8.66
N GLN A 77 2.11 -6.92 8.30
CA GLN A 77 0.71 -7.30 8.16
C GLN A 77 0.52 -8.20 6.94
N TRP A 78 1.17 -7.82 5.84
CA TRP A 78 1.10 -8.60 4.61
C TRP A 78 1.55 -10.02 4.90
N ASN A 79 2.58 -10.13 5.71
CA ASN A 79 3.14 -11.41 6.08
C ASN A 79 2.13 -12.23 6.89
N LYS A 80 1.40 -11.57 7.79
CA LYS A 80 0.39 -12.24 8.60
C LYS A 80 -0.94 -12.34 7.85
N ASP A 81 -0.99 -11.74 6.66
CA ASP A 81 -2.21 -11.76 5.86
C ASP A 81 -3.41 -11.26 6.66
N GLY A 1 -15.69 18.60 -2.22
CA GLY A 1 -16.77 19.38 -1.56
C GLY A 1 -16.15 20.51 -0.74
N PRO A 2 -16.93 21.12 0.12
CA PRO A 2 -16.46 22.24 0.98
C PRO A 2 -15.13 21.92 1.67
N LEU A 3 -14.30 22.95 1.85
CA LEU A 3 -12.99 22.79 2.47
C LEU A 3 -13.10 22.78 4.00
N GLY A 4 -12.34 21.88 4.63
CA GLY A 4 -12.34 21.77 6.08
C GLY A 4 -11.02 21.19 6.60
N SER A 5 -11.07 20.61 7.80
CA SER A 5 -9.87 20.03 8.40
C SER A 5 -9.56 18.67 7.78
N MET A 6 -10.39 18.25 6.84
CA MET A 6 -10.21 16.97 6.18
C MET A 6 -9.19 17.09 5.04
N ASN A 7 -8.14 16.27 5.10
CA ASN A 7 -7.11 16.29 4.07
C ASN A 7 -6.81 14.88 3.56
N LYS A 8 -7.76 14.31 2.83
CA LYS A 8 -7.58 12.97 2.30
C LYS A 8 -6.89 13.03 0.94
N PHE A 9 -6.18 11.96 0.58
CA PHE A 9 -5.49 11.91 -0.70
C PHE A 9 -6.46 11.68 -1.85
N THR A 10 -6.09 12.16 -3.03
CA THR A 10 -6.92 11.98 -4.21
C THR A 10 -6.65 10.64 -4.86
N ASP A 11 -7.58 10.18 -5.68
CA ASP A 11 -7.40 8.90 -6.35
C ASP A 11 -6.09 8.89 -7.12
N ASP A 12 -5.75 10.02 -7.76
CA ASP A 12 -4.49 10.11 -8.50
C ASP A 12 -3.31 9.99 -7.55
N GLU A 13 -3.37 10.75 -6.46
CA GLU A 13 -2.31 10.70 -5.46
C GLU A 13 -2.26 9.31 -4.84
N TRP A 14 -3.43 8.76 -4.62
CA TRP A 14 -3.54 7.44 -4.03
C TRP A 14 -2.89 6.42 -4.95
N ASN A 15 -3.21 6.51 -6.25
CA ASN A 15 -2.62 5.59 -7.22
C ASN A 15 -1.11 5.64 -7.14
N GLN A 16 -0.59 6.85 -6.96
CA GLN A 16 0.85 7.04 -6.86
C GLN A 16 1.35 6.34 -5.60
N LEU A 17 0.61 6.52 -4.51
CA LEU A 17 0.96 5.90 -3.24
C LEU A 17 0.84 4.38 -3.34
N LYS A 18 -0.22 3.90 -3.98
CA LYS A 18 -0.42 2.46 -4.13
C LYS A 18 0.72 1.84 -4.91
N GLN A 19 1.13 2.50 -6.00
CA GLN A 19 2.22 1.99 -6.83
C GLN A 19 3.52 1.96 -6.03
N ASP A 20 3.75 2.99 -5.22
CA ASP A 20 4.97 3.04 -4.42
C ASP A 20 5.04 1.84 -3.48
N PHE A 21 3.92 1.52 -2.85
CA PHE A 21 3.86 0.38 -1.94
C PHE A 21 4.19 -0.88 -2.74
N ILE A 22 3.51 -1.01 -3.87
CA ILE A 22 3.75 -2.15 -4.74
C ILE A 22 5.22 -2.16 -5.17
N SER A 23 5.72 -1.00 -5.59
CA SER A 23 7.11 -0.88 -6.02
C SER A 23 8.02 -1.34 -4.88
N GLY A 24 7.70 -0.91 -3.67
CA GLY A 24 8.49 -1.28 -2.50
C GLY A 24 8.39 -2.80 -2.26
N ILE A 25 7.24 -3.37 -2.62
CA ILE A 25 7.02 -4.79 -2.45
C ILE A 25 7.83 -5.60 -3.46
N LEU A 26 7.83 -5.13 -4.71
CA LEU A 26 8.58 -5.81 -5.76
C LEU A 26 10.07 -5.51 -5.63
N GLU A 27 10.38 -4.39 -4.99
CA GLU A 27 11.76 -3.98 -4.80
C GLU A 27 12.45 -4.83 -3.74
N ASN A 28 11.72 -5.18 -2.68
CA ASN A 28 12.28 -5.98 -1.60
C ASN A 28 12.08 -7.47 -1.83
N GLU A 29 12.87 -8.28 -1.12
CA GLU A 29 12.77 -9.73 -1.24
C GLU A 29 11.41 -10.23 -0.79
N GLN A 30 10.81 -9.49 0.14
CA GLN A 30 9.50 -9.88 0.66
C GLN A 30 8.52 -10.02 -0.51
N LYS A 31 9.01 -9.69 -1.70
CA LYS A 31 8.20 -9.79 -2.92
C LYS A 31 7.76 -11.23 -3.15
N ASP A 32 8.56 -12.18 -2.69
CA ASP A 32 8.22 -13.59 -2.86
C ASP A 32 6.87 -13.88 -2.23
N LEU A 33 6.62 -13.23 -1.11
CA LEU A 33 5.36 -13.42 -0.38
C LEU A 33 4.16 -13.00 -1.23
N VAL A 34 4.22 -11.84 -1.86
CA VAL A 34 3.11 -11.39 -2.68
C VAL A 34 3.01 -12.24 -3.94
N ALA A 35 4.17 -12.71 -4.43
CA ALA A 35 4.18 -13.54 -5.62
C ALA A 35 3.33 -14.77 -5.39
N LYS A 36 3.49 -15.38 -4.22
CA LYS A 36 2.71 -16.56 -3.87
C LYS A 36 1.23 -16.21 -3.86
N LEU A 37 0.92 -15.06 -3.27
CA LEU A 37 -0.47 -14.61 -3.20
C LEU A 37 -1.00 -14.27 -4.59
N THR A 38 -0.16 -13.69 -5.43
CA THR A 38 -0.56 -13.32 -6.78
C THR A 38 -0.83 -14.58 -7.60
N ASN A 39 -0.83 -15.73 -6.92
CA ASN A 39 -1.08 -17.01 -7.56
C ASN A 39 0.10 -17.43 -8.41
N SER A 40 0.66 -16.51 -9.18
CA SER A 40 1.81 -16.83 -10.03
C SER A 40 2.18 -15.66 -10.94
N ASP A 41 1.56 -14.50 -10.72
CA ASP A 41 1.85 -13.32 -11.53
C ASP A 41 3.21 -12.75 -11.17
N PRO A 42 3.83 -12.03 -12.08
CA PRO A 42 5.17 -11.41 -11.84
C PRO A 42 5.06 -10.17 -10.96
N ILE A 43 4.87 -9.02 -11.61
CA ILE A 43 4.75 -7.77 -10.88
C ILE A 43 3.35 -7.60 -10.32
N MET A 44 2.39 -7.26 -11.18
CA MET A 44 1.00 -7.04 -10.77
C MET A 44 0.92 -6.76 -9.27
N ASN A 45 1.15 -7.80 -8.46
CA ASN A 45 1.11 -7.68 -7.01
C ASN A 45 -0.30 -7.55 -6.47
N GLN A 46 -1.22 -8.33 -7.03
CA GLN A 46 -2.64 -8.29 -6.63
C GLN A 46 -3.12 -6.85 -6.51
N LEU A 47 -3.03 -6.13 -7.64
CA LEU A 47 -3.46 -4.74 -7.69
C LEU A 47 -4.89 -4.55 -7.19
N ASP A 48 -5.81 -5.35 -7.70
CA ASP A 48 -7.21 -5.23 -7.31
C ASP A 48 -7.40 -5.47 -5.82
N LEU A 49 -6.86 -6.57 -5.30
CA LEU A 49 -7.00 -6.87 -3.89
C LEU A 49 -6.24 -5.85 -3.04
N LEU A 50 -5.00 -5.54 -3.45
CA LEU A 50 -4.18 -4.61 -2.71
C LEU A 50 -4.87 -3.25 -2.62
N HIS A 51 -5.50 -2.83 -3.72
CA HIS A 51 -6.20 -1.55 -3.73
C HIS A 51 -7.32 -1.52 -2.70
N LYS A 52 -8.13 -2.57 -2.66
CA LYS A 52 -9.22 -2.63 -1.69
C LYS A 52 -8.67 -2.60 -0.26
N TRP A 53 -7.64 -3.41 -0.01
CA TRP A 53 -7.01 -3.47 1.31
C TRP A 53 -6.49 -2.10 1.71
N LEU A 54 -5.62 -1.54 0.87
CA LEU A 54 -5.02 -0.24 1.14
C LEU A 54 -6.12 0.80 1.35
N ASP A 55 -7.08 0.83 0.44
CA ASP A 55 -8.18 1.78 0.52
C ASP A 55 -8.95 1.64 1.83
N ARG A 56 -9.25 0.41 2.22
CA ARG A 56 -9.99 0.17 3.45
C ARG A 56 -9.24 0.72 4.66
N HIS A 57 -7.92 0.75 4.54
CA HIS A 57 -7.08 1.25 5.63
C HIS A 57 -6.36 2.54 5.23
N ARG A 58 -6.87 3.23 4.22
CA ARG A 58 -6.25 4.47 3.75
C ARG A 58 -6.08 5.48 4.87
N ASP A 59 -7.02 5.50 5.80
CA ASP A 59 -6.98 6.43 6.92
C ASP A 59 -5.70 6.26 7.74
N MET A 60 -5.20 5.04 7.80
CA MET A 60 -3.99 4.75 8.59
C MET A 60 -2.80 5.57 8.11
N CYS A 61 -2.77 5.92 6.82
CA CYS A 61 -1.65 6.69 6.28
C CYS A 61 -1.59 8.06 6.93
N GLU A 62 -2.75 8.56 7.34
CA GLU A 62 -2.84 9.87 7.98
C GLU A 62 -2.30 9.82 9.41
N LYS A 63 -2.08 8.61 9.93
CA LYS A 63 -1.58 8.44 11.30
C LYS A 63 -0.07 8.64 11.40
N TRP A 64 0.68 7.86 10.63
CA TRP A 64 2.14 7.95 10.66
C TRP A 64 2.65 9.03 9.72
N LYS A 65 1.94 9.25 8.62
CA LYS A 65 2.35 10.25 7.65
C LYS A 65 3.70 9.86 7.04
N SER A 66 4.35 8.86 7.64
CA SER A 66 5.66 8.40 7.16
C SER A 66 5.52 7.19 6.24
N LYS A 67 6.18 7.27 5.09
CA LYS A 67 6.14 6.19 4.11
C LYS A 67 6.81 4.89 4.59
N GLU A 68 8.06 4.99 5.04
CA GLU A 68 8.79 3.79 5.48
C GLU A 68 8.09 3.11 6.66
N ASP A 69 7.55 3.89 7.57
CA ASP A 69 6.87 3.31 8.73
C ASP A 69 5.66 2.50 8.27
N ILE A 70 4.89 3.07 7.35
CA ILE A 70 3.70 2.40 6.85
C ILE A 70 4.05 1.04 6.24
N LEU A 71 5.10 1.02 5.42
CA LEU A 71 5.51 -0.23 4.78
C LEU A 71 5.77 -1.30 5.83
N HIS A 72 6.38 -0.91 6.94
CA HIS A 72 6.69 -1.84 8.01
C HIS A 72 5.42 -2.48 8.55
N LYS A 73 4.41 -1.65 8.80
CA LYS A 73 3.14 -2.15 9.32
C LYS A 73 2.53 -3.13 8.33
N LEU A 74 2.49 -2.75 7.06
CA LEU A 74 1.92 -3.60 6.03
C LEU A 74 2.62 -4.95 5.97
N ASN A 75 3.96 -4.94 6.02
CA ASN A 75 4.71 -6.19 5.96
C ASN A 75 4.23 -7.16 7.04
N GLU A 76 4.05 -6.65 8.26
CA GLU A 76 3.60 -7.49 9.36
C GLU A 76 2.14 -7.89 9.19
N GLN A 77 1.30 -6.95 8.74
CA GLN A 77 -0.11 -7.25 8.52
C GLN A 77 -0.26 -8.17 7.32
N TRP A 78 0.58 -7.95 6.31
CA TRP A 78 0.55 -8.77 5.10
C TRP A 78 0.60 -10.25 5.49
N ASN A 79 1.27 -10.55 6.58
CA ASN A 79 1.36 -11.94 7.05
C ASN A 79 0.01 -12.39 7.58
N LYS A 80 -0.90 -11.45 7.75
CA LYS A 80 -2.23 -11.75 8.24
C LYS A 80 -3.12 -12.20 7.08
N ASP A 81 -2.64 -11.99 5.86
CA ASP A 81 -3.39 -12.37 4.68
C ASP A 81 -2.95 -13.75 4.19
N GLY A 1 -16.80 17.42 7.49
CA GLY A 1 -16.54 18.43 8.56
C GLY A 1 -15.71 19.57 7.98
N PRO A 2 -15.25 20.47 8.82
CA PRO A 2 -14.41 21.62 8.37
C PRO A 2 -13.15 21.16 7.65
N LEU A 3 -12.75 21.88 6.60
CA LEU A 3 -11.56 21.51 5.85
C LEU A 3 -10.32 21.72 6.72
N GLY A 4 -9.30 20.91 6.48
CA GLY A 4 -8.07 21.01 7.25
C GLY A 4 -7.07 19.95 6.81
N SER A 5 -6.06 19.73 7.64
CA SER A 5 -5.06 18.73 7.33
C SER A 5 -5.65 17.34 7.56
N MET A 6 -6.92 17.32 7.97
CA MET A 6 -7.62 16.06 8.21
C MET A 6 -8.15 15.53 6.89
N ASN A 7 -7.96 16.31 5.84
CA ASN A 7 -8.40 15.93 4.51
C ASN A 7 -7.71 14.64 4.09
N LYS A 8 -8.41 13.81 3.33
CA LYS A 8 -7.83 12.56 2.87
C LYS A 8 -7.12 12.74 1.53
N PHE A 9 -6.42 11.70 1.09
CA PHE A 9 -5.68 11.75 -0.16
C PHE A 9 -6.62 11.62 -1.37
N THR A 10 -6.29 12.32 -2.44
CA THR A 10 -7.10 12.26 -3.66
C THR A 10 -6.78 10.99 -4.43
N ASP A 11 -7.67 10.62 -5.34
CA ASP A 11 -7.45 9.43 -6.14
C ASP A 11 -6.12 9.54 -6.90
N ASP A 12 -5.82 10.73 -7.43
CA ASP A 12 -4.56 10.93 -8.14
C ASP A 12 -3.40 10.72 -7.19
N GLU A 13 -3.51 11.33 -6.02
CA GLU A 13 -2.48 11.21 -5.00
C GLU A 13 -2.44 9.78 -4.48
N TRP A 14 -3.62 9.20 -4.32
CA TRP A 14 -3.73 7.84 -3.85
C TRP A 14 -3.06 6.90 -4.85
N ASN A 15 -3.42 7.07 -6.13
CA ASN A 15 -2.83 6.24 -7.18
C ASN A 15 -1.31 6.34 -7.16
N GLN A 16 -0.80 7.55 -6.93
CA GLN A 16 0.65 7.74 -6.85
C GLN A 16 1.18 6.91 -5.68
N LEU A 17 0.44 6.99 -4.58
CA LEU A 17 0.78 6.24 -3.38
C LEU A 17 0.78 4.75 -3.65
N LYS A 18 -0.16 4.30 -4.46
CA LYS A 18 -0.23 2.88 -4.78
C LYS A 18 1.07 2.43 -5.42
N GLN A 19 1.57 3.24 -6.34
CA GLN A 19 2.81 2.92 -7.04
C GLN A 19 3.93 2.75 -6.03
N ASP A 20 3.99 3.65 -5.05
CA ASP A 20 5.04 3.55 -4.03
C ASP A 20 4.89 2.26 -3.23
N PHE A 21 3.67 1.92 -2.83
CA PHE A 21 3.46 0.71 -2.07
C PHE A 21 3.84 -0.50 -2.92
N ILE A 22 3.36 -0.50 -4.15
CA ILE A 22 3.67 -1.59 -5.08
C ILE A 22 5.18 -1.69 -5.25
N SER A 23 5.80 -0.56 -5.57
CA SER A 23 7.25 -0.53 -5.75
C SER A 23 7.94 -1.07 -4.50
N GLY A 24 7.45 -0.67 -3.34
CA GLY A 24 8.04 -1.12 -2.08
C GLY A 24 8.02 -2.64 -1.96
N ILE A 25 6.92 -3.27 -2.38
CA ILE A 25 6.81 -4.72 -2.30
C ILE A 25 7.72 -5.39 -3.32
N LEU A 26 7.77 -4.82 -4.52
CA LEU A 26 8.60 -5.38 -5.59
C LEU A 26 10.09 -5.10 -5.34
N GLU A 27 10.38 -3.99 -4.66
CA GLU A 27 11.77 -3.63 -4.37
C GLU A 27 12.36 -4.52 -3.27
N ASN A 28 11.52 -4.92 -2.32
CA ASN A 28 11.97 -5.77 -1.23
C ASN A 28 11.81 -7.23 -1.60
N GLU A 29 12.71 -8.08 -1.11
CA GLU A 29 12.62 -9.50 -1.40
C GLU A 29 11.24 -10.02 -0.99
N GLN A 30 10.64 -9.32 -0.04
CA GLN A 30 9.32 -9.68 0.48
C GLN A 30 8.33 -9.93 -0.65
N LYS A 31 8.65 -9.46 -1.85
CA LYS A 31 7.75 -9.62 -3.00
C LYS A 31 7.34 -11.07 -3.18
N ASP A 32 8.16 -12.00 -2.70
CA ASP A 32 7.84 -13.41 -2.83
C ASP A 32 6.44 -13.70 -2.27
N LEU A 33 6.05 -12.93 -1.26
CA LEU A 33 4.72 -13.13 -0.67
C LEU A 33 3.63 -12.80 -1.69
N VAL A 34 3.88 -11.76 -2.49
CA VAL A 34 2.92 -11.35 -3.52
C VAL A 34 2.78 -12.47 -4.56
N ALA A 35 3.91 -13.06 -4.92
CA ALA A 35 3.92 -14.13 -5.91
C ALA A 35 3.09 -15.32 -5.44
N LYS A 36 3.25 -15.69 -4.16
CA LYS A 36 2.50 -16.81 -3.61
C LYS A 36 1.00 -16.51 -3.50
N LEU A 37 0.68 -15.28 -3.09
CA LEU A 37 -0.72 -14.90 -2.94
C LEU A 37 -1.47 -14.97 -4.28
N THR A 38 -0.79 -14.61 -5.36
CA THR A 38 -1.44 -14.64 -6.67
C THR A 38 -0.93 -15.82 -7.51
N ASN A 39 -1.80 -16.83 -7.68
CA ASN A 39 -1.45 -18.01 -8.47
C ASN A 39 0.05 -18.08 -8.76
N SER A 40 0.39 -18.36 -10.02
CA SER A 40 1.79 -18.47 -10.43
C SER A 40 2.31 -17.18 -11.05
N ASP A 41 1.65 -16.06 -10.78
CA ASP A 41 2.10 -14.79 -11.37
C ASP A 41 3.38 -14.31 -10.70
N PRO A 42 4.17 -13.57 -11.43
CA PRO A 42 5.46 -13.02 -10.93
C PRO A 42 5.25 -12.01 -9.80
N ILE A 43 4.99 -10.76 -10.20
CA ILE A 43 4.78 -9.69 -9.23
C ILE A 43 3.29 -9.39 -9.10
N MET A 44 2.75 -8.67 -10.07
CA MET A 44 1.35 -8.30 -10.07
C MET A 44 1.03 -7.40 -8.89
N ASN A 45 1.72 -7.63 -7.77
CA ASN A 45 1.50 -6.82 -6.58
C ASN A 45 0.05 -6.91 -6.10
N GLN A 46 -0.74 -7.74 -6.77
CA GLN A 46 -2.13 -7.92 -6.39
C GLN A 46 -2.90 -6.60 -6.56
N LEU A 47 -2.62 -5.89 -7.65
CA LEU A 47 -3.25 -4.60 -7.91
C LEU A 47 -4.72 -4.55 -7.47
N ASP A 48 -5.56 -5.42 -8.02
CA ASP A 48 -6.99 -5.40 -7.68
C ASP A 48 -7.22 -5.56 -6.18
N LEU A 49 -6.62 -6.60 -5.60
CA LEU A 49 -6.78 -6.84 -4.17
C LEU A 49 -6.06 -5.76 -3.37
N LEU A 50 -4.91 -5.33 -3.89
CA LEU A 50 -4.11 -4.33 -3.20
C LEU A 50 -4.93 -3.06 -3.00
N HIS A 51 -5.64 -2.63 -4.04
CA HIS A 51 -6.48 -1.43 -3.95
C HIS A 51 -7.56 -1.59 -2.89
N LYS A 52 -8.24 -2.73 -2.90
CA LYS A 52 -9.31 -2.98 -1.93
C LYS A 52 -8.74 -2.94 -0.52
N TRP A 53 -7.67 -3.69 -0.31
CA TRP A 53 -6.99 -3.73 0.98
C TRP A 53 -6.59 -2.32 1.39
N LEU A 54 -5.84 -1.68 0.51
CA LEU A 54 -5.35 -0.32 0.73
C LEU A 54 -6.52 0.63 1.01
N ASP A 55 -7.50 0.67 0.11
CA ASP A 55 -8.65 1.55 0.29
C ASP A 55 -9.31 1.31 1.65
N ARG A 56 -9.40 0.05 2.05
CA ARG A 56 -10.02 -0.30 3.33
C ARG A 56 -9.22 0.25 4.50
N HIS A 57 -7.90 0.31 4.34
CA HIS A 57 -7.04 0.80 5.42
C HIS A 57 -6.44 2.15 5.08
N ARG A 58 -6.95 2.82 4.06
CA ARG A 58 -6.43 4.12 3.68
C ARG A 58 -6.33 5.04 4.90
N ASP A 59 -7.27 4.88 5.82
CA ASP A 59 -7.30 5.69 7.04
C ASP A 59 -5.98 5.52 7.80
N MET A 60 -5.39 4.35 7.65
CA MET A 60 -4.13 4.03 8.32
C MET A 60 -3.01 5.00 7.96
N CYS A 61 -3.07 5.56 6.76
CA CYS A 61 -2.03 6.47 6.29
C CYS A 61 -1.95 7.73 7.15
N GLU A 62 -3.08 8.13 7.70
CA GLU A 62 -3.16 9.33 8.51
C GLU A 62 -2.58 9.13 9.91
N LYS A 63 -2.33 7.89 10.29
CA LYS A 63 -1.80 7.60 11.61
C LYS A 63 -0.28 7.73 11.67
N TRP A 64 0.30 8.45 10.72
CA TRP A 64 1.74 8.65 10.74
C TRP A 64 2.16 9.69 9.71
N LYS A 65 1.58 9.60 8.52
CA LYS A 65 1.88 10.55 7.45
C LYS A 65 3.28 10.30 6.87
N SER A 66 4.10 9.54 7.58
CA SER A 66 5.44 9.23 7.10
C SER A 66 5.43 7.99 6.23
N LYS A 67 5.97 8.10 5.02
CA LYS A 67 6.02 6.97 4.11
C LYS A 67 6.78 5.78 4.68
N GLU A 68 7.98 6.03 5.18
CA GLU A 68 8.82 4.94 5.68
C GLU A 68 8.14 4.17 6.82
N ASP A 69 7.47 4.90 7.70
CA ASP A 69 6.78 4.27 8.81
C ASP A 69 5.62 3.40 8.29
N ILE A 70 4.86 3.97 7.36
CA ILE A 70 3.73 3.27 6.78
C ILE A 70 4.15 1.94 6.14
N LEU A 71 5.21 1.97 5.35
CA LEU A 71 5.69 0.76 4.68
C LEU A 71 6.05 -0.32 5.67
N HIS A 72 6.70 0.07 6.76
CA HIS A 72 7.10 -0.91 7.77
C HIS A 72 5.88 -1.66 8.28
N LYS A 73 4.80 -0.92 8.50
CA LYS A 73 3.55 -1.52 8.97
C LYS A 73 2.97 -2.48 7.92
N LEU A 74 2.85 -2.02 6.67
CA LEU A 74 2.29 -2.89 5.63
C LEU A 74 3.11 -4.17 5.48
N ASN A 75 4.43 -4.06 5.57
CA ASN A 75 5.27 -5.23 5.44
C ASN A 75 4.88 -6.29 6.46
N GLU A 76 4.76 -5.86 7.72
CA GLU A 76 4.39 -6.78 8.78
C GLU A 76 2.96 -7.29 8.55
N GLN A 77 2.08 -6.41 8.08
CA GLN A 77 0.71 -6.81 7.82
C GLN A 77 0.66 -7.75 6.63
N TRP A 78 1.46 -7.47 5.60
CA TRP A 78 1.51 -8.32 4.42
C TRP A 78 1.86 -9.75 4.81
N ASN A 79 2.84 -9.87 5.71
CA ASN A 79 3.27 -11.17 6.16
C ASN A 79 2.12 -11.91 6.84
N LYS A 80 1.35 -11.19 7.65
CA LYS A 80 0.21 -11.80 8.34
C LYS A 80 -1.06 -11.76 7.49
N ASP A 81 -0.97 -11.17 6.30
CA ASP A 81 -2.14 -11.09 5.41
C ASP A 81 -3.32 -10.48 6.15
N GLY A 1 -18.59 23.03 7.25
CA GLY A 1 -18.05 23.23 8.63
C GLY A 1 -16.58 22.80 8.66
N PRO A 2 -16.28 21.62 8.18
CA PRO A 2 -14.89 21.08 8.16
C PRO A 2 -13.89 22.10 7.60
N LEU A 3 -12.71 22.17 8.23
CA LEU A 3 -11.68 23.09 7.79
C LEU A 3 -10.28 22.60 8.16
N GLY A 4 -9.61 23.33 9.04
CA GLY A 4 -8.26 22.94 9.46
C GLY A 4 -7.56 22.10 8.40
N SER A 5 -6.82 21.08 8.84
CA SER A 5 -6.10 20.20 7.92
C SER A 5 -6.98 19.02 7.51
N MET A 6 -8.28 19.15 7.72
CA MET A 6 -9.21 18.08 7.38
C MET A 6 -9.32 17.92 5.86
N ASN A 7 -8.67 16.90 5.33
CA ASN A 7 -8.69 16.62 3.90
C ASN A 7 -8.00 15.29 3.59
N LYS A 8 -8.68 14.45 2.82
CA LYS A 8 -8.13 13.14 2.48
C LYS A 8 -7.25 13.23 1.23
N PHE A 9 -6.57 12.12 0.93
CA PHE A 9 -5.70 12.09 -0.24
C PHE A 9 -6.55 11.91 -1.50
N THR A 10 -6.10 12.52 -2.60
CA THR A 10 -6.83 12.45 -3.86
C THR A 10 -6.52 11.15 -4.60
N ASP A 11 -7.38 10.79 -5.55
CA ASP A 11 -7.16 9.58 -6.33
C ASP A 11 -5.77 9.60 -6.96
N ASP A 12 -5.41 10.76 -7.51
CA ASP A 12 -4.10 10.90 -8.14
C ASP A 12 -2.99 10.69 -7.13
N GLU A 13 -3.13 11.32 -5.97
CA GLU A 13 -2.14 11.17 -4.91
C GLU A 13 -2.13 9.74 -4.42
N TRP A 14 -3.33 9.19 -4.28
CA TRP A 14 -3.49 7.83 -3.82
C TRP A 14 -2.83 6.87 -4.80
N ASN A 15 -3.11 7.06 -6.09
CA ASN A 15 -2.53 6.19 -7.12
C ASN A 15 -1.01 6.15 -7.01
N GLN A 16 -0.40 7.31 -6.72
CA GLN A 16 1.05 7.36 -6.58
C GLN A 16 1.46 6.54 -5.37
N LEU A 17 0.69 6.69 -4.30
CA LEU A 17 0.95 5.96 -3.07
C LEU A 17 0.87 4.45 -3.34
N LYS A 18 -0.04 4.06 -4.22
CA LYS A 18 -0.21 2.65 -4.55
C LYS A 18 1.05 2.07 -5.16
N GLN A 19 1.63 2.76 -6.14
CA GLN A 19 2.85 2.26 -6.75
C GLN A 19 3.94 2.14 -5.71
N ASP A 20 4.00 3.12 -4.81
CA ASP A 20 5.02 3.12 -3.78
C ASP A 20 4.92 1.87 -2.92
N PHE A 21 3.71 1.48 -2.55
CA PHE A 21 3.54 0.28 -1.74
C PHE A 21 3.89 -0.94 -2.58
N ILE A 22 3.36 -0.98 -3.79
CA ILE A 22 3.65 -2.07 -4.71
C ILE A 22 5.14 -2.15 -4.96
N SER A 23 5.74 -0.99 -5.24
CA SER A 23 7.17 -0.93 -5.49
C SER A 23 7.93 -1.51 -4.30
N GLY A 24 7.53 -1.12 -3.10
CA GLY A 24 8.17 -1.63 -1.90
C GLY A 24 8.06 -3.14 -1.82
N ILE A 25 6.97 -3.69 -2.33
CA ILE A 25 6.76 -5.14 -2.30
C ILE A 25 7.69 -5.82 -3.29
N LEU A 26 7.90 -5.19 -4.44
CA LEU A 26 8.79 -5.74 -5.46
C LEU A 26 10.24 -5.44 -5.11
N GLU A 27 10.45 -4.27 -4.49
CA GLU A 27 11.78 -3.86 -4.08
C GLU A 27 12.25 -4.69 -2.89
N ASN A 28 11.32 -5.09 -2.04
CA ASN A 28 11.66 -5.88 -0.86
C ASN A 28 11.51 -7.38 -1.13
N GLU A 29 12.04 -8.18 -0.22
CA GLU A 29 11.97 -9.64 -0.33
C GLU A 29 10.53 -10.12 -0.45
N GLN A 30 9.61 -9.37 0.16
CA GLN A 30 8.20 -9.74 0.15
C GLN A 30 7.69 -10.03 -1.25
N LYS A 31 8.52 -9.80 -2.25
CA LYS A 31 8.12 -10.06 -3.63
C LYS A 31 7.68 -11.52 -3.80
N ASP A 32 8.44 -12.44 -3.21
CA ASP A 32 8.11 -13.85 -3.32
C ASP A 32 6.75 -14.15 -2.67
N LEU A 33 6.52 -13.56 -1.50
CA LEU A 33 5.26 -13.77 -0.80
C LEU A 33 4.10 -13.29 -1.65
N VAL A 34 4.28 -12.13 -2.26
CA VAL A 34 3.24 -11.55 -3.09
C VAL A 34 3.03 -12.40 -4.34
N ALA A 35 4.13 -12.92 -4.89
CA ALA A 35 4.03 -13.76 -6.07
C ALA A 35 3.23 -15.01 -5.76
N LYS A 36 3.46 -15.57 -4.58
CA LYS A 36 2.74 -16.77 -4.14
C LYS A 36 1.24 -16.51 -4.14
N LEU A 37 0.85 -15.37 -3.57
CA LEU A 37 -0.56 -15.00 -3.50
C LEU A 37 -1.14 -14.93 -4.90
N THR A 38 -0.37 -14.37 -5.82
CA THR A 38 -0.84 -14.24 -7.20
C THR A 38 -0.05 -15.15 -8.14
N ASN A 39 -0.70 -16.20 -8.62
CA ASN A 39 -0.08 -17.13 -9.54
C ASN A 39 1.44 -17.14 -9.35
N SER A 40 2.11 -16.22 -10.03
CA SER A 40 3.57 -16.15 -9.94
C SER A 40 4.06 -14.90 -10.68
N ASP A 41 3.34 -13.80 -10.50
CA ASP A 41 3.70 -12.55 -11.17
C ASP A 41 4.76 -11.78 -10.38
N PRO A 42 5.54 -10.98 -11.07
CA PRO A 42 6.61 -10.14 -10.43
C PRO A 42 6.06 -8.86 -9.82
N ILE A 43 5.61 -7.94 -10.67
CA ILE A 43 5.06 -6.66 -10.22
C ILE A 43 3.56 -6.77 -10.02
N MET A 44 2.84 -6.85 -11.12
CA MET A 44 1.38 -6.95 -11.05
C MET A 44 0.97 -8.15 -10.22
N ASN A 45 0.59 -7.91 -8.97
CA ASN A 45 0.19 -9.00 -8.10
C ASN A 45 -1.04 -8.64 -7.29
N GLN A 46 -2.18 -9.18 -7.69
CA GLN A 46 -3.42 -8.93 -7.00
C GLN A 46 -3.59 -7.43 -6.73
N LEU A 47 -3.23 -6.63 -7.72
CA LEU A 47 -3.33 -5.19 -7.60
C LEU A 47 -4.76 -4.78 -7.25
N ASP A 48 -5.73 -5.39 -7.91
CA ASP A 48 -7.13 -5.07 -7.65
C ASP A 48 -7.45 -5.32 -6.17
N LEU A 49 -7.02 -6.46 -5.64
CA LEU A 49 -7.25 -6.77 -4.24
C LEU A 49 -6.48 -5.77 -3.39
N LEU A 50 -5.27 -5.46 -3.85
CA LEU A 50 -4.40 -4.54 -3.16
C LEU A 50 -5.11 -3.20 -3.00
N HIS A 51 -5.74 -2.74 -4.08
CA HIS A 51 -6.46 -1.48 -4.06
C HIS A 51 -7.53 -1.47 -2.98
N LYS A 52 -8.34 -2.53 -2.92
CA LYS A 52 -9.39 -2.61 -1.92
C LYS A 52 -8.80 -2.62 -0.52
N TRP A 53 -7.78 -3.46 -0.31
CA TRP A 53 -7.14 -3.55 1.00
C TRP A 53 -6.62 -2.16 1.40
N LEU A 54 -5.88 -1.55 0.48
CA LEU A 54 -5.31 -0.23 0.72
C LEU A 54 -6.41 0.79 1.00
N ASP A 55 -7.38 0.87 0.10
CA ASP A 55 -8.48 1.81 0.25
C ASP A 55 -9.18 1.64 1.59
N ARG A 56 -9.37 0.38 1.99
CA ARG A 56 -10.03 0.08 3.25
C ARG A 56 -9.21 0.57 4.44
N HIS A 57 -7.89 0.56 4.30
CA HIS A 57 -7.01 0.99 5.37
C HIS A 57 -6.33 2.32 5.05
N ARG A 58 -6.88 3.04 4.06
CA ARG A 58 -6.32 4.33 3.67
C ARG A 58 -6.21 5.26 4.89
N ASP A 59 -7.15 5.13 5.82
CA ASP A 59 -7.13 5.95 7.02
C ASP A 59 -5.83 5.78 7.79
N MET A 60 -5.25 4.58 7.72
CA MET A 60 -4.01 4.29 8.42
C MET A 60 -2.90 5.25 8.01
N CYS A 61 -2.98 5.76 6.79
CA CYS A 61 -1.98 6.70 6.29
C CYS A 61 -1.92 7.94 7.17
N GLU A 62 -3.07 8.28 7.76
CA GLU A 62 -3.16 9.46 8.62
C GLU A 62 -2.49 9.24 9.98
N LYS A 63 -2.22 7.98 10.33
CA LYS A 63 -1.61 7.68 11.63
C LYS A 63 -0.09 7.81 11.59
N TRP A 64 0.44 8.48 10.57
CA TRP A 64 1.89 8.66 10.49
C TRP A 64 2.28 9.59 9.35
N LYS A 65 1.47 9.61 8.29
CA LYS A 65 1.77 10.45 7.13
C LYS A 65 3.19 10.17 6.66
N SER A 66 3.74 9.07 7.15
CA SER A 66 5.09 8.65 6.78
C SER A 66 5.03 7.70 5.59
N LYS A 67 6.13 7.58 4.86
CA LYS A 67 6.19 6.69 3.71
C LYS A 67 6.87 5.38 4.07
N GLU A 68 8.17 5.46 4.33
CA GLU A 68 8.96 4.28 4.66
C GLU A 68 8.42 3.54 5.88
N ASP A 69 7.98 4.29 6.88
CA ASP A 69 7.44 3.68 8.09
C ASP A 69 6.20 2.86 7.78
N ILE A 70 5.32 3.37 6.94
CA ILE A 70 4.11 2.63 6.59
C ILE A 70 4.49 1.30 5.96
N LEU A 71 5.48 1.34 5.06
CA LEU A 71 5.94 0.13 4.40
C LEU A 71 6.27 -0.93 5.43
N HIS A 72 6.92 -0.51 6.51
CA HIS A 72 7.26 -1.44 7.57
C HIS A 72 6.00 -2.08 8.13
N LYS A 73 4.96 -1.27 8.31
CA LYS A 73 3.68 -1.75 8.84
C LYS A 73 3.05 -2.77 7.91
N LEU A 74 2.91 -2.39 6.64
CA LEU A 74 2.30 -3.28 5.66
C LEU A 74 3.06 -4.59 5.58
N ASN A 75 4.38 -4.51 5.66
CA ASN A 75 5.20 -5.71 5.59
C ASN A 75 4.76 -6.71 6.67
N GLU A 76 4.63 -6.23 7.89
CA GLU A 76 4.22 -7.09 9.00
C GLU A 76 2.78 -7.56 8.81
N GLN A 77 1.95 -6.66 8.31
CA GLN A 77 0.55 -7.00 8.06
C GLN A 77 0.44 -7.97 6.89
N TRP A 78 1.25 -7.73 5.87
CA TRP A 78 1.24 -8.59 4.70
C TRP A 78 1.49 -10.03 5.10
N ASN A 79 2.41 -10.24 6.04
CA ASN A 79 2.73 -11.58 6.51
C ASN A 79 1.53 -12.23 7.19
N LYS A 80 0.88 -11.48 8.08
CA LYS A 80 -0.28 -12.01 8.80
C LYS A 80 -1.35 -12.44 7.80
N ASP A 81 -1.43 -11.75 6.68
CA ASP A 81 -2.41 -12.06 5.65
C ASP A 81 -1.76 -12.85 4.52
N GLY A 1 -15.79 26.72 5.24
CA GLY A 1 -14.97 25.47 5.23
C GLY A 1 -14.00 25.49 4.05
N PRO A 2 -12.99 26.33 4.11
CA PRO A 2 -11.97 26.43 3.03
C PRO A 2 -11.33 25.09 2.68
N LEU A 3 -10.84 24.97 1.45
CA LEU A 3 -10.19 23.74 1.00
C LEU A 3 -8.72 23.75 1.36
N GLY A 4 -8.19 22.59 1.75
CA GLY A 4 -6.79 22.48 2.12
C GLY A 4 -6.48 21.08 2.64
N SER A 5 -5.33 20.93 3.30
CA SER A 5 -4.97 19.64 3.84
C SER A 5 -5.78 19.35 5.10
N MET A 6 -6.62 18.33 5.02
CA MET A 6 -7.47 17.95 6.15
C MET A 6 -8.27 16.72 5.79
N ASN A 7 -8.75 16.69 4.55
CA ASN A 7 -9.56 15.57 4.07
C ASN A 7 -8.68 14.40 3.64
N LYS A 8 -9.32 13.36 3.11
CA LYS A 8 -8.58 12.19 2.66
C LYS A 8 -7.81 12.51 1.40
N PHE A 9 -6.93 11.60 0.99
CA PHE A 9 -6.13 11.81 -0.20
C PHE A 9 -6.98 11.65 -1.45
N THR A 10 -6.57 12.29 -2.53
CA THR A 10 -7.33 12.20 -3.77
C THR A 10 -6.97 10.95 -4.53
N ASP A 11 -7.85 10.53 -5.42
CA ASP A 11 -7.61 9.34 -6.21
C ASP A 11 -6.28 9.43 -6.93
N ASP A 12 -5.99 10.62 -7.44
CA ASP A 12 -4.73 10.83 -8.14
C ASP A 12 -3.56 10.70 -7.20
N GLU A 13 -3.66 11.34 -6.04
CA GLU A 13 -2.60 11.26 -5.04
C GLU A 13 -2.51 9.83 -4.53
N TRP A 14 -3.67 9.22 -4.33
CA TRP A 14 -3.72 7.86 -3.85
C TRP A 14 -3.01 6.96 -4.86
N ASN A 15 -3.26 7.18 -6.14
CA ASN A 15 -2.61 6.40 -7.18
C ASN A 15 -1.09 6.47 -7.00
N GLN A 16 -0.61 7.65 -6.65
CA GLN A 16 0.82 7.83 -6.45
C GLN A 16 1.30 6.96 -5.29
N LEU A 17 0.53 6.97 -4.21
CA LEU A 17 0.87 6.17 -3.04
C LEU A 17 0.91 4.69 -3.40
N LYS A 18 -0.04 4.26 -4.24
CA LYS A 18 -0.11 2.86 -4.66
C LYS A 18 1.15 2.42 -5.39
N GLN A 19 1.60 3.21 -6.35
CA GLN A 19 2.79 2.85 -7.11
C GLN A 19 3.98 2.73 -6.17
N ASP A 20 4.06 3.64 -5.20
CA ASP A 20 5.15 3.61 -4.25
C ASP A 20 5.12 2.30 -3.45
N PHE A 21 3.94 1.94 -2.96
CA PHE A 21 3.80 0.70 -2.19
C PHE A 21 4.15 -0.50 -3.04
N ILE A 22 3.60 -0.54 -4.25
CA ILE A 22 3.87 -1.63 -5.15
C ILE A 22 5.38 -1.71 -5.37
N SER A 23 5.97 -0.57 -5.67
CA SER A 23 7.40 -0.49 -5.90
C SER A 23 8.18 -1.03 -4.70
N GLY A 24 7.73 -0.70 -3.49
CA GLY A 24 8.42 -1.17 -2.28
C GLY A 24 8.24 -2.66 -2.04
N ILE A 25 7.06 -3.20 -2.38
CA ILE A 25 6.82 -4.62 -2.18
C ILE A 25 7.70 -5.44 -3.10
N LEU A 26 7.92 -4.94 -4.31
CA LEU A 26 8.77 -5.63 -5.26
C LEU A 26 10.23 -5.30 -4.97
N GLU A 27 10.44 -4.19 -4.26
CA GLU A 27 11.78 -3.75 -3.89
C GLU A 27 12.33 -4.67 -2.81
N ASN A 28 11.45 -5.11 -1.92
CA ASN A 28 11.84 -6.02 -0.85
C ASN A 28 11.61 -7.47 -1.27
N GLU A 29 12.36 -8.39 -0.69
CA GLU A 29 12.25 -9.80 -1.05
C GLU A 29 10.86 -10.34 -0.72
N GLN A 30 10.21 -9.72 0.25
CA GLN A 30 8.88 -10.14 0.67
C GLN A 30 7.96 -10.34 -0.54
N LYS A 31 8.31 -9.69 -1.64
CA LYS A 31 7.49 -9.78 -2.85
C LYS A 31 7.24 -11.24 -3.22
N ASP A 32 8.10 -12.13 -2.75
CA ASP A 32 7.92 -13.56 -3.04
C ASP A 32 6.58 -14.02 -2.51
N LEU A 33 6.18 -13.48 -1.36
CA LEU A 33 4.90 -13.84 -0.75
C LEU A 33 3.75 -13.38 -1.65
N VAL A 34 3.97 -12.26 -2.35
CA VAL A 34 2.95 -11.71 -3.23
C VAL A 34 2.67 -12.69 -4.37
N ALA A 35 3.73 -13.23 -4.95
CA ALA A 35 3.59 -14.18 -6.04
C ALA A 35 2.82 -15.39 -5.53
N LYS A 36 3.16 -15.78 -4.30
CA LYS A 36 2.50 -16.90 -3.66
C LYS A 36 1.02 -16.60 -3.45
N LEU A 37 0.76 -15.43 -2.89
CA LEU A 37 -0.61 -15.01 -2.63
C LEU A 37 -1.50 -15.26 -3.84
N THR A 38 -1.08 -14.77 -5.00
CA THR A 38 -1.86 -14.94 -6.23
C THR A 38 -1.25 -16.01 -7.13
N ASN A 39 -0.20 -16.65 -6.65
CA ASN A 39 0.46 -17.71 -7.42
C ASN A 39 1.03 -17.17 -8.74
N SER A 40 1.44 -15.91 -8.75
CA SER A 40 2.00 -15.31 -9.96
C SER A 40 1.82 -13.80 -9.94
N ASP A 41 2.07 -13.15 -11.07
CA ASP A 41 1.94 -11.71 -11.13
C ASP A 41 2.60 -11.12 -9.90
N PRO A 42 3.89 -11.30 -9.79
CA PRO A 42 4.66 -10.81 -8.62
C PRO A 42 4.70 -9.29 -8.56
N ILE A 43 5.32 -8.69 -9.57
CA ILE A 43 5.43 -7.25 -9.64
C ILE A 43 4.06 -6.58 -9.58
N MET A 44 3.09 -7.16 -10.27
CA MET A 44 1.74 -6.59 -10.28
C MET A 44 1.27 -6.37 -8.86
N ASN A 45 1.78 -7.18 -7.93
CA ASN A 45 1.42 -7.06 -6.53
C ASN A 45 -0.09 -7.10 -6.35
N GLN A 46 -0.77 -7.83 -7.22
CA GLN A 46 -2.22 -7.94 -7.13
C GLN A 46 -2.84 -6.55 -7.16
N LEU A 47 -2.40 -5.72 -8.09
CA LEU A 47 -2.89 -4.35 -8.20
C LEU A 47 -4.36 -4.27 -7.75
N ASP A 48 -5.21 -5.10 -8.34
CA ASP A 48 -6.64 -5.07 -8.02
C ASP A 48 -6.90 -5.36 -6.53
N LEU A 49 -6.36 -6.45 -6.02
CA LEU A 49 -6.56 -6.80 -4.62
C LEU A 49 -5.84 -5.81 -3.71
N LEU A 50 -4.63 -5.45 -4.09
CA LEU A 50 -3.84 -4.53 -3.29
C LEU A 50 -4.61 -3.22 -3.08
N HIS A 51 -5.23 -2.72 -4.15
CA HIS A 51 -5.99 -1.48 -4.04
C HIS A 51 -7.11 -1.60 -3.03
N LYS A 52 -7.89 -2.67 -3.08
CA LYS A 52 -8.98 -2.84 -2.13
C LYS A 52 -8.45 -2.83 -0.70
N TRP A 53 -7.38 -3.60 -0.47
CA TRP A 53 -6.77 -3.67 0.85
C TRP A 53 -6.34 -2.28 1.30
N LEU A 54 -5.58 -1.61 0.44
CA LEU A 54 -5.09 -0.28 0.75
C LEU A 54 -6.26 0.63 1.10
N ASP A 55 -7.27 0.65 0.24
CA ASP A 55 -8.44 1.48 0.47
C ASP A 55 -9.11 1.18 1.82
N ARG A 56 -9.26 -0.09 2.16
CA ARG A 56 -9.88 -0.47 3.43
C ARG A 56 -9.13 0.11 4.62
N HIS A 57 -7.81 0.24 4.49
CA HIS A 57 -7.02 0.77 5.60
C HIS A 57 -6.32 2.07 5.22
N ARG A 58 -6.85 2.77 4.23
CA ARG A 58 -6.25 4.03 3.79
C ARG A 58 -6.11 5.00 4.98
N ASP A 59 -7.07 4.94 5.88
CA ASP A 59 -7.05 5.81 7.06
C ASP A 59 -5.78 5.60 7.85
N MET A 60 -5.27 4.37 7.82
CA MET A 60 -4.06 4.02 8.53
C MET A 60 -2.90 4.90 8.07
N CYS A 61 -2.97 5.37 6.83
CA CYS A 61 -1.91 6.21 6.28
C CYS A 61 -1.72 7.49 7.07
N GLU A 62 -2.77 7.96 7.71
CA GLU A 62 -2.70 9.21 8.47
C GLU A 62 -1.92 9.03 9.78
N LYS A 63 -1.66 7.79 10.16
CA LYS A 63 -0.93 7.51 11.41
C LYS A 63 0.59 7.55 11.22
N TRP A 64 1.06 8.21 10.17
CA TRP A 64 2.49 8.30 9.94
C TRP A 64 2.83 9.28 8.82
N LYS A 65 2.01 9.30 7.78
CA LYS A 65 2.26 10.19 6.64
C LYS A 65 3.53 9.75 5.92
N SER A 66 4.43 9.14 6.67
CA SER A 66 5.68 8.66 6.10
C SER A 66 5.46 7.30 5.46
N LYS A 67 5.93 7.15 4.23
CA LYS A 67 5.75 5.90 3.52
C LYS A 67 6.57 4.78 4.17
N GLU A 68 7.78 5.10 4.62
CA GLU A 68 8.63 4.06 5.22
C GLU A 68 7.94 3.44 6.44
N ASP A 69 7.27 4.26 7.25
CA ASP A 69 6.57 3.74 8.41
C ASP A 69 5.45 2.80 7.98
N ILE A 70 4.63 3.28 7.05
CA ILE A 70 3.51 2.49 6.54
C ILE A 70 4.00 1.16 5.96
N LEU A 71 5.09 1.22 5.20
CA LEU A 71 5.62 0.01 4.59
C LEU A 71 5.93 -1.04 5.64
N HIS A 72 6.52 -0.61 6.75
CA HIS A 72 6.86 -1.54 7.82
C HIS A 72 5.63 -2.20 8.43
N LYS A 73 4.66 -1.38 8.81
CA LYS A 73 3.43 -1.92 9.40
C LYS A 73 2.77 -2.87 8.41
N LEU A 74 2.60 -2.41 7.18
CA LEU A 74 1.98 -3.24 6.16
C LEU A 74 2.77 -4.53 5.94
N ASN A 75 4.09 -4.46 6.00
CA ASN A 75 4.90 -5.66 5.79
C ASN A 75 4.47 -6.73 6.78
N GLU A 76 4.32 -6.33 8.05
CA GLU A 76 3.91 -7.26 9.09
C GLU A 76 2.45 -7.70 8.88
N GLN A 77 1.61 -6.76 8.48
CA GLN A 77 0.20 -7.08 8.24
C GLN A 77 0.09 -7.98 7.02
N TRP A 78 0.87 -7.67 6.00
CA TRP A 78 0.86 -8.45 4.77
C TRP A 78 1.11 -9.93 5.09
N ASN A 79 2.07 -10.18 5.98
CA ASN A 79 2.40 -11.54 6.36
C ASN A 79 1.26 -12.17 7.16
N LYS A 80 0.60 -11.36 8.00
CA LYS A 80 -0.51 -11.86 8.80
C LYS A 80 -1.79 -11.80 7.98
N ASP A 81 -1.69 -11.22 6.79
CA ASP A 81 -2.83 -11.12 5.89
C ASP A 81 -3.14 -12.47 5.28
N GLY A 1 -14.25 27.08 4.50
CA GLY A 1 -13.32 26.30 3.64
C GLY A 1 -12.00 27.05 3.48
N PRO A 2 -11.17 27.04 4.49
CA PRO A 2 -9.85 27.74 4.46
C PRO A 2 -8.81 26.96 3.65
N LEU A 3 -9.18 25.77 3.19
CA LEU A 3 -8.28 24.93 2.42
C LEU A 3 -7.08 24.50 3.27
N GLY A 4 -5.98 25.25 3.17
CA GLY A 4 -4.79 24.93 3.93
C GLY A 4 -4.20 23.61 3.46
N SER A 5 -4.30 23.34 2.16
CA SER A 5 -3.81 22.10 1.60
C SER A 5 -4.06 20.94 2.57
N MET A 6 -4.96 21.19 3.51
CA MET A 6 -5.31 20.18 4.51
C MET A 6 -6.47 19.32 4.04
N ASN A 7 -6.25 18.00 3.99
CA ASN A 7 -7.29 17.08 3.56
C ASN A 7 -6.73 15.69 3.27
N LYS A 8 -7.60 14.81 2.79
CA LYS A 8 -7.20 13.45 2.46
C LYS A 8 -6.54 13.39 1.10
N PHE A 9 -5.99 12.23 0.78
CA PHE A 9 -5.32 12.03 -0.50
C PHE A 9 -6.34 11.84 -1.63
N THR A 10 -6.05 12.43 -2.79
CA THR A 10 -6.94 12.32 -3.94
C THR A 10 -6.65 11.04 -4.71
N ASP A 11 -7.54 10.68 -5.62
CA ASP A 11 -7.36 9.47 -6.41
C ASP A 11 -5.99 9.50 -7.08
N ASP A 12 -5.61 10.67 -7.59
CA ASP A 12 -4.31 10.80 -8.25
C ASP A 12 -3.19 10.63 -7.23
N GLU A 13 -3.34 11.29 -6.09
CA GLU A 13 -2.34 11.19 -5.03
C GLU A 13 -2.30 9.76 -4.51
N TRP A 14 -3.49 9.18 -4.37
CA TRP A 14 -3.62 7.83 -3.88
C TRP A 14 -2.96 6.85 -4.84
N ASN A 15 -3.26 7.00 -6.13
CA ASN A 15 -2.67 6.13 -7.14
C ASN A 15 -1.16 6.13 -7.04
N GLN A 16 -0.62 7.31 -6.77
CA GLN A 16 0.82 7.46 -6.62
C GLN A 16 1.28 6.67 -5.40
N LEU A 17 0.51 6.76 -4.33
CA LEU A 17 0.82 6.05 -3.10
C LEU A 17 0.83 4.55 -3.36
N LYS A 18 -0.12 4.09 -4.17
CA LYS A 18 -0.21 2.67 -4.51
C LYS A 18 1.08 2.21 -5.18
N GLN A 19 1.56 3.01 -6.11
CA GLN A 19 2.79 2.66 -6.81
C GLN A 19 3.93 2.52 -5.82
N ASP A 20 4.00 3.45 -4.87
CA ASP A 20 5.04 3.40 -3.86
C ASP A 20 4.94 2.13 -3.04
N PHE A 21 3.71 1.76 -2.66
CA PHE A 21 3.51 0.54 -1.89
C PHE A 21 3.94 -0.65 -2.73
N ILE A 22 3.49 -0.66 -3.98
CA ILE A 22 3.85 -1.71 -4.91
C ILE A 22 5.37 -1.76 -5.06
N SER A 23 5.96 -0.59 -5.28
CA SER A 23 7.41 -0.50 -5.45
C SER A 23 8.13 -1.09 -4.24
N GLY A 24 7.64 -0.75 -3.04
CA GLY A 24 8.24 -1.24 -1.81
C GLY A 24 8.10 -2.77 -1.69
N ILE A 25 6.98 -3.30 -2.16
CA ILE A 25 6.73 -4.74 -2.10
C ILE A 25 7.63 -5.47 -3.09
N LEU A 26 7.79 -4.88 -4.26
CA LEU A 26 8.63 -5.46 -5.29
C LEU A 26 10.10 -5.16 -5.00
N GLU A 27 10.34 -4.08 -4.27
CA GLU A 27 11.70 -3.67 -3.93
C GLU A 27 12.32 -4.62 -2.90
N ASN A 28 11.52 -5.06 -1.95
CA ASN A 28 12.01 -5.96 -0.91
C ASN A 28 11.89 -7.42 -1.33
N GLU A 29 12.66 -8.29 -0.68
CA GLU A 29 12.62 -9.72 -0.98
C GLU A 29 11.24 -10.29 -0.69
N GLN A 30 10.56 -9.70 0.29
CA GLN A 30 9.23 -10.16 0.67
C GLN A 30 8.28 -10.16 -0.53
N LYS A 31 8.77 -9.69 -1.67
CA LYS A 31 7.94 -9.65 -2.88
C LYS A 31 7.45 -11.06 -3.21
N ASP A 32 8.22 -12.06 -2.83
CA ASP A 32 7.86 -13.45 -3.09
C ASP A 32 6.51 -13.78 -2.46
N LEU A 33 6.27 -13.24 -1.28
CA LEU A 33 5.03 -13.49 -0.56
C LEU A 33 3.81 -13.11 -1.39
N VAL A 34 3.84 -11.94 -1.99
CA VAL A 34 2.71 -11.47 -2.80
C VAL A 34 2.65 -12.23 -4.11
N ALA A 35 3.80 -12.52 -4.70
CA ALA A 35 3.83 -13.23 -5.96
C ALA A 35 3.09 -14.55 -5.80
N LYS A 36 3.34 -15.22 -4.67
CA LYS A 36 2.67 -16.47 -4.37
C LYS A 36 1.17 -16.26 -4.31
N LEU A 37 0.75 -15.23 -3.59
CA LEU A 37 -0.68 -14.95 -3.48
C LEU A 37 -1.28 -14.73 -4.86
N THR A 38 -0.62 -13.91 -5.68
CA THR A 38 -1.11 -13.64 -7.03
C THR A 38 -0.52 -14.65 -8.01
N ASN A 39 -0.05 -15.77 -7.48
CA ASN A 39 0.55 -16.83 -8.31
C ASN A 39 2.03 -16.54 -8.57
N SER A 40 2.30 -15.61 -9.49
CA SER A 40 3.67 -15.27 -9.81
C SER A 40 3.72 -14.09 -10.79
N ASP A 41 3.17 -12.96 -10.37
CA ASP A 41 3.18 -11.76 -11.21
C ASP A 41 4.42 -10.93 -10.94
N PRO A 42 4.91 -10.25 -11.94
CA PRO A 42 6.11 -9.39 -11.79
C PRO A 42 5.86 -8.23 -10.83
N ILE A 43 5.21 -7.18 -11.31
CA ILE A 43 4.90 -6.04 -10.47
C ILE A 43 3.51 -6.17 -9.87
N MET A 44 2.49 -5.82 -10.66
CA MET A 44 1.10 -5.90 -10.21
C MET A 44 1.02 -5.91 -8.69
N ASN A 45 1.36 -7.05 -8.10
CA ASN A 45 1.33 -7.19 -6.65
C ASN A 45 -0.09 -7.07 -6.12
N GLN A 46 -1.02 -7.76 -6.78
CA GLN A 46 -2.42 -7.75 -6.38
C GLN A 46 -3.06 -6.38 -6.58
N LEU A 47 -2.74 -5.71 -7.68
CA LEU A 47 -3.32 -4.40 -7.92
C LEU A 47 -4.79 -4.36 -7.49
N ASP A 48 -5.59 -5.28 -8.01
CA ASP A 48 -7.03 -5.32 -7.69
C ASP A 48 -7.29 -5.53 -6.19
N LEU A 49 -6.76 -6.62 -5.63
CA LEU A 49 -6.97 -6.89 -4.21
C LEU A 49 -6.25 -5.86 -3.36
N LEU A 50 -5.05 -5.49 -3.77
CA LEU A 50 -4.26 -4.52 -3.04
C LEU A 50 -5.03 -3.21 -2.93
N HIS A 51 -5.66 -2.79 -4.03
CA HIS A 51 -6.42 -1.55 -4.02
C HIS A 51 -7.52 -1.57 -2.98
N LYS A 52 -8.31 -2.65 -2.96
CA LYS A 52 -9.39 -2.73 -1.97
C LYS A 52 -8.79 -2.72 -0.57
N TRP A 53 -7.78 -3.55 -0.37
CA TRP A 53 -7.10 -3.63 0.91
C TRP A 53 -6.60 -2.24 1.33
N LEU A 54 -5.80 -1.65 0.46
CA LEU A 54 -5.23 -0.33 0.73
C LEU A 54 -6.32 0.71 1.03
N ASP A 55 -7.31 0.77 0.14
CA ASP A 55 -8.42 1.73 0.28
C ASP A 55 -9.16 1.55 1.61
N ARG A 56 -9.43 0.29 1.97
CA ARG A 56 -10.14 -0.01 3.20
C ARG A 56 -9.35 0.45 4.42
N HIS A 57 -8.03 0.41 4.30
CA HIS A 57 -7.15 0.81 5.38
C HIS A 57 -6.40 2.10 5.04
N ARG A 58 -6.92 2.82 4.04
CA ARG A 58 -6.31 4.08 3.63
C ARG A 58 -6.11 4.99 4.84
N ASP A 59 -7.02 4.88 5.78
CA ASP A 59 -6.96 5.69 6.99
C ASP A 59 -5.61 5.53 7.68
N MET A 60 -4.97 4.39 7.45
CA MET A 60 -3.66 4.13 8.04
C MET A 60 -2.70 5.26 7.68
N CYS A 61 -2.82 5.76 6.46
CA CYS A 61 -1.96 6.84 5.99
C CYS A 61 -2.23 8.12 6.76
N GLU A 62 -3.46 8.27 7.23
CA GLU A 62 -3.84 9.45 7.99
C GLU A 62 -3.23 9.37 9.40
N LYS A 63 -2.94 8.16 9.84
CA LYS A 63 -2.38 7.95 11.17
C LYS A 63 -0.87 8.22 11.23
N TRP A 64 -0.09 7.58 10.36
CA TRP A 64 1.36 7.81 10.39
C TRP A 64 1.79 8.88 9.38
N LYS A 65 1.02 9.05 8.32
CA LYS A 65 1.36 10.04 7.29
C LYS A 65 2.77 9.77 6.76
N SER A 66 3.43 8.76 7.32
CA SER A 66 4.79 8.41 6.92
C SER A 66 4.81 7.54 5.66
N LYS A 67 5.98 7.41 5.06
CA LYS A 67 6.14 6.61 3.86
C LYS A 67 6.82 5.28 4.14
N GLU A 68 8.13 5.33 4.42
CA GLU A 68 8.91 4.12 4.68
C GLU A 68 8.39 3.38 5.92
N ASP A 69 7.99 4.14 6.94
CA ASP A 69 7.47 3.50 8.15
C ASP A 69 6.22 2.70 7.86
N ILE A 70 5.33 3.26 7.06
CA ILE A 70 4.10 2.57 6.71
C ILE A 70 4.41 1.25 6.00
N LEU A 71 5.37 1.29 5.07
CA LEU A 71 5.75 0.09 4.33
C LEU A 71 6.15 -1.03 5.30
N HIS A 72 6.87 -0.68 6.34
CA HIS A 72 7.29 -1.67 7.31
C HIS A 72 6.06 -2.33 7.94
N LYS A 73 5.07 -1.52 8.25
CA LYS A 73 3.85 -2.02 8.84
C LYS A 73 3.16 -2.99 7.90
N LEU A 74 2.95 -2.58 6.65
CA LEU A 74 2.30 -3.45 5.68
C LEU A 74 3.03 -4.78 5.55
N ASN A 75 4.36 -4.74 5.59
CA ASN A 75 5.14 -5.97 5.49
C ASN A 75 4.69 -6.97 6.55
N GLU A 76 4.54 -6.48 7.78
CA GLU A 76 4.09 -7.35 8.87
C GLU A 76 2.64 -7.79 8.68
N GLN A 77 1.80 -6.87 8.22
CA GLN A 77 0.39 -7.19 8.00
C GLN A 77 0.25 -8.14 6.81
N TRP A 78 1.03 -7.87 5.77
CA TRP A 78 1.01 -8.70 4.57
C TRP A 78 1.28 -10.16 4.94
N ASN A 79 2.26 -10.35 5.83
CA ASN A 79 2.62 -11.69 6.28
C ASN A 79 1.53 -12.25 7.19
N LYS A 80 0.90 -11.38 7.96
CA LYS A 80 -0.15 -11.79 8.88
C LYS A 80 -1.49 -11.88 8.17
N ASP A 81 -1.56 -11.34 6.96
CA ASP A 81 -2.79 -11.35 6.18
C ASP A 81 -2.52 -11.84 4.76
N GLY A 1 -9.23 31.63 1.47
CA GLY A 1 -7.74 31.80 1.50
C GLY A 1 -7.09 30.57 2.10
N PRO A 2 -6.91 30.56 3.39
CA PRO A 2 -6.27 29.42 4.12
C PRO A 2 -7.08 28.13 3.99
N LEU A 3 -6.38 27.01 4.00
CA LEU A 3 -7.03 25.70 3.89
C LEU A 3 -6.18 24.63 4.55
N GLY A 4 -4.88 24.90 4.65
CA GLY A 4 -3.95 23.95 5.27
C GLY A 4 -4.02 22.58 4.60
N SER A 5 -4.64 22.56 3.42
CA SER A 5 -4.77 21.32 2.66
C SER A 5 -5.15 20.15 3.58
N MET A 6 -5.92 20.43 4.62
CA MET A 6 -6.34 19.38 5.54
C MET A 6 -7.49 18.57 4.96
N ASN A 7 -7.29 17.26 4.84
CA ASN A 7 -8.30 16.37 4.30
C ASN A 7 -7.68 15.04 3.92
N LYS A 8 -8.47 14.19 3.26
CA LYS A 8 -8.00 12.88 2.85
C LYS A 8 -7.19 12.99 1.55
N PHE A 9 -6.53 11.89 1.19
CA PHE A 9 -5.72 11.87 -0.02
C PHE A 9 -6.58 11.78 -1.28
N THR A 10 -6.14 12.44 -2.34
CA THR A 10 -6.90 12.45 -3.60
C THR A 10 -6.61 11.19 -4.40
N ASP A 11 -7.51 10.88 -5.32
CA ASP A 11 -7.36 9.68 -6.14
C ASP A 11 -5.99 9.66 -6.84
N ASP A 12 -5.58 10.80 -7.37
CA ASP A 12 -4.29 10.87 -8.05
C ASP A 12 -3.14 10.69 -7.05
N GLU A 13 -3.24 11.37 -5.91
CA GLU A 13 -2.22 11.26 -4.88
C GLU A 13 -2.19 9.82 -4.36
N TRP A 14 -3.38 9.26 -4.20
CA TRP A 14 -3.51 7.91 -3.71
C TRP A 14 -2.83 6.96 -4.70
N ASN A 15 -3.12 7.15 -5.99
CA ASN A 15 -2.54 6.30 -7.02
C ASN A 15 -1.01 6.32 -6.93
N GLN A 16 -0.44 7.49 -6.66
CA GLN A 16 1.02 7.60 -6.52
C GLN A 16 1.46 6.76 -5.34
N LEU A 17 0.72 6.87 -4.24
CA LEU A 17 1.03 6.11 -3.04
C LEU A 17 1.01 4.62 -3.34
N LYS A 18 0.05 4.21 -4.17
CA LYS A 18 -0.07 2.81 -4.54
C LYS A 18 1.21 2.34 -5.21
N GLN A 19 1.73 3.14 -6.15
CA GLN A 19 2.95 2.76 -6.85
C GLN A 19 4.09 2.58 -5.87
N ASP A 20 4.20 3.48 -4.90
CA ASP A 20 5.28 3.40 -3.94
C ASP A 20 5.21 2.10 -3.15
N PHE A 21 3.99 1.72 -2.74
CA PHE A 21 3.81 0.48 -2.00
C PHE A 21 4.13 -0.70 -2.90
N ILE A 22 3.65 -0.65 -4.14
CA ILE A 22 3.92 -1.73 -5.08
C ILE A 22 5.42 -1.89 -5.24
N SER A 23 6.11 -0.78 -5.50
CA SER A 23 7.55 -0.80 -5.68
C SER A 23 8.23 -1.37 -4.44
N GLY A 24 7.77 -0.96 -3.26
CA GLY A 24 8.33 -1.45 -2.02
C GLY A 24 8.15 -2.96 -1.88
N ILE A 25 7.02 -3.46 -2.39
CA ILE A 25 6.73 -4.88 -2.31
C ILE A 25 7.61 -5.67 -3.27
N LEU A 26 7.79 -5.16 -4.49
CA LEU A 26 8.63 -5.84 -5.47
C LEU A 26 10.10 -5.61 -5.12
N GLU A 27 10.35 -4.48 -4.48
CA GLU A 27 11.71 -4.13 -4.07
C GLU A 27 12.16 -4.97 -2.88
N ASN A 28 11.20 -5.46 -2.11
CA ASN A 28 11.52 -6.27 -0.93
C ASN A 28 11.40 -7.76 -1.23
N GLU A 29 12.03 -8.57 -0.39
CA GLU A 29 12.00 -10.02 -0.54
C GLU A 29 10.56 -10.54 -0.46
N GLN A 30 9.74 -9.83 0.31
CA GLN A 30 8.34 -10.21 0.49
C GLN A 30 7.63 -10.31 -0.85
N LYS A 31 8.29 -9.88 -1.93
CA LYS A 31 7.68 -9.96 -3.25
C LYS A 31 7.25 -11.39 -3.55
N ASP A 32 8.09 -12.33 -3.15
CA ASP A 32 7.81 -13.75 -3.36
C ASP A 32 6.48 -14.12 -2.69
N LEU A 33 6.31 -13.64 -1.46
CA LEU A 33 5.10 -13.93 -0.69
C LEU A 33 3.83 -13.50 -1.45
N VAL A 34 3.83 -12.27 -1.97
CA VAL A 34 2.67 -11.80 -2.70
C VAL A 34 2.49 -12.61 -3.98
N ALA A 35 3.61 -13.02 -4.57
CA ALA A 35 3.55 -13.80 -5.79
C ALA A 35 2.76 -15.08 -5.57
N LYS A 36 2.93 -15.69 -4.40
CA LYS A 36 2.20 -16.92 -4.10
C LYS A 36 0.71 -16.63 -3.96
N LEU A 37 0.39 -15.58 -3.22
CA LEU A 37 -1.01 -15.22 -3.01
C LEU A 37 -1.74 -15.11 -4.34
N THR A 38 -1.09 -14.50 -5.32
CA THR A 38 -1.66 -14.37 -6.65
C THR A 38 -1.46 -15.66 -7.42
N ASN A 39 -0.79 -16.60 -6.76
CA ASN A 39 -0.49 -17.89 -7.36
C ASN A 39 0.16 -17.68 -8.71
N SER A 40 0.98 -16.63 -8.80
CA SER A 40 1.68 -16.27 -10.04
C SER A 40 1.42 -14.81 -10.39
N ASP A 41 2.43 -13.97 -10.18
CA ASP A 41 2.33 -12.53 -10.47
C ASP A 41 3.05 -11.74 -9.39
N PRO A 42 4.35 -11.80 -9.36
CA PRO A 42 5.15 -11.06 -8.33
C PRO A 42 5.00 -9.56 -8.46
N ILE A 43 5.33 -9.06 -9.64
CA ILE A 43 5.26 -7.63 -9.92
C ILE A 43 3.86 -7.05 -9.67
N MET A 44 2.83 -7.77 -10.10
CA MET A 44 1.47 -7.26 -9.93
C MET A 44 1.25 -6.81 -8.49
N ASN A 45 1.86 -7.51 -7.55
CA ASN A 45 1.71 -7.15 -6.15
C ASN A 45 0.25 -7.19 -5.73
N GLN A 46 -0.56 -7.95 -6.47
CA GLN A 46 -2.00 -8.07 -6.19
C GLN A 46 -2.70 -6.71 -6.31
N LEU A 47 -2.33 -5.96 -7.35
CA LEU A 47 -2.91 -4.63 -7.60
C LEU A 47 -4.41 -4.56 -7.30
N ASP A 48 -5.20 -5.40 -7.96
CA ASP A 48 -6.65 -5.36 -7.76
C ASP A 48 -7.01 -5.56 -6.28
N LEU A 49 -6.47 -6.60 -5.67
CA LEU A 49 -6.73 -6.84 -4.26
C LEU A 49 -6.05 -5.76 -3.44
N LEU A 50 -4.90 -5.31 -3.93
CA LEU A 50 -4.15 -4.28 -3.23
C LEU A 50 -5.03 -3.06 -3.07
N HIS A 51 -5.70 -2.66 -4.15
CA HIS A 51 -6.59 -1.51 -4.11
C HIS A 51 -7.68 -1.71 -3.08
N LYS A 52 -8.27 -2.90 -3.07
CA LYS A 52 -9.32 -3.20 -2.12
C LYS A 52 -8.77 -3.11 -0.69
N TRP A 53 -7.68 -3.83 -0.46
CA TRP A 53 -7.03 -3.86 0.85
C TRP A 53 -6.56 -2.46 1.24
N LEU A 54 -5.82 -1.82 0.34
CA LEU A 54 -5.30 -0.49 0.62
C LEU A 54 -6.42 0.48 0.94
N ASP A 55 -7.43 0.55 0.08
CA ASP A 55 -8.55 1.45 0.28
C ASP A 55 -9.22 1.21 1.64
N ARG A 56 -9.38 -0.07 2.01
CA ARG A 56 -10.01 -0.43 3.27
C ARG A 56 -9.22 0.12 4.47
N HIS A 57 -7.89 0.20 4.33
CA HIS A 57 -7.07 0.71 5.42
C HIS A 57 -6.40 2.04 5.05
N ARG A 58 -6.94 2.73 4.05
CA ARG A 58 -6.38 4.02 3.63
C ARG A 58 -6.28 4.96 4.83
N ASP A 59 -7.24 4.83 5.72
CA ASP A 59 -7.27 5.65 6.93
C ASP A 59 -5.97 5.51 7.70
N MET A 60 -5.41 4.31 7.65
CA MET A 60 -4.18 4.01 8.36
C MET A 60 -3.06 4.98 7.97
N CYS A 61 -3.11 5.51 6.75
CA CYS A 61 -2.08 6.42 6.27
C CYS A 61 -2.00 7.69 7.11
N GLU A 62 -3.13 8.08 7.70
CA GLU A 62 -3.17 9.27 8.51
C GLU A 62 -2.47 9.06 9.85
N LYS A 63 -2.18 7.79 10.17
CA LYS A 63 -1.54 7.45 11.44
C LYS A 63 -0.01 7.53 11.35
N TRP A 64 0.49 8.18 10.33
CA TRP A 64 1.94 8.36 10.18
C TRP A 64 2.24 9.28 9.01
N LYS A 65 1.40 9.20 7.98
CA LYS A 65 1.58 10.05 6.81
C LYS A 65 3.00 9.93 6.28
N SER A 66 3.80 9.06 6.93
CA SER A 66 5.17 8.84 6.51
C SER A 66 5.21 7.72 5.48
N LYS A 67 6.32 7.63 4.76
CA LYS A 67 6.46 6.63 3.71
C LYS A 67 7.18 5.35 4.16
N GLU A 68 8.45 5.46 4.54
CA GLU A 68 9.21 4.27 4.93
C GLU A 68 8.62 3.60 6.17
N ASP A 69 8.08 4.39 7.09
CA ASP A 69 7.49 3.81 8.30
C ASP A 69 6.27 2.99 7.93
N ILE A 70 5.42 3.56 7.08
CA ILE A 70 4.22 2.86 6.66
C ILE A 70 4.57 1.56 5.96
N LEU A 71 5.62 1.60 5.14
CA LEU A 71 6.03 0.41 4.42
C LEU A 71 6.34 -0.70 5.42
N HIS A 72 6.96 -0.32 6.52
CA HIS A 72 7.29 -1.29 7.56
C HIS A 72 6.00 -1.90 8.09
N LYS A 73 5.01 -1.05 8.38
CA LYS A 73 3.74 -1.52 8.91
C LYS A 73 3.03 -2.45 7.92
N LEU A 74 2.85 -2.00 6.68
CA LEU A 74 2.18 -2.84 5.68
C LEU A 74 2.90 -4.16 5.49
N ASN A 75 4.23 -4.14 5.54
CA ASN A 75 4.99 -5.38 5.38
C ASN A 75 4.57 -6.39 6.44
N GLU A 76 4.43 -5.90 7.67
CA GLU A 76 4.04 -6.76 8.78
C GLU A 76 2.63 -7.32 8.58
N GLN A 77 1.74 -6.49 8.06
CA GLN A 77 0.37 -6.93 7.81
C GLN A 77 0.33 -7.84 6.59
N TRP A 78 1.17 -7.53 5.62
CA TRP A 78 1.24 -8.31 4.40
C TRP A 78 1.49 -9.78 4.72
N ASN A 79 2.43 -10.03 5.62
CA ASN A 79 2.75 -11.39 6.00
C ASN A 79 1.67 -11.97 6.90
N LYS A 80 1.08 -11.10 7.73
CA LYS A 80 0.03 -11.52 8.65
C LYS A 80 -1.35 -11.36 8.02
N ASP A 81 -1.82 -10.12 7.89
CA ASP A 81 -3.12 -9.86 7.28
C ASP A 81 -3.22 -8.42 6.77
N GLY A 1 -8.40 28.89 5.13
CA GLY A 1 -9.11 27.91 6.00
C GLY A 1 -8.11 26.90 6.55
N PRO A 2 -8.59 25.96 7.33
CA PRO A 2 -7.73 24.91 7.97
C PRO A 2 -7.10 23.97 6.95
N LEU A 3 -5.87 23.54 7.22
CA LEU A 3 -5.16 22.64 6.31
C LEU A 3 -4.38 21.58 7.08
N GLY A 4 -3.06 21.62 6.96
CA GLY A 4 -2.22 20.65 7.65
C GLY A 4 -2.45 19.25 7.10
N SER A 5 -2.60 18.28 8.00
CA SER A 5 -2.82 16.88 7.60
C SER A 5 -4.31 16.61 7.35
N MET A 6 -5.12 17.65 7.43
CA MET A 6 -6.56 17.52 7.25
C MET A 6 -6.94 17.24 5.80
N ASN A 7 -8.00 16.44 5.63
CA ASN A 7 -8.50 16.06 4.31
C ASN A 7 -7.79 14.80 3.80
N LYS A 8 -8.54 13.94 3.11
CA LYS A 8 -7.99 12.70 2.58
C LYS A 8 -7.30 12.92 1.24
N PHE A 9 -6.50 11.92 0.82
CA PHE A 9 -5.79 12.00 -0.44
C PHE A 9 -6.73 11.75 -1.61
N THR A 10 -6.37 12.27 -2.78
CA THR A 10 -7.20 12.09 -3.97
C THR A 10 -6.88 10.78 -4.66
N ASP A 11 -7.82 10.28 -5.46
CA ASP A 11 -7.60 9.03 -6.17
C ASP A 11 -6.29 9.11 -6.95
N ASP A 12 -6.02 10.27 -7.52
CA ASP A 12 -4.79 10.46 -8.30
C ASP A 12 -3.57 10.36 -7.39
N GLU A 13 -3.61 11.09 -6.28
CA GLU A 13 -2.52 11.06 -5.32
C GLU A 13 -2.42 9.69 -4.71
N TRP A 14 -3.59 9.07 -4.54
CA TRP A 14 -3.68 7.74 -3.96
C TRP A 14 -2.99 6.74 -4.87
N ASN A 15 -3.26 6.83 -6.17
CA ASN A 15 -2.65 5.91 -7.13
C ASN A 15 -1.13 6.00 -7.02
N GLN A 16 -0.65 7.21 -6.80
CA GLN A 16 0.78 7.44 -6.67
C GLN A 16 1.30 6.69 -5.45
N LEU A 17 0.53 6.75 -4.37
CA LEU A 17 0.91 6.05 -3.14
C LEU A 17 0.99 4.55 -3.40
N LYS A 18 0.06 4.06 -4.21
CA LYS A 18 0.04 2.64 -4.55
C LYS A 18 1.33 2.24 -5.25
N GLN A 19 1.77 3.05 -6.21
CA GLN A 19 2.98 2.75 -6.95
C GLN A 19 4.18 2.65 -6.02
N ASP A 20 4.27 3.57 -5.05
CA ASP A 20 5.38 3.54 -4.10
C ASP A 20 5.34 2.26 -3.29
N PHE A 21 4.13 1.86 -2.87
CA PHE A 21 3.99 0.65 -2.08
C PHE A 21 4.34 -0.56 -2.93
N ILE A 22 3.85 -0.58 -4.17
CA ILE A 22 4.15 -1.68 -5.08
C ILE A 22 5.66 -1.81 -5.25
N SER A 23 6.31 -0.71 -5.58
CA SER A 23 7.75 -0.73 -5.77
C SER A 23 8.43 -1.30 -4.55
N GLY A 24 7.88 -1.04 -3.37
CA GLY A 24 8.43 -1.56 -2.13
C GLY A 24 8.28 -3.07 -2.03
N ILE A 25 7.17 -3.60 -2.54
CA ILE A 25 6.95 -5.04 -2.51
C ILE A 25 7.85 -5.72 -3.53
N LEU A 26 8.11 -5.02 -4.63
CA LEU A 26 8.95 -5.53 -5.70
C LEU A 26 10.43 -5.25 -5.40
N GLU A 27 10.68 -4.18 -4.67
CA GLU A 27 12.02 -3.81 -4.28
C GLU A 27 12.51 -4.73 -3.19
N ASN A 28 11.55 -5.14 -2.35
CA ASN A 28 11.84 -6.05 -1.26
C ASN A 28 11.50 -7.48 -1.65
N GLU A 29 11.99 -8.42 -0.88
CA GLU A 29 11.73 -9.83 -1.14
C GLU A 29 10.24 -10.13 -1.07
N GLN A 30 9.51 -9.22 -0.42
CA GLN A 30 8.06 -9.38 -0.25
C GLN A 30 7.39 -9.73 -1.57
N LYS A 31 8.09 -9.50 -2.67
CA LYS A 31 7.54 -9.80 -3.99
C LYS A 31 7.19 -11.28 -4.07
N ASP A 32 7.98 -12.11 -3.39
CA ASP A 32 7.74 -13.55 -3.37
C ASP A 32 6.42 -13.86 -2.69
N LEU A 33 6.16 -13.14 -1.60
CA LEU A 33 4.92 -13.32 -0.85
C LEU A 33 3.74 -13.02 -1.74
N VAL A 34 3.92 -12.03 -2.60
CA VAL A 34 2.87 -11.60 -3.53
C VAL A 34 2.52 -12.74 -4.49
N ALA A 35 3.52 -13.34 -5.09
CA ALA A 35 3.28 -14.44 -6.04
C ALA A 35 2.61 -15.61 -5.35
N LYS A 36 3.03 -15.91 -4.12
CA LYS A 36 2.45 -17.02 -3.37
C LYS A 36 0.98 -16.76 -3.11
N LEU A 37 0.67 -15.56 -2.65
CA LEU A 37 -0.70 -15.19 -2.36
C LEU A 37 -1.52 -15.23 -3.65
N THR A 38 -0.91 -14.78 -4.73
CA THR A 38 -1.57 -14.75 -6.04
C THR A 38 -1.21 -16.01 -6.85
N ASN A 39 -1.89 -16.20 -7.96
CA ASN A 39 -1.65 -17.36 -8.81
C ASN A 39 -0.69 -17.03 -9.94
N SER A 40 -0.76 -17.82 -11.01
CA SER A 40 0.10 -17.62 -12.17
C SER A 40 0.25 -16.14 -12.49
N ASP A 41 1.33 -15.54 -12.01
CA ASP A 41 1.60 -14.13 -12.24
C ASP A 41 2.96 -13.77 -11.67
N PRO A 42 3.74 -12.97 -12.35
CA PRO A 42 5.08 -12.55 -11.87
C PRO A 42 4.98 -11.53 -10.75
N ILE A 43 4.81 -10.27 -11.13
CA ILE A 43 4.68 -9.19 -10.16
C ILE A 43 3.21 -8.95 -9.85
N MET A 44 2.56 -8.12 -10.66
CA MET A 44 1.14 -7.83 -10.46
C MET A 44 0.90 -7.13 -9.12
N ASN A 45 1.72 -7.50 -8.13
CA ASN A 45 1.63 -6.93 -6.79
C ASN A 45 0.21 -6.96 -6.25
N GLN A 46 -0.63 -7.77 -6.88
CA GLN A 46 -2.01 -7.89 -6.42
C GLN A 46 -2.71 -6.54 -6.50
N LEU A 47 -2.53 -5.84 -7.61
CA LEU A 47 -3.13 -4.52 -7.75
C LEU A 47 -4.58 -4.49 -7.27
N ASP A 48 -5.40 -5.40 -7.77
CA ASP A 48 -6.82 -5.44 -7.40
C ASP A 48 -7.01 -5.65 -5.90
N LEU A 49 -6.43 -6.72 -5.36
CA LEU A 49 -6.57 -7.00 -3.94
C LEU A 49 -5.84 -5.93 -3.13
N LEU A 50 -4.66 -5.54 -3.60
CA LEU A 50 -3.86 -4.52 -2.91
C LEU A 50 -4.65 -3.22 -2.82
N HIS A 51 -5.27 -2.84 -3.93
CA HIS A 51 -6.05 -1.61 -3.97
C HIS A 51 -7.16 -1.60 -2.93
N LYS A 52 -7.97 -2.66 -2.88
CA LYS A 52 -9.06 -2.72 -1.90
C LYS A 52 -8.48 -2.68 -0.49
N TRP A 53 -7.44 -3.46 -0.27
CA TRP A 53 -6.79 -3.50 1.04
C TRP A 53 -6.33 -2.11 1.44
N LEU A 54 -5.54 -1.49 0.56
CA LEU A 54 -5.03 -0.16 0.82
C LEU A 54 -6.18 0.82 1.05
N ASP A 55 -7.16 0.82 0.15
CA ASP A 55 -8.30 1.72 0.28
C ASP A 55 -8.99 1.53 1.63
N ARG A 56 -9.15 0.29 2.04
CA ARG A 56 -9.81 -0.02 3.30
C ARG A 56 -9.05 0.56 4.49
N HIS A 57 -7.74 0.66 4.38
CA HIS A 57 -6.94 1.17 5.47
C HIS A 57 -6.26 2.50 5.12
N ARG A 58 -6.77 3.18 4.10
CA ARG A 58 -6.20 4.46 3.68
C ARG A 58 -6.10 5.44 4.86
N ASP A 59 -7.07 5.37 5.77
CA ASP A 59 -7.11 6.26 6.93
C ASP A 59 -5.82 6.17 7.74
N MET A 60 -5.22 5.00 7.76
CA MET A 60 -3.99 4.78 8.52
C MET A 60 -2.88 5.74 8.07
N CYS A 61 -2.92 6.12 6.80
CA CYS A 61 -1.91 7.01 6.25
C CYS A 61 -1.90 8.34 6.99
N GLU A 62 -3.06 8.75 7.50
CA GLU A 62 -3.15 10.01 8.23
C GLU A 62 -2.56 9.88 9.64
N LYS A 63 -2.32 8.64 10.08
CA LYS A 63 -1.75 8.44 11.41
C LYS A 63 -0.23 8.53 11.37
N TRP A 64 0.41 7.66 10.58
CA TRP A 64 1.87 7.68 10.50
C TRP A 64 2.38 8.79 9.58
N LYS A 65 1.66 9.04 8.47
CA LYS A 65 2.07 10.09 7.53
C LYS A 65 3.45 9.83 6.95
N SER A 66 4.22 8.95 7.60
CA SER A 66 5.56 8.63 7.09
C SER A 66 5.49 7.42 6.18
N LYS A 67 6.09 7.56 4.99
CA LYS A 67 6.08 6.49 4.01
C LYS A 67 6.80 5.23 4.49
N GLU A 68 8.03 5.37 5.00
CA GLU A 68 8.78 4.21 5.45
C GLU A 68 8.11 3.46 6.61
N ASP A 69 7.51 4.20 7.53
CA ASP A 69 6.87 3.55 8.67
C ASP A 69 5.68 2.70 8.22
N ILE A 70 4.87 3.23 7.33
CA ILE A 70 3.71 2.48 6.85
C ILE A 70 4.15 1.18 6.19
N LEU A 71 5.17 1.26 5.35
CA LEU A 71 5.65 0.07 4.66
C LEU A 71 6.01 -1.01 5.68
N HIS A 72 6.61 -0.61 6.78
CA HIS A 72 6.98 -1.57 7.82
C HIS A 72 5.74 -2.28 8.35
N LYS A 73 4.68 -1.52 8.60
CA LYS A 73 3.45 -2.10 9.11
C LYS A 73 2.82 -3.02 8.08
N LEU A 74 2.68 -2.55 6.85
CA LEU A 74 2.11 -3.39 5.82
C LEU A 74 2.93 -4.66 5.66
N ASN A 75 4.24 -4.54 5.80
CA ASN A 75 5.10 -5.71 5.69
C ASN A 75 4.64 -6.77 6.69
N GLU A 76 4.44 -6.33 7.94
CA GLU A 76 3.99 -7.24 9.00
C GLU A 76 2.55 -7.68 8.78
N GLN A 77 1.70 -6.73 8.37
CA GLN A 77 0.29 -7.05 8.15
C GLN A 77 0.11 -7.94 6.92
N TRP A 78 0.81 -7.60 5.84
CA TRP A 78 0.74 -8.39 4.62
C TRP A 78 1.07 -9.84 4.91
N ASN A 79 2.10 -10.06 5.75
CA ASN A 79 2.49 -11.41 6.12
C ASN A 79 1.43 -12.05 7.00
N LYS A 80 0.83 -11.23 7.87
CA LYS A 80 -0.20 -11.70 8.77
C LYS A 80 -1.55 -11.75 8.05
N ASP A 81 -1.58 -11.22 6.83
CA ASP A 81 -2.80 -11.21 6.05
C ASP A 81 -2.49 -11.48 4.58
N GLY A 1 -7.86 26.12 15.17
CA GLY A 1 -6.72 26.48 14.28
C GLY A 1 -6.93 25.82 12.92
N PRO A 2 -5.89 25.76 12.13
CA PRO A 2 -5.95 25.16 10.76
C PRO A 2 -6.34 23.69 10.82
N LEU A 3 -7.07 23.24 9.80
CA LEU A 3 -7.48 21.84 9.74
C LEU A 3 -6.25 20.95 9.64
N GLY A 4 -5.10 21.58 9.42
CA GLY A 4 -3.85 20.85 9.31
C GLY A 4 -3.85 19.98 8.05
N SER A 5 -4.69 20.34 7.09
CA SER A 5 -4.77 19.59 5.85
C SER A 5 -4.92 18.09 6.14
N MET A 6 -5.38 17.79 7.35
CA MET A 6 -5.56 16.39 7.77
C MET A 6 -6.64 15.70 6.94
N ASN A 7 -7.05 16.35 5.85
CA ASN A 7 -8.07 15.80 4.97
C ASN A 7 -7.65 14.44 4.41
N LYS A 8 -8.45 13.91 3.49
CA LYS A 8 -8.16 12.63 2.87
C LYS A 8 -7.37 12.83 1.58
N PHE A 9 -6.67 11.78 1.14
CA PHE A 9 -5.87 11.86 -0.08
C PHE A 9 -6.75 11.78 -1.32
N THR A 10 -6.32 12.45 -2.38
CA THR A 10 -7.08 12.45 -3.63
C THR A 10 -6.78 11.20 -4.45
N ASP A 11 -7.66 10.88 -5.39
CA ASP A 11 -7.49 9.70 -6.22
C ASP A 11 -6.12 9.67 -6.88
N ASP A 12 -5.67 10.81 -7.39
CA ASP A 12 -4.37 10.88 -8.05
C ASP A 12 -3.25 10.68 -7.04
N GLU A 13 -3.38 11.34 -5.89
CA GLU A 13 -2.37 11.20 -4.86
C GLU A 13 -2.32 9.77 -4.36
N TRP A 14 -3.50 9.18 -4.22
CA TRP A 14 -3.61 7.82 -3.76
C TRP A 14 -2.93 6.89 -4.76
N ASN A 15 -3.22 7.08 -6.04
CA ASN A 15 -2.62 6.25 -7.09
C ASN A 15 -1.10 6.30 -7.01
N GLN A 16 -0.56 7.47 -6.72
CA GLN A 16 0.88 7.62 -6.60
C GLN A 16 1.37 6.76 -5.44
N LEU A 17 0.62 6.83 -4.34
CA LEU A 17 0.95 6.07 -3.15
C LEU A 17 0.89 4.57 -3.43
N LYS A 18 -0.08 4.14 -4.23
CA LYS A 18 -0.20 2.72 -4.56
C LYS A 18 1.06 2.22 -5.25
N GLN A 19 1.55 2.99 -6.21
CA GLN A 19 2.76 2.60 -6.94
C GLN A 19 3.93 2.47 -5.97
N ASP A 20 4.02 3.42 -5.03
CA ASP A 20 5.11 3.39 -4.06
C ASP A 20 5.05 2.12 -3.21
N PHE A 21 3.85 1.74 -2.79
CA PHE A 21 3.69 0.53 -1.99
C PHE A 21 4.08 -0.67 -2.82
N ILE A 22 3.56 -0.73 -4.04
CA ILE A 22 3.87 -1.83 -4.93
C ILE A 22 5.38 -1.91 -5.13
N SER A 23 5.99 -0.75 -5.39
CA SER A 23 7.43 -0.69 -5.58
C SER A 23 8.16 -1.27 -4.38
N GLY A 24 7.71 -0.90 -3.19
CA GLY A 24 8.32 -1.39 -1.96
C GLY A 24 8.16 -2.90 -1.84
N ILE A 25 7.05 -3.42 -2.34
CA ILE A 25 6.75 -4.85 -2.29
C ILE A 25 7.64 -5.64 -3.25
N LEU A 26 7.95 -5.05 -4.40
CA LEU A 26 8.80 -5.73 -5.39
C LEU A 26 10.27 -5.46 -5.13
N GLU A 27 10.56 -4.34 -4.48
CA GLU A 27 11.94 -4.00 -4.14
C GLU A 27 12.46 -4.89 -3.03
N ASN A 28 11.60 -5.21 -2.07
CA ASN A 28 11.98 -6.04 -0.93
C ASN A 28 11.87 -7.53 -1.27
N GLU A 29 12.60 -8.35 -0.53
CA GLU A 29 12.59 -9.79 -0.72
C GLU A 29 11.21 -10.36 -0.41
N GLN A 30 10.45 -9.65 0.42
CA GLN A 30 9.12 -10.10 0.82
C GLN A 30 8.19 -10.24 -0.38
N LYS A 31 8.62 -9.71 -1.53
CA LYS A 31 7.79 -9.79 -2.74
C LYS A 31 7.34 -11.22 -3.00
N ASP A 32 8.10 -12.18 -2.49
CA ASP A 32 7.76 -13.58 -2.69
C ASP A 32 6.36 -13.87 -2.17
N LEU A 33 6.02 -13.25 -1.04
CA LEU A 33 4.70 -13.46 -0.46
C LEU A 33 3.62 -13.01 -1.43
N VAL A 34 3.86 -11.91 -2.13
CA VAL A 34 2.89 -11.40 -3.07
C VAL A 34 2.72 -12.35 -4.25
N ALA A 35 3.80 -13.01 -4.64
CA ALA A 35 3.75 -13.95 -5.75
C ALA A 35 2.85 -15.13 -5.38
N LYS A 36 2.94 -15.55 -4.14
CA LYS A 36 2.13 -16.67 -3.68
C LYS A 36 0.67 -16.41 -4.02
N LEU A 37 0.23 -15.18 -3.78
CA LEU A 37 -1.15 -14.80 -4.06
C LEU A 37 -1.43 -14.88 -5.56
N THR A 38 -0.63 -14.18 -6.35
CA THR A 38 -0.82 -14.17 -7.80
C THR A 38 0.45 -14.57 -8.53
N ASN A 39 0.37 -15.68 -9.28
CA ASN A 39 1.51 -16.19 -10.06
C ASN A 39 2.83 -15.51 -9.67
N SER A 40 3.61 -15.16 -10.69
CA SER A 40 4.90 -14.50 -10.45
C SER A 40 4.68 -13.00 -10.34
N ASP A 41 3.43 -12.60 -10.14
CA ASP A 41 3.09 -11.20 -10.01
C ASP A 41 4.24 -10.42 -9.41
N PRO A 42 5.07 -9.82 -10.22
CA PRO A 42 6.20 -9.02 -9.74
C PRO A 42 5.78 -7.61 -9.36
N ILE A 43 5.21 -6.89 -10.33
CA ILE A 43 4.76 -5.53 -10.10
C ILE A 43 3.24 -5.42 -10.02
N MET A 44 2.53 -6.44 -10.50
CA MET A 44 1.08 -6.41 -10.45
C MET A 44 0.62 -6.39 -8.99
N ASN A 45 1.42 -7.02 -8.14
CA ASN A 45 1.13 -7.06 -6.72
C ASN A 45 -0.37 -7.01 -6.46
N GLN A 46 -1.12 -7.69 -7.31
CA GLN A 46 -2.57 -7.72 -7.15
C GLN A 46 -3.14 -6.30 -7.15
N LEU A 47 -2.84 -5.54 -8.19
CA LEU A 47 -3.33 -4.17 -8.25
C LEU A 47 -4.79 -4.10 -7.79
N ASP A 48 -5.62 -4.96 -8.36
CA ASP A 48 -7.05 -4.98 -8.01
C ASP A 48 -7.27 -5.26 -6.53
N LEU A 49 -6.77 -6.39 -6.04
CA LEU A 49 -6.93 -6.74 -4.63
C LEU A 49 -6.19 -5.74 -3.75
N LEU A 50 -5.00 -5.36 -4.18
CA LEU A 50 -4.18 -4.42 -3.43
C LEU A 50 -4.93 -3.10 -3.22
N HIS A 51 -5.57 -2.61 -4.28
CA HIS A 51 -6.31 -1.36 -4.20
C HIS A 51 -7.43 -1.44 -3.17
N LYS A 52 -8.22 -2.52 -3.22
CA LYS A 52 -9.30 -2.69 -2.27
C LYS A 52 -8.76 -2.69 -0.85
N TRP A 53 -7.71 -3.48 -0.64
CA TRP A 53 -7.06 -3.59 0.66
C TRP A 53 -6.58 -2.23 1.16
N LEU A 54 -5.75 -1.59 0.37
CA LEU A 54 -5.20 -0.28 0.73
C LEU A 54 -6.31 0.73 0.99
N ASP A 55 -7.23 0.85 0.04
CA ASP A 55 -8.32 1.81 0.18
C ASP A 55 -9.07 1.60 1.49
N ARG A 56 -9.34 0.34 1.80
CA ARG A 56 -10.03 -0.03 3.03
C ARG A 56 -9.19 0.36 4.24
N HIS A 57 -7.88 0.30 4.09
CA HIS A 57 -6.95 0.63 5.17
C HIS A 57 -6.27 1.97 4.93
N ARG A 58 -6.80 2.76 4.00
CA ARG A 58 -6.22 4.06 3.69
C ARG A 58 -6.12 4.92 4.95
N ASP A 59 -7.08 4.76 5.84
CA ASP A 59 -7.10 5.53 7.08
C ASP A 59 -5.81 5.32 7.89
N MET A 60 -5.23 4.13 7.79
CA MET A 60 -4.00 3.81 8.51
C MET A 60 -2.87 4.77 8.14
N CYS A 61 -2.91 5.28 6.91
CA CYS A 61 -1.86 6.18 6.41
C CYS A 61 -1.81 7.46 7.22
N GLU A 62 -2.93 7.86 7.81
CA GLU A 62 -2.97 9.08 8.60
C GLU A 62 -2.23 8.89 9.91
N LYS A 63 -1.92 7.63 10.25
CA LYS A 63 -1.21 7.34 11.49
C LYS A 63 0.30 7.48 11.29
N TRP A 64 0.69 8.20 10.24
CA TRP A 64 2.11 8.42 9.96
C TRP A 64 2.30 9.52 8.93
N LYS A 65 1.51 9.47 7.86
CA LYS A 65 1.61 10.44 6.79
C LYS A 65 3.00 10.37 6.18
N SER A 66 3.84 9.49 6.76
CA SER A 66 5.19 9.29 6.26
C SER A 66 5.17 8.26 5.13
N LYS A 67 6.24 7.50 4.99
CA LYS A 67 6.31 6.51 3.92
C LYS A 67 6.94 5.20 4.38
N GLU A 68 8.20 5.31 4.79
CA GLU A 68 8.96 4.15 5.22
C GLU A 68 8.31 3.50 6.43
N ASP A 69 7.74 4.31 7.29
CA ASP A 69 7.10 3.78 8.49
C ASP A 69 5.92 2.90 8.13
N ILE A 70 5.05 3.39 7.26
CA ILE A 70 3.87 2.62 6.88
C ILE A 70 4.30 1.34 6.19
N LEU A 71 5.28 1.42 5.30
CA LEU A 71 5.75 0.24 4.59
C LEU A 71 6.14 -0.84 5.60
N HIS A 72 6.79 -0.41 6.67
CA HIS A 72 7.22 -1.33 7.72
C HIS A 72 6.01 -2.05 8.30
N LYS A 73 4.95 -1.29 8.56
CA LYS A 73 3.74 -1.85 9.12
C LYS A 73 3.10 -2.82 8.15
N LEU A 74 2.89 -2.38 6.92
CA LEU A 74 2.27 -3.22 5.92
C LEU A 74 3.12 -4.48 5.73
N ASN A 75 4.44 -4.33 5.81
CA ASN A 75 5.32 -5.48 5.67
C ASN A 75 4.95 -6.52 6.72
N GLU A 76 4.85 -6.08 7.97
CA GLU A 76 4.49 -6.99 9.06
C GLU A 76 3.08 -7.53 8.88
N GLN A 77 2.17 -6.69 8.40
CA GLN A 77 0.80 -7.13 8.21
C GLN A 77 0.72 -8.11 7.05
N TRP A 78 1.44 -7.81 5.97
CA TRP A 78 1.44 -8.69 4.82
C TRP A 78 1.83 -10.09 5.28
N ASN A 79 2.79 -10.16 6.20
CA ASN A 79 3.23 -11.43 6.74
C ASN A 79 2.14 -12.06 7.59
N LYS A 80 1.46 -11.23 8.37
CA LYS A 80 0.38 -11.71 9.24
C LYS A 80 -0.96 -11.69 8.52
N ASP A 81 -0.94 -11.23 7.27
CA ASP A 81 -2.17 -11.17 6.48
C ASP A 81 -3.35 -10.80 7.37
N GLY A 1 -9.56 26.56 14.35
CA GLY A 1 -9.47 26.13 12.92
C GLY A 1 -10.23 24.82 12.74
N PRO A 2 -11.50 24.91 12.44
CA PRO A 2 -12.36 23.70 12.24
C PRO A 2 -11.82 22.77 11.15
N LEU A 3 -12.02 21.46 11.34
CA LEU A 3 -11.53 20.49 10.37
C LEU A 3 -10.03 20.68 10.17
N GLY A 4 -9.66 21.74 9.47
CA GLY A 4 -8.25 22.03 9.22
C GLY A 4 -7.84 21.71 7.79
N SER A 5 -6.59 22.01 7.46
CA SER A 5 -6.07 21.75 6.12
C SER A 5 -5.63 20.30 6.00
N MET A 6 -6.24 19.44 6.81
CA MET A 6 -5.93 18.02 6.79
C MET A 6 -6.01 17.50 5.36
N ASN A 7 -7.02 17.96 4.62
CA ASN A 7 -7.19 17.56 3.23
C ASN A 7 -6.79 16.09 3.03
N LYS A 8 -7.78 15.23 2.82
CA LYS A 8 -7.50 13.81 2.62
C LYS A 8 -6.78 13.62 1.28
N PHE A 9 -6.32 12.40 1.01
CA PHE A 9 -5.59 12.13 -0.23
C PHE A 9 -6.53 12.01 -1.43
N THR A 10 -6.10 12.55 -2.56
CA THR A 10 -6.90 12.51 -3.78
C THR A 10 -6.62 11.21 -4.55
N ASP A 11 -7.51 10.86 -5.47
CA ASP A 11 -7.33 9.64 -6.25
C ASP A 11 -5.98 9.65 -6.95
N ASP A 12 -5.61 10.82 -7.49
CA ASP A 12 -4.33 10.96 -8.17
C ASP A 12 -3.18 10.72 -7.21
N GLU A 13 -3.29 11.31 -6.02
CA GLU A 13 -2.26 11.14 -5.02
C GLU A 13 -2.25 9.70 -4.55
N TRP A 14 -3.45 9.13 -4.42
CA TRP A 14 -3.56 7.75 -3.98
C TRP A 14 -2.86 6.84 -4.97
N ASN A 15 -3.12 7.04 -6.26
CA ASN A 15 -2.49 6.23 -7.29
C ASN A 15 -0.98 6.26 -7.14
N GLN A 16 -0.44 7.44 -6.84
CA GLN A 16 0.99 7.58 -6.65
C GLN A 16 1.42 6.76 -5.42
N LEU A 17 0.65 6.88 -4.35
CA LEU A 17 0.95 6.14 -3.13
C LEU A 17 0.91 4.64 -3.43
N LYS A 18 -0.06 4.21 -4.23
CA LYS A 18 -0.17 2.80 -4.58
C LYS A 18 1.12 2.32 -5.24
N GLN A 19 1.62 3.09 -6.19
CA GLN A 19 2.84 2.70 -6.87
C GLN A 19 3.97 2.55 -5.86
N ASP A 20 4.03 3.46 -4.90
CA ASP A 20 5.06 3.40 -3.87
C ASP A 20 4.96 2.08 -3.13
N PHE A 21 3.74 1.73 -2.75
CA PHE A 21 3.49 0.49 -2.03
C PHE A 21 3.84 -0.71 -2.90
N ILE A 22 3.38 -0.68 -4.15
CA ILE A 22 3.68 -1.76 -5.06
C ILE A 22 5.19 -1.88 -5.21
N SER A 23 5.86 -0.73 -5.39
CA SER A 23 7.32 -0.70 -5.54
C SER A 23 8.00 -1.35 -4.34
N GLY A 24 7.53 -0.99 -3.14
CA GLY A 24 8.12 -1.54 -1.93
C GLY A 24 8.00 -3.06 -1.90
N ILE A 25 6.91 -3.58 -2.46
CA ILE A 25 6.69 -5.02 -2.48
C ILE A 25 7.63 -5.71 -3.44
N LEU A 26 7.88 -5.11 -4.59
CA LEU A 26 8.79 -5.70 -5.56
C LEU A 26 10.22 -5.35 -5.21
N GLU A 27 10.40 -4.20 -4.59
CA GLU A 27 11.72 -3.75 -4.17
C GLU A 27 12.20 -4.53 -2.96
N ASN A 28 11.30 -4.70 -1.98
CA ASN A 28 11.66 -5.42 -0.76
C ASN A 28 11.44 -6.91 -0.90
N GLU A 29 12.09 -7.66 -0.03
CA GLU A 29 11.97 -9.11 -0.04
C GLU A 29 10.52 -9.53 0.16
N GLN A 30 9.75 -8.66 0.82
CA GLN A 30 8.34 -8.94 1.07
C GLN A 30 7.67 -9.39 -0.22
N LYS A 31 8.39 -9.26 -1.32
CA LYS A 31 7.86 -9.64 -2.62
C LYS A 31 7.39 -11.09 -2.63
N ASP A 32 8.15 -11.95 -1.97
CA ASP A 32 7.79 -13.36 -1.90
C ASP A 32 6.44 -13.54 -1.24
N LEU A 33 6.14 -12.66 -0.31
CA LEU A 33 4.87 -12.72 0.42
C LEU A 33 3.71 -12.39 -0.51
N VAL A 34 3.87 -11.37 -1.35
CA VAL A 34 2.79 -11.01 -2.27
C VAL A 34 2.52 -12.17 -3.22
N ALA A 35 3.57 -12.91 -3.55
CA ALA A 35 3.43 -14.05 -4.43
C ALA A 35 2.57 -15.11 -3.74
N LYS A 36 2.92 -15.42 -2.49
CA LYS A 36 2.16 -16.40 -1.73
C LYS A 36 0.72 -15.94 -1.58
N LEU A 37 0.53 -14.65 -1.39
CA LEU A 37 -0.80 -14.09 -1.23
C LEU A 37 -1.67 -14.44 -2.45
N THR A 38 -1.06 -14.45 -3.64
CA THR A 38 -1.78 -14.79 -4.86
C THR A 38 -1.09 -15.93 -5.59
N ASN A 39 -0.10 -15.57 -6.40
CA ASN A 39 0.65 -16.57 -7.16
C ASN A 39 1.74 -15.88 -7.99
N SER A 40 1.70 -16.09 -9.29
CA SER A 40 2.68 -15.50 -10.19
C SER A 40 2.42 -13.99 -10.34
N ASP A 41 3.28 -13.17 -9.75
CA ASP A 41 3.11 -11.72 -9.82
C ASP A 41 4.44 -10.97 -9.71
N PRO A 42 4.86 -10.31 -10.76
CA PRO A 42 6.12 -9.52 -10.76
C PRO A 42 5.90 -8.09 -10.26
N ILE A 43 5.15 -7.31 -11.04
CA ILE A 43 4.87 -5.92 -10.70
C ILE A 43 3.43 -5.71 -10.27
N MET A 44 2.51 -6.50 -10.82
CA MET A 44 1.10 -6.35 -10.48
C MET A 44 0.90 -6.32 -8.97
N ASN A 45 1.66 -7.11 -8.25
CA ASN A 45 1.54 -7.15 -6.79
C ASN A 45 0.08 -7.18 -6.35
N GLN A 46 -0.72 -8.01 -7.02
CA GLN A 46 -2.14 -8.14 -6.71
C GLN A 46 -2.82 -6.76 -6.67
N LEU A 47 -2.63 -6.01 -7.76
CA LEU A 47 -3.20 -4.67 -7.89
C LEU A 47 -4.66 -4.63 -7.44
N ASP A 48 -5.49 -5.52 -8.00
CA ASP A 48 -6.91 -5.52 -7.65
C ASP A 48 -7.13 -5.68 -6.16
N LEU A 49 -6.55 -6.72 -5.59
CA LEU A 49 -6.69 -6.98 -4.17
C LEU A 49 -6.02 -5.87 -3.38
N LEU A 50 -4.87 -5.44 -3.85
CA LEU A 50 -4.10 -4.39 -3.18
C LEU A 50 -4.95 -3.13 -3.06
N HIS A 51 -5.64 -2.76 -4.14
CA HIS A 51 -6.47 -1.58 -4.15
C HIS A 51 -7.57 -1.69 -3.10
N LYS A 52 -8.24 -2.84 -3.07
CA LYS A 52 -9.30 -3.07 -2.11
C LYS A 52 -8.76 -2.98 -0.69
N TRP A 53 -7.66 -3.69 -0.43
CA TRP A 53 -7.03 -3.71 0.88
C TRP A 53 -6.63 -2.31 1.32
N LEU A 54 -5.85 -1.66 0.47
CA LEU A 54 -5.35 -0.32 0.75
C LEU A 54 -6.49 0.63 1.05
N ASP A 55 -7.49 0.65 0.17
CA ASP A 55 -8.62 1.54 0.36
C ASP A 55 -9.25 1.34 1.72
N ARG A 56 -9.43 0.09 2.12
CA ARG A 56 -10.02 -0.23 3.41
C ARG A 56 -9.13 0.26 4.55
N HIS A 57 -7.83 0.25 4.31
CA HIS A 57 -6.88 0.66 5.33
C HIS A 57 -6.22 2.00 4.99
N ARG A 58 -6.79 2.70 4.02
CA ARG A 58 -6.25 4.00 3.61
C ARG A 58 -6.10 4.94 4.81
N ASP A 59 -7.07 4.89 5.73
CA ASP A 59 -7.04 5.75 6.91
C ASP A 59 -5.79 5.49 7.75
N MET A 60 -5.32 4.25 7.75
CA MET A 60 -4.13 3.89 8.51
C MET A 60 -2.96 4.78 8.10
N CYS A 61 -3.01 5.26 6.87
CA CYS A 61 -1.96 6.11 6.32
C CYS A 61 -1.84 7.42 7.11
N GLU A 62 -2.95 7.85 7.70
CA GLU A 62 -2.96 9.10 8.46
C GLU A 62 -2.27 8.94 9.82
N LYS A 63 -2.02 7.69 10.22
CA LYS A 63 -1.40 7.44 11.52
C LYS A 63 0.13 7.52 11.47
N TRP A 64 0.67 8.25 10.50
CA TRP A 64 2.11 8.43 10.40
C TRP A 64 2.46 9.47 9.33
N LYS A 65 1.67 9.54 8.27
CA LYS A 65 1.94 10.50 7.20
C LYS A 65 3.36 10.34 6.69
N SER A 66 4.02 9.30 7.19
CA SER A 66 5.39 8.98 6.79
C SER A 66 5.38 8.02 5.61
N LYS A 67 6.54 7.68 5.07
CA LYS A 67 6.60 6.76 3.94
C LYS A 67 7.20 5.42 4.32
N GLU A 68 8.47 5.43 4.71
CA GLU A 68 9.18 4.19 5.06
C GLU A 68 8.51 3.47 6.24
N ASP A 69 8.01 4.22 7.21
CA ASP A 69 7.36 3.62 8.36
C ASP A 69 6.12 2.84 7.95
N ILE A 70 5.30 3.46 7.08
CA ILE A 70 4.08 2.81 6.62
C ILE A 70 4.40 1.49 5.92
N LEU A 71 5.39 1.52 5.04
CA LEU A 71 5.78 0.32 4.31
C LEU A 71 6.06 -0.81 5.27
N HIS A 72 6.71 -0.46 6.36
CA HIS A 72 7.04 -1.45 7.38
C HIS A 72 5.78 -2.06 7.97
N LYS A 73 4.83 -1.20 8.30
CA LYS A 73 3.57 -1.65 8.88
C LYS A 73 2.86 -2.63 7.94
N LEU A 74 2.67 -2.20 6.69
CA LEU A 74 1.99 -3.05 5.72
C LEU A 74 2.71 -4.38 5.56
N ASN A 75 4.03 -4.36 5.58
CA ASN A 75 4.80 -5.58 5.45
C ASN A 75 4.39 -6.59 6.53
N GLU A 76 4.31 -6.11 7.78
CA GLU A 76 3.91 -6.97 8.90
C GLU A 76 2.49 -7.46 8.70
N GLN A 77 1.63 -6.58 8.22
CA GLN A 77 0.23 -6.91 7.99
C GLN A 77 0.10 -7.79 6.76
N TRP A 78 0.93 -7.52 5.75
CA TRP A 78 0.90 -8.28 4.52
C TRP A 78 1.10 -9.76 4.81
N ASN A 79 1.98 -10.06 5.76
CA ASN A 79 2.25 -11.45 6.11
C ASN A 79 0.97 -12.15 6.59
N LYS A 80 0.17 -11.45 7.39
CA LYS A 80 -1.07 -12.02 7.90
C LYS A 80 -2.26 -11.65 7.00
N ASP A 81 -2.00 -10.77 6.04
CA ASP A 81 -3.04 -10.35 5.11
C ASP A 81 -4.32 -9.99 5.86
N GLY A 1 -1.69 29.18 1.46
CA GLY A 1 -1.90 27.86 2.11
C GLY A 1 -3.37 27.46 1.98
N PRO A 2 -3.77 27.07 0.81
CA PRO A 2 -5.17 26.66 0.52
C PRO A 2 -5.44 25.24 1.01
N LEU A 3 -4.93 24.26 0.27
CA LEU A 3 -5.11 22.86 0.64
C LEU A 3 -3.90 22.35 1.41
N GLY A 4 -4.16 21.51 2.40
CA GLY A 4 -3.09 20.93 3.21
C GLY A 4 -3.45 19.52 3.65
N SER A 5 -2.81 19.06 4.72
CA SER A 5 -3.08 17.72 5.23
C SER A 5 -4.48 17.69 5.83
N MET A 6 -5.13 18.84 5.83
CA MET A 6 -6.48 18.95 6.36
C MET A 6 -7.41 18.03 5.58
N ASN A 7 -7.13 17.87 4.29
CA ASN A 7 -7.93 17.02 3.44
C ASN A 7 -7.27 15.67 3.23
N LYS A 8 -8.07 14.65 2.93
CA LYS A 8 -7.55 13.31 2.70
C LYS A 8 -6.82 13.27 1.35
N PHE A 9 -6.33 12.10 0.96
CA PHE A 9 -5.62 11.97 -0.30
C PHE A 9 -6.59 11.81 -1.48
N THR A 10 -6.21 12.38 -2.62
CA THR A 10 -7.02 12.28 -3.82
C THR A 10 -6.72 11.00 -4.58
N ASP A 11 -7.61 10.62 -5.48
CA ASP A 11 -7.40 9.42 -6.27
C ASP A 11 -6.07 9.48 -7.00
N ASP A 12 -5.72 10.66 -7.49
CA ASP A 12 -4.46 10.82 -8.19
C ASP A 12 -3.31 10.57 -7.23
N GLU A 13 -3.40 11.18 -6.05
CA GLU A 13 -2.38 11.00 -5.04
C GLU A 13 -2.35 9.56 -4.58
N TRP A 14 -3.54 8.98 -4.47
CA TRP A 14 -3.67 7.62 -4.03
C TRP A 14 -2.98 6.68 -5.01
N ASN A 15 -3.26 6.85 -6.30
CA ASN A 15 -2.66 6.00 -7.32
C ASN A 15 -1.13 6.03 -7.21
N GLN A 16 -0.58 7.21 -6.97
CA GLN A 16 0.87 7.33 -6.85
C GLN A 16 1.33 6.58 -5.61
N LEU A 17 0.58 6.71 -4.53
CA LEU A 17 0.90 6.02 -3.29
C LEU A 17 0.95 4.51 -3.53
N LYS A 18 0.02 4.04 -4.37
CA LYS A 18 -0.04 2.63 -4.69
C LYS A 18 1.26 2.17 -5.35
N GLN A 19 1.78 2.97 -6.28
CA GLN A 19 3.02 2.60 -6.95
C GLN A 19 4.16 2.50 -5.95
N ASP A 20 4.22 3.45 -5.03
CA ASP A 20 5.26 3.43 -4.01
C ASP A 20 5.14 2.17 -3.17
N PHE A 21 3.90 1.76 -2.88
CA PHE A 21 3.69 0.56 -2.08
C PHE A 21 4.05 -0.68 -2.91
N ILE A 22 3.53 -0.75 -4.12
CA ILE A 22 3.82 -1.88 -5.00
C ILE A 22 5.32 -1.95 -5.21
N SER A 23 5.94 -0.80 -5.41
CA SER A 23 7.38 -0.73 -5.60
C SER A 23 8.08 -1.33 -4.39
N GLY A 24 7.58 -0.98 -3.20
CA GLY A 24 8.16 -1.51 -1.97
C GLY A 24 8.04 -3.03 -1.94
N ILE A 25 6.98 -3.55 -2.57
CA ILE A 25 6.76 -4.99 -2.62
C ILE A 25 7.77 -5.64 -3.56
N LEU A 26 7.93 -5.07 -4.75
CA LEU A 26 8.88 -5.59 -5.72
C LEU A 26 10.30 -5.26 -5.30
N GLU A 27 10.46 -4.14 -4.60
CA GLU A 27 11.77 -3.71 -4.14
C GLU A 27 12.25 -4.59 -2.98
N ASN A 28 11.31 -4.96 -2.10
CA ASN A 28 11.65 -5.80 -0.95
C ASN A 28 11.60 -7.28 -1.34
N GLU A 29 12.42 -8.08 -0.69
CA GLU A 29 12.44 -9.51 -0.96
C GLU A 29 11.04 -10.10 -0.83
N GLN A 30 10.24 -9.49 0.04
CA GLN A 30 8.88 -9.96 0.25
C GLN A 30 8.14 -10.13 -1.08
N LYS A 31 8.78 -9.69 -2.15
CA LYS A 31 8.15 -9.80 -3.46
C LYS A 31 7.72 -11.25 -3.72
N ASP A 32 8.54 -12.19 -3.27
CA ASP A 32 8.21 -13.61 -3.42
C ASP A 32 6.92 -13.93 -2.66
N LEU A 33 6.73 -13.23 -1.55
CA LEU A 33 5.54 -13.45 -0.72
C LEU A 33 4.28 -13.12 -1.50
N VAL A 34 4.28 -11.98 -2.16
CA VAL A 34 3.11 -11.58 -2.94
C VAL A 34 2.95 -12.52 -4.13
N ALA A 35 4.06 -13.06 -4.61
CA ALA A 35 4.02 -13.98 -5.74
C ALA A 35 3.20 -15.20 -5.37
N LYS A 36 3.37 -15.68 -4.16
CA LYS A 36 2.63 -16.84 -3.69
C LYS A 36 1.14 -16.51 -3.67
N LEU A 37 0.81 -15.32 -3.17
CA LEU A 37 -0.59 -14.88 -3.11
C LEU A 37 -1.17 -14.73 -4.51
N THR A 38 -0.38 -14.20 -5.43
CA THR A 38 -0.83 -14.00 -6.80
C THR A 38 -0.19 -15.04 -7.73
N ASN A 39 0.43 -16.05 -7.14
CA ASN A 39 1.10 -17.09 -7.90
C ASN A 39 2.17 -16.48 -8.79
N SER A 40 1.83 -16.27 -10.06
CA SER A 40 2.78 -15.69 -11.00
C SER A 40 2.36 -14.27 -11.38
N ASP A 41 3.26 -13.32 -11.21
CA ASP A 41 2.96 -11.93 -11.53
C ASP A 41 4.22 -11.06 -11.42
N PRO A 42 4.45 -10.22 -12.40
CA PRO A 42 5.64 -9.30 -12.40
C PRO A 42 5.47 -8.13 -11.43
N ILE A 43 4.87 -7.06 -11.93
CA ILE A 43 4.64 -5.87 -11.12
C ILE A 43 3.22 -5.88 -10.58
N MET A 44 2.32 -6.53 -11.32
CA MET A 44 0.94 -6.62 -10.88
C MET A 44 0.91 -6.77 -9.37
N ASN A 45 1.21 -7.98 -8.91
CA ASN A 45 1.26 -8.25 -7.48
C ASN A 45 -0.09 -7.98 -6.82
N GLN A 46 -1.16 -8.51 -7.41
CA GLN A 46 -2.51 -8.36 -6.86
C GLN A 46 -2.94 -6.88 -6.79
N LEU A 47 -2.70 -6.13 -7.85
CA LEU A 47 -3.08 -4.72 -7.87
C LEU A 47 -4.53 -4.55 -7.42
N ASP A 48 -5.43 -5.34 -7.99
CA ASP A 48 -6.86 -5.24 -7.67
C ASP A 48 -7.14 -5.45 -6.18
N LEU A 49 -6.64 -6.56 -5.64
CA LEU A 49 -6.86 -6.85 -4.22
C LEU A 49 -6.15 -5.81 -3.37
N LEU A 50 -4.95 -5.44 -3.79
CA LEU A 50 -4.16 -4.47 -3.05
C LEU A 50 -4.91 -3.15 -2.94
N HIS A 51 -5.53 -2.71 -4.04
CA HIS A 51 -6.28 -1.46 -4.03
C HIS A 51 -7.40 -1.48 -2.98
N LYS A 52 -8.20 -2.54 -2.97
CA LYS A 52 -9.29 -2.62 -2.00
C LYS A 52 -8.73 -2.61 -0.58
N TRP A 53 -7.73 -3.45 -0.36
CA TRP A 53 -7.08 -3.54 0.94
C TRP A 53 -6.59 -2.17 1.38
N LEU A 54 -5.80 -1.56 0.51
CA LEU A 54 -5.23 -0.26 0.79
C LEU A 54 -6.32 0.75 1.13
N ASP A 55 -7.36 0.80 0.30
CA ASP A 55 -8.45 1.73 0.54
C ASP A 55 -9.07 1.54 1.92
N ARG A 56 -9.22 0.29 2.34
CA ARG A 56 -9.80 0.00 3.65
C ARG A 56 -8.90 0.55 4.77
N HIS A 57 -7.60 0.60 4.51
CA HIS A 57 -6.66 1.08 5.52
C HIS A 57 -6.11 2.47 5.17
N ARG A 58 -6.76 3.20 4.27
CA ARG A 58 -6.27 4.52 3.90
C ARG A 58 -6.12 5.43 5.12
N ASP A 59 -7.03 5.27 6.08
CA ASP A 59 -6.99 6.07 7.29
C ASP A 59 -5.61 5.96 7.92
N MET A 60 -4.97 4.83 7.69
CA MET A 60 -3.65 4.59 8.21
C MET A 60 -2.73 5.73 7.79
N CYS A 61 -2.96 6.25 6.59
CA CYS A 61 -2.16 7.34 6.06
C CYS A 61 -2.41 8.61 6.84
N GLU A 62 -3.62 8.78 7.35
CA GLU A 62 -3.96 9.96 8.13
C GLU A 62 -3.23 9.90 9.46
N LYS A 63 -2.96 8.69 9.90
CA LYS A 63 -2.24 8.48 11.15
C LYS A 63 -0.74 8.58 10.90
N TRP A 64 -0.16 7.48 10.44
CA TRP A 64 1.26 7.45 10.13
C TRP A 64 1.53 7.81 8.66
N LYS A 65 1.00 8.96 8.23
CA LYS A 65 1.17 9.41 6.84
C LYS A 65 2.61 9.29 6.33
N SER A 66 3.48 8.63 7.08
CA SER A 66 4.87 8.48 6.65
C SER A 66 5.01 7.44 5.54
N LYS A 67 6.15 7.45 4.87
CA LYS A 67 6.37 6.52 3.77
C LYS A 67 7.02 5.22 4.22
N GLU A 68 8.28 5.29 4.65
CA GLU A 68 9.01 4.09 5.05
C GLU A 68 8.38 3.41 6.26
N ASP A 69 7.88 4.19 7.21
CA ASP A 69 7.27 3.60 8.40
C ASP A 69 6.06 2.76 8.01
N ILE A 70 5.24 3.31 7.13
CA ILE A 70 4.05 2.60 6.68
C ILE A 70 4.40 1.30 6.00
N LEU A 71 5.42 1.32 5.15
CA LEU A 71 5.82 0.11 4.44
C LEU A 71 6.09 -1.00 5.43
N HIS A 72 6.71 -0.65 6.55
CA HIS A 72 7.01 -1.62 7.58
C HIS A 72 5.72 -2.21 8.14
N LYS A 73 4.75 -1.35 8.42
CA LYS A 73 3.48 -1.79 8.97
C LYS A 73 2.79 -2.76 8.01
N LEU A 74 2.64 -2.35 6.76
CA LEU A 74 1.98 -3.21 5.78
C LEU A 74 2.66 -4.57 5.74
N ASN A 75 3.99 -4.58 5.78
CA ASN A 75 4.72 -5.83 5.75
C ASN A 75 4.26 -6.78 6.86
N GLU A 76 4.09 -6.24 8.06
CA GLU A 76 3.64 -7.06 9.18
C GLU A 76 2.23 -7.58 8.97
N GLN A 77 1.34 -6.74 8.47
CA GLN A 77 -0.02 -7.17 8.20
C GLN A 77 -0.03 -8.08 6.98
N TRP A 78 0.88 -7.82 6.05
CA TRP A 78 0.97 -8.64 4.85
C TRP A 78 1.18 -10.10 5.25
N ASN A 79 2.03 -10.31 6.25
CA ASN A 79 2.29 -11.66 6.73
C ASN A 79 1.02 -12.19 7.36
N LYS A 80 0.34 -11.31 8.11
CA LYS A 80 -0.92 -11.69 8.74
C LYS A 80 -1.92 -12.04 7.65
N ASP A 81 -1.89 -11.25 6.59
CA ASP A 81 -2.77 -11.44 5.44
C ASP A 81 -2.74 -12.89 4.97
N GLY A 1 -16.22 21.98 6.66
CA GLY A 1 -15.51 23.22 7.08
C GLY A 1 -14.77 23.81 5.89
N PRO A 2 -14.02 24.86 6.12
CA PRO A 2 -13.25 25.54 5.03
C PRO A 2 -12.25 24.58 4.37
N LEU A 3 -12.00 24.79 3.08
CA LEU A 3 -11.08 23.94 2.34
C LEU A 3 -9.64 24.44 2.47
N GLY A 4 -8.71 23.50 2.56
CA GLY A 4 -7.29 23.83 2.66
C GLY A 4 -6.42 22.66 2.23
N SER A 5 -6.94 21.86 1.29
CA SER A 5 -6.21 20.70 0.79
C SER A 5 -5.45 20.03 1.92
N MET A 6 -5.98 20.15 3.13
CA MET A 6 -5.35 19.55 4.30
C MET A 6 -6.13 18.33 4.78
N ASN A 7 -6.96 17.77 3.91
CA ASN A 7 -7.78 16.61 4.26
C ASN A 7 -7.11 15.30 3.84
N LYS A 8 -7.92 14.28 3.61
CA LYS A 8 -7.42 12.98 3.20
C LYS A 8 -6.71 13.08 1.85
N PHE A 9 -6.17 11.95 1.38
CA PHE A 9 -5.46 11.92 0.11
C PHE A 9 -6.44 11.82 -1.06
N THR A 10 -6.07 12.42 -2.19
CA THR A 10 -6.91 12.38 -3.39
C THR A 10 -6.66 11.11 -4.19
N ASP A 11 -7.59 10.77 -5.06
CA ASP A 11 -7.45 9.57 -5.89
C ASP A 11 -6.12 9.61 -6.63
N ASP A 12 -5.79 10.78 -7.18
CA ASP A 12 -4.53 10.93 -7.92
C ASP A 12 -3.36 10.70 -6.99
N GLU A 13 -3.39 11.34 -5.84
CA GLU A 13 -2.32 11.18 -4.86
C GLU A 13 -2.27 9.75 -4.37
N TRP A 14 -3.44 9.18 -4.19
CA TRP A 14 -3.56 7.82 -3.73
C TRP A 14 -2.89 6.87 -4.73
N ASN A 15 -3.17 7.08 -6.01
CA ASN A 15 -2.59 6.23 -7.05
C ASN A 15 -1.07 6.26 -7.00
N GLN A 16 -0.51 7.44 -6.77
CA GLN A 16 0.94 7.55 -6.68
C GLN A 16 1.43 6.72 -5.51
N LEU A 17 0.69 6.82 -4.40
CA LEU A 17 1.03 6.07 -3.20
C LEU A 17 0.98 4.58 -3.50
N LYS A 18 0.00 4.16 -4.30
CA LYS A 18 -0.12 2.76 -4.66
C LYS A 18 1.13 2.27 -5.36
N GLN A 19 1.59 3.05 -6.33
CA GLN A 19 2.78 2.68 -7.07
C GLN A 19 3.97 2.58 -6.13
N ASP A 20 4.08 3.54 -5.22
CA ASP A 20 5.17 3.54 -4.26
C ASP A 20 5.14 2.27 -3.39
N PHE A 21 3.95 1.87 -2.95
CA PHE A 21 3.82 0.67 -2.14
C PHE A 21 4.13 -0.57 -2.96
N ILE A 22 3.54 -0.63 -4.14
CA ILE A 22 3.74 -1.76 -5.03
C ILE A 22 5.22 -1.90 -5.37
N SER A 23 5.85 -0.82 -5.78
CA SER A 23 7.26 -0.88 -6.13
C SER A 23 8.04 -1.40 -4.93
N GLY A 24 7.65 -0.98 -3.73
CA GLY A 24 8.32 -1.44 -2.52
C GLY A 24 8.13 -2.94 -2.34
N ILE A 25 6.99 -3.44 -2.81
CA ILE A 25 6.70 -4.88 -2.71
C ILE A 25 7.60 -5.69 -3.63
N LEU A 26 7.91 -5.13 -4.80
CA LEU A 26 8.76 -5.82 -5.76
C LEU A 26 10.23 -5.49 -5.52
N GLU A 27 10.50 -4.32 -4.93
CA GLU A 27 11.87 -3.92 -4.63
C GLU A 27 12.37 -4.67 -3.40
N ASN A 28 11.47 -4.87 -2.43
CA ASN A 28 11.80 -5.57 -1.20
C ASN A 28 11.53 -7.07 -1.34
N GLU A 29 12.08 -7.84 -0.42
CA GLU A 29 11.89 -9.28 -0.43
C GLU A 29 10.39 -9.62 -0.39
N GLN A 30 9.61 -8.70 0.15
CA GLN A 30 8.16 -8.91 0.26
C GLN A 30 7.57 -9.36 -1.07
N LYS A 31 8.31 -9.18 -2.15
CA LYS A 31 7.82 -9.59 -3.46
C LYS A 31 7.46 -11.07 -3.45
N ASP A 32 8.27 -11.85 -2.74
CA ASP A 32 8.04 -13.29 -2.62
C ASP A 32 6.73 -13.56 -1.90
N LEU A 33 6.44 -12.73 -0.90
CA LEU A 33 5.23 -12.88 -0.10
C LEU A 33 3.98 -12.74 -0.96
N VAL A 34 3.98 -11.74 -1.84
CA VAL A 34 2.82 -11.53 -2.71
C VAL A 34 2.78 -12.56 -3.83
N ALA A 35 3.94 -13.09 -4.20
CA ALA A 35 4.02 -14.08 -5.26
C ALA A 35 3.21 -15.32 -4.88
N LYS A 36 3.40 -15.79 -3.65
CA LYS A 36 2.69 -16.98 -3.19
C LYS A 36 1.18 -16.78 -3.30
N LEU A 37 0.73 -15.55 -3.04
CA LEU A 37 -0.71 -15.24 -3.11
C LEU A 37 -1.19 -15.38 -4.54
N THR A 38 -0.36 -14.99 -5.49
CA THR A 38 -0.71 -15.07 -6.90
C THR A 38 -0.18 -16.38 -7.46
N ASN A 39 -0.71 -16.80 -8.60
CA ASN A 39 -0.28 -18.04 -9.21
C ASN A 39 0.98 -17.85 -10.04
N SER A 40 0.80 -17.51 -11.31
CA SER A 40 1.94 -17.29 -12.21
C SER A 40 2.23 -15.80 -12.33
N ASP A 41 1.27 -14.97 -11.95
CA ASP A 41 1.45 -13.53 -12.04
C ASP A 41 2.82 -13.14 -11.50
N PRO A 42 3.66 -12.56 -12.32
CA PRO A 42 5.04 -12.16 -11.90
C PRO A 42 5.06 -10.92 -11.03
N ILE A 43 4.66 -9.79 -11.60
CA ILE A 43 4.63 -8.53 -10.86
C ILE A 43 3.28 -8.34 -10.18
N MET A 44 2.29 -7.91 -10.96
CA MET A 44 0.93 -7.69 -10.45
C MET A 44 0.90 -7.01 -9.08
N ASN A 45 1.43 -7.70 -8.07
CA ASN A 45 1.43 -7.16 -6.70
C ASN A 45 0.01 -7.05 -6.19
N GLN A 46 -0.91 -7.78 -6.83
CA GLN A 46 -2.30 -7.76 -6.43
C GLN A 46 -2.93 -6.38 -6.65
N LEU A 47 -2.57 -5.69 -7.73
CA LEU A 47 -3.15 -4.36 -7.96
C LEU A 47 -4.62 -4.35 -7.58
N ASP A 48 -5.37 -5.29 -8.13
CA ASP A 48 -6.81 -5.39 -7.88
C ASP A 48 -7.14 -5.57 -6.40
N LEU A 49 -6.64 -6.65 -5.79
CA LEU A 49 -6.92 -6.89 -4.38
C LEU A 49 -6.21 -5.86 -3.52
N LEU A 50 -4.98 -5.51 -3.90
CA LEU A 50 -4.21 -4.53 -3.13
C LEU A 50 -4.98 -3.22 -3.07
N HIS A 51 -5.55 -2.81 -4.20
CA HIS A 51 -6.30 -1.56 -4.24
C HIS A 51 -7.43 -1.62 -3.22
N LYS A 52 -8.17 -2.72 -3.22
CA LYS A 52 -9.27 -2.86 -2.26
C LYS A 52 -8.72 -2.78 -0.85
N TRP A 53 -7.64 -3.52 -0.60
CA TRP A 53 -7.00 -3.54 0.71
C TRP A 53 -6.57 -2.14 1.12
N LEU A 54 -5.76 -1.52 0.26
CA LEU A 54 -5.25 -0.19 0.55
C LEU A 54 -6.38 0.81 0.82
N ASP A 55 -7.38 0.83 -0.06
CA ASP A 55 -8.50 1.76 0.10
C ASP A 55 -9.23 1.55 1.42
N ARG A 56 -9.51 0.31 1.77
CA ARG A 56 -10.24 0.00 3.01
C ARG A 56 -9.44 0.42 4.25
N HIS A 57 -8.11 0.31 4.16
CA HIS A 57 -7.26 0.66 5.29
C HIS A 57 -6.49 1.96 5.02
N ARG A 58 -6.94 2.72 4.03
CA ARG A 58 -6.28 3.98 3.69
C ARG A 58 -6.11 4.85 4.93
N ASP A 59 -7.06 4.75 5.84
CA ASP A 59 -7.02 5.53 7.07
C ASP A 59 -5.71 5.30 7.81
N MET A 60 -5.19 4.09 7.72
CA MET A 60 -3.94 3.74 8.39
C MET A 60 -2.80 4.65 7.94
N CYS A 61 -2.86 5.14 6.71
CA CYS A 61 -1.82 6.00 6.18
C CYS A 61 -1.73 7.30 6.99
N GLU A 62 -2.85 7.72 7.56
CA GLU A 62 -2.88 8.94 8.36
C GLU A 62 -2.21 8.75 9.72
N LYS A 63 -1.94 7.50 10.10
CA LYS A 63 -1.32 7.22 11.39
C LYS A 63 0.20 7.35 11.32
N TRP A 64 0.69 8.11 10.34
CA TRP A 64 2.13 8.32 10.21
C TRP A 64 2.44 9.33 9.11
N LYS A 65 1.83 9.13 7.94
CA LYS A 65 2.03 10.02 6.81
C LYS A 65 3.38 9.77 6.15
N SER A 66 4.31 9.12 6.86
CA SER A 66 5.63 8.84 6.28
C SER A 66 5.62 7.51 5.52
N LYS A 67 6.33 7.49 4.39
CA LYS A 67 6.39 6.32 3.53
C LYS A 67 7.01 5.09 4.21
N GLU A 68 8.20 5.26 4.76
CA GLU A 68 8.90 4.13 5.38
C GLU A 68 8.11 3.54 6.54
N ASP A 69 7.48 4.39 7.33
CA ASP A 69 6.71 3.90 8.46
C ASP A 69 5.58 3.01 8.02
N ILE A 70 4.80 3.49 7.06
CA ILE A 70 3.67 2.73 6.55
C ILE A 70 4.09 1.36 6.02
N LEU A 71 5.16 1.34 5.24
CA LEU A 71 5.64 0.08 4.66
C LEU A 71 5.96 -0.94 5.73
N HIS A 72 6.60 -0.48 6.81
CA HIS A 72 6.96 -1.38 7.89
C HIS A 72 5.71 -2.04 8.48
N LYS A 73 4.69 -1.23 8.69
CA LYS A 73 3.44 -1.74 9.25
C LYS A 73 2.80 -2.75 8.30
N LEU A 74 2.65 -2.37 7.03
CA LEU A 74 2.06 -3.28 6.06
C LEU A 74 2.85 -4.57 5.96
N ASN A 75 4.17 -4.47 6.06
CA ASN A 75 5.01 -5.67 5.96
C ASN A 75 4.56 -6.71 6.98
N GLU A 76 4.43 -6.30 8.24
CA GLU A 76 3.99 -7.24 9.27
C GLU A 76 2.53 -7.62 9.06
N GLN A 77 1.73 -6.69 8.60
CA GLN A 77 0.32 -6.96 8.36
C GLN A 77 0.17 -7.91 7.18
N TRP A 78 0.96 -7.67 6.14
CA TRP A 78 0.93 -8.50 4.95
C TRP A 78 1.23 -9.95 5.34
N ASN A 79 2.21 -10.12 6.22
CA ASN A 79 2.56 -11.46 6.68
C ASN A 79 1.38 -12.08 7.40
N LYS A 80 0.67 -11.24 8.15
CA LYS A 80 -0.51 -11.68 8.88
C LYS A 80 -1.72 -11.68 7.95
N ASP A 81 -1.50 -11.26 6.70
CA ASP A 81 -2.58 -11.22 5.72
C ASP A 81 -2.66 -12.52 4.95
N GLY A 1 -22.23 22.22 5.90
CA GLY A 1 -21.56 21.69 7.13
C GLY A 1 -20.20 22.38 7.30
N PRO A 2 -19.65 22.30 8.48
CA PRO A 2 -18.34 22.93 8.78
C PRO A 2 -17.18 22.17 8.13
N LEU A 3 -17.50 21.05 7.49
CA LEU A 3 -16.49 20.24 6.83
C LEU A 3 -15.52 19.66 7.85
N GLY A 4 -15.46 20.27 9.03
CA GLY A 4 -14.58 19.80 10.08
C GLY A 4 -13.13 19.76 9.59
N SER A 5 -12.48 18.62 9.80
CA SER A 5 -11.09 18.47 9.38
C SER A 5 -10.96 17.50 8.21
N MET A 6 -12.05 17.25 7.49
CA MET A 6 -12.01 16.34 6.36
C MET A 6 -10.98 16.81 5.34
N ASN A 7 -10.03 15.93 5.03
CA ASN A 7 -8.98 16.26 4.08
C ASN A 7 -8.16 15.02 3.74
N LYS A 8 -8.85 13.99 3.25
CA LYS A 8 -8.18 12.75 2.88
C LYS A 8 -7.37 12.93 1.61
N PHE A 9 -6.68 11.88 1.19
CA PHE A 9 -5.86 11.95 -0.01
C PHE A 9 -6.72 11.88 -1.27
N THR A 10 -6.21 12.45 -2.35
CA THR A 10 -6.94 12.45 -3.62
C THR A 10 -6.66 11.17 -4.39
N ASP A 11 -7.55 10.82 -5.32
CA ASP A 11 -7.37 9.61 -6.11
C ASP A 11 -6.00 9.62 -6.78
N ASP A 12 -5.59 10.79 -7.27
CA ASP A 12 -4.30 10.90 -7.93
C ASP A 12 -3.16 10.68 -6.94
N GLU A 13 -3.26 11.33 -5.78
CA GLU A 13 -2.24 11.18 -4.76
C GLU A 13 -2.23 9.76 -4.26
N TRP A 14 -3.43 9.19 -4.14
CA TRP A 14 -3.56 7.83 -3.68
C TRP A 14 -2.90 6.89 -4.67
N ASN A 15 -3.19 7.09 -5.95
CA ASN A 15 -2.59 6.28 -6.99
C ASN A 15 -1.07 6.37 -6.92
N GLN A 16 -0.57 7.57 -6.63
CA GLN A 16 0.86 7.79 -6.52
C GLN A 16 1.40 6.93 -5.37
N LEU A 17 0.67 6.94 -4.26
CA LEU A 17 1.05 6.16 -3.09
C LEU A 17 1.07 4.67 -3.42
N LYS A 18 0.09 4.23 -4.22
CA LYS A 18 0.02 2.83 -4.60
C LYS A 18 1.27 2.39 -5.34
N GLN A 19 1.71 3.19 -6.31
CA GLN A 19 2.90 2.84 -7.06
C GLN A 19 4.11 2.72 -6.14
N ASP A 20 4.22 3.65 -5.19
CA ASP A 20 5.34 3.63 -4.26
C ASP A 20 5.35 2.36 -3.42
N PHE A 21 4.18 1.98 -2.91
CA PHE A 21 4.10 0.77 -2.11
C PHE A 21 4.38 -0.46 -2.97
N ILE A 22 3.78 -0.51 -4.15
CA ILE A 22 4.01 -1.63 -5.06
C ILE A 22 5.51 -1.75 -5.37
N SER A 23 6.13 -0.63 -5.75
CA SER A 23 7.56 -0.64 -6.06
C SER A 23 8.34 -1.17 -4.87
N GLY A 24 7.91 -0.80 -3.68
CA GLY A 24 8.58 -1.27 -2.47
C GLY A 24 8.52 -2.79 -2.40
N ILE A 25 7.42 -3.35 -2.90
CA ILE A 25 7.25 -4.80 -2.90
C ILE A 25 8.18 -5.45 -3.91
N LEU A 26 8.22 -4.91 -5.12
CA LEU A 26 9.10 -5.44 -6.15
C LEU A 26 10.54 -5.17 -5.79
N GLU A 27 10.73 -4.12 -5.00
CA GLU A 27 12.06 -3.73 -4.53
C GLU A 27 12.53 -4.69 -3.44
N ASN A 28 11.58 -5.25 -2.69
CA ASN A 28 11.91 -6.17 -1.60
C ASN A 28 11.51 -7.61 -1.91
N GLU A 29 12.21 -8.55 -1.27
CA GLU A 29 11.94 -9.98 -1.46
C GLU A 29 10.53 -10.32 -0.98
N GLN A 30 9.98 -9.48 -0.11
CA GLN A 30 8.65 -9.72 0.43
C GLN A 30 7.67 -10.08 -0.66
N LYS A 31 7.96 -9.68 -1.89
CA LYS A 31 7.07 -9.97 -3.01
C LYS A 31 6.69 -11.45 -3.01
N ASP A 32 7.51 -12.26 -2.36
CA ASP A 32 7.26 -13.69 -2.29
C ASP A 32 5.87 -14.00 -1.71
N LEU A 33 5.47 -13.24 -0.69
CA LEU A 33 4.16 -13.49 -0.08
C LEU A 33 3.05 -13.28 -1.10
N VAL A 34 3.22 -12.32 -1.99
CA VAL A 34 2.22 -12.07 -3.01
C VAL A 34 2.13 -13.25 -3.95
N ALA A 35 3.28 -13.85 -4.25
CA ALA A 35 3.31 -15.00 -5.14
C ALA A 35 2.52 -16.15 -4.53
N LYS A 36 2.65 -16.31 -3.21
CA LYS A 36 1.92 -17.37 -2.52
C LYS A 36 0.42 -17.17 -2.71
N LEU A 37 -0.01 -15.93 -2.56
CA LEU A 37 -1.41 -15.58 -2.71
C LEU A 37 -1.86 -15.65 -4.16
N THR A 38 -0.98 -15.23 -5.07
CA THR A 38 -1.31 -15.23 -6.49
C THR A 38 -0.47 -16.23 -7.28
N ASN A 39 -1.08 -16.85 -8.28
CA ASN A 39 -0.38 -17.80 -9.13
C ASN A 39 1.03 -17.29 -9.40
N SER A 40 1.19 -15.98 -9.39
CA SER A 40 2.49 -15.36 -9.61
C SER A 40 2.38 -13.84 -9.57
N ASP A 41 2.24 -13.21 -10.74
CA ASP A 41 2.14 -11.75 -10.81
C ASP A 41 3.29 -11.11 -10.04
N PRO A 42 4.42 -10.94 -10.65
CA PRO A 42 5.59 -10.33 -10.00
C PRO A 42 5.45 -8.82 -9.84
N ILE A 43 5.21 -8.14 -10.95
CA ILE A 43 5.09 -6.70 -10.94
C ILE A 43 3.66 -6.23 -10.64
N MET A 44 2.67 -7.03 -11.00
CA MET A 44 1.29 -6.64 -10.74
C MET A 44 1.08 -6.45 -9.23
N ASN A 45 1.73 -7.29 -8.44
CA ASN A 45 1.62 -7.21 -7.00
C ASN A 45 0.16 -7.25 -6.55
N GLN A 46 -0.62 -8.06 -7.24
CA GLN A 46 -2.05 -8.18 -6.93
C GLN A 46 -2.67 -6.80 -6.83
N LEU A 47 -2.38 -5.97 -7.83
CA LEU A 47 -2.90 -4.61 -7.87
C LEU A 47 -4.36 -4.56 -7.45
N ASP A 48 -5.17 -5.44 -8.03
CA ASP A 48 -6.60 -5.47 -7.74
C ASP A 48 -6.87 -5.64 -6.24
N LEU A 49 -6.27 -6.67 -5.65
CA LEU A 49 -6.45 -6.92 -4.22
C LEU A 49 -5.76 -5.84 -3.40
N LEU A 50 -4.59 -5.41 -3.87
CA LEU A 50 -3.82 -4.40 -3.15
C LEU A 50 -4.63 -3.12 -3.00
N HIS A 51 -5.28 -2.70 -4.09
CA HIS A 51 -6.07 -1.47 -4.07
C HIS A 51 -7.21 -1.53 -3.07
N LYS A 52 -8.00 -2.59 -3.11
CA LYS A 52 -9.11 -2.69 -2.17
C LYS A 52 -8.56 -2.71 -0.74
N TRP A 53 -7.52 -3.50 -0.54
CA TRP A 53 -6.89 -3.59 0.78
C TRP A 53 -6.45 -2.21 1.24
N LEU A 54 -5.62 -1.57 0.43
CA LEU A 54 -5.12 -0.25 0.78
C LEU A 54 -6.27 0.71 1.03
N ASP A 55 -7.22 0.75 0.09
CA ASP A 55 -8.38 1.63 0.22
C ASP A 55 -9.12 1.40 1.53
N ARG A 56 -9.27 0.13 1.90
CA ARG A 56 -9.97 -0.23 3.13
C ARG A 56 -9.24 0.26 4.38
N HIS A 57 -7.92 0.30 4.30
CA HIS A 57 -7.12 0.73 5.44
C HIS A 57 -6.44 2.07 5.17
N ARG A 58 -6.91 2.78 4.16
CA ARG A 58 -6.35 4.07 3.80
C ARG A 58 -6.23 4.98 5.03
N ASP A 59 -7.19 4.85 5.94
CA ASP A 59 -7.20 5.68 7.15
C ASP A 59 -5.87 5.54 7.89
N MET A 60 -5.24 4.38 7.76
CA MET A 60 -3.97 4.12 8.42
C MET A 60 -2.95 5.15 7.97
N CYS A 61 -3.07 5.61 6.73
CA CYS A 61 -2.14 6.60 6.19
C CYS A 61 -2.32 7.92 6.91
N GLU A 62 -3.54 8.18 7.34
CA GLU A 62 -3.85 9.39 8.06
C GLU A 62 -3.19 9.35 9.43
N LYS A 63 -2.96 8.13 9.92
CA LYS A 63 -2.32 7.95 11.22
C LYS A 63 -0.80 8.16 11.12
N TRP A 64 -0.18 7.54 10.11
CA TRP A 64 1.26 7.63 9.91
C TRP A 64 1.56 7.77 8.42
N LYS A 65 0.99 8.81 7.81
CA LYS A 65 1.16 9.06 6.38
C LYS A 65 2.62 9.08 5.93
N SER A 66 3.51 8.52 6.76
CA SER A 66 4.92 8.48 6.39
C SER A 66 5.14 7.38 5.37
N LYS A 67 6.21 7.47 4.60
CA LYS A 67 6.47 6.47 3.57
C LYS A 67 7.13 5.21 4.11
N GLU A 68 8.36 5.33 4.57
CA GLU A 68 9.10 4.18 5.06
C GLU A 68 8.44 3.54 6.28
N ASP A 69 7.89 4.35 7.16
CA ASP A 69 7.26 3.83 8.37
C ASP A 69 6.07 2.94 8.03
N ILE A 70 5.17 3.44 7.20
CA ILE A 70 3.99 2.67 6.82
C ILE A 70 4.39 1.36 6.13
N LEU A 71 5.40 1.42 5.27
CA LEU A 71 5.85 0.23 4.56
C LEU A 71 6.21 -0.87 5.56
N HIS A 72 6.87 -0.49 6.63
CA HIS A 72 7.26 -1.47 7.65
C HIS A 72 6.03 -2.11 8.28
N LYS A 73 5.04 -1.28 8.60
CA LYS A 73 3.82 -1.79 9.21
C LYS A 73 3.12 -2.77 8.30
N LEU A 74 2.88 -2.35 7.06
CA LEU A 74 2.21 -3.21 6.09
C LEU A 74 2.95 -4.53 5.92
N ASN A 75 4.27 -4.48 5.95
CA ASN A 75 5.03 -5.71 5.79
C ASN A 75 4.63 -6.70 6.89
N GLU A 76 4.51 -6.21 8.12
CA GLU A 76 4.11 -7.08 9.22
C GLU A 76 2.67 -7.54 8.99
N GLN A 77 1.83 -6.62 8.51
CA GLN A 77 0.43 -6.96 8.26
C GLN A 77 0.36 -7.90 7.06
N TRP A 78 1.25 -7.67 6.10
CA TRP A 78 1.29 -8.50 4.92
C TRP A 78 1.47 -9.95 5.33
N ASN A 79 2.36 -10.17 6.30
CA ASN A 79 2.61 -11.51 6.81
C ASN A 79 1.35 -12.05 7.51
N LYS A 80 0.65 -11.16 8.19
CA LYS A 80 -0.57 -11.54 8.90
C LYS A 80 -1.66 -12.00 7.93
N ASP A 81 -1.69 -11.41 6.75
CA ASP A 81 -2.69 -11.75 5.76
C ASP A 81 -2.05 -12.01 4.40
N GLY A 1 -11.26 30.54 8.86
CA GLY A 1 -11.82 30.32 7.50
C GLY A 1 -11.03 29.22 6.78
N PRO A 2 -9.74 29.25 6.92
CA PRO A 2 -8.84 28.24 6.29
C PRO A 2 -9.19 26.81 6.68
N LEU A 3 -8.93 25.87 5.79
CA LEU A 3 -9.22 24.46 6.07
C LEU A 3 -8.08 23.83 6.86
N GLY A 4 -8.43 22.89 7.71
CA GLY A 4 -7.44 22.19 8.53
C GLY A 4 -6.76 21.09 7.72
N SER A 5 -6.03 20.22 8.41
CA SER A 5 -5.33 19.14 7.73
C SER A 5 -6.28 18.00 7.37
N MET A 6 -7.54 18.08 7.83
CA MET A 6 -8.50 17.04 7.52
C MET A 6 -8.49 16.75 6.03
N ASN A 7 -9.34 15.82 5.60
CA ASN A 7 -9.42 15.45 4.18
C ASN A 7 -8.40 14.39 3.83
N LYS A 8 -8.88 13.26 3.28
CA LYS A 8 -8.01 12.16 2.91
C LYS A 8 -7.22 12.48 1.63
N PHE A 9 -6.50 11.47 1.13
CA PHE A 9 -5.70 11.61 -0.08
C PHE A 9 -6.57 11.54 -1.33
N THR A 10 -6.14 12.22 -2.39
CA THR A 10 -6.90 12.22 -3.65
C THR A 10 -6.58 10.98 -4.47
N ASP A 11 -7.45 10.65 -5.42
CA ASP A 11 -7.26 9.47 -6.25
C ASP A 11 -5.92 9.52 -6.98
N ASP A 12 -5.57 10.68 -7.50
CA ASP A 12 -4.29 10.83 -8.20
C ASP A 12 -3.15 10.62 -7.21
N GLU A 13 -3.31 11.19 -6.03
CA GLU A 13 -2.31 11.04 -4.98
C GLU A 13 -2.30 9.60 -4.50
N TRP A 14 -3.50 9.01 -4.41
CA TRP A 14 -3.65 7.65 -3.98
C TRP A 14 -2.94 6.73 -4.95
N ASN A 15 -3.17 6.95 -6.24
CA ASN A 15 -2.53 6.15 -7.27
C ASN A 15 -1.01 6.19 -7.12
N GLN A 16 -0.49 7.38 -6.83
CA GLN A 16 0.95 7.54 -6.65
C GLN A 16 1.41 6.70 -5.47
N LEU A 17 0.64 6.76 -4.38
CA LEU A 17 0.98 6.00 -3.19
C LEU A 17 0.99 4.50 -3.50
N LYS A 18 0.04 4.06 -4.33
CA LYS A 18 -0.03 2.65 -4.70
C LYS A 18 1.26 2.19 -5.37
N GLN A 19 1.77 3.01 -6.29
CA GLN A 19 3.01 2.67 -6.99
C GLN A 19 4.13 2.47 -6.01
N ASP A 20 4.24 3.38 -5.04
CA ASP A 20 5.28 3.27 -4.05
C ASP A 20 5.12 1.97 -3.27
N PHE A 21 3.87 1.65 -2.94
CA PHE A 21 3.58 0.42 -2.21
C PHE A 21 3.92 -0.78 -3.07
N ILE A 22 3.47 -0.76 -4.32
CA ILE A 22 3.76 -1.85 -5.25
C ILE A 22 5.26 -1.99 -5.36
N SER A 23 5.93 -0.87 -5.58
CA SER A 23 7.37 -0.87 -5.69
C SER A 23 7.98 -1.48 -4.43
N GLY A 24 7.42 -1.14 -3.28
CA GLY A 24 7.91 -1.66 -2.02
C GLY A 24 7.90 -3.18 -2.01
N ILE A 25 6.82 -3.77 -2.53
CA ILE A 25 6.72 -5.22 -2.56
C ILE A 25 7.69 -5.80 -3.57
N LEU A 26 7.91 -5.08 -4.66
CA LEU A 26 8.82 -5.54 -5.70
C LEU A 26 10.26 -5.24 -5.29
N GLU A 27 10.45 -4.14 -4.57
CA GLU A 27 11.79 -3.78 -4.11
C GLU A 27 12.20 -4.67 -2.95
N ASN A 28 11.23 -4.97 -2.08
CA ASN A 28 11.49 -5.83 -0.93
C ASN A 28 11.38 -7.30 -1.32
N GLU A 29 12.09 -8.14 -0.59
CA GLU A 29 12.06 -9.57 -0.85
C GLU A 29 10.63 -10.11 -0.73
N GLN A 30 9.83 -9.41 0.06
CA GLN A 30 8.44 -9.79 0.28
C GLN A 30 7.71 -10.04 -1.03
N LYS A 31 8.39 -9.75 -2.14
CA LYS A 31 7.80 -9.95 -3.45
C LYS A 31 7.33 -11.39 -3.60
N ASP A 32 8.08 -12.31 -3.02
CA ASP A 32 7.71 -13.72 -3.11
C ASP A 32 6.37 -13.99 -2.43
N LEU A 33 6.13 -13.32 -1.32
CA LEU A 33 4.88 -13.51 -0.60
C LEU A 33 3.71 -13.14 -1.50
N VAL A 34 3.82 -12.00 -2.17
CA VAL A 34 2.73 -11.58 -3.05
C VAL A 34 2.53 -12.60 -4.16
N ALA A 35 3.61 -13.24 -4.58
CA ALA A 35 3.53 -14.25 -5.64
C ALA A 35 2.69 -15.44 -5.18
N LYS A 36 2.86 -15.84 -3.92
CA LYS A 36 2.11 -16.96 -3.38
C LYS A 36 0.62 -16.64 -3.33
N LEU A 37 0.31 -15.40 -2.94
CA LEU A 37 -1.08 -14.95 -2.83
C LEU A 37 -1.79 -14.98 -4.18
N THR A 38 -1.10 -14.57 -5.23
CA THR A 38 -1.69 -14.55 -6.57
C THR A 38 -0.93 -15.49 -7.52
N ASN A 39 -1.65 -16.10 -8.44
CA ASN A 39 -1.03 -17.02 -9.40
C ASN A 39 0.43 -16.66 -9.64
N SER A 40 1.23 -17.68 -9.94
CA SER A 40 2.67 -17.49 -10.18
C SER A 40 2.93 -16.38 -11.18
N ASP A 41 2.76 -15.14 -10.73
CA ASP A 41 3.00 -13.98 -11.58
C ASP A 41 4.26 -13.26 -11.14
N PRO A 42 4.91 -12.58 -12.05
CA PRO A 42 6.17 -11.81 -11.74
C PRO A 42 5.87 -10.66 -10.78
N ILE A 43 5.27 -9.61 -11.31
CA ILE A 43 4.90 -8.46 -10.50
C ILE A 43 3.42 -8.53 -10.16
N MET A 44 2.61 -7.81 -10.94
CA MET A 44 1.18 -7.80 -10.77
C MET A 44 0.79 -7.20 -9.42
N ASN A 45 1.56 -7.50 -8.39
CA ASN A 45 1.28 -6.97 -7.06
C ASN A 45 -0.20 -7.06 -6.73
N GLN A 46 -0.93 -7.89 -7.47
CA GLN A 46 -2.37 -8.03 -7.26
C GLN A 46 -3.00 -6.64 -7.13
N LEU A 47 -2.81 -5.84 -8.16
CA LEU A 47 -3.33 -4.48 -8.20
C LEU A 47 -4.77 -4.40 -7.68
N ASP A 48 -5.65 -5.22 -8.22
CA ASP A 48 -7.06 -5.18 -7.82
C ASP A 48 -7.22 -5.46 -6.32
N LEU A 49 -6.65 -6.56 -5.84
CA LEU A 49 -6.77 -6.89 -4.42
C LEU A 49 -6.00 -5.88 -3.58
N LEU A 50 -4.83 -5.48 -4.06
CA LEU A 50 -4.01 -4.52 -3.32
C LEU A 50 -4.78 -3.21 -3.12
N HIS A 51 -5.43 -2.72 -4.18
CA HIS A 51 -6.19 -1.49 -4.09
C HIS A 51 -7.29 -1.61 -3.04
N LYS A 52 -8.03 -2.72 -3.09
CA LYS A 52 -9.10 -2.92 -2.12
C LYS A 52 -8.52 -2.88 -0.70
N TRP A 53 -7.42 -3.61 -0.52
CA TRP A 53 -6.76 -3.66 0.78
C TRP A 53 -6.30 -2.26 1.20
N LEU A 54 -5.54 -1.61 0.34
CA LEU A 54 -5.04 -0.28 0.63
C LEU A 54 -6.20 0.67 0.92
N ASP A 55 -7.15 0.71 0.00
CA ASP A 55 -8.30 1.58 0.13
C ASP A 55 -9.04 1.33 1.44
N ARG A 56 -9.23 0.06 1.77
CA ARG A 56 -9.92 -0.31 3.00
C ARG A 56 -9.18 0.21 4.22
N HIS A 57 -7.86 0.29 4.13
CA HIS A 57 -7.07 0.76 5.27
C HIS A 57 -6.43 2.11 4.96
N ARG A 58 -7.03 2.85 4.02
CA ARG A 58 -6.51 4.16 3.65
C ARG A 58 -6.42 5.07 4.87
N ASP A 59 -7.37 4.91 5.77
CA ASP A 59 -7.41 5.70 7.00
C ASP A 59 -6.12 5.50 7.81
N MET A 60 -5.50 4.33 7.64
CA MET A 60 -4.27 4.00 8.36
C MET A 60 -3.14 4.97 8.04
N CYS A 61 -3.15 5.52 6.83
CA CYS A 61 -2.09 6.43 6.40
C CYS A 61 -2.02 7.69 7.26
N GLU A 62 -3.15 8.08 7.84
CA GLU A 62 -3.20 9.29 8.67
C GLU A 62 -2.54 9.07 10.04
N LYS A 63 -2.28 7.81 10.39
CA LYS A 63 -1.67 7.48 11.68
C LYS A 63 -0.14 7.54 11.63
N TRP A 64 0.40 8.24 10.64
CA TRP A 64 1.85 8.38 10.53
C TRP A 64 2.21 9.44 9.50
N LYS A 65 1.61 9.29 8.32
CA LYS A 65 1.89 10.21 7.23
C LYS A 65 3.33 10.04 6.75
N SER A 66 4.07 9.16 7.46
CA SER A 66 5.47 8.90 7.11
C SER A 66 5.57 7.67 6.20
N LYS A 67 6.37 7.79 5.15
CA LYS A 67 6.54 6.69 4.20
C LYS A 67 7.16 5.45 4.84
N GLU A 68 8.31 5.61 5.46
CA GLU A 68 9.02 4.48 6.06
C GLU A 68 8.18 3.76 7.11
N ASP A 69 7.49 4.52 7.94
CA ASP A 69 6.68 3.93 8.99
C ASP A 69 5.58 3.04 8.40
N ILE A 70 4.88 3.56 7.40
CA ILE A 70 3.80 2.79 6.79
C ILE A 70 4.31 1.50 6.16
N LEU A 71 5.44 1.57 5.47
CA LEU A 71 5.99 0.38 4.81
C LEU A 71 6.24 -0.73 5.82
N HIS A 72 6.79 -0.38 6.96
CA HIS A 72 7.10 -1.36 7.99
C HIS A 72 5.82 -2.05 8.47
N LYS A 73 4.76 -1.29 8.64
CA LYS A 73 3.49 -1.87 9.10
C LYS A 73 2.91 -2.79 8.04
N LEU A 74 2.82 -2.32 6.80
CA LEU A 74 2.29 -3.14 5.73
C LEU A 74 3.11 -4.42 5.64
N ASN A 75 4.43 -4.29 5.75
CA ASN A 75 5.30 -5.46 5.67
C ASN A 75 4.87 -6.46 6.74
N GLU A 76 4.70 -5.97 7.97
CA GLU A 76 4.29 -6.83 9.08
C GLU A 76 2.88 -7.37 8.85
N GLN A 77 2.00 -6.50 8.38
CA GLN A 77 0.61 -6.91 8.13
C GLN A 77 0.52 -7.86 6.94
N TRP A 78 1.25 -7.56 5.87
CA TRP A 78 1.23 -8.40 4.69
C TRP A 78 1.59 -9.83 5.06
N ASN A 79 2.64 -9.97 5.87
CA ASN A 79 3.08 -11.28 6.32
C ASN A 79 2.00 -11.91 7.18
N LYS A 80 1.35 -11.08 7.98
CA LYS A 80 0.29 -11.55 8.87
C LYS A 80 -1.05 -11.58 8.15
N ASP A 81 -1.10 -11.06 6.93
CA ASP A 81 -2.35 -11.03 6.17
C ASP A 81 -2.27 -11.99 4.98
#